data_5LOO
#
_entry.id   5LOO
#
_cell.length_a   315.628
_cell.length_b   113.676
_cell.length_c   168.594
_cell.angle_alpha   90.00
_cell.angle_beta   113.23
_cell.angle_gamma   90.00
#
_symmetry.space_group_name_H-M   'C 1 2 1'
#
_entity_poly.entity_id   1
_entity_poly.type   'polypeptide(L)'
_entity_poly.pdbx_seq_one_letter_code
;ALLQKTRIINSMLQAAAGKPVNFKEMAETLRDVIDSNIFVVSRRGKLLGYSINQQIENDRMKKMLEDRQFPEEYTKNLFN
VPETSSNLDINSEYTAFPVENRDLFQAGLTTIVPIIGGGERLGTLILSRLQDQFNDDDLILAEYGATVVGMEILREKAEE
IEEEARSKAVVQMAISSLSYSELEAIEHIFEELDGNEGLLVASKIADRVGITRSVIVNALRKLESAGVIESRSLGMKGTY
IKVLNNKFLIELENLKSHHHHHH
;
_entity_poly.pdbx_strand_id   A,B,C,D,E,F,G,H,I,J,K,L,M,N
#
# COMPACT_ATOMS: atom_id res chain seq x y z
N ALA A 1 11.26 94.94 -34.41
CA ALA A 1 10.90 93.85 -35.31
C ALA A 1 10.51 92.59 -34.53
N LEU A 2 11.39 91.59 -34.58
CA LEU A 2 11.14 90.32 -33.87
C LEU A 2 9.67 89.97 -33.59
N LEU A 3 9.07 90.61 -32.57
CA LEU A 3 7.67 90.38 -32.26
C LEU A 3 6.81 90.45 -33.51
N GLN A 4 6.96 91.52 -34.27
CA GLN A 4 6.26 91.64 -35.53
C GLN A 4 6.83 90.71 -36.61
N LYS A 5 8.15 90.71 -36.78
CA LYS A 5 8.80 89.82 -37.74
C LYS A 5 8.28 88.40 -37.65
N THR A 6 7.84 88.00 -36.46
CA THR A 6 7.13 86.75 -36.26
C THR A 6 5.78 86.82 -36.93
N ARG A 7 4.94 87.77 -36.53
CA ARG A 7 3.58 87.88 -37.06
C ARG A 7 3.47 87.81 -38.59
N ILE A 8 4.60 87.99 -39.26
CA ILE A 8 4.66 87.93 -40.74
C ILE A 8 4.69 86.48 -41.27
N ILE A 9 5.25 85.56 -40.48
CA ILE A 9 5.12 84.13 -40.75
C ILE A 9 3.73 83.66 -40.28
N ASN A 10 3.13 84.45 -39.39
CA ASN A 10 1.77 84.23 -38.91
C ASN A 10 0.73 84.85 -39.85
N SER A 11 1.23 85.37 -40.96
CA SER A 11 0.39 85.63 -42.11
C SER A 11 0.60 84.49 -43.13
N MET A 12 1.72 83.77 -43.01
CA MET A 12 2.01 82.61 -43.87
C MET A 12 1.06 81.48 -43.55
N LEU A 13 0.66 81.42 -42.27
CA LEU A 13 -0.48 80.63 -41.82
C LEU A 13 -1.76 80.90 -42.66
N GLN A 14 -1.87 80.19 -43.78
CA GLN A 14 -3.09 80.11 -44.61
C GLN A 14 -3.10 78.73 -45.26
N ALA A 15 -2.67 77.72 -44.50
CA ALA A 15 -1.92 76.55 -45.02
C ALA A 15 -2.62 75.19 -45.22
N ALA A 16 -2.73 74.77 -46.50
CA ALA A 16 -3.30 73.47 -47.00
C ALA A 16 -4.84 73.31 -47.05
N ALA A 17 -5.54 73.87 -46.06
CA ALA A 17 -7.01 74.03 -46.07
C ALA A 17 -7.32 75.47 -46.47
N GLY A 18 -6.72 75.88 -47.58
CA GLY A 18 -6.65 77.27 -47.99
C GLY A 18 -5.73 77.31 -49.19
N LYS A 19 -4.50 76.78 -49.02
CA LYS A 19 -3.49 76.75 -50.10
C LYS A 19 -2.88 75.34 -50.39
N PRO A 20 -2.54 75.04 -51.67
CA PRO A 20 -2.21 73.66 -52.06
C PRO A 20 -0.82 73.26 -51.57
N VAL A 21 -0.26 74.09 -50.68
CA VAL A 21 1.11 73.99 -50.15
C VAL A 21 2.19 74.27 -51.21
N ASN A 22 2.93 75.36 -50.98
CA ASN A 22 3.99 75.77 -51.88
C ASN A 22 5.34 75.64 -51.21
N PHE A 23 6.37 75.31 -51.98
CA PHE A 23 7.71 75.20 -51.44
C PHE A 23 8.59 76.43 -51.64
N LYS A 24 8.66 76.96 -52.87
CA LYS A 24 9.52 78.13 -53.15
C LYS A 24 9.10 79.40 -52.38
N GLU A 25 7.81 79.73 -52.43
CA GLU A 25 7.24 80.81 -51.61
C GLU A 25 7.50 80.54 -50.13
N MET A 26 7.40 79.27 -49.73
CA MET A 26 7.74 78.87 -48.38
C MET A 26 9.10 79.44 -48.05
N ALA A 27 10.13 78.93 -48.72
CA ALA A 27 11.50 79.43 -48.53
C ALA A 27 11.55 80.95 -48.61
N GLU A 28 10.88 81.49 -49.63
CA GLU A 28 11.00 82.90 -50.00
C GLU A 28 10.96 83.89 -48.83
N THR A 29 9.77 84.07 -48.26
CA THR A 29 9.57 85.14 -47.29
C THR A 29 10.29 84.84 -45.95
N LEU A 30 11.32 84.01 -46.03
CA LEU A 30 12.26 83.80 -44.94
C LEU A 30 13.64 84.39 -45.25
N ARG A 31 14.02 84.32 -46.52
CA ARG A 31 15.10 85.14 -47.04
C ARG A 31 14.68 86.60 -46.88
N ASP A 32 13.42 86.89 -47.24
CA ASP A 32 12.81 88.22 -47.04
C ASP A 32 12.91 88.66 -45.58
N VAL A 33 13.17 87.72 -44.68
CA VAL A 33 13.10 87.98 -43.24
C VAL A 33 14.44 87.86 -42.47
N ILE A 34 15.08 86.70 -42.45
CA ILE A 34 16.33 86.56 -41.70
C ILE A 34 17.49 87.22 -42.42
N ASP A 35 17.32 87.48 -43.72
CA ASP A 35 18.38 88.02 -44.58
C ASP A 35 19.42 86.93 -44.92
N SER A 36 18.97 85.67 -44.92
CA SER A 36 19.85 84.52 -45.15
C SER A 36 19.46 83.65 -46.36
N ASN A 37 20.41 82.87 -46.85
CA ASN A 37 20.19 81.95 -47.97
C ASN A 37 19.41 80.74 -47.52
N ILE A 38 18.27 80.50 -48.17
CA ILE A 38 17.30 79.53 -47.68
C ILE A 38 17.37 78.20 -48.44
N PHE A 39 17.75 77.15 -47.71
CA PHE A 39 17.88 75.79 -48.24
C PHE A 39 17.01 74.77 -47.53
N VAL A 40 15.77 74.61 -47.99
CA VAL A 40 14.88 73.60 -47.43
C VAL A 40 15.20 72.25 -48.07
N VAL A 41 16.02 71.47 -47.38
CA VAL A 41 16.57 70.19 -47.90
C VAL A 41 15.96 68.96 -47.22
N SER A 42 14.73 68.63 -47.65
CA SER A 42 13.88 67.65 -46.98
C SER A 42 14.45 66.26 -46.83
N ARG A 43 13.95 65.55 -45.81
CA ARG A 43 14.08 64.11 -45.69
C ARG A 43 15.35 63.55 -46.32
N ARG A 44 15.16 62.97 -47.51
CA ARG A 44 16.16 62.17 -48.23
C ARG A 44 17.05 63.00 -49.14
N GLY A 45 17.64 64.06 -48.59
CA GLY A 45 18.44 64.98 -49.37
C GLY A 45 17.67 65.50 -50.56
N LYS A 46 16.34 65.43 -50.48
CA LYS A 46 15.49 65.99 -51.51
C LYS A 46 15.24 67.47 -51.22
N LEU A 47 16.20 68.31 -51.63
CA LEU A 47 16.04 69.75 -51.46
C LEU A 47 14.91 70.26 -52.32
N LEU A 48 13.95 70.90 -51.66
CA LEU A 48 13.00 71.75 -52.36
C LEU A 48 12.83 73.03 -51.55
N GLY A 49 13.76 73.96 -51.77
CA GLY A 49 13.75 75.28 -51.18
C GLY A 49 14.73 76.18 -51.93
N TYR A 50 14.20 77.10 -52.72
CA TYR A 50 15.01 77.94 -53.59
C TYR A 50 14.99 79.39 -53.13
N SER A 51 16.17 80.01 -53.10
CA SER A 51 16.36 81.47 -52.98
C SER A 51 17.75 81.88 -52.46
N ILE A 52 18.41 82.76 -53.23
CA ILE A 52 19.67 83.46 -52.84
C ILE A 52 19.49 84.98 -52.80
N ASN A 53 19.25 85.51 -51.60
CA ASN A 53 19.16 86.96 -51.43
C ASN A 53 20.55 87.52 -51.68
N GLN A 54 21.50 87.14 -50.83
CA GLN A 54 22.92 87.33 -51.11
C GLN A 54 23.50 86.05 -51.69
N GLN A 55 24.50 86.20 -52.55
CA GLN A 55 25.02 85.10 -53.34
C GLN A 55 26.40 84.60 -52.93
N ILE A 56 26.69 83.34 -53.25
CA ILE A 56 28.00 82.76 -52.95
C ILE A 56 28.42 81.80 -54.06
N GLU A 57 28.75 80.55 -53.68
CA GLU A 57 29.32 79.52 -54.57
C GLU A 57 29.39 78.16 -53.87
N ASN A 58 30.32 77.33 -54.38
CA ASN A 58 30.73 76.02 -53.83
C ASN A 58 30.57 74.82 -54.78
N ASP A 59 31.66 74.07 -54.97
CA ASP A 59 31.70 72.86 -55.82
C ASP A 59 30.44 72.02 -55.61
N ARG A 60 30.13 71.79 -54.33
CA ARG A 60 29.04 70.94 -53.87
C ARG A 60 27.93 71.78 -53.25
N MET A 61 27.49 72.78 -54.01
CA MET A 61 26.31 73.56 -53.68
C MET A 61 25.39 73.56 -54.87
N LYS A 62 25.99 73.49 -56.05
CA LYS A 62 25.24 73.37 -57.27
C LYS A 62 24.82 71.92 -57.56
N LYS A 63 25.64 70.93 -57.19
CA LYS A 63 25.24 69.50 -57.25
C LYS A 63 24.18 69.24 -56.18
N MET A 64 23.18 70.10 -56.20
CA MET A 64 22.15 70.23 -55.19
C MET A 64 21.08 71.08 -55.85
N LEU A 65 21.51 71.92 -56.79
CA LEU A 65 20.59 72.76 -57.54
C LEU A 65 20.68 72.49 -59.04
N GLU A 66 21.36 71.38 -59.37
CA GLU A 66 21.39 70.81 -60.72
C GLU A 66 20.83 69.39 -60.63
N ASP A 67 20.85 68.87 -59.41
CA ASP A 67 20.29 67.56 -59.09
C ASP A 67 19.16 67.73 -58.09
N ARG A 68 19.06 68.94 -57.52
CA ARG A 68 18.19 69.24 -56.37
C ARG A 68 18.35 68.20 -55.25
N GLN A 69 19.49 67.51 -55.22
CA GLN A 69 19.75 66.42 -54.26
C GLN A 69 21.20 66.36 -53.74
N PHE A 70 21.34 66.07 -52.44
CA PHE A 70 22.63 65.74 -51.84
C PHE A 70 22.95 64.28 -52.17
N PRO A 71 24.16 64.02 -52.69
CA PRO A 71 24.62 62.64 -52.87
C PRO A 71 24.52 61.84 -51.55
N GLU A 72 24.26 60.54 -51.67
CA GLU A 72 23.83 59.68 -50.55
C GLU A 72 24.51 59.93 -49.20
N GLU A 73 25.77 60.37 -49.22
CA GLU A 73 26.51 60.72 -47.98
C GLU A 73 26.18 62.14 -47.52
N TYR A 74 26.26 63.09 -48.44
CA TYR A 74 25.88 64.46 -48.15
C TYR A 74 24.48 64.46 -47.53
N THR A 75 23.61 63.62 -48.11
CA THR A 75 22.32 63.31 -47.50
C THR A 75 22.50 62.61 -46.14
N LYS A 76 23.38 61.60 -46.10
CA LYS A 76 23.51 60.66 -44.98
C LYS A 76 24.01 61.22 -43.64
N ASN A 77 24.84 62.26 -43.66
CA ASN A 77 25.35 62.82 -42.39
C ASN A 77 24.56 64.04 -41.89
N LEU A 78 23.40 64.27 -42.50
CA LEU A 78 22.44 65.24 -41.99
C LEU A 78 21.13 64.61 -41.47
N PHE A 79 20.95 63.29 -41.66
CA PHE A 79 20.04 62.49 -40.80
C PHE A 79 20.55 62.78 -39.39
N ASN A 80 21.89 62.84 -39.34
CA ASN A 80 22.74 62.66 -38.15
C ASN A 80 22.73 63.83 -37.17
N VAL A 81 22.46 65.02 -37.68
CA VAL A 81 22.56 66.28 -36.91
C VAL A 81 21.16 66.78 -36.48
N PRO A 82 20.56 66.18 -35.43
CA PRO A 82 19.23 66.60 -34.98
C PRO A 82 19.15 67.84 -34.07
N GLU A 83 20.26 68.22 -33.39
CA GLU A 83 20.24 69.39 -32.47
C GLU A 83 20.85 70.66 -33.08
N THR A 84 19.98 71.63 -33.37
CA THR A 84 20.25 72.90 -34.08
C THR A 84 21.71 73.32 -34.30
N SER A 85 22.07 73.49 -35.57
CA SER A 85 23.39 74.02 -35.94
C SER A 85 23.42 75.54 -35.92
N SER A 86 24.58 76.11 -36.25
CA SER A 86 24.83 77.53 -36.11
C SER A 86 26.21 77.88 -36.62
N ASN A 87 26.28 78.93 -37.45
CA ASN A 87 27.53 79.65 -37.73
C ASN A 87 28.72 78.82 -38.19
N LEU A 88 28.53 77.95 -39.18
CA LEU A 88 29.62 77.11 -39.67
C LEU A 88 30.28 77.70 -40.93
N ASP A 89 31.54 78.10 -40.75
CA ASP A 89 32.28 78.93 -41.71
C ASP A 89 33.03 78.14 -42.78
N ILE A 90 34.18 77.63 -42.38
CA ILE A 90 35.05 76.76 -43.17
C ILE A 90 35.97 76.02 -42.19
N ASN A 91 36.64 76.79 -41.34
CA ASN A 91 37.40 76.26 -40.23
C ASN A 91 36.41 75.85 -39.15
N SER A 92 36.42 74.57 -38.81
CA SER A 92 35.38 74.03 -37.94
C SER A 92 35.92 73.34 -36.68
N GLU A 93 35.63 73.93 -35.52
CA GLU A 93 36.05 73.35 -34.24
C GLU A 93 35.18 72.16 -33.87
N TYR A 94 33.88 72.29 -34.13
CA TYR A 94 32.88 71.25 -33.84
C TYR A 94 33.05 69.99 -34.71
N THR A 95 32.28 68.94 -34.40
CA THR A 95 32.09 67.82 -35.32
C THR A 95 31.48 68.37 -36.62
N ALA A 96 30.76 69.49 -36.46
CA ALA A 96 30.28 70.34 -37.57
C ALA A 96 29.63 69.55 -38.69
N PHE A 97 30.47 68.93 -39.52
CA PHE A 97 30.02 68.08 -40.63
C PHE A 97 31.28 67.35 -41.12
N PRO A 98 31.29 66.00 -41.01
CA PRO A 98 32.42 65.15 -41.40
C PRO A 98 33.34 65.80 -42.45
N VAL A 99 34.62 65.92 -42.11
CA VAL A 99 35.62 66.70 -42.86
C VAL A 99 35.65 66.48 -44.39
N GLU A 100 35.12 65.33 -44.84
CA GLU A 100 35.04 64.96 -46.26
C GLU A 100 34.26 66.01 -47.06
N ASN A 101 33.12 66.39 -46.47
CA ASN A 101 32.10 67.22 -47.09
C ASN A 101 32.29 68.71 -46.84
N ARG A 102 33.42 69.07 -46.23
CA ARG A 102 33.77 70.49 -45.98
C ARG A 102 33.57 71.38 -47.20
N ASP A 103 33.73 70.76 -48.38
CA ASP A 103 33.32 71.34 -49.64
C ASP A 103 32.13 72.21 -49.34
N LEU A 104 31.18 71.63 -48.60
CA LEU A 104 29.91 72.25 -48.19
C LEU A 104 30.04 73.67 -47.61
N PHE A 105 30.92 73.84 -46.62
CA PHE A 105 31.03 75.12 -45.93
C PHE A 105 31.89 76.07 -46.70
N GLN A 106 33.12 75.61 -47.01
CA GLN A 106 34.11 76.24 -47.91
C GLN A 106 34.20 77.78 -47.86
N ALA A 107 33.06 78.46 -48.06
CA ALA A 107 32.96 79.91 -47.85
C ALA A 107 31.65 80.25 -47.15
N GLY A 108 31.68 81.34 -46.39
CA GLY A 108 30.50 81.83 -45.70
C GLY A 108 30.22 81.14 -44.38
N LEU A 109 29.03 81.41 -43.85
CA LEU A 109 28.57 80.87 -42.56
C LEU A 109 27.25 80.10 -42.74
N THR A 110 27.35 78.80 -42.95
CA THR A 110 26.19 77.97 -43.19
C THR A 110 25.60 77.45 -41.89
N THR A 111 24.33 77.78 -41.63
CA THR A 111 23.60 77.35 -40.43
C THR A 111 22.47 76.35 -40.80
N ILE A 112 22.40 75.22 -40.07
CA ILE A 112 21.58 74.04 -40.43
C ILE A 112 20.48 73.66 -39.41
N VAL A 113 19.28 74.19 -39.63
CA VAL A 113 18.12 73.99 -38.72
C VAL A 113 17.27 72.78 -39.12
N PRO A 114 17.27 71.71 -38.29
CA PRO A 114 16.50 70.50 -38.62
C PRO A 114 14.99 70.76 -38.66
N ILE A 115 14.24 69.87 -39.31
CA ILE A 115 12.79 69.99 -39.30
C ILE A 115 12.18 68.75 -38.68
N ILE A 116 11.46 68.98 -37.57
CA ILE A 116 10.79 67.91 -36.78
C ILE A 116 9.35 68.28 -36.34
N GLY A 117 8.43 67.40 -36.74
CA GLY A 117 7.03 67.46 -36.40
C GLY A 117 6.52 66.07 -36.69
N GLY A 118 5.49 65.65 -35.96
CA GLY A 118 5.03 64.26 -36.00
C GLY A 118 5.93 63.35 -35.18
N GLY A 119 6.94 63.96 -34.54
CA GLY A 119 7.96 63.25 -33.74
C GLY A 119 9.24 62.98 -34.52
N GLU A 120 9.14 63.11 -35.83
CA GLU A 120 10.13 62.59 -36.76
C GLU A 120 11.04 63.67 -37.35
N ARG A 121 12.26 63.24 -37.68
CA ARG A 121 13.25 64.05 -38.40
C ARG A 121 12.80 64.19 -39.84
N LEU A 122 11.87 65.11 -40.10
CA LEU A 122 11.31 65.22 -41.43
C LEU A 122 12.26 66.03 -42.33
N GLY A 123 13.06 66.90 -41.73
CA GLY A 123 13.95 67.70 -42.54
C GLY A 123 15.09 68.46 -41.91
N THR A 124 15.66 69.36 -42.73
CA THR A 124 16.83 70.14 -42.40
C THR A 124 16.89 71.42 -43.25
N LEU A 125 17.05 72.57 -42.57
CA LEU A 125 17.22 73.91 -43.21
C LEU A 125 18.71 74.33 -43.21
N ILE A 126 19.09 75.12 -44.21
CA ILE A 126 20.45 75.61 -44.32
C ILE A 126 20.38 77.10 -44.63
N LEU A 127 20.97 77.89 -43.74
CA LEU A 127 20.99 79.36 -43.84
C LEU A 127 22.39 79.84 -44.10
N SER A 128 22.64 80.37 -45.30
CA SER A 128 24.00 80.74 -45.67
C SER A 128 24.21 82.24 -45.94
N ARG A 129 24.43 83.00 -44.87
CA ARG A 129 24.91 84.38 -44.97
C ARG A 129 26.41 84.39 -45.13
N LEU A 130 26.87 85.31 -45.98
CA LEU A 130 28.26 85.32 -46.46
C LEU A 130 29.33 85.33 -45.35
N GLN A 131 29.04 86.00 -44.24
CA GLN A 131 29.98 86.06 -43.10
C GLN A 131 29.37 86.45 -41.74
N ASP A 132 28.50 87.47 -41.73
CA ASP A 132 27.95 88.08 -40.50
C ASP A 132 27.34 87.05 -39.53
N GLN A 133 27.44 87.33 -38.23
CA GLN A 133 27.01 86.38 -37.20
C GLN A 133 25.49 86.29 -37.06
N PHE A 134 25.05 85.15 -36.52
CA PHE A 134 23.65 84.96 -36.14
C PHE A 134 23.61 84.88 -34.60
N ASN A 135 22.80 85.75 -33.97
CA ASN A 135 22.77 85.88 -32.50
C ASN A 135 21.38 85.87 -31.85
N ASP A 136 21.16 84.88 -30.98
CA ASP A 136 19.93 84.72 -30.16
C ASP A 136 18.59 84.86 -30.90
N ASP A 137 18.56 85.73 -31.89
CA ASP A 137 17.34 86.17 -32.55
C ASP A 137 17.33 85.78 -34.03
N ASP A 138 18.47 85.99 -34.69
CA ASP A 138 18.68 85.44 -36.03
C ASP A 138 18.67 83.92 -35.90
N LEU A 139 18.45 83.46 -34.68
CA LEU A 139 18.33 82.04 -34.38
C LEU A 139 16.88 81.60 -34.16
N ILE A 140 16.11 82.37 -33.40
CA ILE A 140 14.70 82.02 -33.15
C ILE A 140 13.87 82.02 -34.43
N LEU A 141 14.13 83.01 -35.29
CA LEU A 141 13.44 83.06 -36.59
C LEU A 141 13.75 81.84 -37.48
N ALA A 142 15.03 81.50 -37.63
CA ALA A 142 15.42 80.33 -38.41
C ALA A 142 14.66 79.11 -37.91
N GLU A 143 14.75 78.85 -36.60
CA GLU A 143 14.00 77.75 -35.96
C GLU A 143 12.49 77.85 -36.17
N TYR A 144 11.95 79.07 -36.14
CA TYR A 144 10.52 79.30 -36.40
C TYR A 144 10.16 78.97 -37.83
N GLY A 145 11.10 79.20 -38.74
CA GLY A 145 10.99 78.77 -40.12
C GLY A 145 10.75 77.28 -40.23
N ALA A 146 11.78 76.48 -39.99
CA ALA A 146 11.66 75.02 -40.08
C ALA A 146 10.86 74.41 -38.93
N THR A 147 9.78 75.10 -38.58
CA THR A 147 8.71 74.59 -37.72
C THR A 147 7.37 74.95 -38.36
N VAL A 148 7.46 75.76 -39.41
CA VAL A 148 6.40 75.95 -40.37
C VAL A 148 6.52 74.82 -41.39
N VAL A 149 7.74 74.61 -41.88
CA VAL A 149 8.04 73.54 -42.82
C VAL A 149 7.61 72.25 -42.17
N GLY A 150 8.25 71.89 -41.06
CA GLY A 150 7.90 70.71 -40.29
C GLY A 150 6.46 70.74 -39.83
N MET A 151 5.71 71.73 -40.33
CA MET A 151 4.28 71.83 -40.16
C MET A 151 3.61 71.58 -41.53
N GLU A 152 3.72 72.58 -42.40
CA GLU A 152 3.12 72.56 -43.74
C GLU A 152 3.71 71.51 -44.69
N ILE A 153 4.76 70.82 -44.25
CA ILE A 153 5.25 69.68 -45.03
C ILE A 153 4.42 68.45 -44.71
N LEU A 154 3.73 68.47 -43.57
CA LEU A 154 2.76 67.42 -43.29
C LEU A 154 1.58 67.54 -44.25
N ARG A 155 0.85 68.64 -44.17
CA ARG A 155 -0.27 68.87 -45.08
C ARG A 155 0.18 69.23 -46.49
N GLU A 156 1.42 68.84 -46.84
CA GLU A 156 1.95 68.85 -48.22
C GLU A 156 1.95 67.42 -48.74
N LYS A 157 2.36 66.51 -47.88
CA LYS A 157 2.50 65.14 -48.28
C LYS A 157 1.47 64.26 -47.60
N ALA A 158 1.15 64.55 -46.34
CA ALA A 158 0.09 63.84 -45.63
C ALA A 158 -1.31 64.10 -46.20
N GLU A 159 -1.44 65.10 -47.09
CA GLU A 159 -2.66 65.32 -47.89
C GLU A 159 -2.58 64.62 -49.24
N GLU A 160 -1.44 64.76 -49.90
CA GLU A 160 -1.18 64.15 -51.20
C GLU A 160 -1.36 62.61 -51.17
N ILE A 161 -1.12 61.99 -50.01
CA ILE A 161 -1.16 60.53 -49.81
C ILE A 161 -2.57 59.94 -49.55
N GLU A 162 -3.45 60.82 -49.14
CA GLU A 162 -4.81 60.48 -48.81
C GLU A 162 -5.67 60.62 -50.08
N GLU A 163 -5.29 61.56 -50.95
CA GLU A 163 -5.98 61.75 -52.24
C GLU A 163 -5.57 60.68 -53.29
N GLU A 164 -4.55 59.88 -52.97
CA GLU A 164 -4.21 58.71 -53.78
C GLU A 164 -5.28 57.64 -53.50
N ALA A 165 -5.51 57.42 -52.21
CA ALA A 165 -6.35 56.32 -51.73
C ALA A 165 -7.84 56.58 -51.77
N ARG A 166 -8.25 57.84 -51.80
CA ARG A 166 -9.64 58.18 -52.02
C ARG A 166 -9.99 57.85 -53.47
N SER A 167 -9.37 58.58 -54.40
CA SER A 167 -9.60 58.51 -55.85
C SER A 167 -9.50 57.11 -56.45
N LYS A 168 -8.77 56.23 -55.78
CA LYS A 168 -8.65 54.84 -56.18
C LYS A 168 -9.74 54.00 -55.53
N ALA A 169 -9.82 54.01 -54.21
CA ALA A 169 -10.84 53.21 -53.54
C ALA A 169 -12.26 53.71 -53.78
N VAL A 170 -12.41 54.79 -54.52
CA VAL A 170 -13.71 55.05 -55.13
C VAL A 170 -13.91 54.03 -56.27
N VAL A 171 -12.88 53.92 -57.12
CA VAL A 171 -12.88 53.05 -58.30
C VAL A 171 -12.78 51.62 -57.88
N GLN A 172 -12.97 51.38 -56.58
CA GLN A 172 -13.04 50.04 -56.00
C GLN A 172 -14.46 49.75 -55.45
N MET A 173 -15.08 50.81 -54.95
CA MET A 173 -16.49 50.86 -54.77
C MET A 173 -17.00 50.76 -56.19
N ALA A 174 -16.79 51.85 -56.94
CA ALA A 174 -17.19 51.95 -58.32
C ALA A 174 -17.05 50.66 -59.09
N ILE A 175 -16.07 49.84 -58.73
CA ILE A 175 -15.90 48.60 -59.42
C ILE A 175 -16.89 47.55 -58.97
N SER A 176 -17.25 47.54 -57.68
CA SER A 176 -18.21 46.56 -57.19
C SER A 176 -19.58 46.62 -57.90
N SER A 177 -19.98 47.83 -58.31
CA SER A 177 -21.26 48.07 -58.98
C SER A 177 -21.34 47.47 -60.38
N LEU A 178 -20.18 47.15 -60.94
CA LEU A 178 -20.12 46.36 -62.16
C LEU A 178 -20.60 44.96 -61.81
N SER A 179 -21.32 44.36 -62.74
CA SER A 179 -21.56 42.91 -62.70
C SER A 179 -20.74 42.33 -63.84
N TYR A 180 -20.60 41.00 -63.91
CA TYR A 180 -19.77 40.38 -64.92
C TYR A 180 -19.76 41.22 -66.20
N SER A 181 -20.94 41.52 -66.72
CA SER A 181 -21.05 42.33 -67.93
C SER A 181 -20.35 43.69 -67.81
N GLU A 182 -20.61 44.41 -66.72
CA GLU A 182 -20.10 45.78 -66.52
C GLU A 182 -18.57 45.88 -66.38
N LEU A 183 -17.93 44.84 -65.84
CA LEU A 183 -16.48 44.68 -65.92
C LEU A 183 -16.04 44.52 -67.37
N GLU A 184 -16.60 43.49 -68.01
CA GLU A 184 -16.20 43.00 -69.32
C GLU A 184 -16.43 44.00 -70.41
N ALA A 185 -17.43 44.84 -70.21
CA ALA A 185 -17.68 45.92 -71.11
C ALA A 185 -16.54 46.94 -71.02
N ILE A 186 -16.34 47.47 -69.81
CA ILE A 186 -15.32 48.51 -69.57
C ILE A 186 -13.93 47.95 -69.92
N GLU A 187 -13.73 46.69 -69.52
CA GLU A 187 -12.48 45.97 -69.75
C GLU A 187 -12.09 45.96 -71.24
N HIS A 188 -12.81 45.16 -72.03
CA HIS A 188 -12.55 45.00 -73.48
C HIS A 188 -12.85 46.25 -74.31
N ILE A 189 -13.16 47.37 -73.65
CA ILE A 189 -13.24 48.69 -74.31
C ILE A 189 -12.04 49.57 -73.97
N PHE A 190 -11.40 49.28 -72.82
CA PHE A 190 -10.17 49.95 -72.44
C PHE A 190 -8.93 49.13 -72.77
N GLU A 191 -9.12 47.81 -72.89
CA GLU A 191 -8.11 46.91 -73.46
C GLU A 191 -7.95 47.18 -74.97
N GLU A 192 -9.07 47.47 -75.64
CA GLU A 192 -9.13 47.70 -77.09
C GLU A 192 -8.80 49.16 -77.46
N LEU A 193 -9.10 50.08 -76.53
CA LEU A 193 -8.95 51.50 -76.79
C LEU A 193 -7.48 51.93 -76.86
N ASP A 194 -7.21 52.97 -77.66
CA ASP A 194 -5.88 53.61 -77.73
C ASP A 194 -5.57 54.34 -76.42
N GLY A 195 -5.25 53.56 -75.39
CA GLY A 195 -5.02 54.10 -74.04
C GLY A 195 -6.20 54.83 -73.42
N ASN A 196 -6.38 56.10 -73.80
CA ASN A 196 -7.38 57.01 -73.18
C ASN A 196 -8.55 57.42 -74.09
N GLU A 197 -8.24 57.96 -75.26
CA GLU A 197 -9.26 58.60 -76.13
C GLU A 197 -10.10 57.63 -76.96
N GLY A 198 -11.37 57.99 -77.18
CA GLY A 198 -12.35 57.07 -77.77
C GLY A 198 -13.26 57.56 -78.89
N LEU A 199 -13.31 56.76 -79.96
CA LEU A 199 -14.34 56.84 -81.03
C LEU A 199 -14.91 55.45 -81.35
N LEU A 200 -15.33 54.74 -80.31
CA LEU A 200 -15.84 53.37 -80.44
C LEU A 200 -17.35 53.29 -80.61
N VAL A 201 -17.81 52.14 -81.13
CA VAL A 201 -19.18 51.97 -81.57
C VAL A 201 -20.05 51.18 -80.59
N ALA A 202 -21.04 51.86 -80.02
CA ALA A 202 -22.03 51.23 -79.16
C ALA A 202 -23.02 50.38 -79.96
N SER A 203 -22.53 49.80 -81.07
CA SER A 203 -23.31 48.90 -81.95
C SER A 203 -22.48 48.17 -83.01
N LYS A 204 -21.22 48.57 -83.22
CA LYS A 204 -20.29 47.82 -84.09
C LYS A 204 -19.12 47.21 -83.29
N ILE A 205 -18.59 47.97 -82.33
CA ILE A 205 -17.60 47.41 -81.41
C ILE A 205 -18.28 46.93 -80.12
N ALA A 206 -19.55 47.30 -79.97
CA ALA A 206 -20.43 46.66 -78.99
C ALA A 206 -20.88 45.26 -79.47
N ASP A 207 -21.29 45.17 -80.74
CA ASP A 207 -21.59 43.88 -81.39
C ASP A 207 -20.33 43.04 -81.56
N ARG A 208 -19.21 43.72 -81.86
CA ARG A 208 -17.91 43.07 -82.02
C ARG A 208 -17.71 42.02 -80.93
N VAL A 209 -18.29 42.24 -79.77
CA VAL A 209 -18.06 41.35 -78.62
C VAL A 209 -18.93 40.07 -78.64
N GLY A 210 -20.24 40.27 -78.47
CA GLY A 210 -21.15 39.21 -78.01
C GLY A 210 -21.78 39.79 -76.76
N ILE A 211 -21.42 41.05 -76.53
CA ILE A 211 -21.92 41.91 -75.48
C ILE A 211 -22.97 42.84 -76.10
N THR A 212 -24.21 42.71 -75.63
CA THR A 212 -25.27 43.56 -76.12
C THR A 212 -24.77 44.98 -75.99
N ARG A 213 -25.08 45.77 -76.99
CA ARG A 213 -25.01 47.20 -76.82
C ARG A 213 -25.74 47.55 -75.51
N SER A 214 -26.90 46.91 -75.28
CA SER A 214 -27.74 47.08 -74.07
C SER A 214 -26.96 47.43 -72.78
N VAL A 215 -25.79 46.84 -72.62
CA VAL A 215 -25.01 47.04 -71.42
C VAL A 215 -23.91 48.04 -71.62
N ILE A 216 -23.13 47.93 -72.69
CA ILE A 216 -22.03 48.90 -72.85
C ILE A 216 -22.61 50.27 -72.51
N VAL A 217 -23.88 50.49 -72.84
CA VAL A 217 -24.56 51.71 -72.45
C VAL A 217 -24.74 51.79 -70.92
N ASN A 218 -25.50 50.85 -70.36
CA ASN A 218 -25.69 50.77 -68.89
C ASN A 218 -24.34 50.92 -68.16
N ALA A 219 -23.36 50.09 -68.55
CA ALA A 219 -22.02 50.07 -67.94
C ALA A 219 -21.19 51.33 -68.21
N LEU A 220 -20.86 51.58 -69.48
CA LEU A 220 -20.11 52.80 -69.85
C LEU A 220 -20.95 54.05 -69.58
N ARG A 221 -21.89 53.89 -68.66
CA ARG A 221 -22.58 54.97 -67.98
C ARG A 221 -22.38 54.76 -66.49
N LYS A 222 -22.67 53.57 -65.99
CA LYS A 222 -22.45 53.23 -64.57
C LYS A 222 -21.13 53.78 -64.02
N LEU A 223 -20.28 54.25 -64.91
CA LEU A 223 -19.05 54.87 -64.50
C LEU A 223 -19.32 56.34 -64.23
N GLU A 224 -19.87 57.02 -65.25
CA GLU A 224 -20.36 58.39 -65.13
C GLU A 224 -21.49 58.37 -64.11
N SER A 225 -22.25 57.28 -64.11
CA SER A 225 -23.29 56.98 -63.12
C SER A 225 -22.65 56.91 -61.72
N ALA A 226 -21.46 56.30 -61.65
CA ALA A 226 -20.67 56.36 -60.43
C ALA A 226 -20.03 57.74 -60.30
N GLY A 227 -19.60 58.29 -61.44
CA GLY A 227 -18.95 59.60 -61.51
C GLY A 227 -17.45 59.50 -61.76
N VAL A 228 -17.04 58.48 -62.52
CA VAL A 228 -15.61 58.26 -62.80
C VAL A 228 -15.25 58.58 -64.26
N ILE A 229 -16.26 58.93 -65.07
CA ILE A 229 -16.03 59.23 -66.50
C ILE A 229 -16.85 60.36 -67.16
N GLU A 230 -16.64 60.47 -68.48
CA GLU A 230 -17.14 61.54 -69.30
C GLU A 230 -17.53 60.99 -70.68
N SER A 231 -18.60 61.54 -71.26
CA SER A 231 -19.06 61.20 -72.62
C SER A 231 -19.92 62.29 -73.28
N ARG A 232 -20.21 62.08 -74.56
CA ARG A 232 -21.19 62.84 -75.35
C ARG A 232 -21.51 62.09 -76.64
N SER A 233 -21.81 60.79 -76.48
CA SER A 233 -22.12 59.87 -77.57
C SER A 233 -23.09 60.45 -78.60
N LEU A 234 -23.17 59.82 -79.76
CA LEU A 234 -23.96 60.36 -80.88
C LEU A 234 -25.03 59.42 -81.47
N GLY A 235 -25.96 60.03 -82.22
CA GLY A 235 -26.90 59.32 -83.07
C GLY A 235 -26.32 59.18 -84.46
N MET A 236 -25.02 58.88 -84.53
CA MET A 236 -24.33 58.51 -85.78
C MET A 236 -23.66 57.12 -85.67
N LYS A 237 -22.54 57.06 -84.93
CA LYS A 237 -21.78 55.82 -84.79
C LYS A 237 -21.40 55.54 -83.32
N GLY A 238 -22.33 54.92 -82.59
CA GLY A 238 -22.06 54.31 -81.28
C GLY A 238 -21.81 55.24 -80.10
N THR A 239 -20.55 55.63 -79.91
CA THR A 239 -20.16 56.53 -78.81
C THR A 239 -18.86 57.35 -78.98
N TYR A 240 -18.66 58.27 -78.05
CA TYR A 240 -17.37 58.94 -77.79
C TYR A 240 -17.15 59.03 -76.28
N ILE A 241 -15.88 58.93 -75.86
CA ILE A 241 -15.52 58.71 -74.46
C ILE A 241 -14.41 59.68 -73.98
N LYS A 242 -14.23 59.75 -72.65
CA LYS A 242 -13.05 60.35 -72.02
C LYS A 242 -13.08 60.03 -70.53
N VAL A 243 -11.91 59.85 -69.92
CA VAL A 243 -11.81 59.57 -68.47
C VAL A 243 -11.84 60.86 -67.70
N LEU A 244 -11.92 60.77 -66.38
CA LEU A 244 -11.85 61.96 -65.57
C LEU A 244 -10.97 61.75 -64.33
N ASN A 245 -11.21 60.65 -63.61
CA ASN A 245 -10.33 60.19 -62.51
C ASN A 245 -8.95 59.79 -63.07
N ASN A 246 -7.91 59.95 -62.25
CA ASN A 246 -6.53 59.66 -62.67
C ASN A 246 -6.10 58.19 -62.54
N LYS A 247 -6.29 57.64 -61.34
CA LYS A 247 -5.93 56.27 -61.09
C LYS A 247 -7.04 55.30 -61.48
N PHE A 248 -7.91 55.71 -62.42
CA PHE A 248 -8.92 54.79 -62.93
C PHE A 248 -8.21 53.71 -63.72
N LEU A 249 -7.66 54.09 -64.87
CA LEU A 249 -7.23 53.11 -65.86
C LEU A 249 -5.99 52.31 -65.52
N ILE A 250 -5.13 52.87 -64.67
CA ILE A 250 -3.95 52.14 -64.17
C ILE A 250 -4.37 51.01 -63.22
N GLU A 251 -5.39 51.27 -62.37
CA GLU A 251 -5.93 50.29 -61.40
C GLU A 251 -6.73 49.21 -62.12
N LEU A 252 -7.05 49.49 -63.38
CA LEU A 252 -7.57 48.50 -64.30
C LEU A 252 -6.40 47.56 -64.68
N GLU A 253 -5.30 48.13 -65.17
CA GLU A 253 -4.11 47.34 -65.52
C GLU A 253 -3.61 46.57 -64.30
N ASN A 254 -4.12 46.95 -63.13
CA ASN A 254 -3.94 46.23 -61.87
C ASN A 254 -4.91 45.05 -61.75
N LEU A 255 -5.45 44.57 -62.87
CA LEU A 255 -6.39 43.46 -62.84
C LEU A 255 -5.81 42.19 -63.45
N LYS A 256 -6.30 41.84 -64.64
CA LYS A 256 -6.02 40.56 -65.28
C LYS A 256 -6.56 39.36 -64.48
N SER A 257 -7.71 38.85 -64.93
CA SER A 257 -8.31 37.59 -64.45
C SER A 257 -9.26 36.99 -65.50
N ALA B 1 17.94 83.46 -22.88
CA ALA B 1 16.87 82.62 -22.36
C ALA B 1 15.62 82.62 -23.25
N LEU B 2 15.32 83.76 -23.88
CA LEU B 2 14.21 83.85 -24.84
C LEU B 2 14.43 82.92 -26.02
N LEU B 3 15.71 82.77 -26.41
CA LEU B 3 16.14 81.79 -27.40
C LEU B 3 15.94 80.37 -26.86
N GLN B 4 16.33 80.17 -25.61
CA GLN B 4 16.12 78.89 -24.90
C GLN B 4 14.70 78.76 -24.31
N LYS B 5 13.81 79.67 -24.71
CA LYS B 5 12.39 79.60 -24.35
C LYS B 5 11.60 79.03 -25.53
N THR B 6 12.05 79.37 -26.74
CA THR B 6 11.38 79.00 -27.98
C THR B 6 11.58 77.53 -28.35
N ARG B 7 12.20 76.77 -27.45
CA ARG B 7 12.42 75.35 -27.70
C ARG B 7 11.58 74.46 -26.80
N ILE B 8 11.06 75.04 -25.72
CA ILE B 8 10.12 74.32 -24.85
C ILE B 8 8.74 74.20 -25.50
N ILE B 9 8.27 75.28 -26.12
CA ILE B 9 7.08 75.25 -26.95
C ILE B 9 7.18 74.07 -27.90
N ASN B 10 8.31 74.03 -28.62
CA ASN B 10 8.58 72.98 -29.57
C ASN B 10 8.44 71.57 -29.01
N SER B 11 8.59 71.42 -27.69
CA SER B 11 8.46 70.10 -27.03
C SER B 11 7.00 69.65 -26.97
N MET B 12 6.13 70.47 -26.36
CA MET B 12 4.68 70.25 -26.35
C MET B 12 4.12 70.45 -27.76
N LEU B 13 5.04 70.52 -28.72
CA LEU B 13 4.72 70.67 -30.11
C LEU B 13 5.35 69.56 -30.94
N GLN B 14 4.47 68.72 -31.46
CA GLN B 14 4.80 67.77 -32.52
C GLN B 14 3.53 67.51 -33.36
N ALA B 15 2.41 68.07 -32.89
CA ALA B 15 1.03 67.90 -33.43
C ALA B 15 0.32 66.63 -32.92
N ALA B 16 0.43 66.40 -31.61
CA ALA B 16 -0.01 65.17 -30.93
C ALA B 16 1.00 64.03 -31.17
N ALA B 17 0.67 63.10 -32.06
CA ALA B 17 1.51 61.96 -32.44
C ALA B 17 1.81 61.00 -31.27
N GLY B 18 0.95 60.00 -31.12
CA GLY B 18 1.00 59.08 -30.00
C GLY B 18 -0.03 59.44 -28.94
N LYS B 19 -0.33 60.74 -28.84
CA LYS B 19 -1.19 61.27 -27.78
C LYS B 19 -2.53 61.76 -28.33
N PRO B 20 -3.44 62.29 -27.47
CA PRO B 20 -4.68 62.77 -28.02
C PRO B 20 -4.45 64.11 -28.68
N VAL B 21 -5.41 64.98 -28.50
CA VAL B 21 -5.12 66.37 -28.51
C VAL B 21 -5.46 66.74 -27.08
N ASN B 22 -4.56 67.49 -26.44
CA ASN B 22 -4.79 67.95 -25.09
C ASN B 22 -4.67 69.47 -25.03
N PHE B 23 -5.79 70.13 -24.74
CA PHE B 23 -5.86 71.59 -24.61
C PHE B 23 -5.30 72.05 -23.26
N LYS B 24 -5.58 71.29 -22.20
CA LYS B 24 -5.20 71.70 -20.86
C LYS B 24 -3.69 71.60 -20.60
N GLU B 25 -3.08 70.45 -20.91
CA GLU B 25 -1.60 70.33 -20.82
C GLU B 25 -0.89 71.11 -21.95
N MET B 26 -1.64 71.96 -22.66
CA MET B 26 -1.07 72.95 -23.55
C MET B 26 -1.10 74.28 -22.82
N ALA B 27 -2.30 74.67 -22.40
CA ALA B 27 -2.50 75.82 -21.54
C ALA B 27 -1.95 75.59 -20.14
N GLU B 28 -1.38 74.41 -19.95
CA GLU B 28 -0.60 74.12 -18.76
C GLU B 28 0.84 74.63 -18.97
N THR B 29 1.66 73.92 -19.77
CA THR B 29 3.08 74.28 -19.97
C THR B 29 3.26 75.48 -20.93
N LEU B 30 2.30 76.38 -20.86
CA LEU B 30 2.43 77.71 -21.41
C LEU B 30 2.14 78.67 -20.28
N ARG B 31 1.57 78.15 -19.20
CA ARG B 31 1.36 78.92 -18.00
C ARG B 31 2.72 79.16 -17.31
N ASP B 32 3.53 78.13 -17.18
CA ASP B 32 4.85 78.28 -16.56
C ASP B 32 5.83 78.99 -17.50
N VAL B 33 5.59 78.88 -18.80
CA VAL B 33 6.49 79.38 -19.83
C VAL B 33 6.21 80.85 -20.24
N ILE B 34 4.99 81.34 -19.97
CA ILE B 34 4.67 82.76 -20.21
C ILE B 34 4.59 83.57 -18.90
N ASP B 35 4.84 82.88 -17.77
CA ASP B 35 4.75 83.44 -16.39
C ASP B 35 3.32 83.85 -16.02
N SER B 36 2.54 84.21 -17.03
CA SER B 36 1.13 84.52 -16.89
C SER B 36 0.27 83.26 -16.85
N ASN B 37 -1.03 83.47 -16.73
CA ASN B 37 -1.98 82.40 -16.88
C ASN B 37 -2.28 82.20 -18.36
N ILE B 38 -2.96 81.09 -18.67
CA ILE B 38 -3.47 80.83 -20.01
C ILE B 38 -4.93 80.36 -19.89
N PHE B 39 -5.79 80.87 -20.77
CA PHE B 39 -7.16 80.39 -20.91
C PHE B 39 -7.49 80.08 -22.38
N VAL B 40 -7.83 78.82 -22.65
CA VAL B 40 -8.09 78.35 -24.01
C VAL B 40 -9.58 78.37 -24.33
N VAL B 41 -9.99 79.31 -25.17
CA VAL B 41 -11.39 79.48 -25.56
C VAL B 41 -11.61 79.12 -27.02
N SER B 42 -12.65 78.33 -27.27
CA SER B 42 -12.87 77.67 -28.56
C SER B 42 -13.75 78.40 -29.59
N ARG B 43 -14.13 77.67 -30.64
CA ARG B 43 -14.72 78.18 -31.88
C ARG B 43 -15.75 79.28 -31.65
N ARG B 44 -16.95 78.89 -31.24
CA ARG B 44 -17.90 79.85 -30.65
C ARG B 44 -17.93 79.66 -29.13
N GLY B 45 -16.73 79.64 -28.54
CA GLY B 45 -16.54 79.86 -27.11
C GLY B 45 -16.79 78.74 -26.14
N LYS B 46 -15.91 78.66 -25.14
CA LYS B 46 -15.99 77.77 -23.97
C LYS B 46 -14.61 77.36 -23.47
N LEU B 47 -14.39 77.53 -22.18
CA LEU B 47 -13.12 77.20 -21.53
C LEU B 47 -12.75 75.74 -21.79
N LEU B 48 -11.92 75.52 -22.81
CA LEU B 48 -11.38 74.20 -23.11
C LEU B 48 -10.32 73.80 -22.09
N GLY B 49 -9.38 74.73 -21.85
CA GLY B 49 -8.32 74.55 -20.86
C GLY B 49 -7.91 75.84 -20.16
N TYR B 50 -7.16 75.70 -19.05
CA TYR B 50 -6.70 76.81 -18.22
C TYR B 50 -5.56 76.40 -17.29
N SER B 51 -5.04 77.38 -16.53
CA SER B 51 -4.21 77.15 -15.33
C SER B 51 -3.59 78.45 -14.84
N ILE B 52 -3.62 78.65 -13.52
CA ILE B 52 -3.25 79.92 -12.89
C ILE B 52 -2.04 79.81 -11.93
N ASN B 53 -1.11 80.77 -12.02
CA ASN B 53 -0.03 80.85 -11.03
C ASN B 53 -0.08 82.14 -10.19
N GLN B 54 -1.31 82.54 -9.84
CA GLN B 54 -1.61 83.67 -8.95
C GLN B 54 -3.11 83.61 -8.56
N GLN B 55 -3.39 83.37 -7.27
CA GLN B 55 -4.70 82.83 -6.84
C GLN B 55 -5.91 83.80 -6.76
N ILE B 56 -6.90 83.47 -5.91
CA ILE B 56 -8.28 84.00 -6.04
C ILE B 56 -8.71 85.17 -5.13
N GLU B 57 -9.16 86.25 -5.79
CA GLU B 57 -9.69 87.48 -5.20
C GLU B 57 -10.33 88.33 -6.32
N ASN B 58 -10.15 87.87 -7.56
CA ASN B 58 -10.67 88.54 -8.76
C ASN B 58 -12.21 88.50 -8.84
N ASP B 59 -12.78 89.36 -9.70
CA ASP B 59 -14.23 89.57 -9.80
C ASP B 59 -14.93 88.62 -10.81
N ARG B 60 -14.15 87.78 -11.51
CA ARG B 60 -14.68 86.80 -12.46
C ARG B 60 -13.94 85.45 -12.46
N MET B 61 -12.60 85.48 -12.50
CA MET B 61 -11.78 84.26 -12.52
C MET B 61 -11.71 83.57 -11.16
N LYS B 62 -12.74 83.81 -10.36
CA LYS B 62 -13.06 83.08 -9.13
C LYS B 62 -14.21 82.11 -9.46
N LYS B 63 -15.15 82.59 -10.29
CA LYS B 63 -16.40 81.89 -10.65
C LYS B 63 -16.55 81.67 -12.17
N MET B 64 -15.45 81.35 -12.83
CA MET B 64 -15.41 81.13 -14.28
C MET B 64 -14.78 79.77 -14.58
N LEU B 65 -13.87 79.35 -13.71
CA LEU B 65 -13.21 78.04 -13.79
C LEU B 65 -14.25 76.92 -13.66
N GLU B 66 -15.44 77.30 -13.21
CA GLU B 66 -16.51 76.38 -12.85
C GLU B 66 -17.75 76.44 -13.78
N ASP B 67 -17.99 77.62 -14.36
CA ASP B 67 -19.02 77.82 -15.39
C ASP B 67 -18.76 76.90 -16.59
N ARG B 68 -17.47 76.76 -16.90
CA ARG B 68 -16.96 76.07 -18.10
C ARG B 68 -17.45 76.72 -19.40
N GLN B 69 -17.79 78.00 -19.27
CA GLN B 69 -18.29 78.85 -20.35
C GLN B 69 -18.28 80.29 -19.87
N PHE B 70 -17.61 81.17 -20.60
CA PHE B 70 -17.64 82.61 -20.33
C PHE B 70 -19.06 83.13 -20.54
N PRO B 71 -19.54 84.01 -19.64
CA PRO B 71 -20.88 84.58 -19.76
C PRO B 71 -21.27 84.81 -21.23
N GLU B 72 -22.50 84.43 -21.55
CA GLU B 72 -22.93 84.23 -22.94
C GLU B 72 -22.92 85.47 -23.86
N GLU B 73 -22.66 86.65 -23.29
CA GLU B 73 -22.42 87.88 -24.06
C GLU B 73 -20.92 88.20 -24.11
N TYR B 74 -20.25 87.96 -22.98
CA TYR B 74 -18.80 88.00 -22.90
C TYR B 74 -18.22 87.37 -24.14
N THR B 75 -18.55 86.10 -24.33
CA THR B 75 -17.93 85.26 -25.33
C THR B 75 -18.28 85.70 -26.75
N LYS B 76 -19.46 86.31 -26.89
CA LYS B 76 -19.89 86.88 -28.17
C LYS B 76 -19.11 88.17 -28.48
N ASN B 77 -18.76 88.91 -27.42
CA ASN B 77 -17.91 90.10 -27.53
C ASN B 77 -16.42 89.72 -27.57
N LEU B 78 -16.13 88.44 -27.39
CA LEU B 78 -14.77 87.93 -27.38
C LEU B 78 -14.31 87.35 -28.72
N PHE B 79 -15.23 87.24 -29.68
CA PHE B 79 -14.88 86.91 -31.08
C PHE B 79 -14.51 88.16 -31.86
N ASN B 80 -15.13 89.28 -31.51
CA ASN B 80 -14.82 90.54 -32.17
C ASN B 80 -13.50 91.13 -31.67
N VAL B 81 -12.46 90.29 -31.68
CA VAL B 81 -11.09 90.66 -31.33
C VAL B 81 -10.20 90.57 -32.58
N PRO B 82 -10.10 91.67 -33.37
CA PRO B 82 -9.41 91.72 -34.68
C PRO B 82 -7.97 91.20 -34.69
N GLU B 83 -7.06 91.89 -34.01
CA GLU B 83 -5.68 91.37 -33.82
C GLU B 83 -5.16 91.58 -32.40
N THR B 84 -4.51 90.52 -31.89
CA THR B 84 -3.98 90.40 -30.53
C THR B 84 -3.80 91.73 -29.73
N SER B 85 -4.32 91.75 -28.50
CA SER B 85 -4.39 92.96 -27.65
C SER B 85 -3.08 93.27 -26.88
N SER B 86 -3.11 94.28 -25.99
CA SER B 86 -1.90 94.72 -25.27
C SER B 86 -2.11 95.21 -23.82
N ASN B 87 -2.10 94.27 -22.88
CA ASN B 87 -2.05 94.53 -21.42
C ASN B 87 -3.21 95.38 -20.86
N LEU B 88 -4.26 94.72 -20.36
CA LEU B 88 -5.52 95.38 -19.95
C LEU B 88 -6.16 94.81 -18.66
N ASP B 89 -6.77 95.69 -17.86
CA ASP B 89 -7.63 95.27 -16.75
C ASP B 89 -9.01 95.94 -16.80
N ILE B 90 -9.47 96.53 -15.70
CA ILE B 90 -10.71 97.31 -15.68
C ILE B 90 -10.54 98.57 -16.53
N ASN B 91 -10.61 99.76 -15.94
CA ASN B 91 -10.37 101.03 -16.66
C ASN B 91 -8.98 101.02 -17.34
N SER B 92 -8.93 100.47 -18.56
CA SER B 92 -7.67 100.18 -19.28
C SER B 92 -7.25 101.25 -20.30
N GLU B 93 -6.12 101.01 -20.97
CA GLU B 93 -5.45 101.99 -21.83
C GLU B 93 -6.23 102.36 -23.11
N TYR B 94 -6.69 101.35 -23.85
CA TYR B 94 -7.47 101.57 -25.08
C TYR B 94 -8.48 100.43 -25.34
N THR B 95 -9.43 100.69 -26.25
CA THR B 95 -10.62 99.85 -26.50
C THR B 95 -10.42 98.32 -26.75
N ALA B 96 -11.05 97.49 -25.91
CA ALA B 96 -11.04 96.01 -26.05
C ALA B 96 -12.15 95.29 -25.24
N PHE B 97 -11.99 95.27 -23.91
CA PHE B 97 -13.02 94.74 -22.99
C PHE B 97 -13.81 95.90 -22.36
N PRO B 98 -15.16 95.77 -22.31
CA PRO B 98 -16.11 96.83 -21.92
C PRO B 98 -16.09 97.26 -20.44
N VAL B 99 -17.12 98.02 -20.02
CA VAL B 99 -17.26 98.50 -18.63
C VAL B 99 -18.06 97.53 -17.76
N GLU B 100 -19.12 96.94 -18.33
CA GLU B 100 -19.95 95.95 -17.62
C GLU B 100 -19.40 94.51 -17.74
N ASN B 101 -18.60 94.27 -18.78
CA ASN B 101 -17.96 92.97 -19.02
C ASN B 101 -16.44 93.05 -18.76
N ARG B 102 -16.05 93.51 -17.58
CA ARG B 102 -14.62 93.76 -17.27
C ARG B 102 -14.22 93.57 -15.80
N ASP B 103 -14.28 92.32 -15.36
CA ASP B 103 -13.76 91.92 -14.06
C ASP B 103 -13.06 90.55 -14.11
N LEU B 104 -12.74 90.10 -15.33
CA LEU B 104 -11.87 88.94 -15.56
C LEU B 104 -10.50 89.25 -14.94
N PHE B 105 -10.22 90.55 -14.86
CA PHE B 105 -8.93 91.07 -14.45
C PHE B 105 -9.11 92.28 -13.53
N GLN B 106 -9.11 92.04 -12.21
CA GLN B 106 -9.34 93.10 -11.19
C GLN B 106 -8.11 93.44 -10.33
N ALA B 107 -7.52 92.42 -9.70
CA ALA B 107 -6.26 92.58 -8.95
C ALA B 107 -5.04 92.23 -9.83
N GLY B 108 -5.08 92.69 -11.08
CA GLY B 108 -4.05 92.39 -12.08
C GLY B 108 -4.47 92.83 -13.47
N LEU B 109 -4.10 92.02 -14.47
CA LEU B 109 -4.39 92.28 -15.89
C LEU B 109 -4.59 90.96 -16.66
N THR B 110 -5.06 91.04 -17.91
CA THR B 110 -5.26 89.86 -18.78
C THR B 110 -5.42 90.22 -20.29
N THR B 111 -4.64 89.56 -21.16
CA THR B 111 -4.57 89.86 -22.62
C THR B 111 -5.15 88.75 -23.53
N ILE B 112 -5.55 89.14 -24.75
CA ILE B 112 -6.37 88.31 -25.66
C ILE B 112 -5.71 87.99 -27.04
N VAL B 113 -5.46 86.71 -27.30
CA VAL B 113 -4.89 86.23 -28.59
C VAL B 113 -5.92 85.44 -29.42
N PRO B 114 -6.21 85.91 -30.66
CA PRO B 114 -7.14 85.20 -31.56
C PRO B 114 -6.45 84.07 -32.33
N ILE B 115 -6.81 82.82 -32.02
CA ILE B 115 -6.18 81.69 -32.68
C ILE B 115 -6.76 81.53 -34.06
N ILE B 116 -5.95 81.82 -35.06
CA ILE B 116 -6.34 81.61 -36.45
C ILE B 116 -5.53 80.44 -37.04
N GLY B 117 -6.26 79.44 -37.50
CA GLY B 117 -5.66 78.24 -38.07
C GLY B 117 -6.34 77.93 -39.37
N GLY B 118 -5.52 77.60 -40.38
CA GLY B 118 -6.00 77.24 -41.72
C GLY B 118 -7.16 78.09 -42.18
N GLY B 119 -7.15 79.35 -41.77
CA GLY B 119 -8.22 80.28 -42.09
C GLY B 119 -9.16 80.52 -40.91
N GLU B 120 -9.84 79.46 -40.47
CA GLU B 120 -10.83 79.57 -39.40
C GLU B 120 -10.20 80.03 -38.07
N ARG B 121 -10.82 81.05 -37.49
CA ARG B 121 -10.58 81.49 -36.13
C ARG B 121 -11.08 80.39 -35.21
N LEU B 122 -10.27 79.36 -35.05
CA LEU B 122 -10.68 78.17 -34.30
C LEU B 122 -10.91 78.50 -32.83
N GLY B 123 -11.23 79.76 -32.55
CA GLY B 123 -11.49 80.20 -31.19
C GLY B 123 -10.58 81.33 -30.74
N THR B 124 -10.14 81.27 -29.49
CA THR B 124 -9.41 82.40 -28.88
C THR B 124 -8.45 81.99 -27.75
N LEU B 125 -7.62 82.95 -27.33
CA LEU B 125 -6.72 82.77 -26.21
C LEU B 125 -6.86 83.95 -25.25
N ILE B 126 -6.52 83.72 -23.98
CA ILE B 126 -6.41 84.78 -22.98
C ILE B 126 -5.37 84.44 -21.90
N LEU B 127 -4.66 85.45 -21.40
CA LEU B 127 -3.54 85.22 -20.46
C LEU B 127 -3.32 86.36 -19.44
N SER B 128 -3.29 86.03 -18.14
CA SER B 128 -3.30 87.03 -17.04
C SER B 128 -2.02 87.12 -16.16
N ARG B 129 -1.77 88.31 -15.58
CA ARG B 129 -0.72 88.51 -14.55
C ARG B 129 -1.04 89.55 -13.47
N LEU B 130 -0.24 89.56 -12.40
CA LEU B 130 -0.41 90.53 -11.30
C LEU B 130 -0.01 91.94 -11.72
N GLN B 131 1.23 92.33 -11.42
CA GLN B 131 1.72 93.69 -11.75
C GLN B 131 2.81 93.75 -12.84
N ASP B 132 3.55 92.64 -13.03
CA ASP B 132 4.57 92.55 -14.08
C ASP B 132 3.97 92.54 -15.50
N GLN B 133 4.68 93.14 -16.46
CA GLN B 133 4.10 93.53 -17.77
C GLN B 133 4.38 92.59 -18.96
N PHE B 134 3.75 92.89 -20.11
CA PHE B 134 3.84 92.11 -21.35
C PHE B 134 4.59 92.88 -22.46
N ASN B 135 5.88 92.59 -22.64
CA ASN B 135 6.76 93.30 -23.58
C ASN B 135 6.78 92.69 -24.97
N ASP B 136 7.29 93.43 -25.95
CA ASP B 136 7.48 92.95 -27.33
C ASP B 136 7.80 91.47 -27.36
N ASP B 137 8.97 91.13 -26.81
CA ASP B 137 9.52 89.77 -26.82
C ASP B 137 8.78 88.78 -25.89
N ASP B 138 8.00 89.32 -24.93
CA ASP B 138 7.18 88.50 -23.99
C ASP B 138 5.92 88.00 -24.70
N LEU B 139 5.80 88.33 -25.98
CA LEU B 139 4.55 88.22 -26.72
C LEU B 139 4.68 87.48 -28.04
N ILE B 140 5.91 87.19 -28.45
CA ILE B 140 6.14 86.23 -29.52
C ILE B 140 5.66 84.88 -29.00
N LEU B 141 6.05 84.61 -27.77
CA LEU B 141 5.68 83.40 -27.06
C LEU B 141 4.18 83.07 -27.19
N ALA B 142 3.38 84.07 -27.57
CA ALA B 142 1.95 83.86 -27.77
C ALA B 142 1.64 83.76 -29.25
N GLU B 143 2.55 83.13 -29.99
CA GLU B 143 2.44 83.00 -31.44
C GLU B 143 3.21 81.76 -31.90
N TYR B 144 4.53 81.83 -31.75
CA TYR B 144 5.39 80.67 -31.86
C TYR B 144 4.90 79.68 -30.80
N GLY B 145 3.79 80.06 -30.16
CA GLY B 145 3.18 79.32 -29.05
C GLY B 145 1.67 79.48 -28.84
N ALA B 146 1.07 80.51 -29.44
CA ALA B 146 -0.38 80.55 -29.54
C ALA B 146 -0.79 79.64 -30.69
N THR B 147 -0.15 79.83 -31.84
CA THR B 147 -0.44 79.02 -33.03
C THR B 147 0.13 77.59 -32.93
N VAL B 148 0.53 77.19 -31.74
CA VAL B 148 0.76 75.79 -31.48
C VAL B 148 -0.42 75.29 -30.66
N VAL B 149 -1.43 76.15 -30.48
CA VAL B 149 -2.73 75.70 -30.03
C VAL B 149 -3.57 75.42 -31.27
N GLY B 150 -3.68 76.43 -32.14
CA GLY B 150 -4.44 76.32 -33.38
C GLY B 150 -4.13 75.07 -34.19
N MET B 151 -2.89 74.64 -34.12
CA MET B 151 -2.43 73.53 -34.92
C MET B 151 -2.74 72.23 -34.23
N GLU B 152 -3.67 72.29 -33.28
CA GLU B 152 -4.10 71.11 -32.56
C GLU B 152 -5.62 71.00 -32.40
N ILE B 153 -6.32 72.13 -32.43
CA ILE B 153 -7.77 72.04 -32.53
C ILE B 153 -8.10 71.53 -33.91
N LEU B 154 -7.44 72.09 -34.93
CA LEU B 154 -7.68 71.74 -36.32
C LEU B 154 -7.26 70.31 -36.59
N ARG B 155 -6.39 69.80 -35.73
CA ARG B 155 -6.06 68.40 -35.74
C ARG B 155 -6.77 67.66 -34.62
N GLU B 156 -7.74 68.30 -33.97
CA GLU B 156 -8.57 67.60 -32.96
C GLU B 156 -9.87 67.11 -33.57
N LYS B 157 -10.56 68.01 -34.26
CA LYS B 157 -11.89 67.74 -34.77
C LYS B 157 -11.86 67.32 -36.23
N ALA B 158 -10.70 67.54 -36.87
CA ALA B 158 -10.37 66.85 -38.11
C ALA B 158 -9.97 65.41 -37.81
N GLU B 159 -9.28 65.19 -36.69
CA GLU B 159 -8.98 63.82 -36.22
C GLU B 159 -10.27 63.11 -35.86
N GLU B 160 -11.18 63.85 -35.24
CA GLU B 160 -12.43 63.32 -34.71
C GLU B 160 -13.40 62.89 -35.81
N ILE B 161 -13.99 63.86 -36.49
CA ILE B 161 -15.04 63.59 -37.49
C ILE B 161 -14.47 63.01 -38.80
N GLU B 162 -13.19 62.70 -38.81
CA GLU B 162 -12.58 61.88 -39.86
C GLU B 162 -12.57 60.41 -39.46
N GLU B 163 -13.44 60.07 -38.51
CA GLU B 163 -13.64 58.71 -38.03
C GLU B 163 -15.09 58.47 -37.62
N GLU B 164 -15.91 59.51 -37.72
CA GLU B 164 -17.37 59.45 -37.54
C GLU B 164 -18.07 59.95 -38.83
N ALA B 165 -17.35 59.81 -39.96
CA ALA B 165 -17.85 60.06 -41.33
C ALA B 165 -17.25 59.01 -42.27
N ARG B 166 -15.94 58.81 -42.16
CA ARG B 166 -15.29 57.64 -42.73
C ARG B 166 -16.03 56.37 -42.29
N SER B 167 -16.20 56.26 -40.98
CA SER B 167 -16.74 55.05 -40.37
C SER B 167 -18.13 54.69 -40.91
N LYS B 168 -18.79 55.68 -41.50
CA LYS B 168 -20.04 55.44 -42.20
C LYS B 168 -19.82 54.67 -43.51
N ALA B 169 -18.69 54.93 -44.19
CA ALA B 169 -18.41 54.35 -45.52
C ALA B 169 -18.16 52.84 -45.52
N VAL B 170 -17.15 52.41 -44.77
CA VAL B 170 -16.85 51.00 -44.61
C VAL B 170 -18.13 50.21 -44.30
N VAL B 171 -18.75 50.56 -43.18
CA VAL B 171 -20.10 50.17 -42.83
C VAL B 171 -20.99 50.05 -44.07
N GLN B 172 -21.23 51.18 -44.75
CA GLN B 172 -22.15 51.27 -45.86
C GLN B 172 -21.77 50.35 -47.02
N MET B 173 -20.51 50.42 -47.43
CA MET B 173 -20.09 49.76 -48.66
C MET B 173 -20.33 48.25 -48.69
N ALA B 174 -20.30 47.62 -47.52
CA ALA B 174 -20.55 46.20 -47.43
C ALA B 174 -22.03 45.95 -47.59
N ILE B 175 -22.84 46.93 -47.22
CA ILE B 175 -24.30 46.86 -47.40
C ILE B 175 -24.60 46.63 -48.90
N SER B 176 -24.04 47.50 -49.74
CA SER B 176 -24.16 47.40 -51.21
C SER B 176 -23.86 45.99 -51.76
N SER B 177 -22.84 45.35 -51.18
CA SER B 177 -22.50 43.95 -51.45
C SER B 177 -23.42 42.99 -50.69
N LEU B 178 -24.71 43.32 -50.63
CA LEU B 178 -25.73 42.42 -50.08
C LEU B 178 -26.79 42.06 -51.12
N SER B 179 -28.02 41.79 -50.67
CA SER B 179 -29.17 41.59 -51.56
C SER B 179 -30.47 41.50 -50.77
N TYR B 180 -31.57 41.85 -51.44
CA TYR B 180 -32.92 41.87 -50.85
C TYR B 180 -33.16 40.79 -49.80
N SER B 181 -32.72 39.57 -50.06
CA SER B 181 -32.81 38.53 -49.06
C SER B 181 -31.81 38.81 -47.92
N GLU B 182 -30.52 38.89 -48.23
CA GLU B 182 -29.49 39.01 -47.19
C GLU B 182 -29.30 40.43 -46.63
N LEU B 183 -30.27 41.30 -46.88
CA LEU B 183 -30.31 42.64 -46.30
C LEU B 183 -31.41 42.63 -45.25
N GLU B 184 -32.55 42.08 -45.66
CA GLU B 184 -33.71 41.92 -44.80
C GLU B 184 -33.53 40.69 -43.91
N ALA B 185 -32.35 40.08 -44.00
CA ALA B 185 -31.93 39.05 -43.06
C ALA B 185 -31.24 39.75 -41.89
N ILE B 186 -30.46 40.78 -42.22
CA ILE B 186 -29.84 41.63 -41.22
C ILE B 186 -30.93 42.47 -40.58
N GLU B 187 -31.78 43.07 -41.43
CA GLU B 187 -32.86 43.97 -41.03
C GLU B 187 -33.63 43.42 -39.83
N HIS B 188 -34.04 42.17 -39.93
CA HIS B 188 -34.75 41.49 -38.84
C HIS B 188 -33.78 41.15 -37.69
N ILE B 189 -32.67 40.47 -37.99
CA ILE B 189 -31.80 39.91 -36.92
C ILE B 189 -31.34 40.90 -35.87
N PHE B 190 -30.94 42.10 -36.29
CA PHE B 190 -30.49 43.13 -35.33
C PHE B 190 -31.62 43.87 -34.62
N GLU B 191 -32.86 43.51 -34.97
CA GLU B 191 -34.05 44.07 -34.32
C GLU B 191 -34.77 43.05 -33.45
N GLU B 192 -34.75 41.77 -33.86
CA GLU B 192 -35.25 40.65 -33.05
C GLU B 192 -34.26 40.33 -31.89
N LEU B 193 -32.97 40.58 -32.14
CA LEU B 193 -31.94 40.63 -31.11
C LEU B 193 -32.35 41.73 -30.16
N ASP B 194 -32.37 42.96 -30.67
CA ASP B 194 -32.93 44.14 -30.00
C ASP B 194 -32.24 45.43 -30.47
N GLY B 195 -30.95 45.52 -30.13
CA GLY B 195 -30.09 46.65 -30.46
C GLY B 195 -28.65 46.29 -30.20
N ASN B 196 -28.39 45.64 -29.06
CA ASN B 196 -27.06 45.16 -28.73
C ASN B 196 -27.06 43.66 -28.40
N GLU B 197 -28.09 43.20 -27.70
CA GLU B 197 -28.15 41.83 -27.18
C GLU B 197 -29.58 41.23 -27.19
N GLY B 198 -29.67 39.91 -27.41
CA GLY B 198 -30.93 39.16 -27.42
C GLY B 198 -30.79 37.66 -27.71
N LEU B 199 -31.93 36.95 -27.77
CA LEU B 199 -31.94 35.49 -28.06
C LEU B 199 -31.90 35.18 -29.57
N LEU B 200 -30.73 34.77 -30.05
CA LEU B 200 -30.52 34.54 -31.48
C LEU B 200 -30.08 33.12 -31.84
N VAL B 201 -31.01 32.40 -32.46
CA VAL B 201 -30.77 31.11 -33.10
C VAL B 201 -31.35 31.20 -34.52
N ALA B 202 -30.45 31.15 -35.52
CA ALA B 202 -30.81 31.39 -36.92
C ALA B 202 -31.79 30.36 -37.52
N SER B 203 -32.37 29.51 -36.66
CA SER B 203 -33.44 28.61 -37.06
C SER B 203 -34.79 29.33 -37.11
N LYS B 204 -35.25 29.78 -35.95
CA LYS B 204 -36.62 30.29 -35.80
C LYS B 204 -36.83 31.69 -36.40
N ILE B 205 -35.76 32.45 -36.55
CA ILE B 205 -35.83 33.74 -37.24
C ILE B 205 -35.76 33.51 -38.78
N ALA B 206 -35.30 32.31 -39.17
CA ALA B 206 -35.41 31.84 -40.55
C ALA B 206 -36.84 31.38 -40.84
N ASP B 207 -37.64 31.23 -39.79
CA ASP B 207 -39.05 30.80 -39.88
C ASP B 207 -39.99 31.65 -39.01
N ARG B 208 -39.90 32.96 -39.15
CA ARG B 208 -40.85 33.86 -38.50
C ARG B 208 -41.59 34.66 -39.58
N VAL B 209 -40.91 35.64 -40.18
CA VAL B 209 -41.29 36.19 -41.49
C VAL B 209 -40.38 35.51 -42.52
N GLY B 210 -39.76 34.41 -42.07
CA GLY B 210 -39.14 33.38 -42.89
C GLY B 210 -38.36 33.73 -44.15
N ILE B 211 -37.12 34.15 -43.97
CA ILE B 211 -36.20 34.35 -45.09
C ILE B 211 -35.87 32.95 -45.63
N THR B 212 -34.71 32.44 -45.22
CA THR B 212 -34.29 31.07 -45.52
C THR B 212 -33.12 30.71 -44.59
N ARG B 213 -32.87 29.41 -44.47
CA ARG B 213 -31.82 28.85 -43.60
C ARG B 213 -30.40 29.38 -43.87
N SER B 214 -29.93 29.27 -45.12
CA SER B 214 -28.50 29.41 -45.38
C SER B 214 -28.04 30.71 -46.05
N VAL B 215 -28.93 31.69 -46.19
CA VAL B 215 -28.50 33.02 -46.69
C VAL B 215 -28.08 33.93 -45.52
N ILE B 216 -28.39 33.50 -44.30
CA ILE B 216 -28.04 34.22 -43.06
C ILE B 216 -26.52 34.18 -42.85
N VAL B 217 -25.99 32.97 -42.77
CA VAL B 217 -24.56 32.70 -42.92
C VAL B 217 -23.99 33.75 -43.85
N ASN B 218 -24.41 33.67 -45.11
CA ASN B 218 -23.99 34.58 -46.16
C ASN B 218 -24.04 36.05 -45.75
N ALA B 219 -25.18 36.47 -45.19
CA ALA B 219 -25.41 37.87 -44.83
C ALA B 219 -24.52 38.38 -43.71
N LEU B 220 -24.02 37.44 -42.89
CA LEU B 220 -23.32 37.72 -41.62
C LEU B 220 -21.79 37.92 -41.69
N ARG B 221 -21.14 37.31 -42.68
CA ARG B 221 -19.71 37.55 -42.88
C ARG B 221 -19.39 37.95 -44.34
N LYS B 222 -20.37 38.63 -44.96
CA LYS B 222 -20.13 39.65 -45.99
C LYS B 222 -19.97 40.95 -45.22
N LEU B 223 -20.38 40.90 -43.94
CA LEU B 223 -20.16 41.94 -42.93
C LEU B 223 -18.76 41.82 -42.33
N GLU B 224 -18.50 40.69 -41.67
CA GLU B 224 -17.21 40.42 -41.06
C GLU B 224 -16.05 40.57 -42.05
N SER B 225 -16.32 40.29 -43.31
CA SER B 225 -15.38 40.56 -44.41
C SER B 225 -14.88 41.99 -44.35
N ALA B 226 -15.81 42.93 -44.15
CA ALA B 226 -15.46 44.31 -43.86
C ALA B 226 -15.09 44.47 -42.39
N GLY B 227 -15.80 43.76 -41.51
CA GLY B 227 -15.50 43.75 -40.07
C GLY B 227 -16.48 44.45 -39.13
N VAL B 228 -17.77 44.47 -39.52
CA VAL B 228 -18.85 45.10 -38.74
C VAL B 228 -19.34 44.22 -37.58
N ILE B 229 -19.02 42.92 -37.64
CA ILE B 229 -19.32 41.97 -36.53
C ILE B 229 -18.04 41.26 -36.04
N GLU B 230 -18.17 40.30 -35.13
CA GLU B 230 -17.00 39.53 -34.64
C GLU B 230 -17.07 37.99 -34.83
N SER B 231 -18.21 37.52 -35.37
CA SER B 231 -18.47 36.11 -35.68
C SER B 231 -18.21 35.11 -34.54
N ARG B 232 -19.19 35.01 -33.64
CA ARG B 232 -19.20 34.02 -32.59
C ARG B 232 -20.11 32.89 -33.04
N SER B 233 -19.62 31.66 -32.96
CA SER B 233 -20.40 30.50 -33.40
C SER B 233 -20.50 29.40 -32.32
N LEU B 234 -21.73 29.09 -31.90
CA LEU B 234 -22.00 28.13 -30.81
C LEU B 234 -22.16 26.69 -31.31
N GLY B 235 -23.19 26.42 -32.10
CA GLY B 235 -23.50 25.05 -32.47
C GLY B 235 -24.28 24.81 -33.75
N MET B 236 -25.55 24.46 -33.58
CA MET B 236 -26.30 23.68 -34.59
C MET B 236 -27.16 24.41 -35.64
N LYS B 237 -27.92 25.43 -35.22
CA LYS B 237 -28.85 26.12 -36.15
C LYS B 237 -28.78 27.67 -36.09
N GLY B 238 -28.11 28.20 -35.07
CA GLY B 238 -27.97 29.66 -34.89
C GLY B 238 -27.13 30.12 -33.71
N THR B 239 -26.85 31.42 -33.65
CA THR B 239 -25.91 31.96 -32.67
C THR B 239 -26.05 33.46 -32.46
N TYR B 240 -25.36 33.96 -31.44
CA TYR B 240 -25.31 35.39 -31.09
C TYR B 240 -23.91 35.99 -31.31
N ILE B 241 -23.87 37.23 -31.80
CA ILE B 241 -22.62 37.98 -32.03
C ILE B 241 -22.78 39.44 -31.56
N LYS B 242 -21.65 40.10 -31.29
CA LYS B 242 -21.64 41.51 -30.84
C LYS B 242 -21.17 42.48 -31.96
N VAL B 243 -21.72 43.71 -31.94
CA VAL B 243 -21.56 44.68 -33.03
C VAL B 243 -20.24 45.46 -32.93
N LEU B 244 -19.62 45.72 -34.09
CA LEU B 244 -18.28 46.32 -34.14
C LEU B 244 -18.17 47.75 -34.70
N ASN B 245 -19.27 48.49 -34.72
CA ASN B 245 -19.30 49.91 -35.16
C ASN B 245 -20.52 50.66 -34.64
N ASN B 246 -20.26 51.66 -33.81
CA ASN B 246 -21.30 52.36 -33.05
C ASN B 246 -22.31 53.21 -33.84
N LYS B 247 -21.91 53.63 -35.03
CA LYS B 247 -22.79 54.40 -35.91
C LYS B 247 -23.60 53.46 -36.80
N PHE B 248 -22.93 52.41 -37.26
CA PHE B 248 -23.51 51.38 -38.12
C PHE B 248 -25.01 51.21 -37.90
N LEU B 249 -25.36 50.85 -36.67
CA LEU B 249 -26.74 50.54 -36.31
C LEU B 249 -27.63 51.73 -36.61
N ILE B 250 -27.23 52.90 -36.14
CA ILE B 250 -28.08 54.05 -36.25
C ILE B 250 -28.22 54.47 -37.73
N GLU B 251 -27.47 53.79 -38.59
CA GLU B 251 -27.69 53.84 -40.05
C GLU B 251 -28.39 52.58 -40.54
N LEU B 252 -28.28 51.50 -39.77
CA LEU B 252 -28.79 50.17 -40.13
C LEU B 252 -30.17 50.17 -40.82
N GLU B 253 -31.15 50.81 -40.19
CA GLU B 253 -32.53 50.91 -40.69
C GLU B 253 -32.76 52.22 -41.44
N ASN B 254 -31.73 53.08 -41.39
CA ASN B 254 -31.76 54.42 -41.95
C ASN B 254 -31.65 54.44 -43.48
N LEU B 255 -32.38 53.52 -44.09
CA LEU B 255 -32.61 53.47 -45.54
C LEU B 255 -34.04 52.99 -45.79
N LYS B 256 -34.68 53.53 -46.82
CA LYS B 256 -36.12 53.32 -47.06
C LYS B 256 -36.52 52.33 -48.16
N SER B 257 -36.19 51.05 -47.92
CA SER B 257 -36.67 49.92 -48.74
C SER B 257 -36.68 48.63 -47.94
N ALA C 1 -46.17 21.27 -79.44
CA ALA C 1 -45.84 22.68 -79.67
C ALA C 1 -45.96 23.57 -78.41
N LEU C 2 -45.57 23.03 -77.25
CA LEU C 2 -45.43 23.83 -76.02
C LEU C 2 -44.08 24.57 -76.01
N LEU C 3 -43.15 24.11 -76.86
CA LEU C 3 -41.81 24.65 -77.00
C LEU C 3 -41.78 26.11 -77.46
N GLN C 4 -42.78 26.48 -78.27
CA GLN C 4 -42.93 27.87 -78.73
C GLN C 4 -43.53 28.80 -77.66
N LYS C 5 -43.34 28.43 -76.39
CA LYS C 5 -43.65 29.29 -75.27
C LYS C 5 -42.43 29.46 -74.35
N THR C 6 -41.42 28.62 -74.55
CA THR C 6 -40.08 28.83 -73.97
C THR C 6 -39.23 29.68 -74.91
N ARG C 7 -39.38 29.42 -76.21
CA ARG C 7 -38.70 30.18 -77.26
C ARG C 7 -39.08 31.65 -77.22
N ILE C 8 -39.68 32.04 -76.08
CA ILE C 8 -39.98 33.43 -75.74
C ILE C 8 -39.29 33.72 -74.41
N ILE C 9 -40.01 33.46 -73.32
CA ILE C 9 -39.57 33.88 -71.99
C ILE C 9 -38.14 33.48 -71.59
N ASN C 10 -37.48 32.68 -72.42
CA ASN C 10 -36.06 32.43 -72.23
C ASN C 10 -35.19 33.57 -72.78
N SER C 11 -35.77 34.36 -73.68
CA SER C 11 -35.13 35.58 -74.18
C SER C 11 -35.73 36.82 -73.50
N MET C 12 -36.18 36.63 -72.26
CA MET C 12 -36.48 37.73 -71.35
C MET C 12 -35.22 37.92 -70.48
N LEU C 13 -35.27 37.50 -69.21
CA LEU C 13 -34.10 37.48 -68.30
C LEU C 13 -33.30 38.80 -68.23
N GLN C 14 -33.84 39.77 -67.48
CA GLN C 14 -33.33 41.16 -67.45
C GLN C 14 -32.63 41.61 -66.14
N ALA C 15 -31.87 40.69 -65.54
CA ALA C 15 -31.25 40.88 -64.20
C ALA C 15 -30.36 42.14 -64.05
N ALA C 16 -29.04 41.95 -64.14
CA ALA C 16 -28.09 43.05 -64.23
C ALA C 16 -27.68 43.20 -65.71
N ALA C 17 -28.68 43.52 -66.53
CA ALA C 17 -28.53 43.68 -67.97
C ALA C 17 -29.07 45.03 -68.40
N GLY C 18 -29.07 45.27 -69.72
CA GLY C 18 -29.56 46.52 -70.30
C GLY C 18 -30.97 46.89 -69.88
N LYS C 19 -31.43 48.05 -70.34
CA LYS C 19 -32.65 48.71 -69.86
C LYS C 19 -32.87 48.70 -68.34
N PRO C 20 -33.28 49.85 -67.77
CA PRO C 20 -33.72 49.93 -66.37
C PRO C 20 -34.74 48.83 -66.04
N VAL C 21 -34.71 48.33 -64.80
CA VAL C 21 -35.50 47.15 -64.40
C VAL C 21 -36.99 47.33 -64.68
N ASN C 22 -37.58 46.34 -65.37
CA ASN C 22 -38.95 46.44 -65.87
C ASN C 22 -39.88 45.28 -65.47
N PHE C 23 -41.09 45.66 -65.07
CA PHE C 23 -42.12 44.76 -64.57
C PHE C 23 -43.40 45.15 -65.29
N LYS C 24 -43.47 46.41 -65.67
CA LYS C 24 -44.41 46.90 -66.68
C LYS C 24 -44.16 46.08 -67.96
N GLU C 25 -43.31 46.60 -68.86
CA GLU C 25 -42.92 45.92 -70.12
C GLU C 25 -42.85 44.39 -69.97
N MET C 26 -42.16 43.90 -68.93
CA MET C 26 -41.97 42.45 -68.74
C MET C 26 -43.28 41.70 -68.57
N ALA C 27 -44.00 42.01 -67.50
CA ALA C 27 -45.25 41.30 -67.16
C ALA C 27 -46.47 41.79 -67.97
N GLU C 28 -46.32 42.95 -68.63
CA GLU C 28 -47.28 43.38 -69.66
C GLU C 28 -47.11 42.51 -70.93
N THR C 29 -46.02 41.74 -71.01
CA THR C 29 -45.74 40.82 -72.15
C THR C 29 -45.82 39.33 -71.80
N LEU C 30 -46.36 39.01 -70.63
CA LEU C 30 -46.76 37.65 -70.37
C LEU C 30 -48.27 37.52 -70.56
N ARG C 31 -48.90 38.66 -70.83
CA ARG C 31 -50.15 38.65 -71.54
C ARG C 31 -49.88 37.94 -72.85
N ASP C 32 -48.94 38.50 -73.62
CA ASP C 32 -48.67 38.08 -75.01
C ASP C 32 -48.20 36.60 -75.15
N VAL C 33 -48.46 35.79 -74.12
CA VAL C 33 -48.23 34.35 -74.17
C VAL C 33 -49.52 33.59 -73.86
N ILE C 34 -49.75 33.29 -72.58
CA ILE C 34 -50.79 32.36 -72.07
C ILE C 34 -52.24 32.77 -72.41
N ASP C 35 -52.40 34.02 -72.84
CA ASP C 35 -53.68 34.70 -72.88
C ASP C 35 -54.30 34.65 -71.50
N SER C 36 -53.44 34.75 -70.50
CA SER C 36 -53.86 34.81 -69.11
C SER C 36 -53.96 36.26 -68.70
N ASN C 37 -54.49 36.50 -67.51
CA ASN C 37 -54.38 37.81 -66.91
C ASN C 37 -53.14 37.88 -66.00
N ILE C 38 -52.06 38.41 -66.58
CA ILE C 38 -50.75 38.49 -65.93
C ILE C 38 -50.58 39.82 -65.20
N PHE C 39 -50.90 39.77 -63.91
CA PHE C 39 -50.63 40.87 -62.99
C PHE C 39 -49.96 40.25 -61.75
N VAL C 40 -48.83 40.84 -61.32
CA VAL C 40 -48.02 40.24 -60.27
C VAL C 40 -48.14 40.97 -58.95
N VAL C 41 -48.19 40.18 -57.87
CA VAL C 41 -48.41 40.69 -56.53
C VAL C 41 -47.19 40.37 -55.68
N SER C 42 -46.47 41.40 -55.26
CA SER C 42 -45.21 41.24 -54.51
C SER C 42 -45.36 40.58 -53.14
N ARG C 43 -44.22 40.24 -52.54
CA ARG C 43 -44.13 39.81 -51.14
C ARG C 43 -44.92 40.78 -50.28
N ARG C 44 -44.88 42.05 -50.68
CA ARG C 44 -45.49 43.15 -49.96
C ARG C 44 -46.93 43.37 -50.41
N GLY C 45 -47.53 42.33 -50.98
CA GLY C 45 -48.91 42.40 -51.48
C GLY C 45 -49.13 43.50 -52.50
N LYS C 46 -48.10 43.79 -53.28
CA LYS C 46 -48.11 44.94 -54.19
C LYS C 46 -47.97 44.60 -55.68
N LEU C 47 -48.72 45.33 -56.51
CA LEU C 47 -48.59 45.24 -57.96
C LEU C 47 -47.51 46.21 -58.45
N LEU C 48 -47.01 45.96 -59.65
CA LEU C 48 -45.82 46.61 -60.17
C LEU C 48 -45.95 46.89 -61.67
N GLY C 49 -46.47 45.90 -62.39
CA GLY C 49 -46.79 45.96 -63.84
C GLY C 49 -47.74 44.80 -64.18
N TYR C 50 -48.84 45.09 -64.87
CA TYR C 50 -49.93 44.11 -65.04
C TYR C 50 -50.29 43.77 -66.51
N SER C 51 -51.39 43.03 -66.71
CA SER C 51 -51.97 42.81 -68.04
C SER C 51 -53.41 42.28 -68.02
N ILE C 52 -54.28 42.92 -68.82
CA ILE C 52 -55.67 42.47 -69.00
C ILE C 52 -56.04 42.37 -70.50
N ASN C 53 -56.11 41.12 -70.98
CA ASN C 53 -56.43 40.80 -72.38
C ASN C 53 -57.87 40.30 -72.56
N GLN C 54 -58.31 39.46 -71.63
CA GLN C 54 -59.75 39.18 -71.45
C GLN C 54 -60.17 39.90 -70.17
N GLN C 55 -60.72 41.11 -70.35
CA GLN C 55 -61.10 42.03 -69.26
C GLN C 55 -62.38 41.59 -68.52
N ILE C 56 -62.29 41.44 -67.20
CA ILE C 56 -63.37 40.82 -66.43
C ILE C 56 -63.99 41.66 -65.30
N GLU C 57 -65.20 41.26 -64.93
CA GLU C 57 -66.08 42.00 -64.02
C GLU C 57 -65.92 41.56 -62.56
N ASN C 58 -64.69 41.52 -62.08
CA ASN C 58 -64.43 41.09 -60.71
C ASN C 58 -64.36 42.30 -59.78
N ASP C 59 -65.25 42.32 -58.78
CA ASP C 59 -65.32 43.40 -57.80
C ASP C 59 -63.96 43.60 -57.15
N ARG C 60 -63.43 42.52 -56.59
CA ARG C 60 -62.18 42.56 -55.83
C ARG C 60 -60.93 42.69 -56.71
N MET C 61 -61.05 42.32 -57.98
CA MET C 61 -59.95 42.42 -58.93
C MET C 61 -59.72 43.84 -59.47
N LYS C 62 -60.79 44.65 -59.51
CA LYS C 62 -60.72 46.05 -59.97
C LYS C 62 -60.35 47.02 -58.81
N LYS C 63 -60.30 46.48 -57.60
CA LYS C 63 -59.96 47.24 -56.39
C LYS C 63 -58.47 47.17 -56.06
N MET C 64 -57.86 46.03 -56.40
CA MET C 64 -56.41 45.86 -56.33
C MET C 64 -55.77 46.61 -57.48
N LEU C 65 -56.43 46.57 -58.64
CA LEU C 65 -56.05 47.34 -59.81
C LEU C 65 -56.23 48.84 -59.53
N GLU C 66 -57.09 49.16 -58.56
CA GLU C 66 -57.40 50.52 -58.18
C GLU C 66 -56.19 51.24 -57.55
N ASP C 67 -55.39 50.53 -56.76
CA ASP C 67 -54.19 51.11 -56.18
C ASP C 67 -53.05 50.11 -55.95
N ARG C 68 -52.75 49.34 -56.99
CA ARG C 68 -51.64 48.34 -57.02
C ARG C 68 -51.27 47.68 -55.66
N GLN C 69 -52.27 47.36 -54.84
CA GLN C 69 -52.09 46.78 -53.50
C GLN C 69 -53.40 46.26 -52.91
N PHE C 70 -53.33 45.13 -52.22
CA PHE C 70 -54.51 44.53 -51.56
C PHE C 70 -54.79 45.12 -50.19
N PRO C 71 -56.04 45.61 -49.98
CA PRO C 71 -56.55 45.99 -48.66
C PRO C 71 -56.13 45.00 -47.56
N GLU C 72 -55.63 45.53 -46.46
CA GLU C 72 -54.83 44.75 -45.53
C GLU C 72 -55.59 43.74 -44.67
N GLU C 73 -55.70 42.53 -45.22
CA GLU C 73 -55.99 41.30 -44.48
C GLU C 73 -55.89 40.14 -45.48
N TYR C 74 -56.27 40.45 -46.73
CA TYR C 74 -56.01 39.59 -47.89
C TYR C 74 -54.51 39.31 -47.98
N THR C 75 -53.74 40.38 -48.13
CA THR C 75 -52.28 40.37 -48.26
C THR C 75 -51.62 39.33 -47.35
N LYS C 76 -51.86 39.44 -46.05
CA LYS C 76 -51.21 38.57 -45.10
C LYS C 76 -51.72 37.14 -45.17
N ASN C 77 -52.99 36.98 -45.56
CA ASN C 77 -53.52 35.67 -45.88
C ASN C 77 -52.96 35.20 -47.23
N LEU C 78 -52.81 36.15 -48.15
CA LEU C 78 -52.22 35.91 -49.47
C LEU C 78 -50.76 35.46 -49.34
N PHE C 79 -50.16 35.78 -48.21
CA PHE C 79 -48.79 35.39 -47.89
C PHE C 79 -48.63 33.86 -47.86
N ASN C 80 -49.75 33.16 -47.68
CA ASN C 80 -49.75 31.70 -47.43
C ASN C 80 -49.63 30.79 -48.63
N VAL C 81 -50.49 31.00 -49.62
CA VAL C 81 -50.55 30.19 -50.84
C VAL C 81 -49.27 29.39 -51.03
N PRO C 82 -49.28 28.13 -50.60
CA PRO C 82 -48.12 27.25 -50.45
C PRO C 82 -47.52 26.69 -51.73
N GLU C 83 -48.35 26.07 -52.58
CA GLU C 83 -47.86 25.38 -53.78
C GLU C 83 -48.81 25.50 -54.98
N THR C 84 -48.98 26.74 -55.44
CA THR C 84 -49.79 27.12 -56.63
C THR C 84 -51.27 26.76 -56.55
N SER C 85 -52.12 27.68 -56.99
CA SER C 85 -53.57 27.52 -56.94
C SER C 85 -54.18 27.74 -58.32
N SER C 86 -54.65 26.64 -58.94
CA SER C 86 -55.16 26.67 -60.32
C SER C 86 -56.65 26.35 -60.47
N ASN C 87 -57.33 27.10 -61.33
CA ASN C 87 -58.75 26.90 -61.68
C ASN C 87 -59.71 26.97 -60.48
N LEU C 88 -60.01 28.21 -60.07
CA LEU C 88 -60.82 28.45 -58.88
C LEU C 88 -61.71 29.69 -59.04
N ASP C 89 -62.95 29.48 -59.50
CA ASP C 89 -63.93 30.56 -59.59
C ASP C 89 -64.50 30.89 -58.21
N ILE C 90 -65.82 30.73 -58.02
CA ILE C 90 -66.42 31.03 -56.71
C ILE C 90 -66.64 29.81 -55.80
N ASN C 91 -66.38 28.61 -56.30
CA ASN C 91 -66.43 27.40 -55.47
C ASN C 91 -65.07 27.07 -54.83
N SER C 92 -65.09 26.81 -53.52
CA SER C 92 -63.86 26.67 -52.73
C SER C 92 -63.70 25.28 -52.13
N GLU C 93 -62.59 25.11 -51.40
CA GLU C 93 -62.38 23.97 -50.51
C GLU C 93 -61.28 24.26 -49.47
N TYR C 94 -60.01 24.04 -49.84
CA TYR C 94 -58.87 24.19 -48.92
C TYR C 94 -58.69 25.64 -48.51
N THR C 95 -58.44 25.87 -47.21
CA THR C 95 -58.34 27.22 -46.64
C THR C 95 -57.03 27.91 -47.03
N ALA C 96 -57.13 29.22 -47.22
CA ALA C 96 -56.01 30.09 -47.58
C ALA C 96 -56.54 31.52 -47.68
N PHE C 97 -57.85 31.63 -47.90
CA PHE C 97 -58.58 32.89 -47.87
C PHE C 97 -59.95 32.72 -47.17
N PRO C 98 -60.02 33.09 -45.88
CA PRO C 98 -61.18 32.74 -45.07
C PRO C 98 -62.27 33.81 -45.08
N VAL C 99 -63.45 33.43 -44.58
CA VAL C 99 -64.56 34.36 -44.33
C VAL C 99 -64.57 35.49 -45.36
N GLU C 100 -64.25 36.70 -44.90
CA GLU C 100 -64.33 37.95 -45.67
C GLU C 100 -63.12 38.14 -46.60
N ASN C 101 -62.77 37.06 -47.32
CA ASN C 101 -61.66 37.07 -48.27
C ASN C 101 -61.97 36.41 -49.62
N ARG C 102 -62.81 35.38 -49.63
CA ARG C 102 -63.00 34.56 -50.85
C ARG C 102 -63.92 35.20 -51.91
N ASP C 103 -63.74 36.49 -52.17
CA ASP C 103 -64.54 37.25 -53.15
C ASP C 103 -63.74 37.87 -54.31
N LEU C 104 -62.49 37.45 -54.45
CA LEU C 104 -61.61 37.93 -55.51
C LEU C 104 -61.72 37.02 -56.73
N PHE C 105 -62.39 35.89 -56.52
CA PHE C 105 -62.44 34.81 -57.50
C PHE C 105 -63.75 34.88 -58.29
N GLN C 106 -64.49 35.98 -58.10
CA GLN C 106 -65.81 36.19 -58.69
C GLN C 106 -65.83 35.98 -60.21
N ALA C 107 -65.40 36.99 -60.96
CA ALA C 107 -65.29 36.84 -62.39
C ALA C 107 -64.26 35.75 -62.70
N GLY C 108 -64.80 34.59 -63.09
CA GLY C 108 -64.02 33.45 -63.54
C GLY C 108 -62.96 32.93 -62.60
N LEU C 109 -61.83 32.53 -63.19
CA LEU C 109 -60.80 31.74 -62.51
C LEU C 109 -59.46 32.48 -62.26
N THR C 110 -59.45 33.34 -61.25
CA THR C 110 -58.20 33.93 -60.73
C THR C 110 -57.31 32.82 -60.17
N THR C 111 -56.07 32.76 -60.65
CA THR C 111 -55.15 31.64 -60.38
C THR C 111 -53.82 32.11 -59.75
N ILE C 112 -53.56 31.69 -58.49
CA ILE C 112 -52.43 32.20 -57.67
C ILE C 112 -51.19 31.28 -57.58
N VAL C 113 -50.05 31.82 -58.05
CA VAL C 113 -48.73 31.19 -57.93
C VAL C 113 -47.79 32.16 -57.16
N PRO C 114 -47.14 31.67 -56.07
CA PRO C 114 -46.15 32.50 -55.37
C PRO C 114 -44.76 32.56 -56.05
N ILE C 115 -44.24 33.77 -56.27
CA ILE C 115 -42.87 33.94 -56.77
C ILE C 115 -41.93 33.85 -55.58
N ILE C 116 -41.32 32.69 -55.43
CA ILE C 116 -40.39 32.46 -54.35
C ILE C 116 -39.09 31.92 -54.98
N GLY C 117 -38.18 32.84 -55.27
CA GLY C 117 -36.83 32.51 -55.73
C GLY C 117 -35.80 33.19 -54.83
N GLY C 118 -34.53 33.09 -55.24
CA GLY C 118 -33.40 33.77 -54.56
C GLY C 118 -33.17 33.51 -53.07
N GLY C 119 -34.16 32.89 -52.43
CA GLY C 119 -34.16 32.69 -50.99
C GLY C 119 -35.56 32.89 -50.46
N GLU C 120 -35.77 33.99 -49.74
CA GLU C 120 -37.06 34.30 -49.13
C GLU C 120 -38.23 34.31 -50.13
N ARG C 121 -39.45 34.22 -49.60
CA ARG C 121 -40.68 34.43 -50.36
C ARG C 121 -40.66 35.80 -51.02
N LEU C 122 -40.74 35.84 -52.35
CA LEU C 122 -40.62 37.12 -53.02
C LEU C 122 -41.95 37.63 -53.57
N GLY C 123 -43.00 36.82 -53.47
CA GLY C 123 -44.33 37.29 -53.79
C GLY C 123 -45.35 36.28 -54.28
N THR C 124 -46.06 36.66 -55.35
CA THR C 124 -47.20 35.93 -55.91
C THR C 124 -47.62 36.46 -57.29
N LEU C 125 -47.63 35.59 -58.30
CA LEU C 125 -48.26 35.97 -59.56
C LEU C 125 -49.69 35.49 -59.46
N ILE C 126 -50.61 36.33 -59.93
CA ILE C 126 -52.02 35.97 -60.01
C ILE C 126 -52.53 36.04 -61.46
N LEU C 127 -53.09 34.91 -61.91
CA LEU C 127 -53.53 34.66 -63.29
C LEU C 127 -55.04 34.48 -63.37
N SER C 128 -55.74 35.46 -63.91
CA SER C 128 -57.20 35.35 -64.00
C SER C 128 -57.68 35.00 -65.41
N ARG C 129 -58.72 34.17 -65.47
CA ARG C 129 -59.45 33.85 -66.73
C ARG C 129 -60.96 34.05 -66.53
N LEU C 130 -61.73 34.04 -67.62
CA LEU C 130 -63.20 34.29 -67.57
C LEU C 130 -64.05 33.07 -67.16
N GLN C 131 -63.82 31.94 -67.83
CA GLN C 131 -64.26 30.61 -67.34
C GLN C 131 -63.55 29.44 -68.03
N ASP C 132 -62.75 29.74 -69.05
CA ASP C 132 -62.08 28.69 -69.83
C ASP C 132 -61.02 27.93 -69.03
N GLN C 133 -60.23 27.12 -69.73
CA GLN C 133 -59.38 26.10 -69.08
C GLN C 133 -57.91 26.44 -68.95
N PHE C 134 -57.39 26.17 -67.76
CA PHE C 134 -55.95 26.15 -67.53
C PHE C 134 -55.44 24.74 -67.77
N ASN C 135 -55.16 24.43 -69.05
CA ASN C 135 -54.49 23.20 -69.47
C ASN C 135 -53.26 22.95 -68.58
N ASP C 136 -53.04 21.71 -68.14
CA ASP C 136 -51.84 21.40 -67.32
C ASP C 136 -50.53 21.87 -67.98
N ASP C 137 -50.66 22.38 -69.20
CA ASP C 137 -49.59 23.09 -69.88
C ASP C 137 -49.76 24.58 -69.71
N ASP C 138 -50.99 25.08 -69.78
CA ASP C 138 -51.29 26.46 -69.38
C ASP C 138 -50.88 26.64 -67.92
N LEU C 139 -49.92 25.81 -67.48
CA LEU C 139 -49.36 25.80 -66.13
C LEU C 139 -47.89 25.36 -66.05
N ILE C 140 -47.45 24.51 -66.98
CA ILE C 140 -46.01 24.22 -67.13
C ILE C 140 -45.30 25.45 -67.72
N LEU C 141 -46.09 26.35 -68.29
CA LEU C 141 -45.58 27.51 -69.05
C LEU C 141 -45.86 28.87 -68.38
N ALA C 142 -46.78 28.90 -67.42
CA ALA C 142 -47.04 30.11 -66.60
C ALA C 142 -46.41 29.97 -65.22
N GLU C 143 -45.65 28.90 -65.05
CA GLU C 143 -44.94 28.57 -63.83
C GLU C 143 -43.44 28.88 -63.97
N TYR C 144 -42.73 28.11 -64.79
CA TYR C 144 -41.29 28.32 -64.99
C TYR C 144 -41.13 29.73 -65.54
N GLY C 145 -42.15 30.16 -66.27
CA GLY C 145 -42.27 31.51 -66.77
C GLY C 145 -42.28 32.52 -65.62
N ALA C 146 -43.38 32.55 -64.87
CA ALA C 146 -43.54 33.46 -63.72
C ALA C 146 -42.35 33.46 -62.72
N THR C 147 -41.46 32.48 -62.87
CA THR C 147 -40.30 32.30 -61.99
C THR C 147 -39.00 32.87 -62.59
N VAL C 148 -39.12 33.64 -63.67
CA VAL C 148 -38.04 34.52 -64.10
C VAL C 148 -38.36 35.89 -63.53
N VAL C 149 -39.64 36.08 -63.23
CA VAL C 149 -40.13 37.25 -62.52
C VAL C 149 -39.29 37.46 -61.26
N GLY C 150 -39.24 36.43 -60.42
CA GLY C 150 -38.41 36.44 -59.22
C GLY C 150 -36.94 36.69 -59.51
N MET C 151 -36.37 35.87 -60.41
CA MET C 151 -35.00 36.06 -60.87
C MET C 151 -34.78 37.52 -61.25
N GLU C 152 -35.77 38.10 -61.93
CA GLU C 152 -35.70 39.50 -62.29
C GLU C 152 -36.45 40.36 -61.26
N ILE C 153 -36.35 40.00 -59.99
CA ILE C 153 -36.80 40.89 -58.93
C ILE C 153 -35.62 41.29 -58.07
N LEU C 154 -34.80 40.32 -57.64
CA LEU C 154 -33.54 40.63 -57.00
C LEU C 154 -32.91 41.72 -57.84
N ARG C 155 -32.77 41.43 -59.13
CA ARG C 155 -32.16 42.31 -60.11
C ARG C 155 -32.93 43.61 -60.32
N GLU C 156 -33.78 43.94 -59.35
CA GLU C 156 -34.33 45.29 -59.18
C GLU C 156 -33.82 45.87 -57.86
N LYS C 157 -34.35 45.38 -56.73
CA LYS C 157 -34.02 45.99 -55.46
C LYS C 157 -32.55 45.77 -55.09
N ALA C 158 -32.04 44.57 -55.34
CA ALA C 158 -30.62 44.31 -55.10
C ALA C 158 -29.77 45.36 -55.79
N GLU C 159 -30.11 45.70 -57.04
CA GLU C 159 -29.40 46.74 -57.78
C GLU C 159 -29.55 48.10 -57.10
N GLU C 160 -30.75 48.41 -56.62
CA GLU C 160 -31.00 49.71 -55.99
C GLU C 160 -30.12 49.90 -54.76
N ILE C 161 -29.98 48.85 -53.94
CA ILE C 161 -29.19 48.99 -52.73
C ILE C 161 -27.70 49.10 -53.05
N GLU C 162 -27.28 48.38 -54.08
CA GLU C 162 -25.91 48.42 -54.58
C GLU C 162 -25.71 49.64 -55.48
N GLU C 163 -26.54 50.64 -55.25
CA GLU C 163 -26.43 51.96 -55.87
C GLU C 163 -27.07 53.05 -54.96
N GLU C 164 -27.69 52.61 -53.85
CA GLU C 164 -28.14 53.52 -52.79
C GLU C 164 -27.07 53.52 -51.72
N ALA C 165 -26.73 52.31 -51.25
CA ALA C 165 -25.62 52.12 -50.31
C ALA C 165 -24.31 52.59 -50.96
N ARG C 166 -24.09 52.16 -52.20
CA ARG C 166 -22.89 52.52 -52.97
C ARG C 166 -22.76 54.03 -53.19
N SER C 167 -23.80 54.66 -53.77
CA SER C 167 -23.81 56.11 -54.00
C SER C 167 -23.85 56.93 -52.70
N LYS C 168 -24.23 56.28 -51.59
CA LYS C 168 -24.11 56.88 -50.27
C LYS C 168 -22.66 56.74 -49.78
N ALA C 169 -22.18 55.50 -49.70
CA ALA C 169 -20.79 55.16 -49.28
C ALA C 169 -19.68 56.02 -49.90
N VAL C 170 -19.96 56.54 -51.09
CA VAL C 170 -19.14 57.56 -51.71
C VAL C 170 -18.95 58.74 -50.73
N VAL C 171 -19.99 59.55 -50.57
CA VAL C 171 -19.91 60.82 -49.81
C VAL C 171 -19.65 60.57 -48.34
N GLN C 172 -18.49 59.97 -48.08
CA GLN C 172 -18.02 59.66 -46.75
C GLN C 172 -16.52 59.52 -46.86
N MET C 173 -16.09 58.52 -47.61
CA MET C 173 -14.72 58.40 -48.08
C MET C 173 -14.35 59.79 -48.57
N ALA C 174 -15.39 60.51 -48.97
CA ALA C 174 -15.30 61.86 -49.47
C ALA C 174 -15.42 62.94 -48.39
N ILE C 175 -16.16 62.67 -47.31
CA ILE C 175 -16.25 63.64 -46.19
C ILE C 175 -14.93 63.67 -45.44
N SER C 176 -14.49 62.48 -45.02
CA SER C 176 -13.24 62.30 -44.27
C SER C 176 -12.02 62.72 -45.09
N SER C 177 -12.27 63.56 -46.10
CA SER C 177 -11.24 64.33 -46.80
C SER C 177 -11.19 65.70 -46.12
N LEU C 178 -12.39 66.26 -45.94
CA LEU C 178 -12.57 67.64 -45.49
C LEU C 178 -12.10 67.90 -44.08
N SER C 179 -11.39 69.01 -43.93
CA SER C 179 -10.93 69.47 -42.63
C SER C 179 -11.86 70.55 -42.04
N TYR C 180 -11.63 70.81 -40.76
CA TYR C 180 -12.52 71.54 -39.86
C TYR C 180 -13.14 72.83 -40.42
N SER C 181 -12.55 73.37 -41.47
CA SER C 181 -13.09 74.57 -42.11
C SER C 181 -13.71 74.29 -43.49
N GLU C 182 -13.49 73.08 -43.99
CA GLU C 182 -13.94 72.75 -45.33
C GLU C 182 -15.36 72.22 -45.24
N LEU C 183 -15.64 71.49 -44.18
CA LEU C 183 -16.98 71.04 -43.91
C LEU C 183 -17.80 72.20 -43.38
N GLU C 184 -17.17 73.09 -42.61
CA GLU C 184 -17.82 74.30 -42.04
C GLU C 184 -17.81 75.43 -43.07
N ALA C 185 -17.36 75.07 -44.28
CA ALA C 185 -17.65 75.79 -45.51
C ALA C 185 -18.76 75.04 -46.27
N ILE C 186 -18.64 73.73 -46.38
CA ILE C 186 -19.66 72.89 -46.99
C ILE C 186 -21.03 73.00 -46.28
N GLU C 187 -21.02 72.79 -44.96
CA GLU C 187 -22.22 72.84 -44.11
C GLU C 187 -22.92 74.19 -44.15
N HIS C 188 -22.16 75.22 -44.48
CA HIS C 188 -22.70 76.56 -44.68
C HIS C 188 -22.80 76.85 -46.17
N ILE C 189 -22.46 75.85 -46.98
CA ILE C 189 -22.60 75.94 -48.45
C ILE C 189 -24.00 75.51 -48.93
N PHE C 190 -24.48 74.37 -48.46
CA PHE C 190 -25.75 73.84 -48.95
C PHE C 190 -26.92 74.08 -48.02
N GLU C 191 -26.60 74.49 -46.79
CA GLU C 191 -27.58 74.92 -45.79
C GLU C 191 -27.85 76.42 -45.95
N GLU C 192 -26.81 77.18 -46.26
CA GLU C 192 -27.02 78.49 -46.85
C GLU C 192 -27.38 78.21 -48.32
N LEU C 193 -28.58 77.65 -48.53
CA LEU C 193 -29.01 77.24 -49.88
C LEU C 193 -30.53 77.05 -50.05
N ASP C 194 -30.97 77.22 -51.30
CA ASP C 194 -32.37 77.13 -51.72
C ASP C 194 -32.68 75.70 -52.21
N GLY C 195 -32.50 74.74 -51.30
CA GLY C 195 -32.63 73.33 -51.63
C GLY C 195 -31.49 72.84 -52.51
N ASN C 196 -31.66 72.99 -53.83
CA ASN C 196 -30.77 72.37 -54.81
C ASN C 196 -29.74 73.33 -55.44
N GLU C 197 -30.24 74.34 -56.15
CA GLU C 197 -29.42 75.24 -56.98
C GLU C 197 -28.62 76.27 -56.15
N GLY C 198 -27.90 77.15 -56.83
CA GLY C 198 -27.26 78.31 -56.19
C GLY C 198 -25.87 78.72 -56.69
N LEU C 199 -25.83 79.76 -57.54
CA LEU C 199 -24.55 80.40 -57.83
C LEU C 199 -24.23 81.34 -56.69
N LEU C 200 -23.25 80.94 -55.87
CA LEU C 200 -22.80 81.74 -54.73
C LEU C 200 -21.28 82.01 -54.71
N VAL C 201 -20.94 83.20 -54.23
CA VAL C 201 -19.64 83.84 -54.43
C VAL C 201 -18.51 83.24 -53.62
N ALA C 202 -17.32 83.82 -53.78
CA ALA C 202 -16.19 83.59 -52.91
C ALA C 202 -15.97 84.81 -52.00
N SER C 203 -16.70 85.89 -52.28
CA SER C 203 -16.53 87.19 -51.63
C SER C 203 -16.85 87.15 -50.13
N LYS C 204 -17.82 87.97 -49.71
CA LYS C 204 -18.33 87.96 -48.34
C LYS C 204 -19.06 86.66 -47.99
N ILE C 205 -19.20 85.79 -49.00
CA ILE C 205 -19.61 84.40 -48.79
C ILE C 205 -18.40 83.66 -48.17
N ALA C 206 -17.20 84.03 -48.62
CA ALA C 206 -15.98 83.57 -47.96
C ALA C 206 -15.91 84.14 -46.54
N ASP C 207 -15.57 85.43 -46.43
CA ASP C 207 -15.64 86.11 -45.14
C ASP C 207 -17.11 86.36 -44.73
N ARG C 208 -17.74 85.31 -44.21
CA ARG C 208 -19.08 85.40 -43.64
C ARG C 208 -19.11 85.32 -42.12
N VAL C 209 -18.10 84.67 -41.52
CA VAL C 209 -17.95 84.63 -40.04
C VAL C 209 -16.63 85.30 -39.57
N GLY C 210 -15.50 84.74 -40.04
CA GLY C 210 -14.12 85.18 -39.72
C GLY C 210 -13.18 84.30 -40.55
N ILE C 211 -13.79 83.22 -41.08
CA ILE C 211 -13.21 82.23 -42.00
C ILE C 211 -12.63 82.89 -43.26
N THR C 212 -11.66 82.21 -43.91
CA THR C 212 -10.81 82.88 -44.93
C THR C 212 -10.68 82.23 -46.33
N ARG C 213 -11.46 82.78 -47.26
CA ARG C 213 -11.21 82.74 -48.72
C ARG C 213 -11.01 81.37 -49.34
N SER C 214 -9.78 81.10 -49.74
CA SER C 214 -9.41 79.91 -50.50
C SER C 214 -9.53 78.65 -49.65
N VAL C 215 -10.24 78.82 -48.52
CA VAL C 215 -10.80 77.70 -47.76
C VAL C 215 -11.90 76.96 -48.57
N ILE C 216 -12.64 77.71 -49.39
CA ILE C 216 -13.73 77.17 -50.21
C ILE C 216 -13.18 76.57 -51.51
N VAL C 217 -12.41 77.36 -52.25
CA VAL C 217 -11.70 76.91 -53.46
C VAL C 217 -11.15 75.52 -53.19
N ASN C 218 -10.36 75.43 -52.12
CA ASN C 218 -9.89 74.15 -51.61
C ASN C 218 -10.84 73.58 -50.53
N ALA C 219 -12.05 73.28 -50.98
CA ALA C 219 -13.02 72.44 -50.30
C ALA C 219 -13.92 71.99 -51.43
N LEU C 220 -14.33 72.97 -52.23
CA LEU C 220 -15.05 72.75 -53.47
C LEU C 220 -14.23 71.85 -54.38
N ARG C 221 -12.94 72.14 -54.48
CA ARG C 221 -11.99 71.29 -55.22
C ARG C 221 -12.17 69.83 -54.86
N LYS C 222 -12.17 69.54 -53.57
CA LYS C 222 -12.32 68.17 -53.07
C LYS C 222 -13.74 67.62 -53.31
N LEU C 223 -14.70 68.54 -53.45
CA LEU C 223 -16.03 68.18 -53.88
C LEU C 223 -16.03 68.00 -55.40
N GLU C 224 -15.53 69.02 -56.12
CA GLU C 224 -15.45 69.03 -57.60
C GLU C 224 -14.73 67.78 -58.15
N SER C 225 -14.02 67.08 -57.27
CA SER C 225 -13.52 65.75 -57.58
C SER C 225 -14.22 64.70 -56.73
N ALA C 226 -13.86 63.44 -56.97
CA ALA C 226 -14.57 62.25 -56.46
C ALA C 226 -15.93 62.10 -57.15
N GLY C 227 -16.46 63.24 -57.60
CA GLY C 227 -17.71 63.30 -58.34
C GLY C 227 -18.95 63.47 -57.48
N VAL C 228 -18.81 64.23 -56.39
CA VAL C 228 -19.95 64.50 -55.51
C VAL C 228 -20.80 65.60 -56.10
N ILE C 229 -20.18 66.73 -56.41
CA ILE C 229 -20.90 67.86 -56.95
C ILE C 229 -20.50 68.17 -58.39
N GLU C 230 -20.84 69.39 -58.80
CA GLU C 230 -20.43 69.91 -60.09
C GLU C 230 -20.19 71.38 -59.81
N SER C 231 -19.16 71.97 -60.39
CA SER C 231 -18.87 73.38 -60.16
C SER C 231 -18.49 74.16 -61.41
N ARG C 232 -19.16 75.29 -61.60
CA ARG C 232 -18.92 76.20 -62.72
C ARG C 232 -19.05 77.69 -62.31
N SER C 233 -18.26 78.55 -62.94
CA SER C 233 -18.25 79.99 -62.62
C SER C 233 -17.66 80.94 -63.68
N LEU C 234 -18.04 82.21 -63.56
CA LEU C 234 -17.30 83.33 -64.12
C LEU C 234 -16.82 84.23 -62.99
N GLY C 235 -15.68 84.88 -63.18
CA GLY C 235 -15.28 85.99 -62.33
C GLY C 235 -16.25 87.11 -62.66
N MET C 236 -17.49 86.97 -62.18
CA MET C 236 -18.60 87.91 -62.44
C MET C 236 -19.16 88.51 -61.14
N LYS C 237 -19.50 87.59 -60.23
CA LYS C 237 -20.14 87.85 -58.95
C LYS C 237 -20.23 86.49 -58.21
N GLY C 238 -19.30 85.58 -58.51
CA GLY C 238 -19.18 84.31 -57.77
C GLY C 238 -18.86 83.01 -58.50
N THR C 239 -19.56 81.95 -58.10
CA THR C 239 -19.38 80.58 -58.63
C THR C 239 -20.64 79.71 -58.44
N TYR C 240 -20.83 78.70 -59.30
CA TYR C 240 -22.09 77.94 -59.33
C TYR C 240 -21.96 76.41 -59.18
N ILE C 241 -23.00 75.78 -58.59
CA ILE C 241 -23.10 74.32 -58.39
C ILE C 241 -24.49 73.76 -58.73
N LYS C 242 -24.53 72.58 -59.35
CA LYS C 242 -25.75 71.77 -59.40
C LYS C 242 -25.36 70.37 -58.99
N VAL C 243 -25.57 70.07 -57.71
CA VAL C 243 -25.17 68.80 -57.10
C VAL C 243 -25.61 67.57 -57.90
N LEU C 244 -24.86 66.49 -57.74
CA LEU C 244 -25.15 65.24 -58.45
C LEU C 244 -25.05 64.04 -57.49
N ASN C 245 -25.61 64.20 -56.30
CA ASN C 245 -25.82 63.09 -55.37
C ASN C 245 -26.99 63.39 -54.45
N ASN C 246 -28.16 62.92 -54.87
CA ASN C 246 -29.45 63.14 -54.19
C ASN C 246 -29.51 62.53 -52.79
N LYS C 247 -28.38 61.92 -52.42
CA LYS C 247 -28.23 61.16 -51.19
C LYS C 247 -27.24 61.85 -50.26
N PHE C 248 -26.81 63.04 -50.64
CA PHE C 248 -25.78 63.77 -49.89
C PHE C 248 -26.39 64.87 -49.07
N LEU C 249 -27.18 65.70 -49.73
CA LEU C 249 -27.98 66.70 -49.06
C LEU C 249 -28.46 66.15 -47.72
N ILE C 250 -28.92 64.90 -47.72
CA ILE C 250 -29.39 64.26 -46.50
C ILE C 250 -28.17 64.05 -45.63
N GLU C 251 -27.08 63.59 -46.22
CA GLU C 251 -25.80 63.45 -45.51
C GLU C 251 -25.39 64.73 -44.76
N LEU C 252 -26.04 65.85 -45.07
CA LEU C 252 -25.88 67.09 -44.30
C LEU C 252 -26.88 67.10 -43.13
N GLU C 253 -28.16 66.93 -43.46
CA GLU C 253 -29.23 66.76 -42.48
C GLU C 253 -28.98 65.52 -41.61
N ASN C 254 -28.52 64.46 -42.26
CA ASN C 254 -28.15 63.20 -41.63
C ASN C 254 -26.93 63.38 -40.73
N LEU C 255 -26.17 64.44 -40.96
CA LEU C 255 -24.97 64.73 -40.17
C LEU C 255 -25.20 65.75 -39.05
N LYS C 256 -26.15 66.66 -39.25
CA LYS C 256 -26.58 67.61 -38.21
C LYS C 256 -27.20 66.86 -37.02
N SER C 257 -26.38 66.63 -36.00
CA SER C 257 -26.77 65.85 -34.83
C SER C 257 -26.84 66.71 -33.56
N ALA D 1 -46.16 14.54 -64.00
CA ALA D 1 -44.82 13.94 -63.93
C ALA D 1 -43.80 14.75 -64.73
N LEU D 2 -44.30 15.47 -65.74
CA LEU D 2 -43.48 16.31 -66.62
C LEU D 2 -43.47 17.78 -66.21
N LEU D 3 -44.61 18.27 -65.71
CA LEU D 3 -44.74 19.65 -65.21
C LEU D 3 -43.91 19.85 -63.95
N GLN D 4 -43.67 18.76 -63.24
CA GLN D 4 -42.77 18.75 -62.08
C GLN D 4 -41.27 18.77 -62.45
N LYS D 5 -40.88 17.97 -63.46
CA LYS D 5 -39.49 17.95 -63.96
C LYS D 5 -38.92 19.34 -64.23
N THR D 6 -39.81 20.29 -64.39
CA THR D 6 -39.44 21.67 -64.48
C THR D 6 -39.46 22.32 -63.09
N ARG D 7 -40.56 22.17 -62.35
CA ARG D 7 -40.65 22.71 -60.97
C ARG D 7 -39.84 21.89 -59.95
N ILE D 8 -38.86 21.16 -60.46
CA ILE D 8 -37.89 20.41 -59.66
C ILE D 8 -36.49 20.80 -60.15
N ILE D 9 -36.47 21.55 -61.24
CA ILE D 9 -35.34 22.39 -61.57
C ILE D 9 -35.42 23.62 -60.64
N ASN D 10 -36.64 24.00 -60.23
CA ASN D 10 -36.81 25.19 -59.39
C ASN D 10 -36.68 24.94 -57.91
N SER D 11 -36.57 23.67 -57.56
CA SER D 11 -36.16 23.22 -56.22
C SER D 11 -34.69 22.72 -56.27
N MET D 12 -34.08 22.84 -57.46
CA MET D 12 -32.63 22.89 -57.56
C MET D 12 -32.20 24.33 -57.85
N LEU D 13 -33.16 25.23 -58.05
CA LEU D 13 -32.84 26.65 -58.18
C LEU D 13 -33.14 27.44 -56.91
N GLN D 14 -33.24 26.72 -55.81
CA GLN D 14 -32.87 27.26 -54.51
C GLN D 14 -31.49 26.67 -54.21
N ALA D 15 -30.66 26.67 -55.25
CA ALA D 15 -29.20 26.68 -55.16
C ALA D 15 -28.83 28.15 -55.31
N ALA D 16 -28.46 28.73 -54.16
CA ALA D 16 -28.65 30.13 -53.82
C ALA D 16 -29.29 30.06 -52.44
N ALA D 17 -28.96 31.03 -51.60
CA ALA D 17 -28.97 30.92 -50.14
C ALA D 17 -27.51 30.64 -49.75
N GLY D 18 -26.63 31.55 -50.18
CA GLY D 18 -25.19 31.43 -50.06
C GLY D 18 -24.63 30.55 -51.16
N LYS D 19 -24.10 29.40 -50.75
CA LYS D 19 -23.77 28.30 -51.65
C LYS D 19 -22.72 28.67 -52.68
N PRO D 20 -21.51 28.08 -52.52
CA PRO D 20 -20.30 28.32 -53.33
C PRO D 20 -20.50 28.10 -54.84
N VAL D 21 -21.75 27.89 -55.25
CA VAL D 21 -22.14 27.57 -56.63
C VAL D 21 -21.51 26.23 -57.03
N ASN D 22 -22.32 25.18 -56.91
CA ASN D 22 -21.86 23.80 -57.00
C ASN D 22 -22.17 23.12 -58.35
N PHE D 23 -21.20 23.10 -59.27
CA PHE D 23 -21.45 22.50 -60.60
C PHE D 23 -21.24 21.01 -60.61
N LYS D 24 -21.77 20.39 -59.59
CA LYS D 24 -21.98 18.97 -59.58
C LYS D 24 -23.42 18.67 -59.15
N GLU D 25 -24.03 19.58 -58.39
CA GLU D 25 -25.48 19.57 -58.17
C GLU D 25 -26.22 20.53 -59.15
N MET D 26 -25.46 21.08 -60.08
CA MET D 26 -26.01 21.67 -61.29
C MET D 26 -25.84 20.55 -62.30
N ALA D 27 -24.89 19.67 -62.02
CA ALA D 27 -24.80 18.44 -62.73
C ALA D 27 -25.80 17.47 -62.12
N GLU D 28 -25.68 17.21 -60.81
CA GLU D 28 -26.52 16.20 -60.06
C GLU D 28 -28.06 16.41 -60.10
N THR D 29 -28.48 17.40 -60.87
CA THR D 29 -29.88 17.52 -61.25
C THR D 29 -29.99 16.94 -62.63
N LEU D 30 -29.46 17.64 -63.64
CA LEU D 30 -29.66 17.28 -65.03
C LEU D 30 -29.07 15.93 -65.43
N ARG D 31 -28.25 15.34 -64.55
CA ARG D 31 -27.88 13.93 -64.66
C ARG D 31 -29.17 13.10 -64.70
N ASP D 32 -30.11 13.42 -63.80
CA ASP D 32 -31.50 12.94 -63.90
C ASP D 32 -32.49 14.11 -64.22
N VAL D 33 -33.72 14.04 -63.72
CA VAL D 33 -34.73 15.13 -63.84
C VAL D 33 -34.90 15.72 -65.26
N ILE D 34 -33.89 15.50 -66.09
CA ILE D 34 -34.06 15.48 -67.54
C ILE D 34 -33.46 14.15 -68.02
N ASP D 35 -32.68 13.53 -67.13
CA ASP D 35 -32.11 12.18 -67.29
C ASP D 35 -30.97 12.10 -68.33
N SER D 36 -30.38 13.26 -68.65
CA SER D 36 -29.35 13.39 -69.69
C SER D 36 -27.92 13.59 -69.16
N ASN D 37 -26.96 13.57 -70.08
CA ASN D 37 -25.56 13.78 -69.72
C ASN D 37 -25.20 15.26 -69.68
N ILE D 38 -24.49 15.67 -68.63
CA ILE D 38 -24.25 17.10 -68.31
C ILE D 38 -22.76 17.48 -68.42
N PHE D 39 -22.46 18.55 -69.17
CA PHE D 39 -21.10 19.12 -69.27
C PHE D 39 -21.15 20.65 -69.32
N VAL D 40 -20.96 21.30 -68.17
CA VAL D 40 -21.05 22.77 -68.11
C VAL D 40 -19.74 23.42 -68.61
N VAL D 41 -19.83 24.23 -69.66
CA VAL D 41 -18.67 24.93 -70.22
C VAL D 41 -18.77 26.45 -70.01
N SER D 42 -17.65 27.05 -69.58
CA SER D 42 -17.50 28.51 -69.36
C SER D 42 -17.03 29.26 -70.63
N ARG D 43 -17.07 30.60 -70.59
CA ARG D 43 -16.93 31.44 -71.81
C ARG D 43 -15.93 30.88 -72.85
N ARG D 44 -14.63 30.99 -72.57
CA ARG D 44 -13.63 30.19 -73.28
C ARG D 44 -13.79 28.79 -72.67
N GLY D 45 -14.50 27.93 -73.38
CA GLY D 45 -14.78 26.57 -72.91
C GLY D 45 -13.75 25.99 -71.98
N LYS D 46 -14.16 25.79 -70.73
CA LYS D 46 -13.37 25.06 -69.75
C LYS D 46 -14.32 24.14 -68.99
N LEU D 47 -13.79 23.06 -68.41
CA LEU D 47 -14.59 22.22 -67.54
C LEU D 47 -14.78 22.92 -66.21
N LEU D 48 -15.91 22.66 -65.57
CA LEU D 48 -16.20 23.21 -64.24
C LEU D 48 -17.09 22.25 -63.48
N GLY D 49 -17.93 21.52 -64.22
CA GLY D 49 -18.84 20.55 -63.64
C GLY D 49 -19.54 19.73 -64.70
N TYR D 50 -20.01 18.54 -64.31
CA TYR D 50 -20.59 17.58 -65.26
C TYR D 50 -21.24 16.35 -64.63
N SER D 51 -22.15 15.72 -65.39
CA SER D 51 -22.87 14.52 -64.92
C SER D 51 -23.35 13.60 -66.05
N ILE D 52 -22.53 12.59 -66.35
CA ILE D 52 -22.80 11.52 -67.35
C ILE D 52 -23.51 10.31 -66.72
N ASN D 53 -24.17 9.47 -67.54
CA ASN D 53 -25.02 8.38 -66.97
C ASN D 53 -24.82 6.88 -67.37
N GLN D 54 -25.41 6.45 -68.48
CA GLN D 54 -25.63 5.00 -68.75
C GLN D 54 -24.38 4.12 -68.89
N GLN D 55 -24.00 3.85 -70.14
CA GLN D 55 -22.84 3.02 -70.47
C GLN D 55 -21.95 3.69 -71.53
N ILE D 56 -22.02 5.02 -71.58
CA ILE D 56 -21.41 5.83 -72.67
C ILE D 56 -19.90 5.63 -72.85
N GLU D 57 -19.55 5.08 -74.02
CA GLU D 57 -18.17 4.95 -74.43
C GLU D 57 -17.88 5.99 -75.51
N ASN D 58 -17.28 7.10 -75.10
CA ASN D 58 -16.97 8.22 -76.00
C ASN D 58 -15.48 8.27 -76.33
N ASP D 59 -15.11 9.07 -77.34
CA ASP D 59 -13.71 9.27 -77.70
C ASP D 59 -13.24 10.72 -77.49
N ARG D 60 -14.04 11.69 -77.93
CA ARG D 60 -13.71 13.11 -77.70
C ARG D 60 -14.23 13.61 -76.35
N MET D 61 -15.49 13.27 -76.03
CA MET D 61 -16.07 13.59 -74.73
C MET D 61 -15.71 12.52 -73.69
N LYS D 62 -14.55 11.92 -73.88
CA LYS D 62 -13.93 11.00 -72.92
C LYS D 62 -12.42 11.28 -72.91
N LYS D 63 -11.86 11.58 -74.08
CA LYS D 63 -10.47 12.07 -74.18
C LYS D 63 -10.43 13.60 -74.11
N MET D 64 -10.85 14.09 -72.94
CA MET D 64 -10.95 15.52 -72.57
C MET D 64 -11.36 15.52 -71.10
N LEU D 65 -12.11 14.48 -70.73
CA LEU D 65 -12.63 14.31 -69.38
C LEU D 65 -11.61 14.62 -68.29
N GLU D 66 -10.36 14.25 -68.54
CA GLU D 66 -9.24 14.47 -67.60
C GLU D 66 -8.14 15.43 -68.10
N ASP D 67 -8.32 16.02 -69.28
CA ASP D 67 -7.42 17.08 -69.76
C ASP D 67 -7.91 18.43 -69.25
N ARG D 68 -9.19 18.45 -68.89
CA ARG D 68 -9.88 19.58 -68.24
C ARG D 68 -10.04 20.84 -69.12
N GLN D 69 -9.67 20.70 -70.38
CA GLN D 69 -9.81 21.76 -71.37
C GLN D 69 -9.92 21.18 -72.77
N PHE D 70 -10.91 21.65 -73.53
CA PHE D 70 -10.99 21.39 -74.97
C PHE D 70 -9.86 22.19 -75.63
N PRO D 71 -8.92 21.50 -76.31
CA PRO D 71 -7.76 22.19 -76.90
C PRO D 71 -8.13 23.22 -77.97
N GLU D 72 -7.12 23.99 -78.42
CA GLU D 72 -7.25 25.00 -79.48
C GLU D 72 -8.61 25.15 -80.20
N GLU D 73 -9.02 24.10 -80.93
CA GLU D 73 -10.19 24.13 -81.86
C GLU D 73 -11.54 23.66 -81.27
N TYR D 74 -11.50 22.60 -80.47
CA TYR D 74 -12.69 22.04 -79.81
C TYR D 74 -13.27 23.03 -78.78
N THR D 75 -12.83 24.28 -78.89
CA THR D 75 -13.25 25.39 -78.02
C THR D 75 -13.86 26.50 -78.86
N LYS D 76 -13.09 26.96 -79.84
CA LYS D 76 -13.45 28.13 -80.63
C LYS D 76 -14.57 27.84 -81.62
N ASN D 77 -14.78 26.54 -81.87
CA ASN D 77 -15.94 26.07 -82.62
C ASN D 77 -17.22 26.27 -81.81
N LEU D 78 -17.10 26.06 -80.50
CA LEU D 78 -18.22 25.97 -79.59
C LEU D 78 -18.83 27.31 -79.20
N PHE D 79 -18.03 28.38 -79.33
CA PHE D 79 -18.49 29.69 -78.90
C PHE D 79 -19.47 30.32 -79.89
N ASN D 80 -19.13 30.32 -81.17
CA ASN D 80 -20.01 30.92 -82.19
C ASN D 80 -21.15 30.01 -82.66
N VAL D 81 -22.11 29.77 -81.76
CA VAL D 81 -23.31 28.95 -82.01
C VAL D 81 -24.56 29.80 -81.65
N PRO D 82 -25.63 29.75 -82.49
CA PRO D 82 -26.83 30.58 -82.29
C PRO D 82 -28.04 29.90 -81.63
N GLU D 83 -28.77 29.08 -82.39
CA GLU D 83 -29.90 28.29 -81.91
C GLU D 83 -29.38 27.08 -81.15
N THR D 84 -30.14 26.63 -80.16
CA THR D 84 -29.86 25.38 -79.47
C THR D 84 -29.64 24.29 -80.51
N SER D 85 -28.48 23.64 -80.44
CA SER D 85 -28.04 22.67 -81.48
C SER D 85 -28.65 21.26 -81.30
N SER D 86 -29.25 20.76 -82.39
CA SER D 86 -30.02 19.50 -82.42
C SER D 86 -29.31 18.29 -81.83
N ASN D 87 -30.03 17.17 -81.78
CA ASN D 87 -29.45 15.88 -81.41
C ASN D 87 -28.42 15.51 -82.48
N LEU D 88 -27.19 16.00 -82.27
CA LEU D 88 -26.15 15.90 -83.28
C LEU D 88 -25.25 14.70 -83.10
N ASP D 89 -24.81 14.15 -84.22
CA ASP D 89 -23.90 13.01 -84.27
C ASP D 89 -23.07 13.09 -85.57
N ILE D 90 -22.03 12.25 -85.67
CA ILE D 90 -21.28 12.13 -86.93
C ILE D 90 -22.20 11.78 -88.08
N ASN D 91 -23.46 11.49 -87.73
CA ASN D 91 -24.51 11.16 -88.69
C ASN D 91 -25.36 12.40 -88.97
N SER D 92 -24.94 13.19 -89.95
CA SER D 92 -25.64 14.43 -90.27
C SER D 92 -25.57 14.77 -91.75
N GLU D 93 -26.73 15.04 -92.36
CA GLU D 93 -26.78 15.64 -93.69
C GLU D 93 -26.33 17.08 -93.56
N TYR D 94 -26.62 17.67 -92.40
CA TYR D 94 -26.30 19.07 -92.09
C TYR D 94 -24.84 19.43 -92.40
N THR D 95 -24.67 20.17 -93.50
CA THR D 95 -23.36 20.52 -94.05
C THR D 95 -22.87 21.91 -93.60
N ALA D 96 -21.94 21.93 -92.64
CA ALA D 96 -21.41 23.16 -92.06
C ALA D 96 -20.20 22.94 -91.16
N PHE D 97 -20.37 22.06 -90.18
CA PHE D 97 -19.46 21.90 -89.06
C PHE D 97 -18.25 21.06 -89.48
N PRO D 98 -17.02 21.50 -89.12
CA PRO D 98 -15.72 20.89 -89.53
C PRO D 98 -15.46 19.45 -89.03
N VAL D 99 -14.84 18.63 -89.89
CA VAL D 99 -14.71 17.18 -89.67
C VAL D 99 -13.92 16.78 -88.42
N GLU D 100 -12.71 17.32 -88.28
CA GLU D 100 -11.80 16.98 -87.17
C GLU D 100 -12.45 17.25 -85.81
N ASN D 101 -13.40 18.19 -85.83
CA ASN D 101 -14.12 18.63 -84.63
C ASN D 101 -15.63 18.37 -84.75
N ARG D 102 -15.96 17.15 -85.15
CA ARG D 102 -17.33 16.71 -85.36
C ARG D 102 -17.52 15.32 -84.71
N ASP D 103 -16.60 14.97 -83.82
CA ASP D 103 -16.62 13.67 -83.17
C ASP D 103 -16.95 13.77 -81.67
N LEU D 104 -17.59 14.88 -81.28
CA LEU D 104 -18.15 15.04 -79.94
C LEU D 104 -19.32 14.06 -79.79
N PHE D 105 -19.78 13.56 -80.94
CA PHE D 105 -20.93 12.68 -81.07
C PHE D 105 -20.70 11.53 -82.08
N GLN D 106 -19.47 11.04 -82.14
CA GLN D 106 -19.08 9.96 -83.06
C GLN D 106 -19.61 8.58 -82.66
N ALA D 107 -20.01 8.44 -81.39
CA ALA D 107 -20.64 7.21 -80.89
C ALA D 107 -21.80 7.54 -79.92
N GLY D 108 -22.59 8.55 -80.28
CA GLY D 108 -23.72 9.00 -79.46
C GLY D 108 -24.43 10.20 -80.06
N LEU D 109 -25.58 10.54 -79.49
CA LEU D 109 -26.32 11.74 -79.85
C LEU D 109 -25.93 12.89 -78.91
N THR D 110 -24.90 13.65 -79.28
CA THR D 110 -24.44 14.76 -78.45
C THR D 110 -25.14 16.07 -78.85
N THR D 111 -25.85 16.63 -77.89
CA THR D 111 -26.64 17.84 -78.07
C THR D 111 -25.97 19.02 -77.35
N ILE D 112 -25.94 20.16 -78.02
CA ILE D 112 -25.18 21.31 -77.56
C ILE D 112 -26.13 22.47 -77.24
N VAL D 113 -26.22 22.85 -75.96
CA VAL D 113 -27.14 23.90 -75.49
C VAL D 113 -26.43 25.12 -74.90
N PRO D 114 -26.55 26.28 -75.59
CA PRO D 114 -25.96 27.55 -75.15
C PRO D 114 -26.62 28.12 -73.89
N ILE D 115 -25.98 29.12 -73.30
CA ILE D 115 -26.52 29.79 -72.13
C ILE D 115 -26.21 31.29 -72.23
N ILE D 116 -27.27 32.08 -72.35
CA ILE D 116 -27.16 33.56 -72.39
C ILE D 116 -27.14 34.12 -70.95
N GLY D 117 -27.75 35.28 -70.71
CA GLY D 117 -27.88 35.81 -69.36
C GLY D 117 -26.92 36.95 -69.11
N GLY D 118 -27.35 37.91 -68.29
CA GLY D 118 -26.61 39.15 -68.07
C GLY D 118 -26.52 39.95 -69.35
N GLY D 119 -26.71 39.24 -70.47
CA GLY D 119 -26.56 39.76 -71.84
C GLY D 119 -25.49 39.02 -72.62
N GLU D 120 -24.76 38.16 -71.90
CA GLU D 120 -23.47 37.62 -72.31
C GLU D 120 -23.57 36.19 -72.80
N ARG D 121 -22.94 35.89 -73.95
CA ARG D 121 -22.82 34.52 -74.45
C ARG D 121 -21.90 33.76 -73.51
N LEU D 122 -22.47 33.39 -72.36
CA LEU D 122 -21.72 32.93 -71.20
C LEU D 122 -21.33 31.47 -71.24
N GLY D 123 -21.39 30.88 -72.43
CA GLY D 123 -20.91 29.51 -72.64
C GLY D 123 -21.96 28.54 -73.14
N THR D 124 -21.81 27.28 -72.72
CA THR D 124 -22.60 26.20 -73.27
C THR D 124 -22.79 25.09 -72.25
N LEU D 125 -24.02 24.56 -72.19
CA LEU D 125 -24.31 23.29 -71.51
C LEU D 125 -24.48 22.19 -72.57
N ILE D 126 -23.88 21.02 -72.34
CA ILE D 126 -23.88 19.96 -73.35
C ILE D 126 -24.55 18.69 -72.82
N LEU D 127 -25.36 18.08 -73.67
CA LEU D 127 -26.11 16.85 -73.35
C LEU D 127 -25.71 15.71 -74.28
N SER D 128 -25.69 14.48 -73.78
CA SER D 128 -25.44 13.33 -74.64
C SER D 128 -26.16 12.05 -74.19
N ARG D 129 -26.42 11.16 -75.16
CA ARG D 129 -27.00 9.80 -74.97
C ARG D 129 -26.95 9.04 -76.33
N LEU D 130 -27.05 7.71 -76.29
CA LEU D 130 -26.81 6.90 -77.49
C LEU D 130 -28.06 6.42 -78.24
N GLN D 131 -28.83 5.53 -77.61
CA GLN D 131 -30.11 5.07 -78.14
C GLN D 131 -31.22 5.84 -77.41
N ASP D 132 -31.17 7.15 -77.59
CA ASP D 132 -32.13 8.09 -77.02
C ASP D 132 -32.24 9.25 -78.01
N GLN D 133 -33.46 9.70 -78.31
CA GLN D 133 -33.68 10.85 -79.18
C GLN D 133 -34.33 12.00 -78.40
N PHE D 134 -33.83 13.23 -78.63
CA PHE D 134 -34.19 14.37 -77.77
C PHE D 134 -35.33 15.22 -78.26
N ASN D 135 -36.40 15.14 -77.47
CA ASN D 135 -37.74 15.57 -77.85
C ASN D 135 -38.15 16.97 -77.41
N ASP D 136 -39.23 17.46 -78.03
CA ASP D 136 -39.86 18.76 -77.72
C ASP D 136 -40.33 18.79 -76.25
N ASP D 137 -39.57 18.10 -75.41
CA ASP D 137 -39.76 18.10 -73.96
C ASP D 137 -38.44 17.82 -73.21
N ASP D 138 -37.53 17.09 -73.84
CA ASP D 138 -36.13 17.11 -73.44
C ASP D 138 -35.67 18.51 -73.70
N LEU D 139 -36.22 19.07 -74.78
CA LEU D 139 -35.96 20.41 -75.23
C LEU D 139 -36.08 21.45 -74.14
N ILE D 140 -37.27 21.61 -73.55
CA ILE D 140 -37.51 22.65 -72.54
C ILE D 140 -36.70 22.49 -71.26
N LEU D 141 -36.38 21.24 -70.93
CA LEU D 141 -35.46 20.98 -69.84
C LEU D 141 -34.02 20.98 -70.35
N ALA D 142 -33.70 21.99 -71.16
CA ALA D 142 -32.37 22.26 -71.71
C ALA D 142 -32.36 23.68 -72.24
N GLU D 143 -33.53 24.12 -72.71
CA GLU D 143 -33.76 25.52 -72.91
C GLU D 143 -33.87 26.09 -71.50
N TYR D 144 -35.09 26.23 -70.97
CA TYR D 144 -35.23 26.72 -69.61
C TYR D 144 -34.26 25.99 -68.70
N GLY D 145 -34.30 24.67 -68.77
CA GLY D 145 -33.56 23.81 -67.84
C GLY D 145 -32.04 23.72 -67.95
N ALA D 146 -31.42 24.64 -68.72
CA ALA D 146 -29.94 24.78 -68.77
C ALA D 146 -29.55 26.26 -68.77
N THR D 147 -30.39 27.07 -69.40
CA THR D 147 -30.43 28.49 -69.17
C THR D 147 -30.89 28.66 -67.71
N VAL D 148 -30.56 27.68 -66.88
CA VAL D 148 -30.72 27.76 -65.42
C VAL D 148 -29.39 27.71 -64.71
N VAL D 149 -28.33 27.37 -65.44
CA VAL D 149 -27.01 27.21 -64.84
C VAL D 149 -26.36 28.60 -64.76
N GLY D 150 -26.22 29.24 -65.92
CA GLY D 150 -25.82 30.64 -65.97
C GLY D 150 -26.54 31.50 -64.95
N MET D 151 -27.73 31.07 -64.52
CA MET D 151 -28.52 31.76 -63.49
C MET D 151 -27.67 32.11 -62.30
N GLU D 152 -27.13 31.06 -61.67
CA GLU D 152 -26.00 31.20 -60.77
C GLU D 152 -24.68 30.98 -61.53
N ILE D 153 -24.31 31.98 -62.35
CA ILE D 153 -22.93 32.21 -62.79
C ILE D 153 -22.64 33.71 -62.74
N LEU D 154 -23.72 34.50 -62.66
CA LEU D 154 -23.65 35.92 -62.31
C LEU D 154 -23.66 36.19 -60.79
N ARG D 155 -24.03 35.19 -59.98
CA ARG D 155 -23.85 35.25 -58.54
C ARG D 155 -22.53 34.57 -58.20
N GLU D 156 -22.00 33.83 -59.16
CA GLU D 156 -20.69 33.21 -59.03
C GLU D 156 -19.60 34.17 -59.46
N LYS D 157 -19.67 34.61 -60.69
CA LYS D 157 -18.65 35.52 -61.20
C LYS D 157 -18.83 36.92 -60.64
N ALA D 158 -20.07 37.31 -60.35
CA ALA D 158 -20.31 38.54 -59.63
C ALA D 158 -20.32 38.28 -58.11
N GLU D 159 -19.25 37.63 -57.66
CA GLU D 159 -18.86 37.57 -56.25
C GLU D 159 -17.34 37.39 -56.14
N GLU D 160 -16.76 36.64 -57.09
CA GLU D 160 -15.31 36.70 -57.34
C GLU D 160 -14.98 38.12 -57.87
N ILE D 161 -15.89 39.07 -57.61
CA ILE D 161 -15.67 40.52 -57.74
C ILE D 161 -16.26 41.26 -56.54
N GLU D 162 -17.32 40.69 -55.97
CA GLU D 162 -18.01 41.26 -54.81
C GLU D 162 -17.11 41.29 -53.58
N GLU D 163 -16.34 40.23 -53.39
CA GLU D 163 -15.51 40.07 -52.21
C GLU D 163 -14.03 40.00 -52.55
N GLU D 164 -13.71 40.10 -53.84
CA GLU D 164 -12.32 40.16 -54.29
C GLU D 164 -11.83 41.63 -54.44
N ALA D 165 -12.42 42.36 -55.39
CA ALA D 165 -12.02 43.73 -55.69
C ALA D 165 -12.45 44.68 -54.59
N ARG D 166 -13.55 44.33 -53.93
CA ARG D 166 -14.04 45.07 -52.76
C ARG D 166 -12.91 45.23 -51.73
N SER D 167 -12.21 44.12 -51.44
CA SER D 167 -11.17 44.09 -50.42
C SER D 167 -10.20 45.26 -50.54
N LYS D 168 -10.05 45.77 -51.76
CA LYS D 168 -9.19 46.91 -52.06
C LYS D 168 -9.72 48.24 -51.50
N ALA D 169 -11.05 48.37 -51.41
CA ALA D 169 -11.69 49.59 -50.87
C ALA D 169 -11.73 49.63 -49.33
N VAL D 170 -11.42 48.50 -48.71
CA VAL D 170 -11.14 48.42 -47.27
C VAL D 170 -9.76 49.09 -47.04
N VAL D 171 -8.69 48.38 -47.46
CA VAL D 171 -7.30 48.82 -47.31
C VAL D 171 -7.05 50.24 -47.84
N GLN D 172 -7.22 50.44 -49.15
CA GLN D 172 -7.02 51.74 -49.73
C GLN D 172 -7.69 52.77 -48.85
N MET D 173 -8.99 52.59 -48.63
CA MET D 173 -9.79 53.50 -47.79
C MET D 173 -9.18 53.73 -46.39
N ALA D 174 -8.75 52.64 -45.75
CA ALA D 174 -8.19 52.73 -44.43
C ALA D 174 -6.90 53.53 -44.53
N ILE D 175 -6.14 53.27 -45.60
CA ILE D 175 -4.84 53.91 -45.85
C ILE D 175 -4.95 55.42 -46.10
N SER D 176 -6.10 55.85 -46.62
CA SER D 176 -6.40 57.27 -46.77
C SER D 176 -6.37 57.90 -45.39
N SER D 177 -7.14 57.30 -44.48
CA SER D 177 -7.18 57.67 -43.05
C SER D 177 -5.93 57.15 -42.31
N LEU D 178 -4.78 57.44 -42.93
CA LEU D 178 -3.46 57.35 -42.31
C LEU D 178 -2.70 58.63 -42.65
N SER D 179 -1.72 58.98 -41.82
CA SER D 179 -0.92 60.20 -41.98
C SER D 179 0.50 59.88 -42.45
N TYR D 180 1.24 60.93 -42.74
CA TYR D 180 2.64 60.80 -43.09
C TYR D 180 3.39 59.94 -42.07
N SER D 181 3.17 60.25 -40.79
CA SER D 181 3.82 59.57 -39.67
C SER D 181 3.37 58.14 -39.60
N GLU D 182 2.06 57.97 -39.82
CA GLU D 182 1.49 56.65 -39.97
C GLU D 182 2.08 56.14 -41.28
N LEU D 183 1.27 55.56 -42.18
CA LEU D 183 1.71 55.21 -43.55
C LEU D 183 3.11 54.55 -43.60
N GLU D 184 4.14 55.31 -43.23
CA GLU D 184 5.56 54.88 -43.20
C GLU D 184 5.96 54.25 -41.88
N ALA D 185 5.19 54.49 -40.82
CA ALA D 185 5.26 53.66 -39.64
C ALA D 185 4.93 52.21 -40.05
N ILE D 186 3.74 52.04 -40.64
CA ILE D 186 3.21 50.74 -41.11
C ILE D 186 4.05 50.04 -42.20
N GLU D 187 4.43 50.77 -43.25
CA GLU D 187 5.19 50.21 -44.35
C GLU D 187 6.54 49.82 -43.87
N HIS D 188 7.11 50.65 -43.00
CA HIS D 188 8.35 50.29 -42.37
C HIS D 188 8.13 49.03 -41.53
N ILE D 189 6.88 48.81 -41.11
CA ILE D 189 6.49 47.58 -40.42
C ILE D 189 6.51 46.40 -41.40
N PHE D 190 5.84 46.56 -42.53
CA PHE D 190 5.76 45.49 -43.53
C PHE D 190 6.99 45.45 -44.45
N GLU D 191 8.10 45.97 -43.93
CA GLU D 191 9.42 45.70 -44.45
C GLU D 191 10.01 44.58 -43.60
N GLU D 192 10.12 44.86 -42.30
CA GLU D 192 10.81 44.02 -41.31
C GLU D 192 10.59 42.50 -41.46
N LEU D 193 9.33 42.07 -41.35
CA LEU D 193 9.01 40.65 -41.38
C LEU D 193 8.99 40.06 -42.79
N ASP D 194 8.95 38.74 -42.85
CA ASP D 194 9.12 38.00 -44.11
C ASP D 194 7.80 37.79 -44.84
N GLY D 195 6.89 37.03 -44.21
CA GLY D 195 5.60 36.71 -44.80
C GLY D 195 4.58 37.77 -44.49
N ASN D 196 3.85 37.58 -43.39
CA ASN D 196 2.88 38.58 -42.94
C ASN D 196 2.81 38.75 -41.42
N GLU D 197 3.85 38.30 -40.70
CA GLU D 197 3.91 38.43 -39.23
C GLU D 197 5.29 38.16 -38.63
N GLY D 198 5.40 38.30 -37.32
CA GLY D 198 6.57 37.84 -36.58
C GLY D 198 7.33 38.86 -35.74
N LEU D 199 8.23 39.61 -36.39
CA LEU D 199 9.21 40.51 -35.73
C LEU D 199 8.64 41.89 -35.41
N LEU D 200 8.47 42.14 -34.11
CA LEU D 200 7.89 43.39 -33.63
C LEU D 200 8.44 43.83 -32.26
N VAL D 201 9.61 44.48 -32.29
CA VAL D 201 10.09 45.33 -31.21
C VAL D 201 10.07 46.76 -31.75
N ALA D 202 8.89 47.37 -31.69
CA ALA D 202 8.61 48.66 -32.34
C ALA D 202 9.68 49.72 -32.13
N SER D 203 10.38 49.61 -31.00
CA SER D 203 11.46 50.52 -30.65
C SER D 203 12.62 50.45 -31.67
N LYS D 204 13.02 49.23 -32.03
CA LYS D 204 14.06 49.01 -33.04
C LYS D 204 14.00 50.06 -34.15
N ILE D 205 12.84 50.12 -34.82
CA ILE D 205 12.63 50.99 -35.99
C ILE D 205 12.26 52.43 -35.58
N ALA D 206 11.79 52.59 -34.34
CA ALA D 206 11.40 53.90 -33.80
C ALA D 206 12.61 54.80 -33.48
N ASP D 207 13.71 54.15 -33.07
CA ASP D 207 15.01 54.81 -32.97
C ASP D 207 15.94 54.26 -34.05
N ARG D 208 15.36 54.03 -35.23
CA ARG D 208 16.10 53.65 -36.43
C ARG D 208 15.60 54.51 -37.61
N VAL D 209 14.45 55.15 -37.40
CA VAL D 209 13.91 56.12 -38.36
C VAL D 209 13.69 57.47 -37.67
N GLY D 210 13.26 57.42 -36.41
CA GLY D 210 13.03 58.62 -35.59
C GLY D 210 11.60 58.82 -35.11
N ILE D 211 10.66 58.14 -35.76
CA ILE D 211 9.24 58.22 -35.43
C ILE D 211 8.91 57.61 -34.08
N THR D 212 7.87 58.14 -33.46
CA THR D 212 7.46 57.79 -32.10
C THR D 212 7.23 56.30 -31.92
N ARG D 213 7.34 55.85 -30.68
CA ARG D 213 6.96 54.49 -30.28
C ARG D 213 5.47 54.49 -29.92
N SER D 214 4.81 55.60 -30.21
CA SER D 214 3.38 55.73 -29.98
C SER D 214 2.62 56.18 -31.22
N VAL D 215 3.35 56.58 -32.25
CA VAL D 215 2.76 56.63 -33.59
C VAL D 215 2.56 55.20 -34.07
N ILE D 216 3.54 54.34 -33.77
CA ILE D 216 3.50 52.91 -34.08
C ILE D 216 2.48 52.20 -33.17
N VAL D 217 1.99 52.96 -32.20
CA VAL D 217 0.79 52.63 -31.45
C VAL D 217 -0.38 52.84 -32.38
N ASN D 218 -0.51 54.09 -32.83
CA ASN D 218 -1.63 54.53 -33.69
C ASN D 218 -1.58 54.02 -35.14
N ALA D 219 -0.39 53.64 -35.59
CA ALA D 219 -0.17 53.07 -36.93
C ALA D 219 -0.71 51.65 -37.05
N LEU D 220 -0.74 50.93 -35.93
CA LEU D 220 -1.35 49.62 -35.88
C LEU D 220 -2.67 49.67 -35.11
N ARG D 221 -3.15 50.88 -34.87
CA ARG D 221 -4.51 51.10 -34.40
C ARG D 221 -5.42 51.18 -35.60
N LYS D 222 -5.17 52.14 -36.47
CA LYS D 222 -6.03 52.39 -37.63
C LYS D 222 -6.29 51.15 -38.51
N LEU D 223 -5.41 50.16 -38.46
CA LEU D 223 -5.60 48.96 -39.24
C LEU D 223 -6.65 48.09 -38.62
N GLU D 224 -6.49 47.81 -37.33
CA GLU D 224 -7.43 46.98 -36.56
C GLU D 224 -8.81 47.65 -36.36
N SER D 225 -8.83 48.97 -36.52
CA SER D 225 -10.05 49.79 -36.47
C SER D 225 -10.96 49.48 -37.66
N ALA D 226 -10.58 49.98 -38.84
CA ALA D 226 -11.34 49.78 -40.08
C ALA D 226 -11.80 48.34 -40.23
N GLY D 227 -11.03 47.42 -39.65
CA GLY D 227 -11.30 46.01 -39.75
C GLY D 227 -10.46 45.45 -40.88
N VAL D 228 -9.15 45.38 -40.67
CA VAL D 228 -8.21 44.98 -41.71
C VAL D 228 -7.26 43.90 -41.21
N ILE D 229 -6.61 44.20 -40.10
CA ILE D 229 -5.61 43.33 -39.50
C ILE D 229 -6.15 42.63 -38.24
N GLU D 230 -5.26 41.96 -37.52
CA GLU D 230 -5.50 41.54 -36.14
C GLU D 230 -4.13 41.39 -35.45
N SER D 231 -3.93 42.12 -34.35
CA SER D 231 -2.67 42.09 -33.61
C SER D 231 -2.81 41.43 -32.24
N ARG D 232 -2.01 40.39 -32.01
CA ARG D 232 -1.89 39.77 -30.70
C ARG D 232 -0.78 40.50 -29.95
N SER D 233 -1.09 40.99 -28.75
CA SER D 233 -0.16 41.84 -27.97
C SER D 233 0.46 41.14 -26.75
N LEU D 234 1.50 40.34 -26.99
CA LEU D 234 2.11 39.50 -25.95
C LEU D 234 2.91 40.30 -24.91
N GLY D 235 4.21 40.46 -25.20
CA GLY D 235 5.17 40.99 -24.26
C GLY D 235 6.45 41.43 -24.94
N MET D 236 7.50 41.57 -24.15
CA MET D 236 8.76 42.22 -24.57
C MET D 236 8.61 43.74 -24.52
N LYS D 237 8.59 44.38 -25.70
CA LYS D 237 8.30 45.81 -25.86
C LYS D 237 7.09 45.99 -26.77
N GLY D 238 7.14 45.28 -27.90
CA GLY D 238 6.01 45.20 -28.82
C GLY D 238 5.38 43.83 -28.70
N THR D 239 5.22 43.15 -29.84
CA THR D 239 4.51 41.88 -29.90
C THR D 239 4.65 41.22 -31.29
N TYR D 240 3.56 40.64 -31.81
CA TYR D 240 3.55 40.17 -33.21
C TYR D 240 2.18 40.37 -33.86
N ILE D 241 2.18 40.53 -35.17
CA ILE D 241 1.02 40.93 -35.94
C ILE D 241 0.36 39.73 -36.65
N LYS D 242 -0.72 39.98 -37.39
CA LYS D 242 -1.29 39.02 -38.37
C LYS D 242 -2.28 39.71 -39.34
N VAL D 243 -2.08 39.46 -40.64
CA VAL D 243 -2.90 40.11 -41.68
C VAL D 243 -4.14 39.28 -41.98
N LEU D 244 -5.13 39.94 -42.58
CA LEU D 244 -6.37 39.27 -42.94
C LEU D 244 -6.92 39.68 -44.31
N ASN D 245 -6.37 40.73 -44.92
CA ASN D 245 -6.85 41.20 -46.23
C ASN D 245 -6.05 40.58 -47.39
N ASN D 246 -6.73 39.72 -48.15
CA ASN D 246 -6.14 39.01 -49.31
C ASN D 246 -5.54 39.96 -50.34
N LYS D 247 -5.93 41.23 -50.23
CA LYS D 247 -5.41 42.28 -51.07
C LYS D 247 -4.92 43.38 -50.14
N PHE D 248 -3.94 43.06 -49.30
CA PHE D 248 -3.30 44.09 -48.51
C PHE D 248 -1.96 44.45 -49.13
N LEU D 249 -1.00 43.55 -49.01
CA LEU D 249 0.35 43.88 -49.40
C LEU D 249 0.41 44.38 -50.84
N ILE D 250 -0.15 43.60 -51.77
CA ILE D 250 -0.13 43.98 -53.19
C ILE D 250 -0.61 45.43 -53.34
N GLU D 251 -1.66 45.77 -52.59
CA GLU D 251 -2.12 47.15 -52.49
C GLU D 251 -1.05 47.98 -51.80
N LEU D 252 -0.65 47.57 -50.59
CA LEU D 252 0.33 48.31 -49.80
C LEU D 252 1.58 48.66 -50.62
N GLU D 253 1.95 47.81 -51.59
CA GLU D 253 3.16 48.01 -52.41
C GLU D 253 3.03 49.01 -53.56
N ASN D 254 1.80 49.31 -53.98
CA ASN D 254 1.56 50.31 -55.03
C ASN D 254 1.92 51.74 -54.60
N LEU D 255 3.19 52.10 -54.80
CA LEU D 255 3.66 53.47 -54.53
C LEU D 255 4.88 53.89 -55.36
N LYS D 256 5.09 55.21 -55.42
CA LYS D 256 6.31 55.85 -55.94
C LYS D 256 6.85 56.94 -54.99
N SER D 257 6.08 57.26 -53.95
CA SER D 257 6.49 58.19 -52.88
C SER D 257 6.56 57.51 -51.50
N ALA E 1 -38.92 39.45 18.01
CA ALA E 1 -37.82 40.20 17.37
C ALA E 1 -36.47 39.52 17.53
N LEU E 2 -36.31 38.78 18.63
CA LEU E 2 -35.16 37.90 18.80
C LEU E 2 -35.25 36.71 17.85
N LEU E 3 -36.44 36.14 17.68
CA LEU E 3 -36.66 35.09 16.68
C LEU E 3 -36.60 35.62 15.25
N GLN E 4 -36.38 36.92 15.15
CA GLN E 4 -36.08 37.59 13.90
C GLN E 4 -34.77 38.39 14.05
N LYS E 5 -34.06 38.11 15.14
CA LYS E 5 -32.65 38.45 15.34
C LYS E 5 -31.81 37.30 14.78
N THR E 6 -32.34 36.08 14.91
CA THR E 6 -31.69 34.89 14.35
C THR E 6 -32.31 34.52 13.00
N ARG E 7 -33.14 35.43 12.48
CA ARG E 7 -33.53 35.41 11.06
C ARG E 7 -32.75 36.55 10.39
N ILE E 8 -31.52 36.71 10.84
CA ILE E 8 -30.56 37.70 10.35
C ILE E 8 -29.22 37.00 10.11
N ILE E 9 -28.86 36.11 11.03
CA ILE E 9 -27.75 35.19 10.83
C ILE E 9 -28.13 34.11 9.81
N ASN E 10 -29.35 33.58 9.95
CA ASN E 10 -29.91 32.60 9.01
C ASN E 10 -30.28 33.21 7.67
N SER E 11 -30.56 34.51 7.69
CA SER E 11 -30.72 35.29 6.46
C SER E 11 -29.35 35.81 5.95
N MET E 12 -28.27 35.23 6.49
CA MET E 12 -26.90 35.50 6.04
C MET E 12 -26.13 34.17 6.03
N LEU E 13 -26.44 33.31 5.06
CA LEU E 13 -25.68 32.07 4.88
C LEU E 13 -26.16 31.24 3.70
N GLN E 14 -25.20 30.65 3.00
CA GLN E 14 -25.41 29.81 1.80
C GLN E 14 -24.60 28.49 1.82
N ALA E 15 -23.68 28.39 2.78
CA ALA E 15 -22.88 27.17 3.06
C ALA E 15 -21.58 26.97 2.25
N ALA E 16 -20.48 26.79 3.00
CA ALA E 16 -19.10 26.52 2.52
C ALA E 16 -18.56 27.47 1.46
N ALA E 17 -18.97 27.22 0.21
CA ALA E 17 -18.71 28.10 -0.90
C ALA E 17 -19.85 29.11 -1.03
N GLY E 18 -20.54 29.08 -2.17
CA GLY E 18 -21.50 30.11 -2.51
C GLY E 18 -20.73 31.41 -2.61
N LYS E 19 -20.61 32.10 -1.48
CA LYS E 19 -19.72 33.24 -1.34
C LYS E 19 -18.38 32.81 -0.73
N PRO E 20 -17.25 33.14 -1.40
CA PRO E 20 -15.91 32.94 -0.84
C PRO E 20 -15.73 33.66 0.49
N VAL E 21 -15.49 32.87 1.54
CA VAL E 21 -15.56 33.29 2.94
C VAL E 21 -15.24 34.76 3.23
N ASN E 22 -16.15 35.41 3.94
CA ASN E 22 -15.92 36.76 4.44
C ASN E 22 -15.70 36.74 5.97
N PHE E 23 -14.44 36.54 6.36
CA PHE E 23 -14.00 36.57 7.75
C PHE E 23 -13.87 38.02 8.29
N LYS E 24 -14.21 38.97 7.42
CA LYS E 24 -13.98 40.40 7.66
C LYS E 24 -15.28 41.15 7.94
N GLU E 25 -16.34 40.76 7.23
CA GLU E 25 -17.65 41.42 7.27
C GLU E 25 -18.70 40.59 8.02
N MET E 26 -18.32 39.37 8.40
CA MET E 26 -19.16 38.57 9.27
C MET E 26 -19.45 39.34 10.56
N ALA E 27 -18.73 40.44 10.78
CA ALA E 27 -19.00 41.32 11.90
C ALA E 27 -19.72 42.59 11.46
N GLU E 28 -20.48 42.49 10.37
CA GLU E 28 -21.56 43.45 10.12
C GLU E 28 -22.90 42.80 10.53
N THR E 29 -22.79 41.61 11.14
CA THR E 29 -23.92 40.88 11.71
C THR E 29 -24.00 41.14 13.20
N LEU E 30 -23.26 40.35 13.97
CA LEU E 30 -23.31 40.37 15.42
C LEU E 30 -22.80 41.68 16.00
N ARG E 31 -22.08 42.44 15.18
CA ARG E 31 -21.69 43.80 15.52
C ARG E 31 -22.90 44.73 15.55
N ASP E 32 -23.93 44.39 14.76
CA ASP E 32 -25.19 45.14 14.77
C ASP E 32 -26.36 44.38 15.40
N VAL E 33 -26.49 43.09 15.09
CA VAL E 33 -27.57 42.27 15.66
C VAL E 33 -27.35 41.94 17.16
N ILE E 34 -26.29 42.49 17.73
CA ILE E 34 -26.09 42.50 19.18
C ILE E 34 -25.85 43.94 19.66
N ASP E 35 -25.40 44.80 18.73
CA ASP E 35 -25.00 46.21 18.97
C ASP E 35 -23.52 46.37 19.44
N SER E 36 -22.99 45.29 20.02
CA SER E 36 -21.63 45.22 20.56
C SER E 36 -20.56 45.40 19.50
N ASN E 37 -19.32 45.64 19.94
CA ASN E 37 -18.14 45.66 19.05
C ASN E 37 -17.42 44.30 19.04
N ILE E 38 -17.36 43.71 17.85
CA ILE E 38 -16.95 42.30 17.70
C ILE E 38 -15.57 42.11 17.08
N PHE E 39 -14.82 41.21 17.70
CA PHE E 39 -13.59 40.71 17.14
C PHE E 39 -13.81 39.25 16.79
N VAL E 40 -13.41 38.86 15.59
CA VAL E 40 -13.41 37.46 15.19
C VAL E 40 -11.96 36.96 15.20
N VAL E 41 -11.70 35.97 16.05
CA VAL E 41 -10.32 35.53 16.28
C VAL E 41 -10.22 34.01 16.32
N SER E 42 -9.03 33.50 15.97
CA SER E 42 -8.79 32.06 15.84
C SER E 42 -8.00 31.48 17.01
N ARG E 43 -7.98 30.15 17.09
CA ARG E 43 -7.29 29.43 18.15
C ARG E 43 -5.82 29.80 18.13
N ARG E 44 -5.34 30.17 16.94
CA ARG E 44 -4.00 30.69 16.72
C ARG E 44 -3.83 32.09 17.36
N GLY E 45 -4.89 32.90 17.26
CA GLY E 45 -4.84 34.28 17.69
C GLY E 45 -4.70 35.24 16.52
N LYS E 46 -4.78 34.70 15.30
CA LYS E 46 -4.75 35.51 14.09
C LYS E 46 -6.13 36.12 13.79
N LEU E 47 -6.26 37.40 14.11
CA LEU E 47 -7.52 38.14 13.94
C LEU E 47 -7.95 38.18 12.47
N LEU E 48 -9.25 38.18 12.26
CA LEU E 48 -9.80 38.12 10.91
C LEU E 48 -10.56 39.40 10.50
N GLY E 49 -11.57 39.79 11.28
CA GLY E 49 -12.40 40.96 10.97
C GLY E 49 -12.76 41.87 12.14
N TYR E 50 -12.88 43.16 11.84
CA TYR E 50 -13.25 44.17 12.85
C TYR E 50 -14.41 45.06 12.39
N SER E 51 -15.09 45.66 13.37
CA SER E 51 -16.19 46.62 13.13
C SER E 51 -16.57 47.35 14.41
N ILE E 52 -16.61 48.69 14.35
CA ILE E 52 -16.90 49.54 15.50
C ILE E 52 -18.09 50.47 15.20
N ASN E 53 -19.00 50.64 16.17
CA ASN E 53 -20.03 51.70 16.08
C ASN E 53 -20.25 52.58 17.35
N GLN E 54 -19.61 52.19 18.46
CA GLN E 54 -19.67 52.97 19.73
C GLN E 54 -18.29 53.38 20.30
N GLN E 55 -17.23 53.09 19.54
CA GLN E 55 -15.83 53.55 19.78
C GLN E 55 -15.29 53.63 21.21
N ILE E 56 -14.45 52.66 21.59
CA ILE E 56 -13.77 52.67 22.90
C ILE E 56 -12.36 53.28 22.81
N GLU E 57 -11.91 53.87 23.90
CA GLU E 57 -10.58 54.47 24.00
C GLU E 57 -9.49 53.42 24.27
N ASN E 58 -9.82 52.43 25.11
CA ASN E 58 -8.90 51.36 25.60
C ASN E 58 -7.59 51.13 24.82
N ASP E 59 -6.47 51.04 25.55
CA ASP E 59 -5.12 51.10 24.96
C ASP E 59 -4.28 49.80 25.01
N ARG E 60 -4.91 48.67 25.34
CA ARG E 60 -4.31 47.35 25.21
C ARG E 60 -4.84 46.65 23.95
N MET E 61 -6.12 46.91 23.67
CA MET E 61 -6.83 46.31 22.55
C MET E 61 -6.25 46.79 21.20
N LYS E 62 -6.20 48.11 20.98
CA LYS E 62 -5.68 48.71 19.74
C LYS E 62 -4.41 48.01 19.22
N LYS E 63 -3.46 47.76 20.12
CA LYS E 63 -2.26 47.00 19.82
C LYS E 63 -2.67 45.51 19.75
N MET E 64 -3.46 45.21 18.73
CA MET E 64 -4.04 43.89 18.46
C MET E 64 -5.04 44.09 17.31
N LEU E 65 -5.54 45.32 17.18
CA LEU E 65 -6.24 45.74 15.96
C LEU E 65 -5.40 46.76 15.17
N GLU E 66 -4.09 46.68 15.36
CA GLU E 66 -3.11 47.44 14.58
C GLU E 66 -1.99 46.52 14.08
N ASP E 67 -1.87 45.36 14.70
CA ASP E 67 -0.92 44.32 14.31
C ASP E 67 -1.61 43.04 13.77
N ARG E 68 -2.82 42.78 14.29
CA ARG E 68 -3.74 41.66 13.95
C ARG E 68 -3.37 40.29 14.56
N GLN E 69 -3.01 40.33 15.85
CA GLN E 69 -2.50 39.19 16.58
C GLN E 69 -2.46 39.44 18.10
N PHE E 70 -3.05 38.52 18.85
CA PHE E 70 -2.91 38.47 20.30
C PHE E 70 -1.55 37.88 20.65
N PRO E 71 -0.83 38.54 21.58
CA PRO E 71 0.44 38.01 22.09
C PRO E 71 0.47 36.50 22.42
N GLU E 72 1.67 35.98 22.64
CA GLU E 72 1.94 34.54 22.84
C GLU E 72 1.08 33.87 23.93
N GLU E 73 1.24 34.24 25.20
CA GLU E 73 0.33 33.70 26.25
C GLU E 73 -1.08 34.34 26.19
N TYR E 74 -1.24 35.33 25.32
CA TYR E 74 -2.55 35.95 25.14
C TYR E 74 -3.53 35.08 24.35
N THR E 75 -3.03 34.03 23.70
CA THR E 75 -3.90 33.01 23.11
C THR E 75 -3.77 31.67 23.87
N LYS E 76 -3.00 31.69 24.96
CA LYS E 76 -2.69 30.50 25.76
C LYS E 76 -3.69 30.38 26.91
N ASN E 77 -4.11 31.54 27.43
CA ASN E 77 -5.20 31.62 28.40
C ASN E 77 -6.50 31.76 27.64
N LEU E 78 -6.38 32.17 26.38
CA LEU E 78 -7.48 32.11 25.41
C LEU E 78 -7.76 30.67 25.01
N PHE E 79 -6.80 29.80 25.29
CA PHE E 79 -6.93 28.35 25.10
C PHE E 79 -7.44 27.74 26.40
N ASN E 80 -7.43 28.54 27.45
CA ASN E 80 -8.06 28.18 28.71
C ASN E 80 -9.56 28.17 28.56
N VAL E 81 -10.07 29.16 27.83
CA VAL E 81 -11.49 29.40 27.67
C VAL E 81 -12.25 28.17 27.16
N PRO E 82 -13.05 27.55 28.04
CA PRO E 82 -13.89 26.40 27.67
C PRO E 82 -15.33 26.82 27.29
N GLU E 83 -16.13 27.16 28.30
CA GLU E 83 -17.48 27.66 28.11
C GLU E 83 -17.44 29.14 27.68
N THR E 84 -18.42 29.93 28.12
CA THR E 84 -18.46 31.36 27.79
C THR E 84 -18.37 32.24 29.05
N SER E 85 -17.47 33.22 29.01
CA SER E 85 -17.30 34.17 30.11
C SER E 85 -18.04 35.49 29.86
N SER E 86 -19.29 35.55 30.32
CA SER E 86 -20.15 36.72 30.11
C SER E 86 -19.63 37.96 30.85
N ASN E 87 -19.14 38.92 30.06
CA ASN E 87 -18.64 40.22 30.54
C ASN E 87 -17.25 40.17 31.19
N LEU E 88 -16.46 41.23 30.98
CA LEU E 88 -15.10 41.35 31.53
C LEU E 88 -14.61 42.78 31.78
N ASP E 89 -14.21 43.03 33.04
CA ASP E 89 -13.51 44.23 33.49
C ASP E 89 -12.47 43.85 34.57
N ILE E 90 -11.60 44.79 34.97
CA ILE E 90 -10.58 44.53 36.00
C ILE E 90 -11.13 43.75 37.20
N ASN E 91 -12.25 44.24 37.76
CA ASN E 91 -12.91 43.62 38.89
C ASN E 91 -13.20 42.15 38.60
N SER E 92 -14.00 41.94 37.55
CA SER E 92 -14.54 40.64 37.17
C SER E 92 -14.08 39.47 38.04
N GLU E 93 -14.78 39.32 39.16
CA GLU E 93 -14.61 38.20 40.08
C GLU E 93 -13.88 37.01 39.47
N TYR E 94 -14.35 36.55 38.32
CA TYR E 94 -13.92 35.29 37.72
C TYR E 94 -12.62 35.27 36.92
N THR E 95 -12.05 34.08 36.85
CA THR E 95 -10.73 33.82 36.27
C THR E 95 -10.80 33.64 34.75
N ALA E 96 -10.62 34.74 34.02
CA ALA E 96 -10.55 34.72 32.56
C ALA E 96 -9.11 34.59 32.06
N PHE E 97 -8.26 35.54 32.46
CA PHE E 97 -6.85 35.56 32.10
C PHE E 97 -5.94 35.74 33.33
N PRO E 98 -5.25 34.66 33.75
CA PRO E 98 -4.54 34.70 35.02
C PRO E 98 -3.50 35.83 35.10
N VAL E 99 -3.49 36.50 36.25
CA VAL E 99 -2.42 37.42 36.65
C VAL E 99 -2.09 38.56 35.66
N GLU E 100 -1.08 38.35 34.81
CA GLU E 100 -0.41 39.47 34.08
C GLU E 100 -1.09 39.94 32.78
N ASN E 101 -2.14 39.23 32.38
CA ASN E 101 -2.84 39.52 31.12
C ASN E 101 -4.22 40.12 31.32
N ARG E 102 -4.79 39.89 32.51
CA ARG E 102 -6.14 40.33 32.88
C ARG E 102 -6.39 41.79 32.51
N ASP E 103 -5.30 42.57 32.48
CA ASP E 103 -5.32 43.94 31.97
C ASP E 103 -5.74 43.97 30.49
N LEU E 104 -6.40 42.88 30.08
CA LEU E 104 -7.02 42.74 28.78
C LEU E 104 -8.33 43.55 28.69
N PHE E 105 -8.96 43.77 29.84
CA PHE E 105 -10.32 44.31 29.87
C PHE E 105 -10.57 45.32 30.98
N GLN E 106 -9.49 45.89 31.53
CA GLN E 106 -9.60 46.86 32.63
C GLN E 106 -10.61 47.98 32.36
N ALA E 107 -10.90 48.23 31.08
CA ALA E 107 -11.90 49.22 30.67
C ALA E 107 -12.79 48.72 29.52
N GLY E 108 -13.92 48.09 29.88
CA GLY E 108 -14.89 47.58 28.90
C GLY E 108 -15.60 46.30 29.30
N LEU E 109 -16.38 45.75 28.37
CA LEU E 109 -17.13 44.51 28.57
C LEU E 109 -16.88 43.48 27.45
N THR E 110 -15.67 42.89 27.41
CA THR E 110 -15.32 41.85 26.42
C THR E 110 -15.89 40.48 26.81
N THR E 111 -16.43 39.76 25.83
CA THR E 111 -17.04 38.46 26.10
C THR E 111 -16.52 37.39 25.15
N ILE E 112 -16.01 36.30 25.73
CA ILE E 112 -15.32 35.25 24.97
C ILE E 112 -16.20 34.03 24.71
N VAL E 113 -16.33 33.68 23.44
CA VAL E 113 -17.17 32.57 23.01
C VAL E 113 -16.37 31.65 22.09
N PRO E 114 -16.21 30.36 22.49
CA PRO E 114 -15.63 29.29 21.66
C PRO E 114 -16.33 29.01 20.31
N ILE E 115 -15.64 29.39 19.22
CA ILE E 115 -16.01 29.06 17.84
C ILE E 115 -15.63 27.60 17.59
N ILE E 116 -16.60 26.77 17.19
CA ILE E 116 -16.36 25.32 17.01
C ILE E 116 -16.88 24.66 15.70
N GLY E 117 -16.25 23.52 15.37
CA GLY E 117 -16.60 22.68 14.23
C GLY E 117 -15.53 21.66 13.88
N GLY E 118 -15.85 20.78 12.94
CA GLY E 118 -14.91 19.76 12.47
C GLY E 118 -14.55 18.79 13.57
N GLY E 119 -15.36 18.82 14.63
CA GLY E 119 -15.10 18.08 15.85
C GLY E 119 -13.99 18.73 16.65
N GLU E 120 -13.66 19.97 16.30
CA GLU E 120 -12.51 20.65 16.91
C GLU E 120 -12.70 22.16 17.20
N ARG E 121 -11.88 22.67 18.11
CA ARG E 121 -11.87 24.08 18.52
C ARG E 121 -11.31 24.98 17.41
N LEU E 122 -12.16 25.33 16.46
CA LEU E 122 -11.72 26.13 15.32
C LEU E 122 -11.47 27.58 15.69
N GLY E 123 -11.72 27.92 16.96
CA GLY E 123 -11.39 29.26 17.44
C GLY E 123 -12.14 29.82 18.64
N THR E 124 -12.19 31.15 18.70
CA THR E 124 -12.83 31.94 19.78
C THR E 124 -13.47 33.22 19.23
N LEU E 125 -14.70 33.48 19.67
CA LEU E 125 -15.44 34.70 19.32
C LEU E 125 -15.32 35.73 20.46
N ILE E 126 -15.15 37.01 20.10
CA ILE E 126 -14.87 38.11 21.06
C ILE E 126 -15.85 39.32 20.95
N LEU E 127 -16.65 39.55 22.01
CA LEU E 127 -17.64 40.67 22.10
C LEU E 127 -17.33 41.69 23.20
N SER E 128 -16.70 42.81 22.81
CA SER E 128 -16.33 43.87 23.75
C SER E 128 -17.15 45.14 23.51
N ARG E 129 -17.91 45.56 24.52
CA ARG E 129 -18.80 46.73 24.39
C ARG E 129 -18.42 47.95 25.25
N LEU E 130 -19.13 49.04 25.01
CA LEU E 130 -18.91 50.29 25.70
C LEU E 130 -19.59 50.29 27.07
N GLN E 131 -20.92 50.41 27.06
CA GLN E 131 -21.68 50.86 28.25
C GLN E 131 -22.91 50.03 28.68
N ASP E 132 -23.02 48.78 28.24
CA ASP E 132 -24.21 47.95 28.56
C ASP E 132 -23.96 46.47 28.91
N GLN E 133 -25.06 45.70 28.98
CA GLN E 133 -25.05 44.32 29.47
C GLN E 133 -25.66 43.32 28.47
N PHE E 134 -25.15 42.09 28.49
CA PHE E 134 -25.55 41.03 27.54
C PHE E 134 -26.40 39.95 28.21
N ASN E 135 -27.42 39.47 27.49
CA ASN E 135 -28.41 38.54 28.07
C ASN E 135 -28.79 37.31 27.21
N ASP E 136 -29.78 36.55 27.68
CA ASP E 136 -30.23 35.28 27.09
C ASP E 136 -30.70 35.35 25.63
N ASP E 137 -30.79 36.56 25.07
CA ASP E 137 -31.00 36.75 23.64
C ASP E 137 -29.67 37.02 22.92
N ASP E 138 -28.83 37.85 23.55
CA ASP E 138 -27.48 38.14 23.09
C ASP E 138 -26.66 36.87 22.94
N LEU E 139 -26.95 35.87 23.77
CA LEU E 139 -26.15 34.63 23.86
C LEU E 139 -26.47 33.57 22.81
N ILE E 140 -27.75 33.44 22.43
CA ILE E 140 -28.12 32.63 21.28
C ILE E 140 -27.44 33.33 20.11
N LEU E 141 -27.71 34.63 19.97
CA LEU E 141 -27.04 35.44 18.97
C LEU E 141 -25.56 35.05 18.90
N ALA E 142 -24.81 35.38 19.97
CA ALA E 142 -23.38 35.12 20.06
C ALA E 142 -23.02 33.62 20.05
N GLU E 143 -24.02 32.76 19.89
CA GLU E 143 -23.79 31.34 19.69
C GLU E 143 -24.32 30.87 18.35
N TYR E 144 -25.32 31.58 17.82
CA TYR E 144 -25.63 31.47 16.41
C TYR E 144 -24.79 32.54 15.75
N GLY E 145 -23.62 32.77 16.35
CA GLY E 145 -22.54 33.58 15.81
C GLY E 145 -21.21 32.88 16.08
N ALA E 146 -21.11 32.29 17.28
CA ALA E 146 -19.96 31.46 17.70
C ALA E 146 -19.87 30.20 16.86
N THR E 147 -21.01 29.73 16.38
CA THR E 147 -21.00 28.60 15.47
C THR E 147 -21.73 28.95 14.18
N VAL E 148 -21.28 30.03 13.56
CA VAL E 148 -21.52 30.24 12.14
C VAL E 148 -20.16 30.59 11.55
N VAL E 149 -19.36 31.29 12.35
CA VAL E 149 -17.95 31.42 12.06
C VAL E 149 -17.38 30.00 11.88
N GLY E 150 -17.71 29.11 12.82
CA GLY E 150 -17.29 27.69 12.80
C GLY E 150 -17.48 26.99 11.48
N MET E 151 -18.59 27.26 10.81
CA MET E 151 -18.78 26.81 9.46
C MET E 151 -17.87 27.60 8.51
N GLU E 152 -17.89 28.94 8.61
CA GLU E 152 -17.15 29.78 7.66
C GLU E 152 -15.66 30.03 8.06
N ILE E 153 -15.12 29.07 8.82
CA ILE E 153 -13.68 28.90 8.98
C ILE E 153 -13.22 27.56 8.37
N LEU E 154 -14.01 26.50 8.55
CA LEU E 154 -13.76 25.25 7.82
C LEU E 154 -14.62 25.17 6.54
N ARG E 155 -14.78 26.33 5.91
CA ARG E 155 -15.35 26.48 4.58
C ARG E 155 -14.38 27.36 3.83
N GLU E 156 -13.47 27.95 4.61
CA GLU E 156 -12.38 28.76 4.10
C GLU E 156 -11.14 27.89 3.97
N LYS E 157 -10.95 26.98 4.93
CA LYS E 157 -9.75 26.16 4.97
C LYS E 157 -9.80 24.96 4.03
N ALA E 158 -10.96 24.29 3.99
CA ALA E 158 -11.13 23.15 3.10
C ALA E 158 -11.01 23.59 1.63
N GLU E 159 -11.94 24.45 1.18
CA GLU E 159 -11.76 25.10 -0.12
C GLU E 159 -10.66 26.15 0.03
N GLU E 160 -9.42 25.67 0.04
CA GLU E 160 -8.19 26.48 -0.12
C GLU E 160 -6.99 25.55 -0.32
N ILE E 161 -6.89 24.56 0.54
CA ILE E 161 -5.78 23.66 0.49
C ILE E 161 -6.05 22.50 -0.48
N GLU E 162 -7.32 22.27 -0.82
CA GLU E 162 -7.65 21.33 -1.88
C GLU E 162 -7.13 21.92 -3.18
N GLU E 163 -6.52 23.09 -3.05
CA GLU E 163 -5.88 23.80 -4.16
C GLU E 163 -4.36 23.73 -4.07
N GLU E 164 -3.83 23.57 -2.85
CA GLU E 164 -2.42 23.18 -2.64
C GLU E 164 -2.27 21.64 -2.82
N ALA E 165 -3.42 20.98 -3.00
CA ALA E 165 -3.49 19.52 -3.15
C ALA E 165 -3.83 19.08 -4.58
N ARG E 166 -4.33 20.00 -5.39
CA ARG E 166 -4.60 19.74 -6.79
C ARG E 166 -3.46 20.29 -7.63
N SER E 167 -3.20 21.59 -7.46
CA SER E 167 -2.16 22.30 -8.19
C SER E 167 -0.83 21.53 -8.17
N LYS E 168 -0.60 20.79 -7.09
CA LYS E 168 0.57 19.94 -7.00
C LYS E 168 0.31 18.63 -7.73
N ALA E 169 -0.79 17.97 -7.38
CA ALA E 169 -1.11 16.61 -7.88
C ALA E 169 -1.43 16.51 -9.37
N VAL E 170 -1.43 17.65 -10.04
CA VAL E 170 -1.52 17.68 -11.49
C VAL E 170 -0.11 17.83 -12.05
N VAL E 171 0.55 18.92 -11.67
CA VAL E 171 1.95 19.12 -11.92
C VAL E 171 2.68 17.81 -11.70
N GLN E 172 2.67 17.36 -10.46
CA GLN E 172 3.42 16.18 -10.04
C GLN E 172 2.91 14.86 -10.64
N MET E 173 1.92 14.95 -11.53
CA MET E 173 1.22 13.78 -12.05
C MET E 173 1.45 13.57 -13.55
N ALA E 174 1.37 14.67 -14.29
CA ALA E 174 1.75 14.68 -15.70
C ALA E 174 3.26 14.84 -15.82
N ILE E 175 3.91 15.26 -14.74
CA ILE E 175 5.37 15.39 -14.72
C ILE E 175 6.03 14.03 -14.86
N SER E 176 5.29 12.96 -14.54
CA SER E 176 5.84 11.61 -14.61
C SER E 176 5.31 10.85 -15.84
N SER E 177 4.50 11.54 -16.64
CA SER E 177 3.93 10.96 -17.84
C SER E 177 4.89 11.13 -19.02
N LEU E 178 6.18 11.05 -18.73
CA LEU E 178 7.22 11.44 -19.67
C LEU E 178 8.41 10.49 -19.66
N SER E 179 9.57 10.99 -20.09
CA SER E 179 10.85 10.30 -19.98
C SER E 179 11.97 11.25 -19.50
N TYR E 180 13.24 10.84 -19.67
CA TYR E 180 14.43 11.56 -19.18
C TYR E 180 14.77 12.82 -20.00
N SER E 181 14.60 12.73 -21.31
CA SER E 181 14.83 13.87 -22.21
C SER E 181 13.65 14.84 -22.19
N GLU E 182 12.57 14.43 -21.51
CA GLU E 182 11.34 15.21 -21.39
C GLU E 182 11.28 16.02 -20.09
N LEU E 183 12.40 16.07 -19.38
CA LEU E 183 12.53 16.86 -18.15
C LEU E 183 13.85 17.62 -18.09
N GLU E 184 14.98 16.94 -18.26
CA GLU E 184 16.29 17.60 -18.21
C GLU E 184 16.50 18.56 -19.40
N ALA E 185 15.53 18.54 -20.33
CA ALA E 185 15.47 19.52 -21.40
C ALA E 185 14.37 20.55 -21.16
N ILE E 186 13.53 20.26 -20.16
CA ILE E 186 12.44 21.15 -19.71
C ILE E 186 12.89 22.00 -18.49
N GLU E 187 13.54 21.33 -17.52
CA GLU E 187 14.07 21.94 -16.28
C GLU E 187 14.98 23.14 -16.56
N HIS E 188 15.35 23.28 -17.83
CA HIS E 188 16.27 24.31 -18.32
C HIS E 188 15.61 25.23 -19.36
N ILE E 189 14.47 24.80 -19.89
CA ILE E 189 13.57 25.68 -20.61
C ILE E 189 13.14 26.78 -19.65
N PHE E 190 12.92 26.37 -18.41
CA PHE E 190 12.44 27.25 -17.34
C PHE E 190 13.57 27.70 -16.38
N GLU E 191 14.78 27.81 -16.92
CA GLU E 191 15.91 28.33 -16.15
C GLU E 191 16.20 29.77 -16.58
N GLU E 192 16.32 29.98 -17.89
CA GLU E 192 16.44 31.32 -18.47
C GLU E 192 15.09 32.05 -18.41
N LEU E 193 14.19 31.50 -17.58
CA LEU E 193 12.86 32.07 -17.32
C LEU E 193 12.91 32.90 -16.04
N ASP E 194 12.17 34.00 -16.02
CA ASP E 194 12.14 34.88 -14.85
C ASP E 194 10.71 35.22 -14.43
N GLY E 195 10.25 34.60 -13.35
CA GLY E 195 8.91 34.82 -12.82
C GLY E 195 7.90 33.76 -13.25
N ASN E 196 6.87 34.19 -13.97
CA ASN E 196 5.80 33.32 -14.46
C ASN E 196 5.94 33.06 -15.97
N GLU E 197 6.53 34.04 -16.67
CA GLU E 197 6.64 34.03 -18.13
C GLU E 197 8.10 34.17 -18.57
N GLY E 198 8.31 34.26 -19.88
CA GLY E 198 9.64 34.49 -20.45
C GLY E 198 9.84 33.83 -21.79
N LEU E 199 10.01 34.66 -22.83
CA LEU E 199 10.27 34.20 -24.20
C LEU E 199 11.57 33.41 -24.28
N LEU E 200 11.46 32.15 -24.71
CA LEU E 200 12.61 31.34 -25.07
C LEU E 200 12.52 30.87 -26.52
N VAL E 201 13.36 29.92 -26.92
CA VAL E 201 13.60 29.66 -28.34
C VAL E 201 13.24 28.22 -28.74
N ALA E 202 13.81 27.75 -29.86
CA ALA E 202 13.68 26.36 -30.31
C ALA E 202 15.04 25.65 -30.43
N SER E 203 16.08 26.41 -30.78
CA SER E 203 17.41 25.85 -31.01
C SER E 203 18.35 25.96 -29.81
N LYS E 204 18.54 27.19 -29.29
CA LYS E 204 19.53 27.50 -28.25
C LYS E 204 19.37 26.73 -26.92
N ILE E 205 18.28 25.98 -26.80
CA ILE E 205 18.08 25.10 -25.65
C ILE E 205 18.73 23.74 -25.93
N ALA E 206 18.52 23.21 -27.14
CA ALA E 206 18.94 21.86 -27.50
C ALA E 206 19.98 21.78 -28.63
N ASP E 207 20.80 22.81 -28.73
CA ASP E 207 22.06 22.74 -29.46
C ASP E 207 23.24 23.13 -28.55
N ARG E 208 22.89 23.79 -27.44
CA ARG E 208 23.82 24.17 -26.38
C ARG E 208 24.17 22.99 -25.47
N VAL E 209 23.34 21.95 -25.56
CA VAL E 209 23.56 20.70 -24.86
C VAL E 209 23.81 19.59 -25.90
N GLY E 210 23.13 19.68 -27.04
CA GLY E 210 23.19 18.68 -28.10
C GLY E 210 22.07 17.66 -27.98
N ILE E 211 20.84 18.15 -28.00
CA ILE E 211 19.63 17.34 -27.85
C ILE E 211 18.69 17.52 -29.05
N THR E 212 17.85 16.53 -29.29
CA THR E 212 16.88 16.60 -30.38
C THR E 212 15.73 17.51 -30.02
N ARG E 213 15.51 18.51 -30.87
CA ARG E 213 14.37 19.40 -30.73
C ARG E 213 13.13 18.74 -31.37
N SER E 214 13.25 17.43 -31.64
CA SER E 214 12.19 16.65 -32.30
C SER E 214 11.29 15.85 -31.34
N VAL E 215 11.78 15.62 -30.13
CA VAL E 215 10.95 15.07 -29.05
C VAL E 215 10.49 16.17 -28.08
N ILE E 216 11.38 17.13 -27.79
CA ILE E 216 11.03 18.25 -26.92
C ILE E 216 10.05 19.18 -27.64
N VAL E 217 8.86 18.63 -27.81
CA VAL E 217 7.75 19.24 -28.52
C VAL E 217 6.60 18.27 -28.27
N ASN E 218 6.99 17.06 -27.85
CA ASN E 218 6.09 16.08 -27.29
C ASN E 218 6.16 16.24 -25.79
N ALA E 219 7.31 16.71 -25.33
CA ALA E 219 7.56 17.02 -23.91
C ALA E 219 6.91 18.34 -23.47
N LEU E 220 6.21 19.00 -24.39
CA LEU E 220 5.42 20.21 -24.10
C LEU E 220 3.97 19.96 -24.56
N ARG E 221 3.81 18.99 -25.47
CA ARG E 221 2.48 18.50 -25.90
C ARG E 221 1.92 17.50 -24.89
N LYS E 222 2.61 17.38 -23.77
CA LYS E 222 2.16 16.58 -22.62
C LYS E 222 1.75 17.50 -21.46
N LEU E 223 2.50 18.58 -21.26
CA LEU E 223 2.15 19.61 -20.27
C LEU E 223 0.83 20.29 -20.65
N GLU E 224 0.51 20.24 -21.95
CA GLU E 224 -0.78 20.68 -22.47
C GLU E 224 -1.88 19.69 -22.08
N SER E 225 -1.57 18.40 -22.12
CA SER E 225 -2.55 17.32 -22.04
C SER E 225 -3.65 17.45 -20.98
N ALA E 226 -3.26 17.47 -19.71
CA ALA E 226 -4.24 17.62 -18.61
C ALA E 226 -4.59 19.08 -18.37
N GLY E 227 -3.70 19.97 -18.83
CA GLY E 227 -3.90 21.41 -18.73
C GLY E 227 -2.95 22.07 -17.77
N VAL E 228 -1.74 21.52 -17.67
CA VAL E 228 -0.75 22.02 -16.70
C VAL E 228 -0.21 23.39 -17.12
N ILE E 229 0.41 23.50 -18.29
CA ILE E 229 0.91 24.80 -18.76
C ILE E 229 0.26 25.27 -20.09
N GLU E 230 0.57 26.51 -20.47
CA GLU E 230 0.18 27.04 -21.78
C GLU E 230 1.40 27.66 -22.48
N SER E 231 1.30 27.86 -23.79
CA SER E 231 2.32 28.57 -24.56
C SER E 231 1.92 28.81 -26.02
N ARG E 232 2.61 29.77 -26.64
CA ARG E 232 2.39 30.16 -28.02
C ARG E 232 3.66 29.82 -28.80
N SER E 233 3.58 28.87 -29.74
CA SER E 233 4.77 28.45 -30.53
C SER E 233 4.62 28.78 -32.01
N LEU E 234 5.67 29.39 -32.59
CA LEU E 234 5.69 29.78 -34.01
C LEU E 234 7.09 29.65 -34.64
N GLY E 235 7.38 30.51 -35.62
CA GLY E 235 8.65 30.50 -36.33
C GLY E 235 9.24 31.86 -36.69
N MET E 236 10.08 32.38 -35.79
CA MET E 236 10.94 33.56 -36.01
C MET E 236 12.16 33.53 -35.07
N LYS E 237 11.91 33.28 -33.78
CA LYS E 237 12.95 33.16 -32.75
C LYS E 237 12.57 32.09 -31.71
N GLY E 238 11.70 31.16 -32.12
CA GLY E 238 11.31 30.03 -31.30
C GLY E 238 9.85 29.99 -30.88
N THR E 239 9.60 30.34 -29.62
CA THR E 239 8.30 30.13 -28.98
C THR E 239 8.09 30.99 -27.73
N TYR E 240 6.87 31.48 -27.54
CA TYR E 240 6.51 32.27 -26.36
C TYR E 240 6.05 31.40 -25.20
N ILE E 241 6.57 31.68 -24.01
CA ILE E 241 6.38 30.83 -22.84
C ILE E 241 5.70 31.55 -21.66
N LYS E 242 4.63 30.94 -21.15
CA LYS E 242 3.94 31.36 -19.93
C LYS E 242 3.18 30.17 -19.34
N VAL E 243 3.46 29.82 -18.09
CA VAL E 243 2.80 28.64 -17.47
C VAL E 243 1.37 28.96 -16.97
N LEU E 244 0.56 27.93 -16.74
CA LEU E 244 -0.79 28.11 -16.17
C LEU E 244 -0.81 27.80 -14.66
N ASN E 245 -0.24 26.65 -14.28
CA ASN E 245 -0.38 26.13 -12.92
C ASN E 245 0.11 27.06 -11.81
N ASN E 246 -0.74 27.24 -10.80
CA ASN E 246 -0.44 28.14 -9.67
C ASN E 246 0.57 27.61 -8.63
N LYS E 247 1.39 26.65 -9.05
CA LYS E 247 2.49 26.09 -8.25
C LYS E 247 3.31 25.11 -9.10
N PHE E 248 3.96 25.63 -10.15
CA PHE E 248 4.66 24.77 -11.11
C PHE E 248 6.16 24.62 -10.87
N LEU E 249 6.87 25.75 -10.84
CA LEU E 249 8.34 25.76 -10.76
C LEU E 249 8.93 25.73 -9.34
N ILE E 250 8.06 25.78 -8.33
CA ILE E 250 8.44 25.59 -6.92
C ILE E 250 8.58 24.09 -6.67
N GLU E 251 7.84 23.31 -7.45
CA GLU E 251 7.96 21.85 -7.47
C GLU E 251 8.74 21.37 -8.71
N LEU E 252 9.16 22.32 -9.55
CA LEU E 252 10.11 22.04 -10.63
C LEU E 252 11.50 22.44 -10.15
N GLU E 253 11.54 22.97 -8.93
CA GLU E 253 12.80 23.27 -8.25
C GLU E 253 12.97 22.46 -6.94
N ASN E 254 12.05 21.51 -6.70
CA ASN E 254 12.21 20.47 -5.67
C ASN E 254 13.00 19.27 -6.24
N LEU E 255 13.34 19.37 -7.52
CA LEU E 255 14.15 18.39 -8.24
C LEU E 255 15.63 18.59 -7.89
N LYS E 256 16.42 18.87 -8.92
CA LYS E 256 17.83 19.23 -8.78
C LYS E 256 18.76 18.09 -8.30
N SER E 257 19.39 17.45 -9.28
CA SER E 257 20.56 16.57 -9.08
C SER E 257 21.46 16.51 -10.33
N ALA F 1 -34.50 29.87 30.86
CA ALA F 1 -33.95 28.55 30.52
C ALA F 1 -34.12 28.13 29.04
N LEU F 2 -34.34 29.13 28.17
CA LEU F 2 -34.52 28.94 26.73
C LEU F 2 -33.18 28.75 26.02
N LEU F 3 -32.25 29.65 26.29
CA LEU F 3 -30.91 29.65 25.71
C LEU F 3 -29.99 28.57 26.26
N GLN F 4 -30.11 28.28 27.55
CA GLN F 4 -29.33 27.23 28.19
C GLN F 4 -29.81 25.84 27.74
N LYS F 5 -30.56 25.86 26.63
CA LYS F 5 -30.94 24.66 25.89
C LYS F 5 -30.34 24.73 24.46
N THR F 6 -29.90 25.93 24.04
CA THR F 6 -29.18 26.12 22.75
C THR F 6 -27.78 25.49 22.79
N ARG F 7 -27.41 24.97 23.96
CA ARG F 7 -26.15 24.30 24.16
C ARG F 7 -26.36 22.79 24.33
N ILE F 8 -27.61 22.35 24.22
CA ILE F 8 -27.92 20.95 23.95
C ILE F 8 -28.01 20.82 22.44
N ILE F 9 -27.86 21.97 21.76
CA ILE F 9 -27.70 22.04 20.30
C ILE F 9 -26.34 22.71 19.98
N ASN F 10 -25.38 22.43 20.86
CA ASN F 10 -23.94 22.65 20.65
C ASN F 10 -23.20 21.31 20.73
N SER F 11 -23.80 20.37 21.48
CA SER F 11 -23.43 18.94 21.44
C SER F 11 -24.06 18.31 20.20
N MET F 12 -24.78 19.15 19.45
CA MET F 12 -25.20 18.85 18.10
C MET F 12 -24.03 19.16 17.17
N LEU F 13 -23.22 20.14 17.56
CA LEU F 13 -22.03 20.52 16.79
C LEU F 13 -20.85 19.58 17.04
N GLN F 14 -21.12 18.29 16.87
CA GLN F 14 -20.10 17.32 16.53
C GLN F 14 -19.94 17.44 15.01
N ALA F 15 -21.08 17.45 14.30
CA ALA F 15 -21.17 17.66 12.85
C ALA F 15 -20.89 16.42 11.96
N ALA F 16 -20.22 15.44 12.56
CA ALA F 16 -19.82 14.17 11.95
C ALA F 16 -18.72 13.57 12.84
N ALA F 17 -17.56 14.24 12.84
CA ALA F 17 -16.38 13.85 13.62
C ALA F 17 -15.91 12.43 13.31
N GLY F 18 -16.02 12.05 12.04
CA GLY F 18 -15.72 10.69 11.59
C GLY F 18 -16.97 9.83 11.59
N LYS F 19 -17.98 10.29 12.31
CA LYS F 19 -19.24 9.57 12.49
C LYS F 19 -20.21 9.98 11.37
N PRO F 20 -20.84 8.98 10.71
CA PRO F 20 -21.67 9.22 9.52
C PRO F 20 -23.04 9.86 9.79
N VAL F 21 -23.11 10.71 10.81
CA VAL F 21 -24.24 11.62 11.05
C VAL F 21 -25.65 11.00 10.97
N ASN F 22 -26.17 10.47 12.08
CA ASN F 22 -27.57 10.00 12.09
C ASN F 22 -28.54 11.15 12.32
N PHE F 23 -29.65 11.12 11.57
CA PHE F 23 -30.63 12.18 11.57
C PHE F 23 -31.52 12.13 12.80
N LYS F 24 -31.97 10.92 13.14
CA LYS F 24 -32.89 10.73 14.26
C LYS F 24 -32.21 11.01 15.59
N GLU F 25 -31.01 10.44 15.81
CA GLU F 25 -30.19 10.74 17.00
C GLU F 25 -30.18 12.25 17.25
N MET F 26 -29.79 12.99 16.22
CA MET F 26 -29.72 14.46 16.26
C MET F 26 -31.09 15.12 16.30
N ALA F 27 -32.10 14.42 15.80
CA ALA F 27 -33.48 14.91 15.85
C ALA F 27 -34.16 14.50 17.16
N GLU F 28 -33.85 13.28 17.63
CA GLU F 28 -34.44 12.74 18.85
C GLU F 28 -34.07 13.57 20.05
N THR F 29 -32.83 14.06 20.06
CA THR F 29 -32.35 14.90 21.14
C THR F 29 -32.78 16.36 20.96
N LEU F 30 -33.49 16.63 19.87
CA LEU F 30 -34.17 17.93 19.69
C LEU F 30 -35.58 17.86 20.25
N ARG F 31 -36.20 16.70 20.12
CA ARG F 31 -37.49 16.40 20.74
C ARG F 31 -37.31 16.20 22.26
N ASP F 32 -36.25 15.48 22.64
CA ASP F 32 -35.79 15.36 24.05
C ASP F 32 -35.63 16.77 24.65
N VAL F 33 -35.73 17.80 23.79
CA VAL F 33 -35.39 19.19 24.12
C VAL F 33 -36.51 20.21 23.85
N ILE F 34 -37.03 20.21 22.62
CA ILE F 34 -38.05 21.19 22.20
C ILE F 34 -39.50 20.67 22.39
N ASP F 35 -39.61 19.36 22.63
CA ASP F 35 -40.89 18.63 22.78
C ASP F 35 -41.89 18.80 21.62
N SER F 36 -41.85 17.83 20.70
CA SER F 36 -42.75 17.79 19.54
C SER F 36 -42.79 16.37 18.97
N ASN F 37 -43.52 16.19 17.89
CA ASN F 37 -43.43 14.99 17.08
C ASN F 37 -42.71 15.31 15.77
N ILE F 38 -41.41 14.99 15.74
CA ILE F 38 -40.53 15.41 14.67
C ILE F 38 -40.67 14.51 13.45
N PHE F 39 -40.63 15.11 12.25
CA PHE F 39 -40.56 14.38 10.97
C PHE F 39 -39.69 15.17 9.99
N VAL F 40 -38.92 14.50 9.13
CA VAL F 40 -38.05 15.21 8.18
C VAL F 40 -37.86 14.50 6.82
N VAL F 41 -37.98 15.28 5.75
CA VAL F 41 -37.80 14.80 4.37
C VAL F 41 -36.81 15.68 3.61
N SER F 42 -35.85 15.04 2.94
CA SER F 42 -34.83 15.76 2.18
C SER F 42 -35.42 16.35 0.88
N ARG F 43 -34.74 16.10 -0.23
CA ARG F 43 -35.27 16.43 -1.54
C ARG F 43 -36.43 15.45 -1.85
N ARG F 44 -36.13 14.28 -2.41
CA ARG F 44 -37.16 13.40 -2.99
C ARG F 44 -37.75 12.37 -2.03
N GLY F 45 -38.67 12.84 -1.18
CA GLY F 45 -39.56 11.97 -0.42
C GLY F 45 -38.94 11.18 0.71
N LYS F 46 -37.73 10.67 0.47
CA LYS F 46 -37.06 9.78 1.41
C LYS F 46 -36.95 10.39 2.81
N LEU F 47 -37.65 9.76 3.76
CA LEU F 47 -37.71 10.17 5.16
C LEU F 47 -36.36 10.09 5.85
N LEU F 48 -35.89 11.23 6.32
CA LEU F 48 -34.63 11.30 7.01
C LEU F 48 -34.76 10.69 8.40
N GLY F 49 -35.50 11.38 9.28
CA GLY F 49 -35.70 10.93 10.66
C GLY F 49 -37.06 11.27 11.25
N TYR F 50 -37.35 10.69 12.41
CA TYR F 50 -38.66 10.88 13.08
C TYR F 50 -38.66 10.71 14.64
N SER F 51 -39.40 11.59 15.32
CA SER F 51 -39.61 11.51 16.77
C SER F 51 -41.10 11.50 17.16
N ILE F 52 -41.44 10.66 18.14
CA ILE F 52 -42.82 10.52 18.63
C ILE F 52 -42.97 10.55 20.16
N ASN F 53 -43.43 11.69 20.68
CA ASN F 53 -43.77 11.85 22.10
C ASN F 53 -45.12 12.54 22.35
N GLN F 54 -46.03 12.48 21.37
CA GLN F 54 -47.47 12.74 21.53
C GLN F 54 -48.27 12.11 20.38
N GLN F 55 -48.58 10.83 20.56
CA GLN F 55 -48.84 9.85 19.48
C GLN F 55 -49.67 10.21 18.21
N ILE F 56 -49.52 9.34 17.20
CA ILE F 56 -50.09 9.51 15.84
C ILE F 56 -51.37 8.68 15.53
N GLU F 57 -52.50 9.38 15.52
CA GLU F 57 -53.77 8.83 15.05
C GLU F 57 -54.10 9.49 13.71
N ASN F 58 -53.44 8.97 12.68
CA ASN F 58 -53.53 9.43 11.30
C ASN F 58 -52.69 8.50 10.41
N ASP F 59 -53.28 8.05 9.29
CA ASP F 59 -52.59 7.13 8.37
C ASP F 59 -52.27 7.74 7.00
N ARG F 60 -51.58 8.87 7.07
CA ARG F 60 -50.56 9.26 6.11
C ARG F 60 -49.37 9.63 6.98
N MET F 61 -49.65 9.92 8.26
CA MET F 61 -48.64 9.98 9.32
C MET F 61 -48.51 8.60 9.97
N LYS F 62 -48.78 7.59 9.17
CA LYS F 62 -48.49 6.19 9.47
C LYS F 62 -48.25 5.53 8.10
N LYS F 63 -48.80 6.15 7.06
CA LYS F 63 -48.45 5.82 5.67
C LYS F 63 -47.25 6.70 5.29
N MET F 64 -46.56 7.19 6.32
CA MET F 64 -45.21 7.74 6.21
C MET F 64 -44.27 6.69 6.82
N LEU F 65 -44.79 5.91 7.76
CA LEU F 65 -44.06 4.81 8.41
C LEU F 65 -44.21 3.52 7.59
N GLU F 66 -45.45 3.09 7.37
CA GLU F 66 -45.74 1.90 6.54
C GLU F 66 -45.31 2.15 5.10
N ASP F 67 -44.70 3.31 4.90
CA ASP F 67 -44.02 3.64 3.67
C ASP F 67 -42.54 3.87 3.96
N ARG F 68 -42.26 4.52 5.10
CA ARG F 68 -40.95 5.11 5.42
C ARG F 68 -40.46 6.02 4.29
N GLN F 69 -41.41 6.54 3.52
CA GLN F 69 -41.18 7.25 2.28
C GLN F 69 -42.36 8.18 2.02
N PHE F 70 -42.22 9.03 1.01
CA PHE F 70 -43.29 9.92 0.55
C PHE F 70 -43.57 9.67 -0.95
N PRO F 71 -44.71 10.18 -1.49
CA PRO F 71 -45.07 9.79 -2.85
C PRO F 71 -44.52 10.74 -3.93
N GLU F 72 -45.39 11.52 -4.58
CA GLU F 72 -44.99 12.47 -5.63
C GLU F 72 -45.68 13.81 -5.40
N GLU F 73 -46.80 13.75 -4.68
CA GLU F 73 -47.72 14.87 -4.47
C GLU F 73 -47.27 15.80 -3.34
N TYR F 74 -47.23 15.27 -2.13
CA TYR F 74 -46.75 16.01 -0.98
C TYR F 74 -45.30 16.35 -1.27
N THR F 75 -44.53 15.30 -1.55
CA THR F 75 -43.13 15.36 -1.95
C THR F 75 -42.69 16.67 -2.60
N LYS F 76 -43.34 17.02 -3.71
CA LYS F 76 -43.02 18.23 -4.44
C LYS F 76 -43.59 19.47 -3.75
N ASN F 77 -44.83 19.37 -3.26
CA ASN F 77 -45.52 20.51 -2.66
C ASN F 77 -44.79 21.05 -1.43
N LEU F 78 -43.68 20.40 -1.09
CA LEU F 78 -42.84 20.82 0.02
C LEU F 78 -41.63 21.66 -0.44
N PHE F 79 -41.52 21.90 -1.74
CA PHE F 79 -40.76 23.06 -2.19
C PHE F 79 -41.71 24.25 -2.24
N ASN F 80 -42.99 23.95 -2.45
CA ASN F 80 -44.03 24.97 -2.54
C ASN F 80 -44.39 25.62 -1.20
N VAL F 81 -43.83 25.07 -0.12
CA VAL F 81 -43.93 25.63 1.23
C VAL F 81 -42.57 26.25 1.62
N PRO F 82 -42.12 27.30 0.89
CA PRO F 82 -40.73 27.70 1.00
C PRO F 82 -40.41 28.69 2.13
N GLU F 83 -41.42 29.04 2.93
CA GLU F 83 -41.23 30.01 4.02
C GLU F 83 -42.11 29.85 5.29
N THR F 84 -41.75 28.88 6.12
CA THR F 84 -42.17 28.80 7.53
C THR F 84 -43.68 28.64 7.83
N SER F 85 -44.01 27.61 8.61
CA SER F 85 -45.33 27.43 9.22
C SER F 85 -45.29 27.90 10.67
N SER F 86 -46.18 28.81 11.01
CA SER F 86 -46.26 29.37 12.36
C SER F 86 -47.51 28.90 13.11
N ASN F 87 -47.56 27.59 13.41
CA ASN F 87 -48.65 26.94 14.18
C ASN F 87 -49.82 26.37 13.34
N LEU F 88 -49.55 25.41 12.46
CA LEU F 88 -50.61 24.86 11.59
C LEU F 88 -51.13 23.48 12.00
N ASP F 89 -52.41 23.23 11.74
CA ASP F 89 -53.10 22.03 12.24
C ASP F 89 -53.85 21.20 11.18
N ILE F 90 -54.93 20.53 11.60
CA ILE F 90 -55.75 19.65 10.74
C ILE F 90 -56.68 20.41 9.78
N ASN F 91 -57.42 21.38 10.31
CA ASN F 91 -58.32 22.24 9.52
C ASN F 91 -57.58 23.47 8.98
N SER F 92 -57.05 23.37 7.76
CA SER F 92 -56.32 24.47 7.13
C SER F 92 -56.75 24.72 5.69
N GLU F 93 -56.62 25.98 5.27
CA GLU F 93 -57.03 26.42 3.94
C GLU F 93 -56.04 27.45 3.41
N TYR F 94 -55.13 27.88 4.27
CA TYR F 94 -54.15 28.93 3.96
C TYR F 94 -53.16 28.52 2.86
N THR F 95 -52.32 29.48 2.45
CA THR F 95 -51.39 29.33 1.32
C THR F 95 -50.44 28.12 1.47
N ALA F 96 -50.89 26.99 0.94
CA ALA F 96 -50.16 25.71 1.06
C ALA F 96 -50.75 24.55 0.24
N PHE F 97 -51.73 23.86 0.83
CA PHE F 97 -52.19 22.54 0.35
C PHE F 97 -53.63 22.53 -0.21
N PRO F 98 -53.94 21.58 -1.12
CA PRO F 98 -55.29 21.31 -1.63
C PRO F 98 -56.04 20.16 -0.92
N VAL F 99 -57.35 20.08 -1.17
CA VAL F 99 -58.33 19.21 -0.47
C VAL F 99 -57.93 17.76 -0.11
N GLU F 100 -57.26 17.08 -1.05
CA GLU F 100 -56.96 15.65 -0.92
C GLU F 100 -55.80 15.32 0.04
N ASN F 101 -55.27 16.34 0.72
CA ASN F 101 -54.00 16.22 1.41
C ASN F 101 -53.98 16.45 2.93
N ARG F 102 -55.16 16.75 3.52
CA ARG F 102 -55.28 17.02 4.97
C ARG F 102 -54.70 15.91 5.86
N ASP F 103 -54.44 14.76 5.25
CA ASP F 103 -53.91 13.56 5.90
C ASP F 103 -52.49 13.73 6.43
N LEU F 104 -51.78 14.76 5.96
CA LEU F 104 -50.44 15.05 6.41
C LEU F 104 -50.45 16.19 7.42
N PHE F 105 -51.59 16.36 8.08
CA PHE F 105 -51.83 17.43 9.06
C PHE F 105 -52.68 16.94 10.27
N GLN F 106 -52.82 15.62 10.40
CA GLN F 106 -53.87 15.02 11.25
C GLN F 106 -53.39 14.14 12.46
N ALA F 107 -52.20 14.44 12.99
CA ALA F 107 -51.76 13.84 14.25
C ALA F 107 -51.99 14.82 15.41
N GLY F 108 -52.41 16.04 15.04
CA GLY F 108 -52.76 17.12 15.96
C GLY F 108 -52.65 18.50 15.35
N LEU F 109 -51.44 18.85 14.91
CA LEU F 109 -51.08 20.21 14.46
C LEU F 109 -49.67 20.23 13.79
N THR F 110 -49.63 20.04 12.47
CA THR F 110 -48.36 19.92 11.71
C THR F 110 -47.69 21.27 11.41
N THR F 111 -46.38 21.36 11.67
CA THR F 111 -45.63 22.62 11.48
C THR F 111 -44.35 22.47 10.65
N ILE F 112 -44.16 23.42 9.71
CA ILE F 112 -43.23 23.32 8.55
C ILE F 112 -42.20 24.48 8.45
N VAL F 113 -40.90 24.17 8.30
CA VAL F 113 -39.82 25.19 8.26
C VAL F 113 -38.61 24.80 7.37
N PRO F 114 -38.07 25.77 6.57
CA PRO F 114 -37.00 25.58 5.56
C PRO F 114 -35.52 25.40 6.03
N ILE F 115 -34.89 24.30 5.60
CA ILE F 115 -33.45 24.05 5.84
C ILE F 115 -32.59 24.25 4.56
N ILE F 116 -31.83 25.36 4.54
CA ILE F 116 -31.00 25.69 3.40
C ILE F 116 -29.56 25.22 3.58
N GLY F 117 -29.14 24.33 2.67
CA GLY F 117 -27.78 23.76 2.64
C GLY F 117 -27.16 23.75 1.25
N GLY F 118 -26.01 24.43 1.13
CA GLY F 118 -25.37 24.70 -0.16
C GLY F 118 -26.11 25.78 -0.92
N GLY F 119 -27.01 26.49 -0.24
CA GLY F 119 -27.93 27.43 -0.87
C GLY F 119 -29.03 26.65 -1.57
N GLU F 120 -29.42 25.53 -0.97
CA GLU F 120 -30.32 24.56 -1.58
C GLU F 120 -31.13 23.84 -0.49
N ARG F 121 -32.44 23.73 -0.70
CA ARG F 121 -33.36 23.13 0.29
C ARG F 121 -33.07 21.66 0.60
N LEU F 122 -32.13 21.44 1.52
CA LEU F 122 -31.78 20.10 1.96
C LEU F 122 -32.92 19.41 2.69
N GLY F 123 -34.02 20.13 2.86
CA GLY F 123 -35.23 19.60 3.45
C GLY F 123 -35.96 20.55 4.37
N THR F 124 -36.91 19.99 5.12
CA THR F 124 -37.75 20.74 6.03
C THR F 124 -38.29 19.81 7.10
N LEU F 125 -38.40 20.34 8.31
CA LEU F 125 -38.89 19.56 9.44
C LEU F 125 -40.42 19.58 9.48
N ILE F 126 -41.00 18.59 10.19
CA ILE F 126 -42.45 18.51 10.47
C ILE F 126 -42.70 18.17 11.97
N LEU F 127 -43.31 19.11 12.69
CA LEU F 127 -43.61 18.93 14.13
C LEU F 127 -45.10 18.95 14.34
N SER F 128 -45.60 17.99 15.11
CA SER F 128 -47.03 17.89 15.41
C SER F 128 -47.34 17.72 16.90
N ARG F 129 -47.91 18.77 17.50
CA ARG F 129 -48.36 18.77 18.89
C ARG F 129 -49.88 18.57 18.98
N LEU F 130 -50.30 17.67 19.87
CA LEU F 130 -51.69 17.15 19.99
C LEU F 130 -52.82 18.18 19.83
N GLN F 131 -53.19 18.82 20.95
CA GLN F 131 -53.88 20.11 20.95
C GLN F 131 -53.05 21.11 21.77
N ASP F 132 -51.90 20.62 22.25
CA ASP F 132 -50.83 21.41 22.81
C ASP F 132 -50.20 22.15 21.63
N GLN F 133 -49.76 23.38 21.83
CA GLN F 133 -49.40 24.24 20.68
C GLN F 133 -48.05 25.00 20.81
N PHE F 134 -47.76 25.88 19.84
CA PHE F 134 -46.43 26.54 19.73
C PHE F 134 -46.44 28.03 20.02
N ASN F 135 -45.42 28.49 20.75
CA ASN F 135 -45.14 29.91 20.93
C ASN F 135 -44.33 30.44 19.74
N ASP F 136 -43.79 31.66 19.88
CA ASP F 136 -42.76 32.13 18.96
C ASP F 136 -41.42 31.65 19.48
N ASP F 137 -41.28 31.68 20.80
CA ASP F 137 -40.09 31.14 21.47
C ASP F 137 -40.08 29.60 21.51
N ASP F 138 -41.15 28.99 20.99
CA ASP F 138 -41.20 27.55 20.74
C ASP F 138 -40.49 27.29 19.42
N LEU F 139 -40.41 28.34 18.61
CA LEU F 139 -39.74 28.30 17.33
C LEU F 139 -38.40 29.01 17.41
N ILE F 140 -37.76 28.93 18.57
CA ILE F 140 -36.40 29.45 18.73
C ILE F 140 -35.36 28.38 18.40
N LEU F 141 -35.41 27.26 19.11
CA LEU F 141 -34.44 26.19 18.92
C LEU F 141 -34.69 25.44 17.63
N ALA F 142 -35.89 25.64 17.08
CA ALA F 142 -36.25 25.11 15.77
C ALA F 142 -35.67 25.96 14.63
N GLU F 143 -35.44 27.25 14.88
CA GLU F 143 -34.69 28.10 13.95
C GLU F 143 -33.40 28.76 14.53
N TYR F 144 -32.62 27.93 15.21
CA TYR F 144 -31.16 27.98 15.23
C TYR F 144 -30.78 26.55 14.95
N GLY F 145 -31.45 25.63 15.65
CA GLY F 145 -31.36 24.20 15.41
C GLY F 145 -32.22 23.80 14.23
N ALA F 146 -32.35 22.47 14.03
CA ALA F 146 -32.91 21.87 12.79
C ALA F 146 -32.16 22.33 11.52
N THR F 147 -31.58 23.53 11.66
CA THR F 147 -30.81 24.24 10.66
C THR F 147 -29.31 24.05 10.94
N VAL F 148 -29.01 23.46 12.10
CA VAL F 148 -27.68 22.91 12.38
C VAL F 148 -27.74 21.38 12.34
N VAL F 149 -28.75 20.86 11.65
CA VAL F 149 -28.84 19.45 11.25
C VAL F 149 -28.62 19.42 9.75
N GLY F 150 -28.95 20.55 9.12
CA GLY F 150 -28.63 20.83 7.72
C GLY F 150 -27.13 20.82 7.46
N MET F 151 -26.41 21.77 8.07
CA MET F 151 -24.94 21.76 8.07
C MET F 151 -24.41 20.34 8.08
N GLU F 152 -25.21 19.44 8.63
CA GLU F 152 -24.83 18.04 8.77
C GLU F 152 -25.02 17.24 7.49
N ILE F 153 -26.17 17.39 6.84
CA ILE F 153 -26.41 16.72 5.55
C ILE F 153 -25.41 17.18 4.46
N LEU F 154 -24.51 18.09 4.84
CA LEU F 154 -23.39 18.54 4.01
C LEU F 154 -22.14 17.74 4.39
N ARG F 155 -21.75 17.83 5.66
CA ARG F 155 -20.63 17.06 6.20
C ARG F 155 -20.77 15.55 5.91
N GLU F 156 -21.86 15.17 5.25
CA GLU F 156 -22.09 13.78 4.84
C GLU F 156 -22.36 13.66 3.35
N LYS F 157 -23.55 14.03 2.90
CA LYS F 157 -23.95 13.77 1.50
C LYS F 157 -23.06 14.55 0.52
N ALA F 158 -22.01 15.17 1.08
CA ALA F 158 -20.88 15.68 0.31
C ALA F 158 -19.64 14.80 0.53
N GLU F 159 -19.30 14.53 1.80
CA GLU F 159 -18.23 13.59 2.15
C GLU F 159 -18.45 12.24 1.46
N GLU F 160 -19.63 12.09 0.86
CA GLU F 160 -20.00 10.91 0.11
C GLU F 160 -19.16 10.77 -1.16
N ILE F 161 -18.66 11.89 -1.68
CA ILE F 161 -17.81 11.84 -2.87
C ILE F 161 -16.35 12.22 -2.64
N GLU F 162 -16.09 13.11 -1.69
CA GLU F 162 -14.73 13.49 -1.32
C GLU F 162 -13.85 12.23 -1.23
N GLU F 163 -14.52 11.12 -0.95
CA GLU F 163 -13.90 9.80 -0.86
C GLU F 163 -14.04 9.00 -2.17
N GLU F 164 -15.25 8.89 -2.70
CA GLU F 164 -15.55 8.09 -3.91
C GLU F 164 -14.64 8.38 -5.10
N ALA F 165 -14.80 9.59 -5.66
CA ALA F 165 -14.02 10.03 -6.80
C ALA F 165 -12.52 9.91 -6.51
N ARG F 166 -12.06 10.48 -5.39
CA ARG F 166 -10.68 10.32 -5.00
C ARG F 166 -10.30 8.85 -5.01
N SER F 167 -11.21 7.99 -4.57
CA SER F 167 -10.96 6.55 -4.59
C SER F 167 -10.72 6.05 -6.01
N LYS F 168 -11.57 6.47 -6.94
CA LYS F 168 -11.30 6.25 -8.35
C LYS F 168 -9.98 6.90 -8.72
N ALA F 169 -9.81 8.15 -8.29
CA ALA F 169 -8.63 8.97 -8.62
C ALA F 169 -7.35 8.37 -8.07
N VAL F 170 -7.41 7.80 -6.86
CA VAL F 170 -6.27 7.10 -6.25
C VAL F 170 -5.86 5.91 -7.12
N VAL F 171 -6.85 5.17 -7.62
CA VAL F 171 -6.64 4.01 -8.50
C VAL F 171 -6.24 4.41 -9.91
N GLN F 172 -6.82 5.50 -10.40
CA GLN F 172 -6.64 5.91 -11.79
C GLN F 172 -5.26 6.50 -12.04
N MET F 173 -4.75 7.29 -11.10
CA MET F 173 -3.37 7.79 -11.19
C MET F 173 -2.37 6.67 -10.87
N ALA F 174 -2.83 5.67 -10.12
CA ALA F 174 -2.04 4.46 -9.93
C ALA F 174 -1.88 3.71 -11.26
N ILE F 175 -2.94 3.71 -12.09
CA ILE F 175 -2.90 3.04 -13.40
C ILE F 175 -2.03 3.76 -14.42
N SER F 176 -1.87 5.07 -14.26
CA SER F 176 -0.85 5.85 -15.01
C SER F 176 0.56 5.60 -14.44
N SER F 177 0.92 4.32 -14.44
CA SER F 177 2.21 3.80 -14.03
C SER F 177 2.37 2.52 -14.85
N LEU F 178 1.23 1.85 -15.05
CA LEU F 178 1.15 0.60 -15.78
C LEU F 178 1.46 0.75 -17.26
N SER F 179 2.24 -0.20 -17.77
CA SER F 179 2.68 -0.30 -19.17
C SER F 179 2.08 -1.51 -19.92
N TYR F 180 1.78 -1.35 -21.21
CA TYR F 180 1.00 -2.32 -21.99
C TYR F 180 1.06 -3.72 -21.40
N SER F 181 2.27 -4.22 -21.22
CA SER F 181 2.52 -5.53 -20.64
C SER F 181 1.93 -5.69 -19.24
N GLU F 182 2.46 -4.96 -18.26
CA GLU F 182 2.04 -5.09 -16.85
C GLU F 182 0.55 -4.78 -16.64
N LEU F 183 -0.02 -4.09 -17.62
CA LEU F 183 -1.45 -3.93 -17.73
C LEU F 183 -2.04 -5.25 -18.25
N GLU F 184 -1.62 -5.66 -19.45
CA GLU F 184 -2.00 -6.95 -20.06
C GLU F 184 -1.65 -8.11 -19.11
N ALA F 185 -0.94 -7.79 -18.03
CA ALA F 185 -0.81 -8.70 -16.92
C ALA F 185 -2.08 -8.56 -16.10
N ILE F 186 -2.27 -7.41 -15.47
CA ILE F 186 -3.43 -7.18 -14.60
C ILE F 186 -4.74 -7.61 -15.28
N GLU F 187 -4.88 -7.25 -16.57
CA GLU F 187 -6.06 -7.61 -17.41
C GLU F 187 -6.38 -9.10 -17.30
N HIS F 188 -5.41 -9.85 -16.80
CA HIS F 188 -5.54 -11.28 -16.67
C HIS F 188 -5.21 -11.74 -15.26
N ILE F 189 -4.76 -10.82 -14.42
CA ILE F 189 -4.46 -11.15 -13.02
C ILE F 189 -5.76 -11.46 -12.29
N PHE F 190 -6.71 -10.54 -12.41
CA PHE F 190 -7.93 -10.65 -11.64
C PHE F 190 -9.03 -11.42 -12.38
N GLU F 191 -8.79 -11.78 -13.64
CA GLU F 191 -9.75 -12.59 -14.44
C GLU F 191 -9.74 -14.07 -14.00
N GLU F 192 -8.58 -14.72 -14.13
CA GLU F 192 -8.34 -16.05 -13.53
C GLU F 192 -8.24 -15.82 -12.03
N LEU F 193 -9.39 -15.55 -11.42
CA LEU F 193 -9.47 -15.06 -10.05
C LEU F 193 -10.90 -14.58 -9.89
N ASP F 194 -11.56 -15.03 -8.83
CA ASP F 194 -12.90 -14.54 -8.55
C ASP F 194 -12.83 -13.03 -8.37
N GLY F 195 -11.83 -12.61 -7.61
CA GLY F 195 -11.60 -11.20 -7.32
C GLY F 195 -10.65 -11.13 -6.14
N ASN F 196 -11.21 -11.28 -4.93
CA ASN F 196 -10.47 -11.21 -3.67
C ASN F 196 -9.56 -12.43 -3.47
N GLU F 197 -10.09 -13.59 -3.84
CA GLU F 197 -9.50 -14.89 -3.53
C GLU F 197 -8.63 -15.36 -4.70
N GLY F 198 -7.37 -15.70 -4.43
CA GLY F 198 -6.34 -15.80 -5.48
C GLY F 198 -5.48 -17.05 -5.70
N LEU F 199 -5.64 -17.65 -6.87
CA LEU F 199 -4.73 -18.68 -7.41
C LEU F 199 -3.67 -18.00 -8.28
N LEU F 200 -2.87 -17.14 -7.66
CA LEU F 200 -1.89 -16.37 -8.40
C LEU F 200 -0.53 -17.08 -8.43
N VAL F 201 -0.07 -17.30 -9.66
CA VAL F 201 1.05 -18.21 -9.92
C VAL F 201 2.12 -17.55 -10.78
N ALA F 202 3.37 -18.02 -10.63
CA ALA F 202 4.54 -17.54 -11.36
C ALA F 202 4.21 -17.17 -12.81
N SER F 203 4.18 -18.18 -13.67
CA SER F 203 3.74 -18.00 -15.05
C SER F 203 2.73 -19.09 -15.41
N LYS F 204 1.69 -19.20 -14.59
CA LYS F 204 0.53 -19.98 -14.97
C LYS F 204 -0.38 -19.04 -15.74
N ILE F 205 -0.62 -17.86 -15.16
CA ILE F 205 -1.41 -16.82 -15.82
C ILE F 205 -0.52 -15.94 -16.73
N ALA F 206 0.77 -16.30 -16.79
CA ALA F 206 1.71 -15.76 -17.79
C ALA F 206 2.06 -16.81 -18.86
N ASP F 207 1.06 -17.66 -19.17
CA ASP F 207 1.10 -18.72 -20.20
C ASP F 207 0.25 -18.39 -21.45
N ARG F 208 -0.91 -17.78 -21.22
CA ARG F 208 -1.90 -17.55 -22.27
C ARG F 208 -1.55 -16.37 -23.18
N VAL F 209 -1.33 -15.19 -22.58
CA VAL F 209 -1.12 -13.95 -23.35
C VAL F 209 0.37 -13.65 -23.59
N GLY F 210 1.21 -14.67 -23.42
CA GLY F 210 2.65 -14.59 -23.67
C GLY F 210 3.46 -13.94 -22.57
N ILE F 211 2.74 -13.37 -21.60
CA ILE F 211 3.29 -12.49 -20.57
C ILE F 211 4.52 -13.06 -19.86
N THR F 212 5.42 -12.14 -19.48
CA THR F 212 6.61 -12.46 -18.68
C THR F 212 6.28 -12.85 -17.25
N ARG F 213 6.90 -13.92 -16.80
CA ARG F 213 6.92 -14.33 -15.39
C ARG F 213 7.54 -13.24 -14.51
N SER F 214 7.84 -12.12 -15.14
CA SER F 214 8.78 -11.15 -14.62
C SER F 214 8.14 -9.79 -14.35
N VAL F 215 7.30 -9.34 -15.28
CA VAL F 215 6.55 -8.11 -15.10
C VAL F 215 5.33 -8.37 -14.21
N ILE F 216 4.85 -9.62 -14.24
CA ILE F 216 3.91 -10.13 -13.24
C ILE F 216 4.45 -9.77 -11.85
N VAL F 217 5.72 -10.08 -11.62
CA VAL F 217 6.43 -9.73 -10.40
C VAL F 217 6.21 -8.25 -10.03
N ASN F 218 6.28 -7.38 -11.04
CA ASN F 218 6.28 -5.92 -10.83
C ASN F 218 4.90 -5.23 -11.02
N ALA F 219 3.92 -5.95 -11.58
CA ALA F 219 2.58 -5.40 -11.89
C ALA F 219 1.67 -5.38 -10.67
N LEU F 220 2.07 -6.15 -9.66
CA LEU F 220 1.43 -6.16 -8.33
C LEU F 220 2.37 -5.55 -7.29
N ARG F 221 3.39 -4.85 -7.78
CA ARG F 221 4.30 -4.06 -6.96
C ARG F 221 4.42 -2.64 -7.51
N LYS F 222 3.87 -2.45 -8.70
CA LYS F 222 3.56 -1.11 -9.21
C LYS F 222 2.15 -0.77 -8.71
N LEU F 223 1.30 -1.79 -8.66
CA LEU F 223 -0.04 -1.68 -8.10
C LEU F 223 0.05 -1.57 -6.59
N GLU F 224 0.94 -2.38 -6.00
CA GLU F 224 1.01 -2.57 -4.55
C GLU F 224 1.15 -1.26 -3.79
N SER F 225 2.34 -0.67 -3.82
CA SER F 225 2.60 0.55 -3.06
C SER F 225 1.76 1.75 -3.58
N ALA F 226 0.51 1.78 -3.12
CA ALA F 226 -0.48 2.80 -3.44
C ALA F 226 -1.69 2.71 -2.48
N GLY F 227 -1.83 1.57 -1.80
CA GLY F 227 -2.93 1.35 -0.87
C GLY F 227 -4.13 0.75 -1.56
N VAL F 228 -3.86 -0.32 -2.30
CA VAL F 228 -4.89 -1.03 -3.05
C VAL F 228 -4.82 -2.52 -2.73
N ILE F 229 -3.60 -3.04 -2.62
CA ILE F 229 -3.36 -4.48 -2.40
C ILE F 229 -2.07 -4.76 -1.57
N GLU F 230 -1.46 -5.94 -1.76
CA GLU F 230 -0.17 -6.36 -1.14
C GLU F 230 0.33 -7.76 -1.63
N SER F 231 1.47 -7.82 -2.33
CA SER F 231 1.93 -9.04 -3.08
C SER F 231 2.70 -10.15 -2.31
N ARG F 232 1.96 -11.09 -1.73
CA ARG F 232 2.46 -12.01 -0.70
C ARG F 232 2.96 -13.37 -1.22
N SER F 233 4.27 -13.55 -1.25
CA SER F 233 4.94 -14.80 -1.69
C SER F 233 4.55 -16.06 -0.88
N LEU F 234 4.51 -17.21 -1.56
CA LEU F 234 4.02 -18.47 -0.96
C LEU F 234 4.64 -19.78 -1.52
N GLY F 235 4.76 -19.86 -2.85
CA GLY F 235 5.42 -21.00 -3.51
C GLY F 235 6.90 -20.72 -3.67
N MET F 236 7.26 -20.08 -4.78
CA MET F 236 8.55 -19.39 -4.90
C MET F 236 8.39 -18.07 -5.67
N LYS F 237 7.34 -17.96 -6.48
CA LYS F 237 7.03 -16.73 -7.24
C LYS F 237 5.54 -16.32 -7.22
N GLY F 238 4.63 -17.29 -7.07
CA GLY F 238 3.18 -17.04 -6.99
C GLY F 238 2.75 -16.32 -5.72
N THR F 239 1.46 -16.00 -5.58
CA THR F 239 1.01 -15.15 -4.46
C THR F 239 -0.49 -15.17 -4.07
N TYR F 240 -0.80 -14.54 -2.94
CA TYR F 240 -2.18 -14.30 -2.46
C TYR F 240 -2.40 -12.90 -1.85
N ILE F 241 -3.33 -12.16 -2.44
CA ILE F 241 -3.56 -10.74 -2.15
C ILE F 241 -4.83 -10.46 -1.33
N LYS F 242 -5.34 -9.23 -1.47
CA LYS F 242 -6.56 -8.72 -0.84
C LYS F 242 -6.73 -7.26 -1.31
N VAL F 243 -7.95 -6.91 -1.74
CA VAL F 243 -8.20 -5.57 -2.30
C VAL F 243 -8.64 -4.57 -1.22
N LEU F 244 -8.23 -3.32 -1.38
CA LEU F 244 -8.46 -2.28 -0.35
C LEU F 244 -9.49 -1.18 -0.75
N ASN F 245 -9.57 -0.87 -2.05
CA ASN F 245 -10.53 0.14 -2.57
C ASN F 245 -11.62 -0.42 -3.49
N ASN F 246 -12.88 -0.09 -3.17
CA ASN F 246 -14.05 -0.56 -3.91
C ASN F 246 -13.97 -0.28 -5.41
N LYS F 247 -13.77 1.00 -5.73
CA LYS F 247 -13.92 1.53 -7.07
C LYS F 247 -12.71 1.19 -7.96
N PHE F 248 -12.18 -0.01 -7.74
CA PHE F 248 -10.94 -0.46 -8.36
C PHE F 248 -11.18 -1.30 -9.61
N LEU F 249 -11.99 -2.35 -9.48
CA LEU F 249 -12.24 -3.28 -10.57
C LEU F 249 -13.50 -2.94 -11.36
N ILE F 250 -14.47 -2.34 -10.67
CA ILE F 250 -15.71 -1.85 -11.27
C ILE F 250 -15.37 -0.77 -12.31
N GLU F 251 -14.41 0.09 -11.97
CA GLU F 251 -13.93 1.13 -12.87
C GLU F 251 -13.18 0.50 -14.05
N LEU F 252 -12.29 -0.44 -13.73
CA LEU F 252 -11.55 -1.16 -14.76
C LEU F 252 -12.47 -2.09 -15.55
N GLU F 253 -13.16 -1.47 -16.50
CA GLU F 253 -14.23 -2.07 -17.26
C GLU F 253 -14.62 -1.10 -18.39
N ASN F 254 -15.12 0.08 -18.00
CA ASN F 254 -15.68 1.08 -18.92
C ASN F 254 -14.66 2.09 -19.43
N LEU F 255 -13.86 1.67 -20.42
CA LEU F 255 -12.82 2.51 -21.01
C LEU F 255 -12.59 2.23 -22.50
N LYS F 256 -12.22 3.26 -23.26
CA LYS F 256 -11.93 3.14 -24.70
C LYS F 256 -10.64 2.36 -25.01
N SER F 257 -9.50 3.07 -24.89
CA SER F 257 -8.15 2.57 -25.25
C SER F 257 -8.07 1.88 -26.62
N ALA G 1 30.13 -1.06 -46.42
CA ALA G 1 28.95 -0.21 -46.64
C ALA G 1 27.82 -0.56 -45.65
N LEU G 2 28.10 -1.51 -44.76
CA LEU G 2 27.28 -1.79 -43.57
C LEU G 2 27.67 -0.83 -42.43
N LEU G 3 28.68 0.01 -42.70
CA LEU G 3 28.95 1.22 -41.92
C LEU G 3 27.69 2.10 -42.04
N GLN G 4 26.82 1.73 -42.98
CA GLN G 4 25.49 2.30 -43.13
C GLN G 4 24.40 1.23 -43.04
N LYS G 5 24.61 0.23 -42.17
CA LYS G 5 23.60 -0.79 -41.86
C LYS G 5 23.54 -1.09 -40.35
N THR G 6 24.26 -0.28 -39.57
CA THR G 6 24.15 -0.27 -38.11
C THR G 6 24.13 1.17 -37.56
N ARG G 7 24.80 2.09 -38.26
CA ARG G 7 24.66 3.53 -38.00
C ARG G 7 23.33 4.01 -38.56
N ILE G 8 22.70 3.17 -39.39
CA ILE G 8 21.41 3.44 -40.03
C ILE G 8 20.21 2.83 -39.30
N ILE G 9 20.36 1.62 -38.77
CA ILE G 9 19.26 0.94 -38.04
C ILE G 9 18.99 1.57 -36.67
N ASN G 10 20.02 2.11 -36.03
CA ASN G 10 19.90 2.70 -34.69
C ASN G 10 19.55 4.20 -34.73
N SER G 11 19.57 4.77 -35.92
CA SER G 11 19.27 6.19 -36.13
C SER G 11 17.77 6.42 -36.34
N MET G 12 17.17 5.66 -37.27
CA MET G 12 15.74 5.79 -37.63
C MET G 12 14.81 5.19 -36.57
N LEU G 13 15.21 4.03 -36.03
CA LEU G 13 14.54 3.45 -34.85
C LEU G 13 14.69 4.45 -33.70
N GLN G 14 13.55 5.02 -33.30
CA GLN G 14 13.50 6.26 -32.49
C GLN G 14 14.41 6.34 -31.24
N ALA G 15 14.28 5.35 -30.34
CA ALA G 15 14.99 5.31 -29.04
C ALA G 15 14.54 6.38 -28.03
N ALA G 16 14.76 7.66 -28.37
CA ALA G 16 14.24 8.82 -27.61
C ALA G 16 14.48 10.14 -28.37
N ALA G 17 14.27 10.10 -29.69
CA ALA G 17 14.54 11.25 -30.56
C ALA G 17 13.33 12.18 -30.76
N GLY G 18 12.13 11.60 -30.90
CA GLY G 18 10.90 12.39 -30.99
C GLY G 18 9.71 11.79 -31.72
N LYS G 19 9.20 12.56 -32.67
CA LYS G 19 8.00 12.24 -33.46
C LYS G 19 7.28 10.94 -33.04
N PRO G 20 6.31 11.08 -32.11
CA PRO G 20 5.52 9.99 -31.54
C PRO G 20 5.31 8.84 -32.51
N VAL G 21 5.63 7.63 -32.03
CA VAL G 21 5.62 6.41 -32.82
C VAL G 21 4.79 6.52 -34.10
N ASN G 22 5.48 6.84 -35.20
CA ASN G 22 4.89 6.81 -36.54
C ASN G 22 5.21 5.43 -37.15
N PHE G 23 4.21 4.56 -37.17
CA PHE G 23 4.37 3.16 -37.59
C PHE G 23 4.86 2.98 -39.03
N LYS G 24 4.80 4.06 -39.81
CA LYS G 24 5.21 4.05 -41.20
C LYS G 24 6.64 4.59 -41.35
N GLU G 25 7.02 5.51 -40.46
CA GLU G 25 8.37 6.08 -40.39
C GLU G 25 9.40 4.98 -40.09
N MET G 26 9.05 4.09 -39.18
CA MET G 26 9.86 2.94 -38.82
C MET G 26 9.47 1.73 -39.69
N ALA G 27 9.20 2.03 -40.96
CA ALA G 27 8.82 1.04 -41.95
C ALA G 27 9.21 1.51 -43.35
N GLU G 28 9.40 2.82 -43.52
CA GLU G 28 9.77 3.39 -44.82
C GLU G 28 11.27 3.23 -45.11
N THR G 29 12.11 3.92 -44.34
CA THR G 29 13.56 3.78 -44.47
C THR G 29 14.01 2.44 -43.86
N LEU G 30 13.06 1.72 -43.26
CA LEU G 30 13.26 0.34 -42.80
C LEU G 30 12.82 -0.66 -43.89
N ARG G 31 12.48 -0.12 -45.06
CA ARG G 31 12.05 -0.91 -46.23
C ARG G 31 13.13 -0.94 -47.32
N ASP G 32 13.88 0.16 -47.44
CA ASP G 32 14.94 0.30 -48.44
C ASP G 32 16.12 -0.65 -48.22
N VAL G 33 16.18 -1.25 -47.04
CA VAL G 33 17.36 -2.00 -46.60
C VAL G 33 17.18 -3.52 -46.62
N ILE G 34 16.10 -4.02 -46.02
CA ILE G 34 15.86 -5.48 -45.88
C ILE G 34 15.59 -6.17 -47.23
N ASP G 35 15.65 -5.39 -48.32
CA ASP G 35 15.22 -5.81 -49.67
C ASP G 35 13.78 -6.35 -49.69
N SER G 36 13.02 -6.06 -48.62
CA SER G 36 11.66 -6.53 -48.45
C SER G 36 10.72 -5.42 -47.96
N ASN G 37 9.48 -5.45 -48.45
CA ASN G 37 8.43 -4.56 -47.97
C ASN G 37 8.22 -4.72 -46.46
N ILE G 38 7.59 -3.73 -45.83
CA ILE G 38 7.26 -3.83 -44.41
C ILE G 38 5.73 -3.76 -44.23
N PHE G 39 5.07 -4.86 -44.62
CA PHE G 39 3.60 -5.03 -44.52
C PHE G 39 3.16 -5.65 -43.18
N VAL G 40 3.39 -4.93 -42.09
CA VAL G 40 3.26 -5.47 -40.72
C VAL G 40 1.84 -5.96 -40.35
N VAL G 41 1.79 -7.04 -39.57
CA VAL G 41 0.55 -7.57 -39.00
C VAL G 41 0.80 -8.12 -37.59
N SER G 42 -0.10 -7.77 -36.67
CA SER G 42 0.03 -8.13 -35.26
C SER G 42 -0.53 -9.52 -34.96
N ARG G 43 -0.65 -9.82 -33.66
CA ARG G 43 -1.39 -10.97 -33.16
C ARG G 43 -2.79 -10.91 -33.76
N ARG G 44 -3.48 -9.80 -33.49
CA ARG G 44 -4.79 -9.49 -34.06
C ARG G 44 -4.68 -9.43 -35.58
N GLY G 45 -3.76 -8.61 -36.07
CA GLY G 45 -3.55 -8.38 -37.49
C GLY G 45 -3.43 -6.90 -37.85
N LYS G 46 -2.71 -6.15 -37.02
CA LYS G 46 -2.60 -4.70 -37.18
C LYS G 46 -1.66 -4.32 -38.32
N LEU G 47 -2.20 -3.58 -39.29
CA LEU G 47 -1.38 -2.87 -40.26
C LEU G 47 -0.95 -1.56 -39.60
N LEU G 48 0.13 -1.64 -38.82
CA LEU G 48 0.62 -0.49 -38.05
C LEU G 48 1.00 0.65 -39.00
N GLY G 49 1.94 0.38 -39.90
CA GLY G 49 2.35 1.35 -40.91
C GLY G 49 3.23 0.66 -41.91
N TYR G 50 2.87 0.76 -43.19
CA TYR G 50 3.50 -0.08 -44.22
C TYR G 50 4.21 0.68 -45.33
N SER G 51 5.27 0.06 -45.86
CA SER G 51 5.95 0.53 -47.07
C SER G 51 6.35 -0.67 -47.90
N ILE G 52 6.24 -0.53 -49.22
CA ILE G 52 6.46 -1.64 -50.16
C ILE G 52 7.50 -1.31 -51.25
N ASN G 53 8.64 -2.01 -51.22
CA ASN G 53 9.69 -1.85 -52.24
C ASN G 53 9.47 -2.69 -53.50
N GLN G 54 8.86 -3.86 -53.30
CA GLN G 54 8.63 -4.82 -54.38
C GLN G 54 7.19 -5.30 -54.42
N GLN G 55 6.61 -5.25 -55.62
CA GLN G 55 5.18 -5.49 -55.88
C GLN G 55 4.60 -6.72 -55.21
N ILE G 56 3.32 -6.64 -54.86
CA ILE G 56 2.57 -7.78 -54.32
C ILE G 56 1.22 -7.98 -55.05
N GLU G 57 1.27 -8.55 -56.25
CA GLU G 57 0.04 -8.82 -57.01
C GLU G 57 -0.62 -10.09 -56.47
N ASN G 58 -1.15 -9.95 -55.26
CA ASN G 58 -1.76 -11.01 -54.49
C ASN G 58 -3.29 -10.97 -54.65
N ASP G 59 -4.02 -11.42 -53.63
CA ASP G 59 -5.49 -11.37 -53.62
C ASP G 59 -6.04 -11.08 -52.20
N ARG G 60 -5.65 -11.91 -51.23
CA ARG G 60 -6.07 -11.78 -49.81
C ARG G 60 -5.04 -10.98 -48.98
N MET G 61 -3.79 -10.96 -49.43
CA MET G 61 -2.72 -10.23 -48.73
C MET G 61 -2.67 -8.75 -49.13
N LYS G 62 -2.91 -8.46 -50.41
CA LYS G 62 -3.03 -7.07 -50.85
C LYS G 62 -4.34 -6.49 -50.33
N LYS G 63 -5.13 -7.33 -49.64
CA LYS G 63 -6.22 -6.84 -48.81
C LYS G 63 -5.67 -6.42 -47.42
N MET G 64 -4.37 -6.17 -47.35
CA MET G 64 -3.78 -5.40 -46.26
C MET G 64 -3.43 -4.02 -46.84
N LEU G 65 -3.69 -3.88 -48.14
CA LEU G 65 -3.69 -2.58 -48.83
C LEU G 65 -5.15 -2.15 -49.03
N GLU G 66 -6.11 -3.05 -48.74
CA GLU G 66 -7.54 -2.83 -49.04
C GLU G 66 -8.56 -3.12 -47.90
N ASP G 67 -8.29 -4.14 -47.08
CA ASP G 67 -9.23 -4.54 -46.01
C ASP G 67 -8.87 -3.94 -44.65
N ARG G 68 -7.75 -3.23 -44.59
CA ARG G 68 -7.21 -2.58 -43.37
C ARG G 68 -6.89 -3.57 -42.23
N GLN G 69 -7.93 -4.22 -41.69
CA GLN G 69 -7.77 -5.18 -40.59
C GLN G 69 -8.39 -6.55 -40.93
N PHE G 70 -7.66 -7.62 -40.61
CA PHE G 70 -8.12 -8.99 -40.86
C PHE G 70 -9.17 -9.44 -39.83
N PRO G 71 -10.15 -10.27 -40.26
CA PRO G 71 -11.13 -10.80 -39.30
C PRO G 71 -10.47 -11.62 -38.19
N GLU G 72 -10.99 -11.49 -36.96
CA GLU G 72 -10.39 -12.09 -35.77
C GLU G 72 -10.67 -13.60 -35.65
N GLU G 73 -10.02 -14.38 -36.51
CA GLU G 73 -10.11 -15.85 -36.51
C GLU G 73 -8.78 -16.51 -36.94
N TYR G 74 -8.02 -15.79 -37.77
CA TYR G 74 -6.64 -16.17 -38.13
C TYR G 74 -5.75 -16.25 -36.87
N THR G 75 -6.06 -15.40 -35.88
CA THR G 75 -5.38 -15.32 -34.58
C THR G 75 -5.54 -16.59 -33.73
N LYS G 76 -5.79 -17.71 -34.41
CA LYS G 76 -5.86 -19.02 -33.79
C LYS G 76 -5.07 -19.99 -34.66
N ASN G 77 -4.98 -19.65 -35.94
CA ASN G 77 -4.09 -20.34 -36.89
C ASN G 77 -2.82 -19.54 -37.16
N LEU G 78 -2.53 -18.58 -36.28
CA LEU G 78 -1.37 -17.69 -36.43
C LEU G 78 -0.65 -17.39 -35.10
N PHE G 79 -1.24 -17.82 -33.98
CA PHE G 79 -0.68 -17.56 -32.65
C PHE G 79 0.52 -18.45 -32.31
N ASN G 80 1.03 -19.17 -33.31
CA ASN G 80 1.99 -20.27 -33.08
C ASN G 80 3.25 -20.25 -33.99
N VAL G 81 4.38 -19.80 -33.45
CA VAL G 81 5.69 -19.78 -34.17
C VAL G 81 6.86 -20.17 -33.24
N PRO G 82 7.81 -21.00 -33.75
CA PRO G 82 9.00 -21.40 -32.98
C PRO G 82 9.96 -20.24 -32.65
N GLU G 83 11.09 -20.16 -33.37
CA GLU G 83 12.05 -19.07 -33.22
C GLU G 83 12.57 -18.55 -34.57
N THR G 84 12.71 -19.46 -35.53
CA THR G 84 13.20 -19.11 -36.87
C THR G 84 12.45 -19.89 -37.96
N SER G 85 11.45 -19.24 -38.54
CA SER G 85 10.60 -19.85 -39.57
C SER G 85 9.91 -18.79 -40.44
N SER G 86 10.19 -18.83 -41.75
CA SER G 86 9.61 -17.91 -42.72
C SER G 86 9.73 -18.42 -44.15
N ASN G 87 9.20 -17.64 -45.10
CA ASN G 87 9.29 -17.91 -46.54
C ASN G 87 8.65 -19.22 -47.02
N LEU G 88 7.33 -19.30 -46.89
CA LEU G 88 6.57 -20.40 -47.48
C LEU G 88 5.57 -19.88 -48.50
N ASP G 89 5.29 -20.68 -49.52
CA ASP G 89 4.29 -20.33 -50.52
C ASP G 89 3.30 -21.48 -50.64
N ILE G 90 3.75 -22.55 -51.30
CA ILE G 90 3.05 -23.84 -51.34
C ILE G 90 4.06 -24.92 -50.97
N ASN G 91 5.32 -24.51 -50.83
CA ASN G 91 6.43 -25.39 -50.46
C ASN G 91 7.24 -24.83 -49.28
N SER G 92 7.41 -25.66 -48.24
CA SER G 92 8.01 -25.24 -46.96
C SER G 92 8.83 -26.34 -46.25
N GLU G 93 9.43 -25.99 -45.12
CA GLU G 93 10.31 -26.90 -44.36
C GLU G 93 9.98 -26.91 -42.86
N TYR G 94 9.69 -28.11 -42.34
CA TYR G 94 9.36 -28.37 -40.92
C TYR G 94 8.03 -27.77 -40.42
N THR G 95 7.39 -28.48 -39.48
CA THR G 95 6.06 -28.12 -38.95
C THR G 95 5.93 -26.67 -38.46
N ALA G 96 5.19 -25.86 -39.22
CA ALA G 96 5.02 -24.43 -38.95
C ALA G 96 3.78 -23.76 -39.61
N PHE G 97 2.83 -24.56 -40.11
CA PHE G 97 1.61 -24.02 -40.78
C PHE G 97 0.41 -24.98 -40.72
N PRO G 98 -0.79 -24.45 -40.40
CA PRO G 98 -2.03 -25.26 -40.38
C PRO G 98 -2.56 -25.64 -41.79
N VAL G 99 -1.67 -25.63 -42.79
CA VAL G 99 -1.95 -26.11 -44.16
C VAL G 99 -2.97 -25.26 -44.95
N GLU G 100 -3.94 -24.67 -44.26
CA GLU G 100 -5.08 -23.98 -44.89
C GLU G 100 -4.75 -22.76 -45.77
N ASN G 101 -3.84 -21.89 -45.31
CA ASN G 101 -3.51 -20.66 -46.05
C ASN G 101 -2.40 -20.78 -47.13
N ARG G 102 -2.82 -21.14 -48.34
CA ARG G 102 -1.99 -21.01 -49.55
C ARG G 102 -2.65 -20.02 -50.53
N ASP G 103 -3.74 -19.41 -50.09
CA ASP G 103 -4.40 -18.34 -50.83
C ASP G 103 -3.78 -16.98 -50.48
N LEU G 104 -2.85 -16.99 -49.53
CA LEU G 104 -2.23 -15.77 -48.98
C LEU G 104 -0.84 -15.45 -49.55
N PHE G 105 -0.09 -16.48 -49.96
CA PHE G 105 1.29 -16.33 -50.47
C PHE G 105 1.43 -16.63 -51.97
N GLN G 106 0.98 -15.69 -52.80
CA GLN G 106 1.15 -15.77 -54.26
C GLN G 106 2.29 -14.83 -54.68
N ALA G 107 2.42 -13.71 -53.97
CA ALA G 107 3.48 -12.73 -54.23
C ALA G 107 3.95 -12.06 -52.94
N GLY G 108 4.08 -12.84 -51.87
CA GLY G 108 4.48 -12.31 -50.57
C GLY G 108 5.34 -13.25 -49.74
N LEU G 109 6.63 -13.33 -50.11
CA LEU G 109 7.63 -14.12 -49.37
C LEU G 109 7.95 -13.48 -48.00
N THR G 110 7.04 -13.70 -47.05
CA THR G 110 7.02 -12.99 -45.77
C THR G 110 8.14 -13.37 -44.77
N THR G 111 8.38 -12.50 -43.80
CA THR G 111 9.42 -12.68 -42.77
C THR G 111 8.79 -12.73 -41.38
N ILE G 112 9.08 -13.77 -40.61
CA ILE G 112 8.63 -13.87 -39.21
C ILE G 112 9.81 -13.73 -38.23
N VAL G 113 10.51 -12.59 -38.34
CA VAL G 113 11.55 -12.19 -37.37
C VAL G 113 11.05 -10.90 -36.68
N PRO G 114 10.06 -11.04 -35.79
CA PRO G 114 9.19 -9.93 -35.43
C PRO G 114 9.64 -9.09 -34.25
N ILE G 115 8.64 -8.55 -33.56
CA ILE G 115 8.80 -7.63 -32.45
C ILE G 115 8.31 -8.26 -31.13
N ILE G 116 8.91 -9.39 -30.75
CA ILE G 116 8.68 -9.97 -29.43
C ILE G 116 9.69 -9.36 -28.45
N GLY G 117 9.19 -8.69 -27.41
CA GLY G 117 10.07 -7.99 -26.45
C GLY G 117 9.44 -6.95 -25.54
N GLY G 118 8.38 -7.35 -24.86
CA GLY G 118 7.84 -6.60 -23.73
C GLY G 118 7.80 -7.61 -22.60
N GLY G 119 8.16 -8.83 -22.97
CA GLY G 119 8.07 -9.99 -22.11
C GLY G 119 6.94 -10.89 -22.60
N GLU G 120 6.40 -10.55 -23.76
CA GLU G 120 5.26 -11.28 -24.31
C GLU G 120 5.16 -11.21 -25.83
N ARG G 121 4.38 -12.13 -26.40
CA ARG G 121 4.09 -12.16 -27.82
C ARG G 121 2.94 -11.18 -28.12
N LEU G 122 3.32 -9.94 -28.39
CA LEU G 122 2.39 -8.84 -28.72
C LEU G 122 1.77 -9.02 -30.10
N GLY G 123 2.56 -9.59 -31.00
CA GLY G 123 2.19 -9.84 -32.39
C GLY G 123 3.36 -10.45 -33.15
N THR G 124 3.46 -10.14 -34.44
CA THR G 124 4.55 -10.68 -35.25
C THR G 124 4.85 -9.84 -36.50
N LEU G 125 5.46 -10.48 -37.50
CA LEU G 125 5.99 -9.83 -38.69
C LEU G 125 5.56 -10.54 -39.98
N ILE G 126 5.39 -9.76 -41.05
CA ILE G 126 4.98 -10.24 -42.36
C ILE G 126 5.59 -9.31 -43.43
N LEU G 127 6.80 -9.63 -43.89
CA LEU G 127 7.56 -8.75 -44.84
C LEU G 127 7.61 -9.21 -46.29
N SER G 128 7.03 -8.41 -47.20
CA SER G 128 6.69 -8.86 -48.55
C SER G 128 7.72 -8.72 -49.68
N ARG G 129 7.71 -9.70 -50.60
CA ARG G 129 8.64 -9.80 -51.75
C ARG G 129 7.90 -10.04 -53.08
N LEU G 130 8.52 -10.83 -53.97
CA LEU G 130 8.02 -11.10 -55.32
C LEU G 130 8.72 -12.35 -55.92
N GLN G 131 9.86 -12.13 -56.57
CA GLN G 131 10.73 -13.20 -57.08
C GLN G 131 12.11 -13.26 -56.36
N ASP G 132 12.30 -12.38 -55.37
CA ASP G 132 13.60 -12.15 -54.72
C ASP G 132 13.80 -12.88 -53.37
N GLN G 133 14.93 -13.58 -53.25
CA GLN G 133 15.29 -14.38 -52.05
C GLN G 133 16.30 -13.69 -51.11
N PHE G 134 15.97 -13.71 -49.81
CA PHE G 134 16.66 -12.95 -48.76
C PHE G 134 18.13 -13.35 -48.55
N ASN G 135 18.99 -12.35 -48.35
CA ASN G 135 20.39 -12.57 -47.95
C ASN G 135 20.46 -12.70 -46.42
N ASP G 136 21.56 -13.24 -45.90
CA ASP G 136 21.68 -13.56 -44.46
C ASP G 136 22.02 -12.36 -43.54
N ASP G 137 22.52 -11.27 -44.13
CA ASP G 137 22.73 -10.01 -43.40
C ASP G 137 21.40 -9.33 -43.00
N ASP G 138 20.28 -9.94 -43.40
CA ASP G 138 18.93 -9.43 -43.11
C ASP G 138 18.17 -10.30 -42.08
N LEU G 139 18.89 -11.23 -41.46
CA LEU G 139 18.44 -11.93 -40.25
C LEU G 139 19.51 -11.66 -39.18
N ILE G 140 20.67 -11.21 -39.65
CA ILE G 140 21.70 -10.57 -38.81
C ILE G 140 21.19 -9.20 -38.35
N LEU G 141 20.66 -8.44 -39.30
CA LEU G 141 20.14 -7.10 -39.03
C LEU G 141 18.62 -7.06 -38.81
N ALA G 142 17.93 -8.18 -39.08
CA ALA G 142 16.49 -8.33 -38.77
C ALA G 142 16.23 -8.80 -37.34
N GLU G 143 17.24 -9.40 -36.72
CA GLU G 143 17.27 -9.56 -35.28
C GLU G 143 17.62 -8.19 -34.70
N TYR G 144 18.56 -7.51 -35.37
CA TYR G 144 19.04 -6.17 -35.00
C TYR G 144 17.95 -5.10 -35.16
N GLY G 145 17.05 -5.32 -36.10
CA GLY G 145 15.86 -4.50 -36.26
C GLY G 145 14.60 -5.30 -36.02
N ALA G 146 14.67 -6.24 -35.07
CA ALA G 146 13.52 -7.07 -34.68
C ALA G 146 12.47 -6.29 -33.88
N THR G 147 12.91 -5.69 -32.78
CA THR G 147 12.05 -4.90 -31.88
C THR G 147 12.06 -3.41 -32.26
N VAL G 148 11.77 -3.12 -33.52
CA VAL G 148 11.60 -1.73 -33.99
C VAL G 148 10.21 -1.24 -33.60
N VAL G 149 9.39 -2.16 -33.09
CA VAL G 149 8.13 -1.83 -32.46
C VAL G 149 8.01 -2.55 -31.10
N GLY G 150 8.83 -3.57 -30.84
CA GLY G 150 8.79 -4.31 -29.57
C GLY G 150 8.76 -3.37 -28.37
N MET G 151 9.74 -2.48 -28.33
CA MET G 151 9.75 -1.34 -27.44
C MET G 151 9.45 -0.07 -28.28
N GLU G 152 8.39 -0.18 -29.07
CA GLU G 152 7.75 0.94 -29.77
C GLU G 152 6.27 0.57 -29.98
N ILE G 153 5.82 -0.45 -29.25
CA ILE G 153 4.40 -0.84 -29.17
C ILE G 153 3.99 -0.89 -27.69
N LEU G 154 5.00 -1.02 -26.83
CA LEU G 154 4.83 -0.91 -25.38
C LEU G 154 5.05 0.54 -24.95
N ARG G 155 6.01 1.19 -25.58
CA ARG G 155 6.30 2.61 -25.32
C ARG G 155 5.54 3.54 -26.29
N GLU G 156 4.42 3.05 -26.80
CA GLU G 156 3.35 3.93 -27.30
C GLU G 156 2.21 3.84 -26.29
N LYS G 157 1.76 2.61 -26.04
CA LYS G 157 0.64 2.30 -25.14
C LYS G 157 0.90 2.70 -23.68
N ALA G 158 2.17 2.79 -23.29
CA ALA G 158 2.54 3.29 -21.96
C ALA G 158 2.38 4.81 -21.91
N GLU G 159 2.51 5.43 -23.07
CA GLU G 159 2.29 6.86 -23.26
C GLU G 159 1.15 7.04 -24.27
N GLU G 160 0.15 6.16 -24.14
CA GLU G 160 -1.14 6.18 -24.91
C GLU G 160 -2.36 6.09 -23.96
N ILE G 161 -2.16 5.44 -22.81
CA ILE G 161 -3.16 5.36 -21.74
C ILE G 161 -2.90 6.38 -20.61
N GLU G 162 -1.68 6.91 -20.58
CA GLU G 162 -1.27 7.93 -19.61
C GLU G 162 -1.79 9.30 -20.03
N GLU G 163 -2.74 9.28 -20.96
CA GLU G 163 -3.49 10.47 -21.40
C GLU G 163 -4.97 10.14 -21.54
N GLU G 164 -5.33 8.92 -21.16
CA GLU G 164 -6.72 8.55 -20.93
C GLU G 164 -6.90 8.46 -19.42
N ALA G 165 -6.25 7.46 -18.82
CA ALA G 165 -6.34 7.19 -17.39
C ALA G 165 -5.92 8.39 -16.55
N ARG G 166 -4.82 9.04 -16.93
CA ARG G 166 -4.33 10.21 -16.21
C ARG G 166 -5.19 11.42 -16.57
N SER G 167 -5.80 11.40 -17.74
CA SER G 167 -6.82 12.38 -18.06
C SER G 167 -8.07 12.08 -17.25
N LYS G 168 -8.35 10.79 -17.04
CA LYS G 168 -9.42 10.37 -16.12
C LYS G 168 -9.10 10.78 -14.68
N ALA G 169 -7.82 11.01 -14.40
CA ALA G 169 -7.36 11.35 -13.07
C ALA G 169 -8.02 12.64 -12.56
N VAL G 170 -7.59 13.78 -13.09
CA VAL G 170 -8.12 15.06 -12.61
C VAL G 170 -9.65 15.05 -12.63
N VAL G 171 -10.23 14.40 -13.66
CA VAL G 171 -11.68 14.30 -13.79
C VAL G 171 -12.34 13.99 -12.45
N GLN G 172 -11.72 13.09 -11.71
CA GLN G 172 -12.15 12.80 -10.35
C GLN G 172 -11.56 13.82 -9.38
N MET G 173 -10.24 14.05 -9.48
CA MET G 173 -9.54 15.00 -8.61
C MET G 173 -10.27 16.32 -8.57
N ALA G 174 -10.92 16.64 -9.69
CA ALA G 174 -11.75 17.83 -9.84
C ALA G 174 -13.12 17.61 -9.21
N ILE G 175 -13.89 16.68 -9.78
CA ILE G 175 -15.26 16.41 -9.34
C ILE G 175 -15.36 16.21 -7.80
N SER G 176 -14.24 15.83 -7.19
CA SER G 176 -14.10 15.64 -5.74
C SER G 176 -14.21 16.95 -4.96
N SER G 177 -14.00 18.05 -5.66
CA SER G 177 -14.33 19.35 -5.11
C SER G 177 -15.67 19.78 -5.68
N LEU G 178 -16.76 19.37 -5.00
CA LEU G 178 -18.15 19.77 -5.30
C LEU G 178 -19.09 19.49 -4.11
N SER G 179 -19.61 20.53 -3.44
CA SER G 179 -20.64 20.35 -2.38
C SER G 179 -21.96 19.98 -3.05
N TYR G 180 -22.85 19.26 -2.38
CA TYR G 180 -24.04 18.77 -3.10
C TYR G 180 -24.63 19.83 -4.03
N SER G 181 -24.63 21.08 -3.55
CA SER G 181 -25.02 22.24 -4.32
C SER G 181 -24.30 22.33 -5.67
N GLU G 182 -22.98 22.11 -5.63
CA GLU G 182 -22.09 22.08 -6.80
C GLU G 182 -22.30 20.79 -7.59
N LEU G 183 -22.28 19.65 -6.89
CA LEU G 183 -22.49 18.33 -7.49
C LEU G 183 -23.55 18.41 -8.55
N GLU G 184 -24.70 18.96 -8.13
CA GLU G 184 -25.84 19.19 -8.99
C GLU G 184 -25.68 20.39 -9.94
N ALA G 185 -25.00 21.45 -9.48
CA ALA G 185 -24.74 22.61 -10.33
C ALA G 185 -24.02 22.16 -11.59
N ILE G 186 -22.98 21.35 -11.45
CA ILE G 186 -22.34 20.70 -12.60
C ILE G 186 -23.27 19.62 -13.19
N GLU G 187 -23.89 18.83 -12.31
CA GLU G 187 -24.84 17.76 -12.66
C GLU G 187 -25.93 18.22 -13.62
N HIS G 188 -26.61 19.30 -13.23
CA HIS G 188 -27.79 19.82 -13.93
C HIS G 188 -27.44 20.64 -15.16
N ILE G 189 -26.35 21.39 -15.10
CA ILE G 189 -25.88 22.13 -16.25
C ILE G 189 -25.73 21.16 -17.41
N PHE G 190 -24.99 20.07 -17.17
CA PHE G 190 -24.59 19.18 -18.25
C PHE G 190 -25.59 18.13 -18.66
N GLU G 191 -26.33 17.59 -17.67
CA GLU G 191 -27.50 16.76 -17.97
C GLU G 191 -28.46 17.56 -18.83
N GLU G 192 -28.85 18.74 -18.33
CA GLU G 192 -29.79 19.62 -19.03
C GLU G 192 -29.03 20.53 -20.01
N LEU G 193 -28.43 19.92 -21.03
CA LEU G 193 -27.63 20.63 -22.04
C LEU G 193 -27.59 19.84 -23.36
N ASP G 194 -27.01 20.44 -24.39
CA ASP G 194 -26.87 19.81 -25.69
C ASP G 194 -25.45 19.33 -25.97
N GLY G 195 -25.27 18.00 -26.01
CA GLY G 195 -24.00 17.35 -26.40
C GLY G 195 -22.73 17.79 -25.70
N ASN G 196 -21.72 18.13 -26.49
CA ASN G 196 -20.45 18.67 -25.99
C ASN G 196 -20.56 20.19 -25.76
N GLU G 197 -21.59 20.78 -26.37
CA GLU G 197 -21.83 22.21 -26.32
C GLU G 197 -22.38 22.66 -24.98
N GLY G 198 -22.20 23.94 -24.68
CA GLY G 198 -22.70 24.53 -23.45
C GLY G 198 -22.85 26.04 -23.50
N LEU G 199 -24.10 26.48 -23.52
CA LEU G 199 -24.42 27.89 -23.31
C LEU G 199 -25.69 27.94 -22.46
N LEU G 200 -25.50 28.28 -21.19
CA LEU G 200 -26.49 27.99 -20.14
C LEU G 200 -27.66 28.99 -20.02
N VAL G 201 -28.67 28.60 -19.26
CA VAL G 201 -29.70 29.49 -18.75
C VAL G 201 -29.27 29.93 -17.34
N ALA G 202 -28.57 31.07 -17.29
CA ALA G 202 -27.83 31.56 -16.11
C ALA G 202 -28.50 31.32 -14.76
N SER G 203 -29.49 32.15 -14.45
CA SER G 203 -30.25 32.00 -13.20
C SER G 203 -31.67 31.49 -13.47
N LYS G 204 -31.93 31.15 -14.73
CA LYS G 204 -33.19 30.55 -15.17
C LYS G 204 -33.22 29.09 -14.74
N ILE G 205 -32.03 28.50 -14.62
CA ILE G 205 -31.87 27.18 -14.03
C ILE G 205 -31.86 27.27 -12.49
N ALA G 206 -31.56 28.47 -11.96
CA ALA G 206 -31.47 28.67 -10.50
C ALA G 206 -32.80 28.44 -9.78
N ASP G 207 -33.81 29.23 -10.12
CA ASP G 207 -35.17 29.08 -9.57
C ASP G 207 -35.79 27.73 -9.94
N ARG G 208 -35.36 27.18 -11.08
CA ARG G 208 -35.87 25.91 -11.62
C ARG G 208 -35.61 24.72 -10.68
N VAL G 209 -34.35 24.54 -10.26
CA VAL G 209 -33.98 23.40 -9.40
C VAL G 209 -33.55 23.79 -7.98
N GLY G 210 -33.56 25.08 -7.68
CA GLY G 210 -33.28 25.57 -6.33
C GLY G 210 -31.81 25.52 -5.92
N ILE G 211 -30.92 25.75 -6.88
CA ILE G 211 -29.50 25.97 -6.61
C ILE G 211 -29.17 27.45 -6.81
N THR G 212 -28.44 28.04 -5.86
CA THR G 212 -28.17 29.47 -5.87
C THR G 212 -27.14 29.87 -6.92
N ARG G 213 -27.27 31.10 -7.44
CA ARG G 213 -26.34 31.65 -8.43
C ARG G 213 -24.88 31.48 -7.99
N SER G 214 -24.60 31.95 -6.78
CA SER G 214 -23.25 32.00 -6.22
C SER G 214 -22.50 30.69 -6.30
N VAL G 215 -23.21 29.59 -6.08
CA VAL G 215 -22.65 28.24 -6.19
C VAL G 215 -22.48 27.76 -7.63
N ILE G 216 -23.30 28.28 -8.54
CA ILE G 216 -23.12 27.99 -9.98
C ILE G 216 -21.95 28.80 -10.54
N VAL G 217 -21.53 29.84 -9.80
CA VAL G 217 -20.32 30.60 -10.15
C VAL G 217 -19.07 29.83 -9.71
N ASN G 218 -19.25 28.95 -8.73
CA ASN G 218 -18.16 28.10 -8.25
C ASN G 218 -18.00 26.82 -9.07
N ALA G 219 -19.12 26.17 -9.38
CA ALA G 219 -19.13 24.91 -10.13
C ALA G 219 -18.28 24.95 -11.40
N LEU G 220 -18.46 26.01 -12.19
CA LEU G 220 -17.64 26.26 -13.39
C LEU G 220 -16.23 26.71 -13.02
N ARG G 221 -16.11 27.44 -11.91
CA ARG G 221 -14.82 27.88 -11.37
C ARG G 221 -14.00 26.66 -10.96
N LYS G 222 -14.61 25.74 -10.22
CA LYS G 222 -13.93 24.54 -9.74
C LYS G 222 -13.66 23.52 -10.84
N LEU G 223 -14.25 23.77 -12.01
CA LEU G 223 -14.00 22.98 -13.21
C LEU G 223 -12.94 23.66 -14.08
N GLU G 224 -13.07 24.98 -14.26
CA GLU G 224 -12.07 25.78 -14.97
C GLU G 224 -10.72 25.74 -14.23
N SER G 225 -10.72 26.14 -12.96
CA SER G 225 -9.54 26.05 -12.09
C SER G 225 -9.32 24.60 -11.65
N ALA G 226 -9.53 23.71 -12.62
CA ALA G 226 -9.13 22.32 -12.55
C ALA G 226 -8.69 21.93 -13.96
N GLY G 227 -8.70 22.92 -14.86
CA GLY G 227 -8.33 22.73 -16.25
C GLY G 227 -9.20 21.68 -16.93
N VAL G 228 -10.50 21.78 -16.72
CA VAL G 228 -11.45 20.77 -17.22
C VAL G 228 -12.39 21.31 -18.30
N ILE G 229 -12.78 22.58 -18.20
CA ILE G 229 -13.63 23.20 -19.21
C ILE G 229 -13.13 24.58 -19.66
N GLU G 230 -13.46 24.95 -20.89
CA GLU G 230 -13.12 26.26 -21.44
C GLU G 230 -14.23 27.27 -21.09
N SER G 231 -13.84 28.43 -20.58
CA SER G 231 -14.80 29.46 -20.10
C SER G 231 -14.67 30.86 -20.73
N ARG G 232 -15.71 31.24 -21.48
CA ARG G 232 -15.91 32.62 -21.97
C ARG G 232 -17.27 33.11 -21.50
N SER G 233 -17.25 33.93 -20.45
CA SER G 233 -18.44 34.19 -19.64
C SER G 233 -19.42 35.21 -20.19
N LEU G 234 -20.69 34.85 -20.12
CA LEU G 234 -21.81 35.75 -20.39
C LEU G 234 -22.78 35.63 -19.20
N GLY G 235 -22.37 36.13 -18.04
CA GLY G 235 -23.20 36.11 -16.82
C GLY G 235 -24.30 37.16 -16.85
N MET G 236 -25.13 37.08 -17.89
CA MET G 236 -26.14 38.08 -18.22
C MET G 236 -27.48 37.37 -18.50
N LYS G 237 -27.48 36.55 -19.57
CA LYS G 237 -28.62 35.72 -20.01
C LYS G 237 -28.13 34.34 -20.55
N GLY G 238 -27.02 33.84 -20.03
CA GLY G 238 -26.44 32.55 -20.45
C GLY G 238 -25.08 32.21 -19.86
N THR G 239 -24.18 31.73 -20.73
CA THR G 239 -22.76 31.50 -20.45
C THR G 239 -22.20 30.38 -21.35
N TYR G 240 -20.95 30.51 -21.79
CA TYR G 240 -20.38 29.61 -22.82
C TYR G 240 -19.32 28.64 -22.35
N ILE G 241 -19.60 27.35 -22.52
CA ILE G 241 -18.70 26.28 -22.11
C ILE G 241 -18.48 25.21 -23.19
N LYS G 242 -17.23 25.02 -23.58
CA LYS G 242 -16.82 23.83 -24.32
C LYS G 242 -15.94 23.03 -23.38
N VAL G 243 -15.96 21.70 -23.51
CA VAL G 243 -15.24 20.82 -22.57
C VAL G 243 -13.82 20.38 -23.02
N LEU G 244 -12.80 20.89 -22.31
CA LEU G 244 -11.38 20.52 -22.53
C LEU G 244 -11.01 19.22 -21.78
N ASN G 245 -12.04 18.41 -21.56
CA ASN G 245 -11.90 17.06 -21.06
C ASN G 245 -13.03 16.19 -21.59
N ASN G 246 -12.76 15.56 -22.72
CA ASN G 246 -13.67 14.62 -23.32
C ASN G 246 -13.82 13.34 -22.49
N LYS G 247 -12.91 13.15 -21.54
CA LYS G 247 -12.98 12.01 -20.62
C LYS G 247 -13.52 12.38 -19.22
N PHE G 248 -14.40 13.40 -19.18
CA PHE G 248 -15.14 13.78 -17.96
C PHE G 248 -16.63 13.45 -18.09
N LEU G 249 -17.24 13.89 -19.20
CA LEU G 249 -18.63 13.55 -19.52
C LEU G 249 -18.78 12.04 -19.49
N ILE G 250 -17.66 11.36 -19.75
CA ILE G 250 -17.52 9.95 -19.50
C ILE G 250 -17.95 9.67 -18.06
N GLU G 251 -17.22 10.24 -17.09
CA GLU G 251 -17.47 9.99 -15.67
C GLU G 251 -18.76 10.59 -15.12
N LEU G 252 -19.19 11.73 -15.66
CA LEU G 252 -20.46 12.33 -15.25
C LEU G 252 -21.60 11.45 -15.78
N GLU G 253 -21.29 10.68 -16.82
CA GLU G 253 -22.19 9.67 -17.35
C GLU G 253 -21.81 8.30 -16.79
N ASN G 254 -20.80 8.27 -15.91
CA ASN G 254 -20.34 7.04 -15.23
C ASN G 254 -20.84 6.94 -13.77
N LEU G 255 -20.72 8.04 -13.01
CA LEU G 255 -21.29 8.15 -11.66
C LEU G 255 -22.78 8.50 -11.77
N LYS G 256 -23.52 7.66 -12.49
CA LYS G 256 -24.94 7.90 -12.74
C LYS G 256 -25.73 7.62 -11.47
N SER G 257 -25.95 8.71 -10.73
CA SER G 257 -26.69 8.70 -9.46
C SER G 257 -28.18 8.44 -9.68
N ALA H 1 27.95 -16.82 -38.68
CA ALA H 1 28.19 -17.00 -37.22
C ALA H 1 28.04 -15.74 -36.34
N LEU H 2 28.04 -14.56 -36.98
CA LEU H 2 27.66 -13.32 -36.31
C LEU H 2 26.15 -13.12 -36.55
N LEU H 3 25.38 -14.16 -36.22
CA LEU H 3 23.95 -14.23 -36.44
C LEU H 3 23.33 -14.96 -35.25
N GLN H 4 24.05 -15.99 -34.81
CA GLN H 4 23.72 -16.75 -33.60
C GLN H 4 24.31 -16.04 -32.37
N LYS H 5 24.90 -14.87 -32.61
CA LYS H 5 25.47 -14.00 -31.57
C LYS H 5 24.75 -12.65 -31.54
N THR H 6 23.70 -12.54 -32.36
CA THR H 6 22.75 -11.43 -32.32
C THR H 6 21.38 -11.96 -31.89
N ARG H 7 21.40 -13.06 -31.16
CA ARG H 7 20.20 -13.65 -30.58
C ARG H 7 20.40 -13.83 -29.07
N ILE H 8 21.60 -13.49 -28.60
CA ILE H 8 21.96 -13.54 -27.17
C ILE H 8 22.00 -12.15 -26.53
N ILE H 9 22.38 -11.15 -27.33
CA ILE H 9 22.21 -9.74 -26.99
C ILE H 9 20.81 -9.31 -27.47
N ASN H 10 19.92 -10.29 -27.61
CA ASN H 10 18.55 -10.09 -28.08
C ASN H 10 17.59 -10.97 -27.28
N SER H 11 18.14 -11.88 -26.48
CA SER H 11 17.34 -12.69 -25.57
C SER H 11 17.57 -12.25 -24.12
N MET H 12 18.75 -11.73 -23.84
CA MET H 12 19.07 -11.16 -22.53
C MET H 12 18.19 -9.95 -22.25
N LEU H 13 17.70 -9.35 -23.34
CA LEU H 13 16.87 -8.16 -23.32
C LEU H 13 15.50 -8.48 -22.73
N GLN H 14 14.50 -8.59 -23.61
CA GLN H 14 13.09 -8.76 -23.24
C GLN H 14 12.54 -7.58 -22.40
N ALA H 15 12.88 -6.35 -22.82
CA ALA H 15 12.42 -5.07 -22.22
C ALA H 15 12.85 -4.80 -20.76
N ALA H 16 13.29 -5.87 -20.09
CA ALA H 16 13.51 -5.97 -18.64
C ALA H 16 12.36 -6.74 -17.98
N ALA H 17 11.18 -6.11 -17.91
CA ALA H 17 9.92 -6.66 -17.35
C ALA H 17 9.98 -7.01 -15.86
N GLY H 18 9.37 -6.16 -15.02
CA GLY H 18 9.50 -6.27 -13.57
C GLY H 18 10.93 -5.92 -13.16
N LYS H 19 11.86 -6.61 -13.81
CA LYS H 19 13.27 -6.27 -13.86
C LYS H 19 13.48 -4.76 -14.04
N PRO H 20 14.19 -4.13 -13.08
CA PRO H 20 14.70 -2.76 -13.29
C PRO H 20 15.79 -2.70 -14.39
N VAL H 21 17.07 -2.84 -14.01
CA VAL H 21 18.21 -2.85 -14.96
C VAL H 21 19.52 -3.29 -14.32
N ASN H 22 20.40 -3.89 -15.14
CA ASN H 22 21.84 -4.02 -14.83
C ASN H 22 22.73 -3.39 -15.92
N PHE H 23 23.28 -2.23 -15.61
CA PHE H 23 24.27 -1.56 -16.45
C PHE H 23 25.63 -2.30 -16.43
N LYS H 24 25.82 -3.13 -15.41
CA LYS H 24 27.03 -3.92 -15.19
C LYS H 24 27.07 -5.09 -16.17
N GLU H 25 25.95 -5.79 -16.26
CA GLU H 25 25.75 -6.90 -17.19
C GLU H 25 26.16 -6.54 -18.61
N MET H 26 25.64 -5.42 -19.11
CA MET H 26 25.76 -5.03 -20.53
C MET H 26 27.20 -4.67 -20.95
N ALA H 27 28.15 -5.01 -20.09
CA ALA H 27 29.58 -4.91 -20.38
C ALA H 27 30.26 -6.17 -19.86
N GLU H 28 29.43 -7.12 -19.45
CA GLU H 28 29.87 -8.45 -19.05
C GLU H 28 29.37 -9.46 -20.08
N THR H 29 28.06 -9.47 -20.32
CA THR H 29 27.43 -10.37 -21.31
C THR H 29 27.67 -9.84 -22.73
N LEU H 30 28.00 -8.56 -22.83
CA LEU H 30 28.50 -7.96 -24.08
C LEU H 30 30.04 -8.00 -24.18
N ARG H 31 30.65 -8.89 -23.41
CA ARG H 31 32.09 -9.16 -23.46
C ARG H 31 32.33 -10.57 -24.01
N ASP H 32 31.30 -11.41 -23.91
CA ASP H 32 31.37 -12.80 -24.39
C ASP H 32 31.19 -12.88 -25.90
N VAL H 33 30.46 -11.92 -26.46
CA VAL H 33 30.13 -11.87 -27.88
C VAL H 33 31.29 -11.29 -28.69
N ILE H 34 31.80 -10.15 -28.23
CA ILE H 34 32.76 -9.37 -29.00
C ILE H 34 34.21 -9.59 -28.56
N ASP H 35 34.38 -10.21 -27.38
CA ASP H 35 35.68 -10.56 -26.78
C ASP H 35 36.62 -9.34 -26.68
N SER H 36 36.45 -8.56 -25.63
CA SER H 36 37.14 -7.28 -25.45
C SER H 36 36.91 -6.71 -24.05
N ASN H 37 37.77 -5.78 -23.64
CA ASN H 37 37.59 -5.01 -22.39
C ASN H 37 36.45 -4.00 -22.52
N ILE H 38 35.27 -4.36 -22.00
CA ILE H 38 34.06 -3.55 -22.21
C ILE H 38 33.76 -2.57 -21.08
N PHE H 39 33.32 -1.38 -21.47
CA PHE H 39 32.90 -0.34 -20.53
C PHE H 39 31.57 0.31 -20.90
N VAL H 40 30.79 0.64 -19.88
CA VAL H 40 29.59 1.45 -20.01
C VAL H 40 29.83 2.70 -19.15
N VAL H 41 30.00 3.85 -19.80
CA VAL H 41 30.32 5.11 -19.10
C VAL H 41 29.28 6.22 -19.36
N SER H 42 29.04 7.04 -18.33
CA SER H 42 27.82 7.87 -18.25
C SER H 42 27.88 9.28 -18.85
N ARG H 43 26.74 9.96 -18.76
CA ARG H 43 26.55 11.34 -19.22
C ARG H 43 27.56 12.28 -18.54
N ARG H 44 27.34 12.54 -17.25
CA ARG H 44 28.25 13.37 -16.45
C ARG H 44 29.66 12.77 -16.44
N GLY H 45 29.72 11.44 -16.50
CA GLY H 45 30.99 10.72 -16.58
C GLY H 45 31.23 9.79 -15.41
N LYS H 46 30.38 8.76 -15.29
CA LYS H 46 30.58 7.70 -14.30
C LYS H 46 30.58 6.33 -14.96
N LEU H 47 31.45 5.45 -14.47
CA LEU H 47 31.51 4.06 -14.91
C LEU H 47 30.23 3.33 -14.53
N LEU H 48 29.73 2.51 -15.46
CA LEU H 48 28.55 1.69 -15.19
C LEU H 48 28.73 0.24 -15.67
N GLY H 49 29.81 -0.04 -16.38
CA GLY H 49 30.11 -1.41 -16.82
C GLY H 49 31.60 -1.73 -16.85
N TYR H 50 31.96 -2.95 -16.46
CA TYR H 50 33.38 -3.36 -16.42
C TYR H 50 33.56 -4.87 -16.64
N SER H 51 34.62 -5.23 -17.37
CA SER H 51 35.04 -6.63 -17.53
C SER H 51 36.38 -6.75 -18.25
N ILE H 52 37.32 -7.48 -17.65
CA ILE H 52 38.64 -7.76 -18.25
C ILE H 52 38.63 -9.10 -18.99
N ASN H 53 38.58 -9.00 -20.32
CA ASN H 53 38.48 -10.13 -21.22
C ASN H 53 39.85 -10.73 -21.53
N GLN H 54 40.44 -10.27 -22.63
CA GLN H 54 41.73 -10.78 -23.09
C GLN H 54 42.88 -10.25 -22.24
N GLN H 55 44.09 -10.41 -22.76
CA GLN H 55 45.30 -10.10 -22.01
C GLN H 55 45.53 -8.59 -21.98
N ILE H 56 44.69 -7.90 -21.22
CA ILE H 56 44.68 -6.43 -21.20
C ILE H 56 45.07 -5.80 -19.87
N GLU H 57 46.15 -5.03 -19.92
CA GLU H 57 46.59 -4.13 -18.86
C GLU H 57 46.47 -2.70 -19.40
N ASN H 58 46.37 -1.72 -18.49
CA ASN H 58 46.65 -0.32 -18.82
C ASN H 58 47.19 0.50 -17.65
N ASP H 59 48.16 1.37 -17.95
CA ASP H 59 48.79 2.24 -16.96
C ASP H 59 47.79 3.28 -16.40
N ARG H 60 47.23 4.12 -17.27
CA ARG H 60 46.37 5.24 -16.85
C ARG H 60 44.87 4.90 -16.73
N MET H 61 44.41 3.92 -17.48
CA MET H 61 43.02 3.44 -17.37
C MET H 61 42.80 2.60 -16.10
N LYS H 62 43.53 2.92 -15.04
CA LYS H 62 43.29 2.35 -13.72
C LYS H 62 43.16 3.48 -12.69
N LYS H 63 42.44 4.52 -13.10
CA LYS H 63 42.10 5.67 -12.24
C LYS H 63 40.58 5.87 -12.21
N MET H 64 39.86 5.02 -12.94
CA MET H 64 38.40 5.11 -13.07
C MET H 64 37.64 4.04 -12.25
N LEU H 65 37.93 2.75 -12.46
CA LEU H 65 37.28 1.66 -11.70
C LEU H 65 37.44 1.84 -10.19
N GLU H 66 38.36 2.72 -9.81
CA GLU H 66 38.47 3.16 -8.43
C GLU H 66 37.40 4.22 -8.18
N ASP H 67 37.56 5.39 -8.81
CA ASP H 67 36.62 6.51 -8.68
C ASP H 67 35.15 6.13 -8.99
N ARG H 68 34.97 5.06 -9.77
CA ARG H 68 33.66 4.67 -10.35
C ARG H 68 33.07 5.73 -11.30
N GLN H 69 33.82 6.82 -11.49
CA GLN H 69 33.59 7.82 -12.52
C GLN H 69 34.90 7.99 -13.29
N PHE H 70 34.90 8.82 -14.33
CA PHE H 70 36.16 9.21 -14.96
C PHE H 70 36.80 10.37 -14.19
N PRO H 71 37.99 10.13 -13.61
CA PRO H 71 38.70 10.98 -12.64
C PRO H 71 38.27 12.46 -12.61
N GLU H 72 37.60 12.84 -11.53
CA GLU H 72 37.18 14.23 -11.24
C GLU H 72 36.64 15.09 -12.42
N GLU H 73 37.56 15.55 -13.27
CA GLU H 73 37.33 16.62 -14.25
C GLU H 73 37.61 16.13 -15.67
N TYR H 74 37.81 14.82 -15.81
CA TYR H 74 38.23 14.19 -17.06
C TYR H 74 37.18 14.27 -18.17
N THR H 75 35.91 14.30 -17.77
CA THR H 75 34.78 14.23 -18.71
C THR H 75 34.64 15.45 -19.60
N LYS H 76 35.18 16.59 -19.14
CA LYS H 76 35.03 17.87 -19.84
C LYS H 76 35.44 17.84 -21.34
N ASN H 77 35.90 16.67 -21.79
CA ASN H 77 36.20 16.44 -23.20
C ASN H 77 35.58 15.16 -23.75
N LEU H 78 35.36 14.17 -22.89
CA LEU H 78 34.75 12.91 -23.33
C LEU H 78 33.26 12.88 -23.04
N PHE H 79 32.74 14.05 -22.67
CA PHE H 79 31.33 14.36 -22.85
C PHE H 79 31.20 14.94 -24.27
N ASN H 80 32.22 14.66 -25.10
CA ASN H 80 32.31 15.17 -26.47
C ASN H 80 32.63 14.12 -27.55
N VAL H 81 31.76 14.08 -28.57
CA VAL H 81 31.86 13.20 -29.75
C VAL H 81 30.49 13.05 -30.42
N PRO H 82 30.46 12.96 -31.78
CA PRO H 82 29.21 12.66 -32.47
C PRO H 82 28.96 11.15 -32.64
N GLU H 83 29.67 10.50 -33.55
CA GLU H 83 29.47 9.08 -33.88
C GLU H 83 30.60 8.14 -33.41
N THR H 84 30.96 7.14 -34.24
CA THR H 84 31.90 6.07 -33.84
C THR H 84 33.24 5.98 -34.60
N SER H 85 34.31 5.79 -33.84
CA SER H 85 35.68 5.68 -34.37
C SER H 85 36.05 4.21 -34.56
N SER H 86 36.93 3.93 -35.53
CA SER H 86 37.33 2.55 -35.87
C SER H 86 38.05 1.81 -34.72
N ASN H 87 39.33 2.12 -34.48
CA ASN H 87 40.15 1.44 -33.46
C ASN H 87 41.44 2.19 -33.12
N LEU H 88 41.74 2.33 -31.83
CA LEU H 88 42.87 3.16 -31.38
C LEU H 88 43.44 2.85 -29.99
N ASP H 89 44.77 2.76 -29.90
CA ASP H 89 45.47 2.81 -28.61
C ASP H 89 46.25 4.12 -28.53
N ILE H 90 47.55 4.07 -28.22
CA ILE H 90 48.41 5.26 -28.37
C ILE H 90 48.63 5.62 -29.86
N ASN H 91 48.27 4.70 -30.75
CA ASN H 91 48.52 4.82 -32.20
C ASN H 91 47.28 5.17 -33.06
N SER H 92 47.40 4.95 -34.38
CA SER H 92 46.47 5.42 -35.41
C SER H 92 46.21 6.92 -35.27
N GLU H 93 47.10 7.73 -35.85
CA GLU H 93 47.05 9.19 -35.71
C GLU H 93 45.72 9.78 -36.22
N TYR H 94 44.98 10.40 -35.29
CA TYR H 94 43.64 10.91 -35.59
C TYR H 94 43.53 12.43 -35.49
N THR H 95 42.34 12.94 -35.80
CA THR H 95 42.05 14.38 -35.83
C THR H 95 41.27 14.87 -34.60
N ALA H 96 40.33 14.05 -34.14
CA ALA H 96 39.47 14.41 -33.02
C ALA H 96 40.00 13.85 -31.70
N PHE H 97 41.21 14.27 -31.32
CA PHE H 97 41.84 13.82 -30.06
C PHE H 97 42.88 14.79 -29.49
N PRO H 98 42.84 15.01 -28.16
CA PRO H 98 43.76 15.91 -27.44
C PRO H 98 45.23 15.46 -27.45
N VAL H 99 46.10 16.38 -27.04
CA VAL H 99 47.55 16.13 -26.99
C VAL H 99 48.00 15.16 -25.89
N GLU H 100 47.40 15.25 -24.69
CA GLU H 100 47.68 14.30 -23.60
C GLU H 100 46.45 13.48 -23.19
N ASN H 101 45.96 12.66 -24.11
CA ASN H 101 44.74 11.90 -23.91
C ASN H 101 44.82 10.45 -24.39
N ARG H 102 45.68 10.19 -25.37
CA ARG H 102 45.88 8.84 -25.90
C ARG H 102 46.84 7.99 -25.07
N ASP H 103 47.78 8.63 -24.37
CA ASP H 103 48.66 7.92 -23.42
C ASP H 103 47.90 7.50 -22.13
N LEU H 104 46.62 7.88 -22.08
CA LEU H 104 45.66 7.35 -21.10
C LEU H 104 45.34 5.90 -21.43
N PHE H 105 44.83 5.66 -22.64
CA PHE H 105 44.60 4.30 -23.11
C PHE H 105 45.77 3.82 -23.97
N GLN H 106 46.96 3.87 -23.37
CA GLN H 106 48.21 3.52 -24.05
C GLN H 106 48.18 2.08 -24.57
N ALA H 107 48.14 1.13 -23.65
CA ALA H 107 48.10 -0.29 -24.00
C ALA H 107 46.65 -0.78 -24.03
N GLY H 108 46.16 -1.03 -25.24
CA GLY H 108 44.79 -1.47 -25.44
C GLY H 108 44.14 -0.76 -26.61
N LEU H 109 43.67 -1.56 -27.57
CA LEU H 109 43.04 -1.07 -28.80
C LEU H 109 41.62 -0.51 -28.53
N THR H 110 41.57 0.58 -27.75
CA THR H 110 40.31 1.20 -27.29
C THR H 110 39.57 1.92 -28.42
N THR H 111 38.30 1.57 -28.64
CA THR H 111 37.46 2.24 -29.65
C THR H 111 36.22 2.95 -29.06
N ILE H 112 35.69 3.92 -29.81
CA ILE H 112 34.62 4.79 -29.33
C ILE H 112 33.28 4.48 -30.02
N VAL H 113 32.26 4.13 -29.23
CA VAL H 113 30.87 4.02 -29.71
C VAL H 113 29.95 4.75 -28.72
N PRO H 114 29.28 5.84 -29.15
CA PRO H 114 28.48 6.61 -28.20
C PRO H 114 27.08 6.02 -27.97
N ILE H 115 26.70 5.94 -26.71
CA ILE H 115 25.35 5.52 -26.34
C ILE H 115 24.58 6.77 -25.92
N ILE H 116 24.28 7.63 -26.91
CA ILE H 116 23.42 8.78 -26.70
C ILE H 116 22.15 8.31 -25.98
N GLY H 117 21.47 7.32 -26.56
CA GLY H 117 20.26 6.73 -25.94
C GLY H 117 18.97 7.36 -26.41
N GLY H 118 19.10 8.33 -27.33
CA GLY H 118 17.97 9.09 -27.84
C GLY H 118 17.96 10.51 -27.30
N GLY H 119 18.32 11.47 -28.15
CA GLY H 119 18.34 12.87 -27.76
C GLY H 119 19.60 13.27 -27.02
N GLU H 120 19.70 12.87 -25.75
CA GLU H 120 20.83 13.24 -24.89
C GLU H 120 22.01 12.27 -24.96
N ARG H 121 23.20 12.80 -25.22
CA ARG H 121 24.43 12.01 -25.19
C ARG H 121 24.68 11.48 -23.77
N LEU H 122 24.23 10.25 -23.53
CA LEU H 122 24.36 9.63 -22.20
C LEU H 122 25.68 8.86 -22.03
N GLY H 123 26.74 9.36 -22.65
CA GLY H 123 28.07 8.80 -22.47
C GLY H 123 28.61 8.04 -23.65
N THR H 124 29.39 7.01 -23.35
CA THR H 124 30.23 6.34 -24.35
C THR H 124 30.36 4.82 -24.03
N LEU H 125 30.76 4.05 -25.04
CA LEU H 125 31.11 2.63 -24.88
C LEU H 125 32.60 2.46 -25.19
N ILE H 126 33.31 1.83 -24.26
CA ILE H 126 34.75 1.68 -24.34
C ILE H 126 35.14 0.20 -24.51
N LEU H 127 35.55 -0.15 -25.73
CA LEU H 127 35.97 -1.51 -26.06
C LEU H 127 37.44 -1.53 -26.47
N SER H 128 38.24 -2.26 -25.68
CA SER H 128 39.68 -2.33 -25.87
C SER H 128 40.11 -3.73 -26.33
N ARG H 129 41.01 -3.81 -27.31
CA ARG H 129 41.55 -5.09 -27.78
C ARG H 129 43.08 -5.11 -27.91
N LEU H 130 43.61 -6.15 -28.56
CA LEU H 130 45.05 -6.34 -28.68
C LEU H 130 45.48 -6.55 -30.15
N GLN H 131 45.35 -7.78 -30.65
CA GLN H 131 45.64 -8.12 -32.05
C GLN H 131 44.41 -7.94 -32.93
N ASP H 132 43.24 -8.22 -32.35
CA ASP H 132 41.97 -8.16 -33.07
C ASP H 132 41.56 -6.71 -33.42
N GLN H 133 41.66 -6.37 -34.70
CA GLN H 133 41.30 -5.05 -35.22
C GLN H 133 39.79 -4.89 -35.19
N PHE H 134 39.32 -3.71 -34.81
CA PHE H 134 37.88 -3.44 -34.76
C PHE H 134 37.28 -3.37 -36.17
N ASN H 135 36.71 -4.50 -36.57
CA ASN H 135 36.25 -4.74 -37.95
C ASN H 135 34.90 -4.10 -38.30
N ASP H 136 34.12 -4.82 -39.11
CA ASP H 136 32.81 -4.34 -39.57
C ASP H 136 31.67 -5.16 -38.96
N ASP H 137 32.02 -6.33 -38.42
CA ASP H 137 31.06 -7.20 -37.76
C ASP H 137 31.10 -7.04 -36.23
N ASP H 138 32.26 -6.65 -35.73
CA ASP H 138 32.42 -6.26 -34.32
C ASP H 138 32.13 -4.77 -34.12
N LEU H 139 31.57 -4.16 -35.17
CA LEU H 139 30.98 -2.83 -35.09
C LEU H 139 29.46 -2.96 -35.32
N ILE H 140 28.92 -4.07 -34.79
CA ILE H 140 27.50 -4.34 -34.71
C ILE H 140 27.21 -4.70 -33.26
N LEU H 141 28.06 -5.57 -32.71
CA LEU H 141 28.00 -6.04 -31.33
C LEU H 141 28.65 -5.04 -30.37
N ALA H 142 28.53 -3.76 -30.73
CA ALA H 142 28.99 -2.63 -29.94
C ALA H 142 28.13 -1.41 -30.28
N GLU H 143 27.44 -1.49 -31.42
CA GLU H 143 26.50 -0.46 -31.84
C GLU H 143 25.07 -0.93 -31.58
N TYR H 144 24.47 -1.62 -32.57
CA TYR H 144 23.10 -2.09 -32.43
C TYR H 144 22.90 -2.83 -31.12
N GLY H 145 23.82 -3.73 -30.80
CA GLY H 145 23.71 -4.58 -29.62
C GLY H 145 24.04 -3.86 -28.33
N ALA H 146 24.73 -2.73 -28.43
CA ALA H 146 25.10 -1.93 -27.24
C ALA H 146 24.53 -0.51 -27.28
N THR H 147 23.40 -0.36 -27.96
CA THR H 147 22.56 0.82 -27.82
C THR H 147 21.26 0.38 -27.16
N VAL H 148 21.16 -0.94 -26.96
CA VAL H 148 20.09 -1.52 -26.15
C VAL H 148 20.32 -1.22 -24.67
N VAL H 149 21.55 -0.83 -24.35
CA VAL H 149 21.88 -0.32 -23.02
C VAL H 149 21.32 1.10 -22.88
N GLY H 150 21.16 1.79 -24.00
CA GLY H 150 20.42 3.05 -24.06
C GLY H 150 18.92 2.84 -24.16
N MET H 151 18.52 1.71 -24.76
CA MET H 151 17.10 1.31 -24.88
C MET H 151 16.47 1.03 -23.53
N GLU H 152 17.32 0.82 -22.53
CA GLU H 152 16.88 0.44 -21.20
C GLU H 152 16.69 1.64 -20.26
N ILE H 153 17.63 2.60 -20.30
CA ILE H 153 17.67 3.72 -19.33
C ILE H 153 16.44 4.66 -19.33
N LEU H 154 15.62 4.58 -20.37
CA LEU H 154 14.32 5.26 -20.42
C LEU H 154 13.24 4.51 -19.63
N ARG H 155 13.33 3.18 -19.59
CA ARG H 155 12.48 2.36 -18.72
C ARG H 155 13.22 2.01 -17.42
N GLU H 156 14.22 2.83 -17.09
CA GLU H 156 14.99 2.72 -15.84
C GLU H 156 15.14 4.07 -15.12
N LYS H 157 15.69 5.08 -15.80
CA LYS H 157 15.90 6.38 -15.15
C LYS H 157 14.70 7.33 -15.38
N ALA H 158 13.58 6.74 -15.80
CA ALA H 158 12.24 7.36 -15.81
C ALA H 158 11.25 6.49 -15.03
N GLU H 159 11.68 5.29 -14.66
CA GLU H 159 11.05 4.45 -13.64
C GLU H 159 11.26 5.17 -12.31
N GLU H 160 12.43 5.80 -12.19
CA GLU H 160 12.78 6.63 -11.04
C GLU H 160 12.61 8.14 -11.30
N ILE H 161 11.73 8.49 -12.26
CA ILE H 161 11.14 9.83 -12.31
C ILE H 161 9.59 9.73 -12.26
N GLU H 162 9.08 8.50 -12.33
CA GLU H 162 7.66 8.22 -12.18
C GLU H 162 7.32 7.72 -10.77
N GLU H 163 7.97 6.65 -10.33
CA GLU H 163 7.81 6.13 -8.95
C GLU H 163 8.27 7.13 -7.88
N GLU H 164 9.21 7.99 -8.27
CA GLU H 164 9.70 9.11 -7.45
C GLU H 164 8.77 10.33 -7.55
N ALA H 165 7.69 10.22 -8.34
CA ALA H 165 6.77 11.33 -8.61
C ALA H 165 5.28 10.96 -8.69
N ARG H 166 4.99 9.69 -8.90
CA ARG H 166 3.61 9.17 -8.83
C ARG H 166 3.22 8.90 -7.37
N SER H 167 4.22 8.86 -6.49
CA SER H 167 4.01 8.83 -5.05
C SER H 167 3.87 10.27 -4.50
N LYS H 168 4.44 11.23 -5.24
CA LYS H 168 4.33 12.68 -4.98
C LYS H 168 2.92 13.23 -5.26
N ALA H 169 2.26 12.64 -6.26
CA ALA H 169 0.95 13.10 -6.77
C ALA H 169 -0.25 12.43 -6.10
N VAL H 170 0.03 11.47 -5.24
CA VAL H 170 -0.99 10.83 -4.45
C VAL H 170 -1.19 11.56 -3.14
N VAL H 171 -0.08 12.00 -2.54
CA VAL H 171 -0.08 12.75 -1.29
C VAL H 171 -1.10 13.87 -1.33
N GLN H 172 -0.88 14.83 -2.22
CA GLN H 172 -1.78 15.95 -2.38
C GLN H 172 -3.20 15.47 -2.64
N MET H 173 -3.38 14.72 -3.72
CA MET H 173 -4.69 14.19 -4.08
C MET H 173 -5.22 13.21 -3.01
N ALA H 174 -4.38 12.85 -2.05
CA ALA H 174 -4.84 12.10 -0.89
C ALA H 174 -5.02 13.07 0.29
N ILE H 175 -4.26 14.15 0.30
CA ILE H 175 -4.27 15.10 1.41
C ILE H 175 -5.57 15.87 1.48
N SER H 176 -6.22 16.00 0.32
CA SER H 176 -7.50 16.67 0.20
C SER H 176 -8.50 16.13 1.21
N SER H 177 -8.70 14.81 1.17
CA SER H 177 -9.64 14.08 2.02
C SER H 177 -9.57 14.59 3.46
N LEU H 178 -8.36 14.97 3.84
CA LEU H 178 -8.12 15.58 5.12
C LEU H 178 -8.57 17.03 5.07
N SER H 179 -9.82 17.27 5.49
CA SER H 179 -10.43 18.61 5.50
C SER H 179 -10.05 19.36 6.77
N TYR H 180 -9.57 20.60 6.61
CA TYR H 180 -8.89 21.38 7.65
C TYR H 180 -8.54 20.60 8.90
N SER H 181 -9.56 20.26 9.67
CA SER H 181 -9.42 19.37 10.81
C SER H 181 -8.56 18.17 10.46
N GLU H 182 -9.09 17.31 9.59
CA GLU H 182 -8.50 16.02 9.26
C GLU H 182 -7.03 16.20 8.86
N LEU H 183 -6.76 17.32 8.18
CA LEU H 183 -5.40 17.73 7.85
C LEU H 183 -4.64 18.20 9.08
N GLU H 184 -5.26 19.07 9.89
CA GLU H 184 -4.64 19.57 11.12
C GLU H 184 -4.40 18.47 12.14
N ALA H 185 -5.29 17.48 12.13
CA ALA H 185 -5.06 16.25 12.87
C ALA H 185 -3.81 15.59 12.33
N ILE H 186 -3.81 15.34 11.03
CA ILE H 186 -2.67 14.79 10.33
C ILE H 186 -1.39 15.63 10.49
N GLU H 187 -1.56 16.95 10.55
CA GLU H 187 -0.45 17.87 10.82
C GLU H 187 0.19 17.50 12.15
N HIS H 188 -0.50 17.82 13.23
CA HIS H 188 0.04 17.68 14.58
C HIS H 188 0.07 16.22 14.98
N ILE H 189 1.05 15.50 14.45
CA ILE H 189 1.30 14.11 14.79
C ILE H 189 2.79 13.79 14.60
N PHE H 190 3.30 14.04 13.40
CA PHE H 190 4.61 13.54 12.97
C PHE H 190 5.81 14.34 13.47
N GLU H 191 5.61 14.98 14.62
CA GLU H 191 6.63 15.75 15.32
C GLU H 191 6.94 15.03 16.62
N GLU H 192 5.89 14.75 17.39
CA GLU H 192 5.98 13.90 18.59
C GLU H 192 6.14 12.42 18.19
N LEU H 193 5.75 12.10 16.96
CA LEU H 193 6.20 10.89 16.29
C LEU H 193 7.64 11.20 15.87
N ASP H 194 8.60 10.49 16.46
CA ASP H 194 10.02 10.76 16.26
C ASP H 194 10.35 10.99 14.78
N GLY H 195 10.27 9.91 13.99
CA GLY H 195 10.57 9.92 12.56
C GLY H 195 10.10 8.61 11.97
N ASN H 196 9.10 8.70 11.09
CA ASN H 196 8.40 7.53 10.52
C ASN H 196 7.66 6.68 11.57
N GLU H 197 8.39 6.12 12.52
CA GLU H 197 7.82 5.16 13.48
C GLU H 197 7.04 5.83 14.62
N GLY H 198 5.81 5.38 14.81
CA GLY H 198 4.82 6.06 15.64
C GLY H 198 4.81 5.75 17.13
N LEU H 199 3.86 6.38 17.82
CA LEU H 199 3.83 6.42 19.28
C LEU H 199 2.46 6.92 19.79
N LEU H 200 2.09 8.12 19.33
CA LEU H 200 1.06 9.00 19.94
C LEU H 200 -0.19 8.35 20.57
N VAL H 201 -0.35 8.58 21.87
CA VAL H 201 -1.44 8.00 22.67
C VAL H 201 -2.77 8.71 22.40
N ALA H 202 -3.67 8.02 21.69
CA ALA H 202 -4.94 8.57 21.21
C ALA H 202 -5.57 9.69 22.04
N SER H 203 -5.66 9.48 23.35
CA SER H 203 -6.52 10.31 24.23
C SER H 203 -6.12 11.77 24.50
N LYS H 204 -4.95 12.01 25.09
CA LYS H 204 -4.57 13.39 25.44
C LYS H 204 -4.41 14.28 24.21
N ILE H 205 -4.26 13.67 23.02
CA ILE H 205 -4.19 14.43 21.78
C ILE H 205 -5.55 15.07 21.51
N ALA H 206 -6.56 14.60 22.23
CA ALA H 206 -7.85 15.27 22.27
C ALA H 206 -7.89 16.32 23.39
N ASP H 207 -7.11 16.11 24.45
CA ASP H 207 -7.04 17.03 25.59
C ASP H 207 -6.09 18.21 25.34
N ARG H 208 -5.13 18.02 24.42
CA ARG H 208 -4.04 18.97 24.16
C ARG H 208 -4.21 19.84 22.92
N VAL H 209 -5.28 19.62 22.16
CA VAL H 209 -5.48 20.40 20.94
C VAL H 209 -6.86 21.07 20.87
N GLY H 210 -7.88 20.36 21.36
CA GLY H 210 -9.29 20.70 21.13
C GLY H 210 -9.85 19.65 20.19
N ILE H 211 -8.98 19.13 19.32
CA ILE H 211 -9.23 18.00 18.42
C ILE H 211 -9.77 16.84 19.22
N THR H 212 -11.09 16.70 19.24
CA THR H 212 -11.69 15.55 19.88
C THR H 212 -11.11 14.28 19.24
N ARG H 213 -10.97 13.26 20.08
CA ARG H 213 -10.41 11.98 19.67
C ARG H 213 -11.16 11.30 18.49
N SER H 214 -12.28 11.90 18.10
CA SER H 214 -13.17 11.37 17.06
C SER H 214 -12.65 11.67 15.67
N VAL H 215 -12.13 12.88 15.50
CA VAL H 215 -11.61 13.34 14.22
C VAL H 215 -10.17 12.85 14.01
N ILE H 216 -9.60 12.24 15.05
CA ILE H 216 -8.21 11.74 14.99
C ILE H 216 -8.06 10.35 14.34
N VAL H 217 -9.19 9.80 13.87
CA VAL H 217 -9.21 8.59 13.09
C VAL H 217 -9.16 8.98 11.64
N ASN H 218 -10.07 9.88 11.26
CA ASN H 218 -10.22 10.34 9.88
C ASN H 218 -9.10 11.24 9.39
N ALA H 219 -8.08 11.40 10.23
CA ALA H 219 -6.79 11.84 9.77
C ALA H 219 -6.04 10.61 9.29
N LEU H 220 -6.22 9.49 9.99
CA LEU H 220 -5.47 8.28 9.73
C LEU H 220 -6.21 7.26 8.87
N ARG H 221 -7.53 7.41 8.80
CA ARG H 221 -8.39 6.53 8.01
C ARG H 221 -8.38 6.92 6.54
N LYS H 222 -8.60 8.21 6.27
CA LYS H 222 -8.54 8.77 4.92
C LYS H 222 -7.11 8.73 4.38
N LEU H 223 -6.14 8.84 5.28
CA LEU H 223 -4.77 8.48 4.98
C LEU H 223 -4.65 6.99 4.78
N GLU H 224 -5.30 6.22 5.66
CA GLU H 224 -5.20 4.77 5.59
C GLU H 224 -5.61 4.23 4.24
N SER H 225 -6.86 4.44 3.83
CA SER H 225 -7.36 3.89 2.55
C SER H 225 -6.77 4.59 1.32
N ALA H 226 -5.79 5.47 1.57
CA ALA H 226 -4.93 6.06 0.55
C ALA H 226 -3.59 5.34 0.48
N GLY H 227 -3.47 4.24 1.22
CA GLY H 227 -2.23 3.47 1.30
C GLY H 227 -1.02 4.36 1.51
N VAL H 228 -0.90 4.89 2.72
CA VAL H 228 0.19 5.81 3.11
C VAL H 228 0.85 5.40 4.46
N ILE H 229 0.08 4.74 5.33
CA ILE H 229 0.56 4.31 6.65
C ILE H 229 0.17 2.86 6.95
N GLU H 230 -0.04 2.57 8.24
CA GLU H 230 -0.70 1.33 8.70
C GLU H 230 -1.44 1.53 10.05
N SER H 231 -2.77 1.54 9.99
CA SER H 231 -3.63 1.91 11.13
C SER H 231 -3.30 1.14 12.40
N ARG H 232 -2.95 -0.13 12.23
CA ARG H 232 -2.55 -1.04 13.31
C ARG H 232 -2.83 -0.48 14.72
N SER H 233 -3.98 -0.88 15.26
CA SER H 233 -4.37 -0.59 16.64
C SER H 233 -3.88 -1.69 17.60
N LEU H 234 -3.68 -1.34 18.87
CA LEU H 234 -3.16 -2.28 19.87
C LEU H 234 -4.08 -2.49 21.08
N GLY H 235 -5.37 -2.15 20.89
CA GLY H 235 -6.44 -2.47 21.86
C GLY H 235 -6.59 -1.55 23.06
N MET H 236 -5.84 -0.45 23.06
CA MET H 236 -5.76 0.44 24.23
C MET H 236 -6.38 1.82 23.96
N LYS H 237 -5.97 2.80 24.77
CA LYS H 237 -6.27 4.23 24.54
C LYS H 237 -5.09 4.98 23.91
N GLY H 238 -4.15 4.21 23.34
CA GLY H 238 -3.01 4.70 22.56
C GLY H 238 -2.75 3.87 21.32
N THR H 239 -2.62 4.54 20.19
CA THR H 239 -2.49 3.86 18.91
C THR H 239 -1.14 4.18 18.22
N TYR H 240 -0.66 3.25 17.39
CA TYR H 240 0.66 3.40 16.71
C TYR H 240 0.61 3.29 15.18
N ILE H 241 1.45 4.09 14.50
CA ILE H 241 1.39 4.28 13.04
C ILE H 241 2.73 4.14 12.28
N LYS H 242 2.74 3.27 11.26
CA LYS H 242 3.92 3.07 10.42
C LYS H 242 3.72 3.58 9.00
N VAL H 243 4.43 4.65 8.67
CA VAL H 243 4.30 5.38 7.41
C VAL H 243 4.97 4.64 6.24
N LEU H 244 4.46 4.85 5.04
CA LEU H 244 4.99 4.18 3.86
C LEU H 244 4.95 5.02 2.56
N ASN H 245 5.43 6.26 2.64
CA ASN H 245 5.69 7.10 1.44
C ASN H 245 6.79 8.15 1.69
N ASN H 246 8.04 7.70 1.58
CA ASN H 246 9.20 8.59 1.57
C ASN H 246 8.82 10.05 1.33
N LYS H 247 8.17 10.30 0.19
CA LYS H 247 7.77 11.62 -0.28
C LYS H 247 6.74 12.32 0.61
N PHE H 248 5.61 11.65 0.85
CA PHE H 248 4.50 12.19 1.64
C PHE H 248 4.98 13.10 2.76
N LEU H 249 5.81 12.55 3.66
CA LEU H 249 6.27 13.22 4.87
C LEU H 249 7.03 14.51 4.55
N ILE H 250 8.11 14.37 3.79
CA ILE H 250 8.89 15.52 3.30
C ILE H 250 7.98 16.49 2.52
N GLU H 251 7.02 15.92 1.77
CA GLU H 251 6.05 16.69 0.99
C GLU H 251 4.86 17.19 1.83
N LEU H 252 4.70 16.66 3.04
CA LEU H 252 3.78 17.24 4.05
C LEU H 252 4.46 18.48 4.61
N GLU H 253 5.74 18.30 4.94
CA GLU H 253 6.58 19.36 5.50
C GLU H 253 6.90 20.38 4.42
N ASN H 254 5.89 21.18 4.08
CA ASN H 254 6.02 22.29 3.13
C ASN H 254 5.14 23.49 3.49
N LEU H 255 3.91 23.22 3.93
CA LEU H 255 2.91 24.27 4.21
C LEU H 255 3.12 25.04 5.54
N LYS H 256 2.52 26.24 5.62
CA LYS H 256 2.77 27.21 6.69
C LYS H 256 1.50 27.87 7.31
N SER H 257 0.62 27.04 7.90
CA SER H 257 -0.54 27.49 8.71
C SER H 257 -1.27 26.32 9.39
N ALA I 1 -37.43 -49.32 11.04
CA ALA I 1 -37.01 -47.96 11.45
C ALA I 1 -36.37 -47.88 12.85
N LEU I 2 -35.26 -48.61 13.01
CA LEU I 2 -34.47 -48.59 14.24
C LEU I 2 -32.97 -48.64 13.93
N LEU I 3 -32.63 -49.17 12.76
CA LEU I 3 -31.25 -49.15 12.27
C LEU I 3 -30.87 -47.73 11.86
N GLN I 4 -31.84 -46.98 11.32
CA GLN I 4 -31.65 -45.55 11.04
C GLN I 4 -31.93 -44.65 12.28
N LYS I 5 -32.26 -45.28 13.42
CA LYS I 5 -32.35 -44.58 14.71
C LYS I 5 -30.95 -44.36 15.30
N THR I 6 -30.01 -45.24 14.93
CA THR I 6 -28.59 -45.13 15.30
C THR I 6 -27.77 -44.36 14.26
N ARG I 7 -28.26 -44.33 13.01
CA ARG I 7 -27.60 -43.60 11.90
C ARG I 7 -27.55 -42.08 12.17
N ILE I 8 -27.67 -41.73 13.46
CA ILE I 8 -27.55 -40.36 13.93
C ILE I 8 -26.85 -40.33 15.31
N ILE I 9 -27.09 -41.36 16.13
CA ILE I 9 -26.36 -41.51 17.40
C ILE I 9 -24.96 -42.05 17.10
N ASN I 10 -24.80 -42.63 15.91
CA ASN I 10 -23.49 -43.06 15.42
C ASN I 10 -23.13 -42.35 14.10
N SER I 11 -23.27 -41.04 14.11
CA SER I 11 -22.78 -40.15 13.06
C SER I 11 -22.56 -38.78 13.71
N MET I 12 -23.38 -38.50 14.72
CA MET I 12 -23.10 -37.47 15.72
C MET I 12 -21.99 -37.97 16.66
N LEU I 13 -21.88 -39.29 16.77
CA LEU I 13 -20.80 -39.96 17.50
C LEU I 13 -19.51 -39.96 16.70
N GLN I 14 -18.43 -39.61 17.39
CA GLN I 14 -17.05 -39.75 16.89
C GLN I 14 -16.04 -39.31 17.96
N ALA I 15 -15.20 -40.26 18.41
CA ALA I 15 -14.16 -40.02 19.41
C ALA I 15 -12.89 -39.37 18.81
N ALA I 16 -12.76 -38.06 19.02
CA ALA I 16 -11.70 -37.22 18.41
C ALA I 16 -11.81 -37.13 16.87
N ALA I 17 -12.57 -36.13 16.40
CA ALA I 17 -12.82 -35.87 14.97
C ALA I 17 -13.11 -34.39 14.65
N GLY I 18 -12.32 -33.49 15.23
CA GLY I 18 -12.34 -32.07 14.90
C GLY I 18 -13.56 -31.28 15.29
N LYS I 19 -14.43 -31.93 16.05
CA LYS I 19 -15.57 -31.29 16.70
C LYS I 19 -15.10 -30.67 18.02
N PRO I 20 -15.03 -29.32 18.09
CA PRO I 20 -14.73 -28.69 19.39
C PRO I 20 -15.78 -29.10 20.41
N VAL I 21 -15.34 -29.73 21.50
CA VAL I 21 -16.23 -30.48 22.42
C VAL I 21 -17.64 -29.90 22.59
N ASN I 22 -18.64 -30.58 22.05
CA ASN I 22 -20.02 -30.08 22.13
C ASN I 22 -20.92 -30.91 23.07
N PHE I 23 -21.77 -30.21 23.84
CA PHE I 23 -22.86 -30.81 24.65
C PHE I 23 -24.23 -30.24 24.25
N LYS I 24 -24.29 -29.57 23.09
CA LYS I 24 -25.53 -29.16 22.44
C LYS I 24 -26.09 -30.31 21.62
N GLU I 25 -25.36 -30.70 20.57
CA GLU I 25 -25.69 -31.88 19.74
C GLU I 25 -25.20 -33.20 20.37
N MET I 26 -25.25 -33.24 21.70
CA MET I 26 -24.93 -34.41 22.53
C MET I 26 -26.00 -34.53 23.63
N ALA I 27 -27.16 -33.91 23.35
CA ALA I 27 -28.27 -33.79 24.30
C ALA I 27 -29.54 -33.31 23.61
N GLU I 28 -29.39 -32.66 22.45
CA GLU I 28 -30.51 -32.09 21.69
C GLU I 28 -30.80 -32.69 20.30
N THR I 29 -29.77 -33.21 19.63
CA THR I 29 -29.95 -33.90 18.34
C THR I 29 -30.55 -35.30 18.57
N LEU I 30 -30.63 -35.65 19.85
CA LEU I 30 -31.21 -36.90 20.31
C LEU I 30 -32.64 -36.62 20.81
N ARG I 31 -33.37 -35.85 20.01
CA ARG I 31 -34.71 -35.40 20.32
C ARG I 31 -35.50 -35.11 19.02
N ASP I 32 -34.78 -35.11 17.91
CA ASP I 32 -35.36 -35.05 16.55
C ASP I 32 -35.46 -36.48 15.98
N VAL I 33 -35.23 -37.46 16.86
CA VAL I 33 -35.30 -38.90 16.54
C VAL I 33 -36.10 -39.64 17.65
N ILE I 34 -35.58 -39.63 18.87
CA ILE I 34 -36.26 -40.25 20.01
C ILE I 34 -37.40 -39.35 20.48
N ASP I 35 -37.08 -38.06 20.65
CA ASP I 35 -37.89 -37.11 21.43
C ASP I 35 -37.76 -37.48 22.92
N SER I 36 -36.65 -37.10 23.53
CA SER I 36 -36.35 -37.45 24.92
C SER I 36 -35.58 -36.34 25.62
N ASN I 37 -35.88 -36.13 26.91
CA ASN I 37 -35.18 -35.12 27.71
C ASN I 37 -33.75 -35.52 28.06
N ILE I 38 -32.91 -35.62 27.03
CA ILE I 38 -31.52 -36.02 27.19
C ILE I 38 -30.70 -34.91 27.90
N PHE I 39 -30.75 -34.91 29.24
CA PHE I 39 -29.92 -34.03 30.08
C PHE I 39 -28.50 -34.59 30.16
N VAL I 40 -27.52 -33.72 30.40
CA VAL I 40 -26.13 -34.16 30.64
C VAL I 40 -25.65 -33.79 32.07
N VAL I 41 -26.33 -34.36 33.08
CA VAL I 41 -25.96 -34.15 34.47
C VAL I 41 -24.73 -35.00 34.82
N SER I 42 -23.70 -34.35 35.36
CA SER I 42 -22.40 -34.99 35.64
C SER I 42 -22.42 -35.90 36.87
N ARG I 43 -21.22 -36.29 37.30
CA ARG I 43 -21.03 -37.04 38.51
C ARG I 43 -21.78 -36.38 39.66
N ARG I 44 -21.61 -35.06 39.77
CA ARG I 44 -22.09 -34.31 40.93
C ARG I 44 -23.06 -33.18 40.59
N GLY I 45 -22.82 -32.46 39.49
CA GLY I 45 -23.54 -31.20 39.26
C GLY I 45 -23.96 -30.77 37.86
N LYS I 46 -23.06 -30.10 37.14
CA LYS I 46 -23.39 -29.39 35.89
C LYS I 46 -24.01 -30.25 34.79
N LEU I 47 -24.94 -29.64 34.06
CA LEU I 47 -25.69 -30.34 33.00
C LEU I 47 -25.52 -29.68 31.62
N LEU I 48 -24.29 -29.71 31.10
CA LEU I 48 -23.87 -28.94 29.92
C LEU I 48 -24.65 -29.19 28.62
N GLY I 49 -25.57 -30.15 28.66
CA GLY I 49 -26.47 -30.37 27.57
C GLY I 49 -27.82 -30.82 28.09
N TYR I 50 -28.89 -30.35 27.45
CA TYR I 50 -30.24 -30.86 27.75
C TYR I 50 -31.14 -30.93 26.49
N SER I 51 -32.46 -31.08 26.68
CA SER I 51 -33.39 -31.28 25.57
C SER I 51 -34.80 -30.73 25.90
N ILE I 52 -35.43 -30.07 24.93
CA ILE I 52 -36.73 -29.36 25.14
C ILE I 52 -37.75 -29.45 23.98
N ASN I 53 -38.76 -30.32 24.14
CA ASN I 53 -39.97 -30.33 23.27
C ASN I 53 -41.25 -30.99 23.87
N GLN I 54 -41.12 -31.56 25.08
CA GLN I 54 -42.27 -32.08 25.86
C GLN I 54 -41.92 -32.33 27.35
N GLN I 55 -41.83 -31.25 28.14
CA GLN I 55 -41.37 -31.34 29.52
C GLN I 55 -42.46 -31.55 30.58
N ILE I 56 -42.04 -32.14 31.70
CA ILE I 56 -42.92 -32.52 32.82
C ILE I 56 -43.40 -31.33 33.69
N GLU I 57 -43.84 -31.62 34.92
CA GLU I 57 -44.43 -30.62 35.83
C GLU I 57 -43.55 -30.37 37.07
N ASN I 58 -42.32 -29.92 36.82
CA ASN I 58 -41.37 -29.68 37.90
C ASN I 58 -40.50 -28.47 37.55
N ASP I 59 -40.52 -27.47 38.44
CA ASP I 59 -39.59 -26.33 38.34
C ASP I 59 -38.43 -26.46 39.34
N ARG I 60 -38.22 -27.68 39.84
CA ARG I 60 -37.01 -28.07 40.57
C ARG I 60 -35.90 -28.31 39.54
N MET I 61 -36.32 -28.61 38.31
CA MET I 61 -35.44 -28.70 37.14
C MET I 61 -34.80 -27.34 36.84
N LYS I 62 -35.60 -26.28 36.88
CA LYS I 62 -35.13 -24.91 36.68
C LYS I 62 -34.86 -24.17 38.01
N LYS I 63 -34.93 -24.91 39.12
CA LYS I 63 -34.28 -24.51 40.37
C LYS I 63 -32.96 -25.27 40.45
N MET I 64 -32.79 -26.22 39.52
CA MET I 64 -31.54 -26.94 39.32
C MET I 64 -30.75 -26.30 38.18
N LEU I 65 -31.45 -25.64 37.26
CA LEU I 65 -30.83 -25.00 36.09
C LEU I 65 -30.25 -23.58 36.36
N GLU I 66 -30.94 -22.76 37.16
CA GLU I 66 -30.43 -21.43 37.51
C GLU I 66 -29.29 -21.57 38.54
N ASP I 67 -29.21 -22.76 39.14
CA ASP I 67 -28.03 -23.21 39.83
C ASP I 67 -27.08 -23.88 38.82
N ARG I 68 -27.68 -24.49 37.79
CA ARG I 68 -27.00 -25.39 36.83
C ARG I 68 -26.16 -26.46 37.53
N GLN I 69 -26.38 -26.60 38.83
CA GLN I 69 -25.59 -27.47 39.69
C GLN I 69 -26.46 -27.98 40.83
N PHE I 70 -26.45 -29.29 41.01
CA PHE I 70 -27.15 -29.95 42.10
C PHE I 70 -26.83 -29.34 43.45
N PRO I 71 -27.85 -29.25 44.34
CA PRO I 71 -27.61 -29.01 45.77
C PRO I 71 -26.78 -30.15 46.39
N GLU I 72 -25.81 -29.79 47.23
CA GLU I 72 -24.81 -30.73 47.77
C GLU I 72 -25.40 -31.95 48.49
N GLU I 73 -26.46 -31.75 49.25
CA GLU I 73 -27.14 -32.85 49.92
C GLU I 73 -27.77 -33.80 48.90
N TYR I 74 -28.42 -33.23 47.88
CA TYR I 74 -29.08 -33.99 46.82
C TYR I 74 -28.05 -34.66 45.89
N THR I 75 -26.80 -34.76 46.35
CA THR I 75 -25.67 -35.24 45.54
C THR I 75 -24.96 -36.47 46.12
N LYS I 76 -24.99 -36.61 47.45
CA LYS I 76 -24.33 -37.74 48.11
C LYS I 76 -24.97 -39.10 47.80
N ASN I 77 -26.30 -39.15 47.93
CA ASN I 77 -27.10 -40.35 47.67
C ASN I 77 -27.37 -40.59 46.17
N LEU I 78 -27.09 -39.58 45.35
CA LEU I 78 -27.23 -39.69 43.89
C LEU I 78 -26.51 -40.92 43.35
N PHE I 79 -25.25 -41.10 43.77
CA PHE I 79 -24.57 -42.35 43.48
C PHE I 79 -24.93 -43.38 44.52
N ASN I 80 -26.14 -43.91 44.35
CA ASN I 80 -26.58 -45.14 44.97
C ASN I 80 -27.44 -45.92 43.96
N VAL I 81 -27.30 -45.53 42.69
CA VAL I 81 -27.94 -46.21 41.55
C VAL I 81 -26.88 -47.03 40.80
N PRO I 82 -26.97 -48.37 40.87
CA PRO I 82 -25.96 -49.22 40.24
C PRO I 82 -26.01 -49.16 38.71
N GLU I 83 -27.19 -49.41 38.14
CA GLU I 83 -27.40 -49.34 36.68
C GLU I 83 -28.85 -49.09 36.23
N THR I 84 -29.01 -48.09 35.36
CA THR I 84 -30.26 -47.79 34.64
C THR I 84 -31.46 -47.56 35.56
N SER I 85 -31.88 -46.29 35.66
CA SER I 85 -33.00 -45.88 36.53
C SER I 85 -34.10 -45.08 35.81
N SER I 86 -34.78 -45.74 34.87
CA SER I 86 -35.93 -45.16 34.19
C SER I 86 -37.22 -45.38 34.99
N ASN I 87 -38.20 -44.50 34.77
CA ASN I 87 -39.48 -44.55 35.47
C ASN I 87 -39.41 -44.15 36.94
N LEU I 88 -38.49 -43.24 37.29
CA LEU I 88 -38.45 -42.67 38.64
C LEU I 88 -39.57 -41.66 38.78
N ASP I 89 -40.80 -42.18 38.83
CA ASP I 89 -42.01 -41.37 38.95
C ASP I 89 -42.18 -40.83 40.37
N ILE I 90 -43.13 -39.90 40.51
CA ILE I 90 -43.49 -39.30 41.80
C ILE I 90 -43.50 -40.32 42.97
N ASN I 91 -44.27 -41.41 42.80
CA ASN I 91 -44.42 -42.46 43.82
C ASN I 91 -43.10 -43.18 44.13
N SER I 92 -42.80 -44.20 43.33
CA SER I 92 -41.58 -45.01 43.43
C SER I 92 -41.39 -45.75 44.76
N GLU I 93 -41.54 -47.07 44.69
CA GLU I 93 -41.41 -47.94 45.86
C GLU I 93 -39.96 -48.07 46.36
N TYR I 94 -39.01 -47.99 45.42
CA TYR I 94 -37.61 -48.37 45.66
C TYR I 94 -36.77 -47.41 46.49
N THR I 95 -35.58 -47.89 46.85
CA THR I 95 -34.62 -47.14 47.68
C THR I 95 -33.33 -46.83 46.94
N ALA I 96 -32.41 -46.17 47.64
CA ALA I 96 -31.18 -45.56 47.14
C ALA I 96 -31.18 -44.11 47.67
N PHE I 97 -32.26 -43.41 47.38
CA PHE I 97 -32.62 -42.15 48.03
C PHE I 97 -33.75 -42.43 49.04
N PRO I 98 -33.77 -41.70 50.17
CA PRO I 98 -34.97 -41.76 51.00
C PRO I 98 -36.09 -40.96 50.31
N VAL I 99 -37.33 -41.44 50.42
CA VAL I 99 -38.48 -40.80 49.78
C VAL I 99 -38.61 -39.32 50.21
N GLU I 100 -37.77 -38.89 51.17
CA GLU I 100 -37.65 -37.48 51.57
C GLU I 100 -37.20 -36.68 50.36
N ASN I 101 -36.04 -37.05 49.82
CA ASN I 101 -35.48 -36.39 48.65
C ASN I 101 -36.03 -36.96 47.34
N ARG I 102 -37.20 -37.61 47.44
CA ARG I 102 -37.97 -37.97 46.26
C ARG I 102 -38.74 -36.74 45.77
N ASP I 103 -38.61 -35.61 46.49
CA ASP I 103 -39.05 -34.31 45.96
C ASP I 103 -38.06 -33.80 44.90
N LEU I 104 -37.03 -34.62 44.66
CA LEU I 104 -36.13 -34.50 43.52
C LEU I 104 -36.61 -35.44 42.40
N PHE I 105 -37.60 -36.27 42.71
CA PHE I 105 -38.14 -37.25 41.76
C PHE I 105 -39.67 -37.26 41.80
N GLN I 106 -40.26 -36.21 41.22
CA GLN I 106 -41.72 -36.07 41.19
C GLN I 106 -42.25 -35.81 39.77
N ALA I 107 -43.54 -36.11 39.57
CA ALA I 107 -44.30 -35.79 38.35
C ALA I 107 -43.90 -36.58 37.10
N GLY I 108 -44.87 -36.74 36.20
CA GLY I 108 -44.66 -37.43 34.91
C GLY I 108 -43.73 -38.62 35.06
N LEU I 109 -42.63 -38.59 34.31
CA LEU I 109 -41.58 -39.61 34.42
C LEU I 109 -40.17 -39.00 34.39
N THR I 110 -39.21 -39.71 34.99
CA THR I 110 -37.80 -39.32 34.95
C THR I 110 -36.88 -40.56 34.96
N THR I 111 -35.63 -40.39 34.52
CA THR I 111 -34.69 -41.50 34.31
C THR I 111 -33.25 -41.14 34.74
N ILE I 112 -32.57 -42.07 35.41
CA ILE I 112 -31.16 -41.90 35.79
C ILE I 112 -30.27 -43.03 35.27
N VAL I 113 -29.34 -42.71 34.38
CA VAL I 113 -28.48 -43.72 33.78
C VAL I 113 -26.99 -43.45 33.99
N PRO I 114 -26.26 -44.42 34.57
CA PRO I 114 -24.81 -44.38 34.59
C PRO I 114 -24.18 -44.33 33.18
N ILE I 115 -23.01 -43.70 33.08
CA ILE I 115 -22.27 -43.62 31.82
C ILE I 115 -21.02 -44.50 31.89
N ILE I 116 -21.03 -45.55 31.07
CA ILE I 116 -20.11 -46.67 31.20
C ILE I 116 -18.80 -46.51 30.42
N GLY I 117 -18.36 -45.27 30.29
CA GLY I 117 -17.13 -44.97 29.55
C GLY I 117 -15.90 -45.48 30.27
N GLY I 118 -14.78 -45.49 29.55
CA GLY I 118 -13.52 -46.09 30.01
C GLY I 118 -12.89 -45.56 31.28
N GLY I 119 -13.47 -45.94 32.42
CA GLY I 119 -12.94 -45.60 33.73
C GLY I 119 -13.97 -45.71 34.84
N GLU I 120 -14.14 -44.61 35.58
CA GLU I 120 -15.14 -44.53 36.65
C GLU I 120 -16.56 -44.51 36.09
N ARG I 121 -17.55 -44.35 36.97
CA ARG I 121 -18.92 -44.14 36.53
C ARG I 121 -19.05 -42.68 36.14
N LEU I 122 -18.85 -42.44 34.85
CA LEU I 122 -18.60 -41.10 34.34
C LEU I 122 -19.77 -40.14 34.42
N GLY I 123 -20.95 -40.63 34.79
CA GLY I 123 -22.11 -39.75 34.94
C GLY I 123 -23.50 -40.33 35.09
N THR I 124 -24.23 -39.79 36.07
CA THR I 124 -25.65 -40.05 36.23
C THR I 124 -26.42 -39.23 35.19
N LEU I 125 -27.14 -39.92 34.31
CA LEU I 125 -27.81 -39.30 33.15
C LEU I 125 -29.32 -39.09 33.36
N ILE I 126 -29.72 -37.83 33.55
CA ILE I 126 -31.12 -37.46 33.84
C ILE I 126 -31.98 -37.25 32.58
N LEU I 127 -33.08 -37.99 32.50
CA LEU I 127 -34.07 -37.85 31.42
C LEU I 127 -35.49 -37.70 31.98
N SER I 128 -36.37 -37.08 31.21
CA SER I 128 -37.76 -36.96 31.59
C SER I 128 -38.70 -37.01 30.40
N ARG I 129 -39.89 -37.57 30.63
CA ARG I 129 -40.98 -37.56 29.66
C ARG I 129 -42.32 -37.46 30.37
N LEU I 130 -43.31 -36.89 29.69
CA LEU I 130 -44.67 -36.82 30.22
C LEU I 130 -45.06 -38.21 30.71
N GLN I 131 -45.00 -39.17 29.78
CA GLN I 131 -45.23 -40.59 30.03
C GLN I 131 -44.87 -41.43 28.81
N ASP I 132 -45.90 -41.85 28.08
CA ASP I 132 -45.81 -42.42 26.73
C ASP I 132 -45.00 -43.71 26.58
N GLN I 133 -44.46 -43.92 25.38
CA GLN I 133 -43.85 -45.18 24.96
C GLN I 133 -42.38 -45.09 24.56
N PHE I 134 -41.50 -45.48 25.48
CA PHE I 134 -40.07 -45.69 25.21
C PHE I 134 -39.84 -47.16 24.82
N ASN I 135 -40.85 -47.78 24.20
CA ASN I 135 -40.99 -49.27 24.18
C ASN I 135 -39.72 -50.11 24.30
N ASP I 136 -38.85 -50.00 23.29
CA ASP I 136 -37.51 -50.60 23.27
C ASP I 136 -36.77 -50.02 22.07
N ASP I 137 -37.54 -49.49 21.12
CA ASP I 137 -37.02 -48.84 19.91
C ASP I 137 -36.39 -47.48 20.22
N ASP I 138 -36.67 -46.95 21.43
CA ASP I 138 -36.24 -45.60 21.81
C ASP I 138 -35.70 -45.41 23.26
N LEU I 139 -35.83 -46.45 24.11
CA LEU I 139 -35.30 -46.42 25.49
C LEU I 139 -33.80 -46.76 25.54
N ILE I 140 -33.42 -47.84 24.87
CA ILE I 140 -32.03 -48.30 24.83
C ILE I 140 -31.20 -47.48 23.84
N LEU I 141 -31.83 -46.47 23.26
CA LEU I 141 -31.12 -45.44 22.49
C LEU I 141 -30.76 -44.25 23.38
N ALA I 142 -31.22 -44.28 24.62
CA ALA I 142 -30.85 -43.30 25.65
C ALA I 142 -29.68 -43.81 26.51
N GLU I 143 -29.25 -45.04 26.21
CA GLU I 143 -28.10 -45.67 26.86
C GLU I 143 -26.96 -45.85 25.86
N TYR I 144 -27.29 -45.87 24.57
CA TYR I 144 -26.31 -45.76 23.51
C TYR I 144 -25.94 -44.29 23.34
N GLY I 145 -26.91 -43.43 23.63
CA GLY I 145 -26.68 -42.00 23.80
C GLY I 145 -26.24 -41.69 25.22
N ALA I 146 -25.45 -42.60 25.78
CA ALA I 146 -24.82 -42.42 27.08
C ALA I 146 -23.36 -42.82 26.99
N THR I 147 -23.02 -43.58 25.93
CA THR I 147 -21.65 -44.07 25.68
C THR I 147 -21.06 -43.53 24.36
N VAL I 148 -21.80 -42.62 23.73
CA VAL I 148 -21.18 -41.58 22.92
C VAL I 148 -20.86 -40.42 23.88
N VAL I 149 -21.60 -40.37 25.01
CA VAL I 149 -21.40 -39.35 26.07
C VAL I 149 -20.13 -39.61 26.88
N GLY I 150 -20.01 -40.80 27.45
CA GLY I 150 -18.81 -41.19 28.18
C GLY I 150 -17.60 -41.41 27.29
N MET I 151 -17.71 -40.96 26.05
CA MET I 151 -16.60 -40.95 25.13
C MET I 151 -16.59 -39.60 24.39
N GLU I 152 -17.23 -38.61 25.02
CA GLU I 152 -17.07 -37.19 24.67
C GLU I 152 -17.11 -36.34 25.97
N ILE I 153 -17.25 -37.05 27.11
CA ILE I 153 -16.80 -36.61 28.44
C ILE I 153 -15.30 -36.86 28.47
N LEU I 154 -14.91 -38.06 28.03
CA LEU I 154 -13.51 -38.40 27.91
C LEU I 154 -12.93 -37.87 26.61
N ARG I 155 -13.77 -37.28 25.78
CA ARG I 155 -13.25 -36.55 24.63
C ARG I 155 -13.10 -35.07 24.95
N GLU I 156 -13.44 -34.67 26.19
CA GLU I 156 -13.09 -33.32 26.73
C GLU I 156 -12.16 -33.40 27.94
N LYS I 157 -12.59 -34.09 28.98
CA LYS I 157 -11.74 -34.31 30.14
C LYS I 157 -10.49 -35.11 29.74
N ALA I 158 -10.21 -35.13 28.45
CA ALA I 158 -8.92 -35.56 27.92
C ALA I 158 -8.19 -34.30 27.52
N GLU I 159 -8.49 -33.83 26.30
CA GLU I 159 -7.93 -32.57 25.83
C GLU I 159 -8.61 -31.39 26.51
N GLU I 160 -8.65 -31.46 27.84
CA GLU I 160 -8.88 -30.30 28.70
C GLU I 160 -7.55 -30.09 29.39
N ILE I 161 -6.87 -31.20 29.64
CA ILE I 161 -5.66 -31.20 30.44
C ILE I 161 -4.38 -31.57 29.66
N GLU I 162 -4.53 -32.02 28.42
CA GLU I 162 -3.40 -32.14 27.48
C GLU I 162 -2.73 -30.78 27.31
N GLU I 163 -3.57 -29.78 27.06
CA GLU I 163 -3.15 -28.40 26.78
C GLU I 163 -2.38 -27.76 27.94
N GLU I 164 -2.98 -27.70 29.12
CA GLU I 164 -2.37 -27.03 30.27
C GLU I 164 -1.13 -27.77 30.80
N ALA I 165 -0.97 -29.02 30.40
CA ALA I 165 0.29 -29.71 30.54
C ALA I 165 1.30 -29.09 29.56
N ARG I 166 0.97 -29.17 28.27
CA ARG I 166 1.69 -28.48 27.20
C ARG I 166 2.00 -27.03 27.57
N SER I 167 1.04 -26.38 28.24
CA SER I 167 1.16 -24.99 28.64
C SER I 167 2.36 -24.76 29.55
N LYS I 168 2.30 -25.32 30.77
CA LYS I 168 3.32 -25.09 31.80
C LYS I 168 4.60 -25.89 31.55
N ALA I 169 4.49 -26.86 30.64
CA ALA I 169 5.66 -27.47 29.99
C ALA I 169 6.11 -26.56 28.85
N VAL I 170 7.37 -26.68 28.42
CA VAL I 170 8.05 -25.72 27.52
C VAL I 170 8.05 -24.27 28.03
N VAL I 171 7.01 -23.90 28.78
CA VAL I 171 6.96 -22.68 29.57
C VAL I 171 8.22 -22.65 30.44
N GLN I 172 8.35 -23.69 31.26
CA GLN I 172 9.52 -23.85 32.11
C GLN I 172 10.67 -24.46 31.31
N MET I 173 10.35 -25.11 30.19
CA MET I 173 11.36 -25.52 29.22
C MET I 173 11.62 -24.37 28.24
N ALA I 174 11.70 -23.19 28.83
CA ALA I 174 12.30 -22.03 28.21
C ALA I 174 13.27 -21.49 29.28
N ILE I 175 12.85 -21.59 30.53
CA ILE I 175 13.72 -21.35 31.66
C ILE I 175 14.90 -22.31 31.62
N SER I 176 14.60 -23.57 31.29
CA SER I 176 15.59 -24.66 31.28
C SER I 176 16.77 -24.44 30.32
N SER I 177 16.68 -23.39 29.50
CA SER I 177 17.78 -22.97 28.66
C SER I 177 18.29 -21.57 29.05
N LEU I 178 17.45 -20.81 29.74
CA LEU I 178 17.84 -19.49 30.26
C LEU I 178 18.70 -19.65 31.53
N SER I 179 19.44 -18.60 31.88
CA SER I 179 20.31 -18.61 33.07
C SER I 179 19.96 -17.51 34.10
N TYR I 180 20.97 -17.06 34.86
CA TYR I 180 20.80 -16.27 36.09
C TYR I 180 20.17 -14.86 35.94
N SER I 181 20.78 -14.02 35.09
CA SER I 181 20.44 -12.58 35.01
C SER I 181 19.54 -12.12 33.82
N GLU I 182 19.29 -13.00 32.84
CA GLU I 182 18.36 -12.71 31.73
C GLU I 182 16.93 -13.07 32.15
N LEU I 183 16.83 -13.87 33.20
CA LEU I 183 15.56 -14.09 33.89
C LEU I 183 15.22 -12.83 34.65
N GLU I 184 16.15 -12.36 35.49
CA GLU I 184 16.01 -11.06 36.15
C GLU I 184 16.28 -9.93 35.15
N ALA I 185 16.29 -10.32 33.87
CA ALA I 185 16.15 -9.38 32.76
C ALA I 185 14.82 -9.71 32.09
N ILE I 186 13.85 -10.11 32.91
CA ILE I 186 12.54 -10.56 32.48
C ILE I 186 11.71 -10.63 33.76
N GLU I 187 12.18 -11.39 34.75
CA GLU I 187 11.69 -11.27 36.11
C GLU I 187 12.03 -9.86 36.56
N HIS I 188 12.30 -9.00 35.59
CA HIS I 188 12.40 -7.56 35.76
C HIS I 188 11.83 -6.87 34.52
N ILE I 189 10.89 -7.56 33.90
CA ILE I 189 10.13 -7.03 32.76
C ILE I 189 8.65 -7.33 32.95
N PHE I 190 8.30 -8.62 33.06
CA PHE I 190 6.93 -9.03 33.36
C PHE I 190 6.65 -8.66 34.81
N GLU I 191 7.63 -8.90 35.68
CA GLU I 191 7.54 -8.55 37.12
C GLU I 191 7.58 -7.03 37.35
N GLU I 192 8.08 -6.29 36.36
CA GLU I 192 8.18 -4.83 36.43
C GLU I 192 6.92 -4.15 35.86
N LEU I 193 6.35 -4.73 34.81
CA LEU I 193 5.21 -4.16 34.10
C LEU I 193 3.94 -4.95 34.39
N ASP I 194 2.81 -4.25 34.45
CA ASP I 194 1.60 -4.75 35.11
C ASP I 194 0.79 -5.86 34.40
N GLY I 195 1.49 -6.76 33.72
CA GLY I 195 0.88 -8.03 33.28
C GLY I 195 1.12 -8.48 31.84
N ASN I 196 0.02 -8.52 31.08
CA ASN I 196 -0.01 -9.04 29.72
C ASN I 196 -0.10 -7.90 28.68
N GLU I 197 -0.82 -6.84 29.02
CA GLU I 197 -1.10 -5.74 28.10
C GLU I 197 -0.05 -4.62 28.16
N GLY I 198 1.23 -4.98 28.27
CA GLY I 198 2.27 -3.99 28.56
C GLY I 198 3.44 -3.81 27.60
N LEU I 199 3.91 -2.56 27.51
CA LEU I 199 5.12 -2.19 26.76
C LEU I 199 6.23 -1.69 27.70
N LEU I 200 7.44 -2.21 27.51
CA LEU I 200 8.57 -1.86 28.39
C LEU I 200 9.62 -0.95 27.73
N VAL I 201 10.14 -0.04 28.56
CA VAL I 201 11.15 0.98 28.19
C VAL I 201 12.54 0.33 27.97
N ALA I 202 13.01 0.37 26.72
CA ALA I 202 14.18 -0.40 26.25
C ALA I 202 15.35 -0.55 27.24
N SER I 203 15.97 0.58 27.58
CA SER I 203 17.08 0.56 28.56
C SER I 203 17.10 1.78 29.51
N LYS I 204 15.95 2.06 30.14
CA LYS I 204 15.91 2.85 31.37
C LYS I 204 15.88 1.88 32.57
N ILE I 205 16.10 0.60 32.27
CA ILE I 205 16.06 -0.50 33.24
C ILE I 205 17.42 -1.19 33.37
N ALA I 206 18.17 -1.27 32.27
CA ALA I 206 19.51 -1.90 32.26
C ALA I 206 20.41 -1.41 33.42
N ASP I 207 20.22 -0.15 33.81
CA ASP I 207 20.87 0.40 34.99
C ASP I 207 19.85 0.78 36.09
N ARG I 208 19.01 -0.19 36.49
CA ARG I 208 18.06 -0.03 37.59
C ARG I 208 18.41 -0.95 38.78
N VAL I 209 18.02 -2.23 38.66
CA VAL I 209 18.44 -3.33 39.58
C VAL I 209 18.91 -4.55 38.71
N GLY I 210 19.48 -4.23 37.55
CA GLY I 210 19.79 -5.23 36.52
C GLY I 210 21.16 -5.20 35.84
N ILE I 211 21.15 -5.41 34.51
CA ILE I 211 22.28 -5.97 33.76
C ILE I 211 22.89 -5.05 32.67
N THR I 212 22.86 -5.46 31.39
CA THR I 212 23.44 -4.67 30.29
C THR I 212 22.55 -4.48 29.04
N ARG I 213 23.19 -4.47 27.86
CA ARG I 213 22.55 -4.14 26.56
C ARG I 213 22.21 -5.36 25.71
N SER I 214 22.83 -6.49 26.02
CA SER I 214 22.61 -7.69 25.22
C SER I 214 22.26 -8.91 26.08
N VAL I 215 21.73 -8.64 27.28
CA VAL I 215 21.19 -9.68 28.17
C VAL I 215 19.70 -9.89 27.90
N ILE I 216 19.18 -9.05 27.01
CA ILE I 216 17.81 -9.07 26.58
C ILE I 216 17.78 -9.61 25.14
N VAL I 217 18.95 -9.67 24.53
CA VAL I 217 19.19 -10.37 23.26
C VAL I 217 18.91 -11.86 23.44
N ASN I 218 19.12 -12.34 24.66
CA ASN I 218 18.91 -13.74 25.02
C ASN I 218 17.78 -13.98 26.04
N ALA I 219 17.11 -12.90 26.42
CA ALA I 219 15.90 -12.99 27.24
C ALA I 219 14.66 -12.88 26.37
N LEU I 220 14.72 -12.00 25.37
CA LEU I 220 13.63 -11.84 24.39
C LEU I 220 13.63 -12.88 23.25
N ARG I 221 14.73 -13.63 23.14
CA ARG I 221 14.75 -14.83 22.28
C ARG I 221 14.70 -16.07 23.16
N LYS I 222 14.54 -17.24 22.55
CA LYS I 222 14.09 -18.47 23.25
C LYS I 222 12.62 -18.30 23.67
N LEU I 223 12.28 -17.08 24.08
CA LEU I 223 10.96 -16.68 24.54
C LEU I 223 10.00 -16.45 23.36
N GLU I 224 10.54 -15.95 22.25
CA GLU I 224 9.77 -15.80 21.03
C GLU I 224 9.82 -17.12 20.27
N SER I 225 10.95 -17.82 20.40
CA SER I 225 11.20 -19.09 19.72
C SER I 225 11.06 -20.31 20.63
N ALA I 226 9.83 -20.53 21.08
CA ALA I 226 9.40 -21.77 21.71
C ALA I 226 7.87 -21.72 21.71
N GLY I 227 7.36 -20.60 21.19
CA GLY I 227 5.93 -20.29 21.17
C GLY I 227 5.48 -19.68 22.47
N VAL I 228 6.26 -18.71 22.98
CA VAL I 228 6.02 -18.13 24.31
C VAL I 228 5.54 -16.69 24.24
N ILE I 229 6.22 -15.85 23.47
CA ILE I 229 5.85 -14.43 23.40
C ILE I 229 5.88 -13.83 22.01
N GLU I 230 5.33 -12.62 21.94
CA GLU I 230 5.56 -11.70 20.84
C GLU I 230 6.06 -10.39 21.43
N SER I 231 7.10 -9.83 20.82
CA SER I 231 7.74 -8.62 21.32
C SER I 231 8.51 -7.92 20.20
N ARG I 232 7.81 -7.08 19.42
CA ARG I 232 8.42 -6.35 18.30
C ARG I 232 8.97 -4.97 18.73
N SER I 233 10.29 -4.93 18.89
CA SER I 233 11.01 -3.70 19.25
C SER I 233 11.21 -2.87 17.98
N LEU I 234 11.93 -1.74 18.08
CA LEU I 234 12.21 -0.88 16.92
C LEU I 234 13.69 -0.44 16.82
N GLY I 235 13.92 0.66 16.11
CA GLY I 235 15.23 1.28 16.06
C GLY I 235 15.33 2.50 16.98
N MET I 236 14.21 3.21 17.13
CA MET I 236 14.12 4.48 17.89
C MET I 236 14.24 4.31 19.42
N LYS I 237 13.19 4.72 20.14
CA LYS I 237 12.98 4.40 21.56
C LYS I 237 11.65 3.65 21.75
N GLY I 238 11.70 2.31 21.71
CA GLY I 238 10.49 1.48 21.82
C GLY I 238 10.66 -0.02 22.01
N THR I 239 9.60 -0.66 22.52
CA THR I 239 9.48 -2.11 22.67
C THR I 239 8.06 -2.46 23.13
N TYR I 240 7.31 -3.18 22.30
CA TYR I 240 5.95 -3.61 22.65
C TYR I 240 5.79 -5.12 22.89
N ILE I 241 5.06 -5.49 23.96
CA ILE I 241 4.95 -6.89 24.45
C ILE I 241 3.53 -7.48 24.52
N LYS I 242 3.39 -8.72 24.05
CA LYS I 242 2.26 -9.63 24.36
C LYS I 242 2.72 -11.11 24.33
N VAL I 243 1.77 -12.05 24.42
CA VAL I 243 2.12 -13.46 24.67
C VAL I 243 1.69 -14.49 23.61
N LEU I 244 2.02 -15.76 23.89
CA LEU I 244 1.68 -16.92 23.05
C LEU I 244 1.39 -18.17 23.91
N ASN I 245 1.76 -18.13 25.19
CA ASN I 245 1.40 -19.21 26.12
C ASN I 245 0.43 -18.77 27.23
N ASN I 246 -0.27 -19.77 27.78
CA ASN I 246 -1.34 -19.59 28.76
C ASN I 246 -0.87 -19.01 30.10
N LYS I 247 -0.75 -19.87 31.11
CA LYS I 247 -0.27 -19.50 32.44
C LYS I 247 1.25 -19.34 32.42
N PHE I 248 1.73 -18.51 31.51
CA PHE I 248 3.15 -18.24 31.34
C PHE I 248 3.68 -17.31 32.44
N LEU I 249 2.98 -16.19 32.66
CA LEU I 249 3.35 -15.26 33.74
C LEU I 249 2.65 -15.65 35.06
N ILE I 250 2.94 -16.86 35.50
CA ILE I 250 2.37 -17.48 36.69
C ILE I 250 3.44 -18.40 37.26
N GLU I 251 4.23 -18.97 36.35
CA GLU I 251 5.46 -19.70 36.66
C GLU I 251 6.68 -18.76 36.78
N LEU I 252 6.38 -17.47 36.95
CA LEU I 252 7.35 -16.46 37.34
C LEU I 252 6.98 -16.05 38.76
N GLU I 253 5.68 -16.09 39.03
CA GLU I 253 5.10 -15.75 40.32
C GLU I 253 5.13 -16.92 41.33
N ASN I 254 5.29 -18.15 40.83
CA ASN I 254 5.47 -19.34 41.67
C ASN I 254 6.95 -19.70 41.94
N LEU I 255 7.84 -19.14 41.11
CA LEU I 255 9.28 -19.14 41.36
C LEU I 255 9.60 -18.00 42.33
N LYS I 256 9.65 -16.77 41.82
CA LYS I 256 9.89 -15.58 42.63
C LYS I 256 10.98 -15.80 43.69
N SER I 257 12.22 -16.02 43.22
CA SER I 257 13.36 -16.29 44.09
C SER I 257 14.51 -15.31 43.84
N ALA J 1 -36.24 -58.81 24.91
CA ALA J 1 -35.03 -59.52 25.33
C ALA J 1 -33.76 -59.02 24.65
N LEU J 2 -33.92 -58.04 23.76
CA LEU J 2 -32.79 -57.33 23.18
C LEU J 2 -32.13 -56.43 24.22
N LEU J 3 -32.92 -55.97 25.20
CA LEU J 3 -32.44 -55.08 26.27
C LEU J 3 -31.17 -55.64 26.93
N GLN J 4 -31.21 -56.93 27.23
CA GLN J 4 -30.02 -57.64 27.68
C GLN J 4 -29.04 -57.80 26.52
N LYS J 5 -29.50 -58.33 25.39
CA LYS J 5 -28.64 -58.55 24.20
C LYS J 5 -27.87 -57.30 23.78
N THR J 6 -28.42 -56.12 24.08
CA THR J 6 -27.70 -54.86 23.97
C THR J 6 -26.80 -54.67 25.20
N ARG J 7 -27.41 -54.67 26.38
CA ARG J 7 -26.71 -54.48 27.67
C ARG J 7 -25.27 -55.04 27.76
N ILE J 8 -25.05 -56.24 27.24
CA ILE J 8 -23.74 -56.90 27.36
C ILE J 8 -22.67 -56.23 26.51
N ILE J 9 -23.06 -55.62 25.40
CA ILE J 9 -22.16 -54.74 24.64
C ILE J 9 -21.73 -53.61 25.58
N ASN J 10 -22.70 -53.08 26.32
CA ASN J 10 -22.45 -52.03 27.30
C ASN J 10 -21.70 -52.61 28.48
N SER J 11 -22.27 -53.62 29.11
CA SER J 11 -21.68 -54.24 30.29
C SER J 11 -20.48 -55.16 29.98
N MET J 12 -19.72 -54.78 28.95
CA MET J 12 -18.39 -55.36 28.70
C MET J 12 -17.36 -54.25 28.50
N LEU J 13 -17.70 -53.31 27.61
CA LEU J 13 -16.73 -52.39 27.01
C LEU J 13 -16.05 -51.46 28.00
N GLN J 14 -14.73 -51.34 27.86
CA GLN J 14 -13.90 -50.47 28.69
C GLN J 14 -13.38 -49.26 27.89
N ALA J 15 -12.68 -49.52 26.78
CA ALA J 15 -12.08 -48.50 25.88
C ALA J 15 -10.72 -47.91 26.35
N ALA J 16 -9.66 -48.71 26.18
CA ALA J 16 -8.31 -48.43 26.71
C ALA J 16 -8.34 -48.10 28.21
N ALA J 17 -8.88 -49.04 29.00
CA ALA J 17 -9.14 -48.82 30.43
C ALA J 17 -8.88 -50.04 31.30
N GLY J 18 -7.99 -49.88 32.28
CA GLY J 18 -7.58 -50.95 33.19
C GLY J 18 -6.68 -51.97 32.53
N LYS J 19 -7.09 -52.39 31.35
CA LYS J 19 -6.40 -53.38 30.54
C LYS J 19 -5.98 -52.80 29.17
N PRO J 20 -4.94 -53.37 28.53
CA PRO J 20 -4.64 -52.95 27.16
C PRO J 20 -5.50 -53.73 26.16
N VAL J 21 -5.36 -53.39 24.89
CA VAL J 21 -6.32 -53.79 23.87
C VAL J 21 -6.24 -55.28 23.43
N ASN J 22 -7.22 -56.05 23.87
CA ASN J 22 -7.45 -57.39 23.35
C ASN J 22 -8.67 -57.35 22.42
N PHE J 23 -8.61 -58.10 21.33
CA PHE J 23 -9.62 -58.01 20.26
C PHE J 23 -10.52 -59.23 20.19
N LYS J 24 -9.90 -60.41 20.26
CA LYS J 24 -10.62 -61.67 20.20
C LYS J 24 -11.54 -61.81 21.39
N GLU J 25 -11.19 -61.16 22.51
CA GLU J 25 -12.07 -61.12 23.68
C GLU J 25 -13.43 -60.54 23.25
N MET J 26 -13.39 -59.37 22.61
CA MET J 26 -14.59 -58.67 22.19
C MET J 26 -15.39 -59.48 21.17
N ALA J 27 -14.73 -59.91 20.11
CA ALA J 27 -15.39 -60.72 19.09
C ALA J 27 -15.65 -62.16 19.56
N GLU J 28 -15.35 -62.43 20.83
CA GLU J 28 -15.79 -63.66 21.50
C GLU J 28 -16.83 -63.30 22.57
N THR J 29 -17.48 -62.16 22.38
CA THR J 29 -18.52 -61.68 23.27
C THR J 29 -19.50 -60.81 22.48
N LEU J 30 -19.12 -60.46 21.26
CA LEU J 30 -20.00 -59.79 20.30
C LEU J 30 -20.30 -60.78 19.17
N ARG J 31 -19.55 -61.87 19.20
CA ARG J 31 -19.91 -63.14 18.59
C ARG J 31 -21.30 -63.55 19.07
N ASP J 32 -21.47 -63.60 20.40
CA ASP J 32 -22.68 -64.09 21.09
C ASP J 32 -23.96 -63.32 20.74
N VAL J 33 -23.96 -62.03 21.09
CA VAL J 33 -25.08 -61.13 20.86
C VAL J 33 -25.84 -61.52 19.59
N ILE J 34 -25.14 -61.50 18.46
CA ILE J 34 -25.75 -61.67 17.14
C ILE J 34 -26.19 -63.12 16.83
N ASP J 35 -25.31 -64.08 17.11
CA ASP J 35 -25.41 -65.49 16.69
C ASP J 35 -24.49 -65.80 15.48
N SER J 36 -23.81 -64.76 14.97
CA SER J 36 -22.96 -64.86 13.77
C SER J 36 -21.46 -64.68 14.04
N ASN J 37 -20.64 -65.03 13.05
CA ASN J 37 -19.19 -65.07 13.18
C ASN J 37 -18.49 -63.72 12.98
N ILE J 38 -18.03 -63.14 14.08
CA ILE J 38 -17.59 -61.74 14.11
C ILE J 38 -16.18 -61.53 13.58
N PHE J 39 -15.99 -61.77 12.29
CA PHE J 39 -14.75 -61.42 11.62
C PHE J 39 -14.56 -59.89 11.65
N VAL J 40 -13.39 -59.44 12.09
CA VAL J 40 -13.07 -57.99 12.18
C VAL J 40 -11.67 -57.63 11.63
N VAL J 41 -11.65 -57.01 10.45
CA VAL J 41 -10.40 -56.56 9.81
C VAL J 41 -10.10 -55.08 10.11
N SER J 42 -9.17 -54.49 9.36
CA SER J 42 -8.89 -53.05 9.46
C SER J 42 -8.78 -52.36 8.09
N ARG J 43 -8.43 -51.07 8.11
CA ARG J 43 -8.34 -50.22 6.92
C ARG J 43 -7.45 -50.78 5.82
N ARG J 44 -6.22 -51.16 6.19
CA ARG J 44 -5.26 -51.77 5.24
C ARG J 44 -5.34 -53.30 5.32
N GLY J 45 -6.52 -53.81 5.69
CA GLY J 45 -6.73 -55.24 5.87
C GLY J 45 -6.36 -55.66 7.27
N LYS J 46 -6.00 -56.93 7.42
CA LYS J 46 -5.48 -57.48 8.69
C LYS J 46 -6.53 -57.62 9.78
N LEU J 47 -6.46 -58.73 10.50
CA LEU J 47 -7.55 -59.17 11.35
C LEU J 47 -6.94 -59.75 12.64
N LEU J 48 -6.88 -58.94 13.70
CA LEU J 48 -6.26 -59.40 14.96
C LEU J 48 -7.30 -59.72 16.08
N GLY J 49 -8.53 -60.00 15.67
CA GLY J 49 -9.60 -60.41 16.59
C GLY J 49 -10.92 -60.61 15.86
N TYR J 50 -11.41 -61.86 15.83
CA TYR J 50 -12.53 -62.23 14.96
C TYR J 50 -13.39 -63.41 15.42
N SER J 51 -12.80 -64.29 16.23
CA SER J 51 -13.39 -65.58 16.64
C SER J 51 -14.84 -65.87 16.21
N ILE J 52 -14.98 -66.89 15.36
CA ILE J 52 -16.26 -67.35 14.78
C ILE J 52 -17.07 -68.20 15.78
N ASN J 53 -18.27 -68.64 15.38
CA ASN J 53 -19.09 -69.52 16.25
C ASN J 53 -19.89 -70.65 15.57
N GLN J 54 -20.58 -70.36 14.46
CA GLN J 54 -21.23 -71.44 13.69
C GLN J 54 -20.50 -71.76 12.36
N GLN J 55 -19.18 -71.58 12.40
CA GLN J 55 -18.19 -72.13 11.45
C GLN J 55 -18.19 -71.55 10.03
N ILE J 56 -16.98 -71.42 9.48
CA ILE J 56 -16.76 -71.00 8.09
C ILE J 56 -15.97 -72.06 7.32
N GLU J 57 -15.94 -71.94 6.00
CA GLU J 57 -15.27 -72.94 5.15
C GLU J 57 -14.49 -72.32 3.98
N ASN J 58 -14.73 -71.04 3.71
CA ASN J 58 -14.33 -70.34 2.45
C ASN J 58 -12.88 -70.50 1.93
N ASP J 59 -12.69 -70.18 0.65
CA ASP J 59 -11.39 -70.22 -0.04
C ASP J 59 -10.54 -68.99 0.25
N ARG J 60 -11.18 -67.83 0.38
CA ARG J 60 -10.47 -66.56 0.59
C ARG J 60 -10.40 -66.17 2.05
N MET J 61 -11.53 -66.30 2.75
CA MET J 61 -11.51 -66.29 4.21
C MET J 61 -10.77 -67.55 4.65
N LYS J 62 -9.98 -68.05 3.71
CA LYS J 62 -8.95 -69.08 3.90
C LYS J 62 -7.57 -68.52 3.50
N LYS J 63 -7.51 -67.80 2.38
CA LYS J 63 -6.28 -67.09 1.99
C LYS J 63 -6.29 -65.70 2.63
N MET J 64 -6.18 -65.74 3.96
CA MET J 64 -6.43 -64.64 4.89
C MET J 64 -6.61 -65.34 6.22
N LEU J 65 -7.19 -66.54 6.18
CA LEU J 65 -7.21 -67.47 7.31
C LEU J 65 -5.80 -68.09 7.53
N GLU J 66 -4.90 -67.82 6.58
CA GLU J 66 -3.49 -68.22 6.66
C GLU J 66 -2.58 -66.99 6.70
N ASP J 67 -3.00 -65.93 6.00
CA ASP J 67 -2.23 -64.71 5.83
C ASP J 67 -2.60 -63.58 6.81
N ARG J 68 -3.89 -63.50 7.16
CA ARG J 68 -4.43 -62.41 7.99
C ARG J 68 -4.50 -61.10 7.23
N GLN J 69 -3.41 -60.77 6.55
CA GLN J 69 -3.32 -59.60 5.66
C GLN J 69 -4.12 -59.84 4.38
N PHE J 70 -4.25 -58.80 3.56
CA PHE J 70 -4.88 -58.90 2.26
C PHE J 70 -3.87 -58.58 1.16
N PRO J 71 -3.71 -59.50 0.19
CA PRO J 71 -2.70 -59.44 -0.89
C PRO J 71 -2.98 -58.41 -2.00
N GLU J 72 -2.49 -58.70 -3.21
CA GLU J 72 -2.50 -57.77 -4.36
C GLU J 72 -3.87 -57.16 -4.69
N GLU J 73 -4.90 -58.00 -4.73
CA GLU J 73 -6.24 -57.60 -5.20
C GLU J 73 -7.34 -57.65 -4.13
N TYR J 74 -6.97 -57.78 -2.87
CA TYR J 74 -7.95 -58.04 -1.80
C TYR J 74 -8.02 -57.00 -0.67
N THR J 75 -7.01 -56.14 -0.56
CA THR J 75 -7.10 -54.95 0.30
C THR J 75 -8.04 -53.94 -0.35
N LYS J 76 -7.98 -53.85 -1.68
CA LYS J 76 -8.87 -53.03 -2.51
C LYS J 76 -10.34 -53.16 -2.06
N ASN J 77 -10.86 -54.38 -2.08
CA ASN J 77 -12.27 -54.68 -1.74
C ASN J 77 -12.71 -54.03 -0.44
N LEU J 78 -11.82 -54.05 0.54
CA LEU J 78 -12.09 -53.52 1.86
C LEU J 78 -12.07 -51.99 1.82
N PHE J 79 -11.05 -51.44 1.15
CA PHE J 79 -10.77 -50.01 1.12
C PHE J 79 -11.93 -49.19 0.55
N ASN J 80 -12.76 -49.83 -0.28
CA ASN J 80 -13.82 -49.17 -1.03
C ASN J 80 -15.21 -49.32 -0.40
N VAL J 81 -15.33 -50.26 0.53
CA VAL J 81 -16.61 -50.63 1.16
C VAL J 81 -17.40 -49.41 1.70
N PRO J 82 -18.69 -49.30 1.31
CA PRO J 82 -19.59 -48.24 1.80
C PRO J 82 -19.96 -48.39 3.30
N GLU J 83 -21.18 -48.84 3.59
CA GLU J 83 -21.66 -49.02 4.99
C GLU J 83 -22.39 -50.36 5.28
N THR J 84 -23.70 -50.39 5.07
CA THR J 84 -24.55 -51.51 5.53
C THR J 84 -24.83 -52.59 4.47
N SER J 85 -24.76 -53.86 4.91
CA SER J 85 -25.02 -55.04 4.07
C SER J 85 -25.44 -56.24 4.92
N SER J 86 -25.98 -57.28 4.28
CA SER J 86 -26.33 -58.56 4.93
C SER J 86 -26.73 -59.65 3.91
N ASN J 87 -26.62 -60.93 4.33
CA ASN J 87 -26.89 -62.11 3.48
C ASN J 87 -26.16 -62.10 2.11
N LEU J 88 -24.89 -62.52 2.10
CA LEU J 88 -24.08 -62.39 0.88
C LEU J 88 -23.10 -63.55 0.61
N ASP J 89 -23.27 -64.18 -0.55
CA ASP J 89 -22.32 -65.15 -1.11
C ASP J 89 -22.46 -65.18 -2.63
N ILE J 90 -23.69 -65.47 -3.09
CA ILE J 90 -24.14 -65.29 -4.48
C ILE J 90 -25.52 -64.61 -4.52
N ASN J 91 -26.18 -64.55 -3.35
CA ASN J 91 -27.55 -64.04 -3.19
C ASN J 91 -27.89 -62.81 -4.02
N SER J 92 -27.00 -61.82 -3.97
CA SER J 92 -27.11 -60.60 -4.76
C SER J 92 -25.78 -60.33 -5.50
N GLU J 93 -25.66 -59.14 -6.08
CA GLU J 93 -24.42 -58.67 -6.74
C GLU J 93 -24.44 -57.16 -7.00
N TYR J 94 -25.64 -56.57 -6.95
CA TYR J 94 -25.92 -55.18 -7.33
C TYR J 94 -24.76 -54.17 -7.15
N THR J 95 -24.09 -53.89 -8.28
CA THR J 95 -22.99 -52.91 -8.41
C THR J 95 -21.84 -52.94 -7.37
N ALA J 96 -21.99 -53.76 -6.34
CA ALA J 96 -20.98 -53.91 -5.29
C ALA J 96 -19.72 -54.60 -5.82
N PHE J 97 -19.87 -55.39 -6.87
CA PHE J 97 -18.77 -56.16 -7.45
C PHE J 97 -18.81 -56.25 -8.98
N PRO J 98 -17.74 -55.79 -9.66
CA PRO J 98 -17.48 -56.34 -10.99
C PRO J 98 -16.99 -57.77 -10.81
N VAL J 99 -17.94 -58.72 -10.75
CA VAL J 99 -17.72 -60.11 -10.32
C VAL J 99 -16.42 -60.75 -10.83
N GLU J 100 -15.33 -60.51 -10.09
CA GLU J 100 -14.02 -61.11 -10.37
C GLU J 100 -13.47 -61.75 -9.10
N ASN J 101 -13.73 -61.11 -7.97
CA ASN J 101 -13.20 -61.54 -6.68
C ASN J 101 -14.34 -61.91 -5.73
N ARG J 102 -15.29 -62.67 -6.24
CA ARG J 102 -16.48 -63.07 -5.49
C ARG J 102 -16.18 -64.02 -4.33
N ASP J 103 -14.95 -64.52 -4.29
CA ASP J 103 -14.56 -65.62 -3.39
C ASP J 103 -14.36 -65.26 -1.91
N LEU J 104 -14.50 -63.97 -1.55
CA LEU J 104 -14.51 -63.54 -0.15
C LEU J 104 -15.74 -64.06 0.59
N PHE J 105 -16.83 -64.22 -0.14
CA PHE J 105 -18.10 -64.71 0.39
C PHE J 105 -18.22 -66.22 0.22
N GLN J 106 -18.90 -66.65 -0.84
CA GLN J 106 -19.05 -68.08 -1.19
C GLN J 106 -19.80 -68.91 -0.13
N ALA J 107 -19.99 -68.34 1.06
CA ALA J 107 -20.64 -69.04 2.17
C ALA J 107 -21.81 -68.28 2.78
N GLY J 108 -23.00 -68.53 2.23
CA GLY J 108 -24.28 -68.16 2.85
C GLY J 108 -24.56 -66.69 3.11
N LEU J 109 -24.62 -66.34 4.39
CA LEU J 109 -25.03 -65.01 4.83
C LEU J 109 -23.88 -64.15 5.34
N THR J 110 -22.81 -64.07 4.55
CA THR J 110 -21.58 -63.34 4.92
C THR J 110 -21.81 -61.82 4.90
N THR J 111 -22.06 -61.27 6.08
CA THR J 111 -22.47 -59.87 6.28
C THR J 111 -21.25 -58.92 6.46
N ILE J 112 -21.27 -57.80 5.76
CA ILE J 112 -20.16 -56.83 5.84
C ILE J 112 -20.64 -55.41 6.19
N VAL J 113 -20.47 -55.07 7.47
CA VAL J 113 -20.94 -53.80 8.03
C VAL J 113 -19.84 -53.04 8.83
N PRO J 114 -18.88 -52.41 8.11
CA PRO J 114 -17.66 -51.67 8.50
C PRO J 114 -17.51 -51.01 9.90
N ILE J 115 -16.26 -50.91 10.33
CA ILE J 115 -15.89 -50.28 11.59
C ILE J 115 -15.32 -48.90 11.34
N ILE J 116 -16.10 -47.87 11.68
CA ILE J 116 -15.68 -46.48 11.55
C ILE J 116 -15.63 -45.87 12.95
N GLY J 117 -15.54 -44.54 13.04
CA GLY J 117 -15.52 -43.85 14.32
C GLY J 117 -14.42 -42.80 14.42
N GLY J 118 -14.73 -41.71 15.13
CA GLY J 118 -13.77 -40.64 15.43
C GLY J 118 -12.90 -40.21 14.27
N GLY J 119 -13.54 -39.90 13.15
CA GLY J 119 -12.82 -39.60 11.92
C GLY J 119 -12.39 -40.88 11.20
N GLU J 120 -11.14 -40.90 10.75
CA GLU J 120 -10.54 -42.04 10.04
C GLU J 120 -11.34 -43.32 10.20
N ARG J 121 -12.09 -43.68 9.17
CA ARG J 121 -12.86 -44.92 9.21
C ARG J 121 -11.90 -46.10 9.13
N LEU J 122 -11.85 -46.84 10.24
CA LEU J 122 -10.74 -47.73 10.55
C LEU J 122 -10.79 -49.09 9.86
N GLY J 123 -11.92 -49.37 9.20
CA GLY J 123 -12.05 -50.58 8.41
C GLY J 123 -13.46 -51.02 8.09
N THR J 124 -13.62 -52.34 7.99
CA THR J 124 -14.85 -52.96 7.56
C THR J 124 -15.09 -54.19 8.45
N LEU J 125 -16.36 -54.51 8.70
CA LEU J 125 -16.76 -55.58 9.62
C LEU J 125 -17.38 -56.79 8.90
N ILE J 126 -17.24 -57.98 9.48
CA ILE J 126 -17.66 -59.21 8.82
C ILE J 126 -18.35 -60.19 9.77
N LEU J 127 -19.47 -60.75 9.29
CA LEU J 127 -20.35 -61.61 10.07
C LEU J 127 -20.97 -62.71 9.19
N SER J 128 -20.40 -63.92 9.19
CA SER J 128 -20.87 -65.01 8.30
C SER J 128 -21.75 -66.09 8.96
N ARG J 129 -22.69 -66.62 8.18
CA ARG J 129 -23.75 -67.55 8.65
C ARG J 129 -24.32 -68.44 7.54
N LEU J 130 -24.90 -69.57 7.91
CA LEU J 130 -25.45 -70.56 6.95
C LEU J 130 -26.86 -70.18 6.46
N GLN J 131 -27.88 -70.87 6.97
CA GLN J 131 -29.29 -70.57 6.67
C GLN J 131 -29.67 -69.19 7.22
N ASP J 132 -30.11 -69.17 8.48
CA ASP J 132 -29.90 -68.05 9.41
C ASP J 132 -30.64 -66.70 9.13
N GLN J 133 -30.50 -65.74 10.07
CA GLN J 133 -31.25 -64.48 10.08
C GLN J 133 -30.43 -63.21 10.41
N PHE J 134 -30.40 -62.25 9.47
CA PHE J 134 -29.80 -60.91 9.65
C PHE J 134 -30.87 -59.86 9.35
N ASN J 135 -31.90 -59.83 10.19
CA ASN J 135 -33.11 -59.05 9.93
C ASN J 135 -32.94 -57.53 10.03
N ASP J 136 -33.30 -56.97 11.19
CA ASP J 136 -33.16 -55.53 11.50
C ASP J 136 -32.93 -55.32 13.01
N ASP J 137 -33.32 -56.33 13.78
CA ASP J 137 -32.92 -56.45 15.17
C ASP J 137 -31.48 -56.96 15.21
N ASP J 138 -31.01 -57.51 14.09
CA ASP J 138 -29.65 -58.05 13.96
C ASP J 138 -28.60 -56.97 13.73
N LEU J 139 -29.01 -55.84 13.17
CA LEU J 139 -28.07 -54.83 12.67
C LEU J 139 -27.94 -53.58 13.55
N ILE J 140 -28.75 -53.52 14.60
CA ILE J 140 -28.61 -52.53 15.67
C ILE J 140 -27.30 -52.84 16.37
N LEU J 141 -27.24 -54.05 16.93
CA LEU J 141 -26.10 -54.55 17.68
C LEU J 141 -24.85 -54.62 16.83
N ALA J 142 -25.04 -54.69 15.51
CA ALA J 142 -23.93 -54.88 14.57
C ALA J 142 -23.31 -53.58 14.05
N GLU J 143 -23.79 -52.44 14.55
CA GLU J 143 -23.13 -51.15 14.31
C GLU J 143 -23.03 -50.26 15.56
N TYR J 144 -24.15 -49.95 16.20
CA TYR J 144 -24.12 -49.27 17.50
C TYR J 144 -23.14 -50.01 18.42
N GLY J 145 -23.08 -51.32 18.26
CA GLY J 145 -22.21 -52.17 19.06
C GLY J 145 -20.94 -52.65 18.38
N ALA J 146 -20.89 -52.54 17.04
CA ALA J 146 -19.67 -52.92 16.32
C ALA J 146 -18.63 -51.80 16.39
N THR J 147 -19.11 -50.60 16.71
CA THR J 147 -18.26 -49.42 16.78
C THR J 147 -17.46 -49.33 18.08
N VAL J 148 -17.98 -49.88 19.18
CA VAL J 148 -17.26 -49.86 20.47
C VAL J 148 -15.80 -50.29 20.31
N VAL J 149 -15.58 -51.22 19.38
CA VAL J 149 -14.28 -51.59 18.88
C VAL J 149 -13.66 -50.36 18.22
N GLY J 150 -14.21 -49.92 17.09
CA GLY J 150 -13.79 -48.69 16.41
C GLY J 150 -13.62 -47.48 17.33
N MET J 151 -14.32 -47.49 18.47
CA MET J 151 -14.17 -46.45 19.50
C MET J 151 -12.89 -46.72 20.26
N GLU J 152 -12.76 -47.97 20.75
CA GLU J 152 -11.52 -48.46 21.32
C GLU J 152 -10.30 -48.14 20.45
N ILE J 153 -10.29 -48.65 19.22
CA ILE J 153 -9.09 -48.65 18.34
C ILE J 153 -8.29 -47.34 18.28
N LEU J 154 -8.97 -46.21 18.34
CA LEU J 154 -8.26 -44.94 18.33
C LEU J 154 -7.54 -44.77 19.66
N ARG J 155 -8.26 -45.02 20.75
CA ARG J 155 -7.73 -44.95 22.12
C ARG J 155 -6.65 -46.01 22.38
N GLU J 156 -6.62 -47.04 21.55
CA GLU J 156 -5.51 -47.99 21.50
C GLU J 156 -4.30 -47.20 21.11
N LYS J 157 -4.43 -46.50 19.99
CA LYS J 157 -3.31 -45.79 19.42
C LYS J 157 -2.82 -44.66 20.33
N ALA J 158 -3.73 -44.04 21.09
CA ALA J 158 -3.35 -43.03 22.07
C ALA J 158 -2.08 -43.46 22.80
N GLU J 159 -2.15 -44.62 23.46
CA GLU J 159 -0.99 -45.19 24.14
C GLU J 159 0.11 -45.52 23.14
N GLU J 160 -0.27 -46.08 21.99
CA GLU J 160 0.66 -46.56 20.96
C GLU J 160 1.39 -45.43 20.24
N ILE J 161 1.40 -44.26 20.86
CA ILE J 161 2.05 -43.09 20.28
C ILE J 161 2.48 -42.15 21.39
N GLU J 162 1.63 -42.08 22.42
CA GLU J 162 1.84 -41.24 23.58
C GLU J 162 3.22 -41.52 24.14
N GLU J 163 3.42 -42.77 24.55
CA GLU J 163 4.69 -43.23 25.06
C GLU J 163 5.77 -43.30 23.98
N GLU J 164 5.40 -43.74 22.78
CA GLU J 164 6.35 -43.89 21.65
C GLU J 164 6.93 -42.54 21.15
N ALA J 165 6.43 -41.45 21.71
CA ALA J 165 6.99 -40.14 21.41
C ALA J 165 7.45 -39.42 22.69
N ARG J 166 6.54 -39.26 23.66
CA ARG J 166 6.82 -38.56 24.94
C ARG J 166 8.04 -39.11 25.69
N SER J 167 8.41 -40.36 25.38
CA SER J 167 9.64 -40.94 25.87
C SER J 167 10.78 -40.07 25.43
N LYS J 168 10.68 -39.59 24.20
CA LYS J 168 11.70 -38.76 23.58
C LYS J 168 11.63 -37.31 24.07
N ALA J 169 10.44 -36.89 24.48
CA ALA J 169 10.24 -35.57 25.09
C ALA J 169 10.79 -35.52 26.52
N VAL J 170 10.69 -36.65 27.20
CA VAL J 170 11.33 -36.86 28.49
C VAL J 170 12.86 -36.87 28.33
N VAL J 171 13.34 -37.46 27.24
CA VAL J 171 14.78 -37.60 26.99
C VAL J 171 15.46 -36.27 26.62
N GLN J 172 15.19 -35.75 25.43
CA GLN J 172 15.83 -34.50 24.97
C GLN J 172 15.84 -33.43 26.04
N MET J 173 14.82 -33.45 26.90
CA MET J 173 14.62 -32.41 27.90
C MET J 173 15.70 -32.44 29.00
N ALA J 174 16.13 -33.64 29.38
CA ALA J 174 17.25 -33.77 30.29
C ALA J 174 18.52 -33.36 29.56
N ILE J 175 18.60 -33.69 28.29
CA ILE J 175 19.71 -33.32 27.42
C ILE J 175 19.78 -31.80 27.27
N SER J 176 18.62 -31.15 27.30
CA SER J 176 18.53 -29.69 27.11
C SER J 176 18.95 -28.84 28.34
N SER J 177 19.71 -29.49 29.23
CA SER J 177 20.48 -28.82 30.32
C SER J 177 21.58 -29.75 30.88
N LEU J 178 21.70 -30.95 30.28
CA LEU J 178 22.87 -31.81 30.40
C LEU J 178 23.98 -31.16 29.59
N SER J 179 24.87 -30.43 30.24
CA SER J 179 25.85 -29.60 29.53
C SER J 179 27.03 -30.39 28.95
N TYR J 180 27.74 -29.75 28.04
CA TYR J 180 28.79 -30.37 27.23
C TYR J 180 29.86 -31.08 28.05
N SER J 181 29.92 -30.75 29.33
CA SER J 181 30.81 -31.42 30.28
C SER J 181 30.32 -32.83 30.64
N GLU J 182 29.02 -32.92 30.94
CA GLU J 182 28.38 -34.18 31.27
C GLU J 182 27.88 -34.88 30.01
N LEU J 183 27.24 -34.10 29.14
CA LEU J 183 26.72 -34.60 27.87
C LEU J 183 27.75 -35.42 27.11
N GLU J 184 28.88 -34.79 26.75
CA GLU J 184 29.86 -35.39 25.84
C GLU J 184 30.57 -36.57 26.47
N ALA J 185 30.30 -36.76 27.75
CA ALA J 185 30.76 -37.94 28.46
C ALA J 185 29.67 -39.00 28.47
N ILE J 186 28.41 -38.54 28.57
CA ILE J 186 27.24 -39.44 28.50
C ILE J 186 27.28 -40.32 27.23
N GLU J 187 27.72 -39.72 26.11
CA GLU J 187 28.01 -40.44 24.87
C GLU J 187 28.99 -41.56 25.22
N HIS J 188 30.18 -41.14 25.68
CA HIS J 188 31.28 -42.04 26.05
C HIS J 188 30.90 -43.15 27.00
N ILE J 189 30.10 -42.80 28.00
CA ILE J 189 29.56 -43.78 28.93
C ILE J 189 28.90 -44.91 28.14
N PHE J 190 28.06 -44.54 27.20
CA PHE J 190 27.30 -45.50 26.41
C PHE J 190 28.05 -45.97 25.16
N GLU J 191 29.26 -45.41 24.94
CA GLU J 191 30.25 -45.92 23.96
C GLU J 191 31.06 -47.04 24.61
N GLU J 192 31.12 -46.99 25.94
CA GLU J 192 31.61 -48.08 26.77
C GLU J 192 30.39 -48.89 27.22
N LEU J 193 29.69 -49.47 26.26
CA LEU J 193 28.48 -50.25 26.54
C LEU J 193 28.19 -51.23 25.42
N ASP J 194 28.16 -52.53 25.78
CA ASP J 194 27.81 -53.60 24.84
C ASP J 194 26.32 -53.56 24.48
N GLY J 195 25.47 -53.73 25.51
CA GLY J 195 24.02 -53.75 25.33
C GLY J 195 23.29 -53.09 26.47
N ASN J 196 22.18 -53.69 26.89
CA ASN J 196 21.32 -53.12 27.92
C ASN J 196 21.98 -53.05 29.31
N GLU J 197 22.59 -54.16 29.73
CA GLU J 197 23.07 -54.32 31.11
C GLU J 197 24.61 -54.24 31.26
N GLY J 198 25.23 -53.34 30.49
CA GLY J 198 26.70 -53.23 30.45
C GLY J 198 27.33 -52.50 31.62
N LEU J 199 28.59 -52.84 31.91
CA LEU J 199 29.34 -52.29 33.04
C LEU J 199 29.87 -50.88 32.78
N LEU J 200 30.20 -50.15 33.84
CA LEU J 200 30.97 -48.92 33.76
C LEU J 200 31.94 -48.80 34.92
N VAL J 201 33.16 -48.36 34.62
CA VAL J 201 34.13 -47.96 35.65
C VAL J 201 34.69 -46.57 35.29
N ALA J 202 34.16 -45.54 35.95
CA ALA J 202 34.46 -44.15 35.62
C ALA J 202 35.95 -43.84 35.55
N SER J 203 36.74 -44.57 36.34
CA SER J 203 38.20 -44.42 36.41
C SER J 203 38.85 -44.29 35.02
N LYS J 204 39.16 -45.42 34.39
CA LYS J 204 39.78 -45.42 33.04
C LYS J 204 38.76 -45.01 31.98
N ILE J 205 37.49 -44.97 32.36
CA ILE J 205 36.44 -44.37 31.55
C ILE J 205 36.59 -42.83 31.59
N ALA J 206 37.43 -42.36 32.52
CA ALA J 206 37.79 -40.95 32.60
C ALA J 206 39.28 -40.71 32.31
N ASP J 207 40.16 -41.36 33.06
CA ASP J 207 41.61 -41.10 33.03
C ASP J 207 42.31 -41.37 31.69
N ARG J 208 41.57 -41.99 30.77
CA ARG J 208 42.04 -42.25 29.42
C ARG J 208 41.43 -41.22 28.47
N VAL J 209 40.47 -40.46 29.00
CA VAL J 209 39.66 -39.50 28.22
C VAL J 209 40.02 -38.03 28.51
N GLY J 210 40.80 -37.79 29.57
CA GLY J 210 41.16 -36.43 30.00
C GLY J 210 39.94 -35.64 30.42
N ILE J 211 39.03 -36.32 31.11
CA ILE J 211 37.67 -35.85 31.46
C ILE J 211 37.34 -36.09 32.95
N THR J 212 36.58 -35.16 33.53
CA THR J 212 36.25 -35.21 34.95
C THR J 212 35.30 -36.37 35.29
N ARG J 213 35.76 -37.24 36.18
CA ARG J 213 34.92 -38.28 36.75
C ARG J 213 33.70 -37.73 37.51
N SER J 214 33.91 -36.65 38.27
CA SER J 214 32.85 -36.03 39.09
C SER J 214 31.67 -35.49 38.27
N VAL J 215 31.91 -35.16 37.00
CA VAL J 215 30.83 -34.77 36.07
C VAL J 215 30.24 -35.99 35.32
N ILE J 216 30.93 -37.11 35.42
CA ILE J 216 30.40 -38.38 34.92
C ILE J 216 29.56 -38.97 36.04
N VAL J 217 29.96 -38.65 37.27
CA VAL J 217 29.18 -38.97 38.46
C VAL J 217 27.96 -38.06 38.53
N ASN J 218 28.17 -36.76 38.32
CA ASN J 218 27.11 -35.74 38.34
C ASN J 218 26.08 -35.94 37.21
N ALA J 219 26.56 -36.30 36.02
CA ALA J 219 25.70 -36.59 34.87
C ALA J 219 24.65 -37.66 35.21
N LEU J 220 25.12 -38.74 35.86
CA LEU J 220 24.34 -39.93 36.26
C LEU J 220 23.10 -39.65 37.13
N ARG J 221 23.27 -38.80 38.14
CA ARG J 221 22.14 -38.27 38.89
C ARG J 221 21.27 -37.50 37.90
N LYS J 222 21.86 -36.50 37.25
CA LYS J 222 21.15 -35.71 36.24
C LYS J 222 20.25 -36.60 35.38
N LEU J 223 20.82 -37.70 34.90
CA LEU J 223 20.08 -38.67 34.10
C LEU J 223 18.84 -39.20 34.83
N GLU J 224 19.06 -39.74 36.02
CA GLU J 224 17.99 -40.21 36.88
C GLU J 224 17.19 -38.98 37.28
N SER J 225 16.62 -38.99 38.48
CA SER J 225 15.77 -37.89 38.97
C SER J 225 14.53 -37.75 38.09
N ALA J 226 14.73 -37.28 36.86
CA ALA J 226 13.67 -37.16 35.86
C ALA J 226 12.96 -38.50 35.62
N GLY J 227 13.76 -39.55 35.40
CA GLY J 227 13.24 -40.93 35.30
C GLY J 227 13.92 -41.89 34.33
N VAL J 228 14.92 -41.39 33.59
CA VAL J 228 15.50 -42.14 32.50
C VAL J 228 16.88 -42.69 32.84
N ILE J 229 16.87 -43.95 33.28
CA ILE J 229 18.03 -44.83 33.57
C ILE J 229 18.21 -45.18 35.05
N GLU J 230 19.03 -46.19 35.31
CA GLU J 230 19.45 -46.54 36.65
C GLU J 230 20.89 -47.02 36.61
N SER J 231 21.62 -46.80 37.70
CA SER J 231 22.99 -47.34 37.91
C SER J 231 23.25 -47.60 39.41
N ARG J 232 24.00 -48.65 39.73
CA ARG J 232 24.37 -48.90 41.13
C ARG J 232 25.88 -48.88 41.34
N SER J 233 26.35 -47.73 41.82
CA SER J 233 27.76 -47.48 42.13
C SER J 233 28.14 -48.12 43.47
N LEU J 234 28.94 -49.17 43.40
CA LEU J 234 29.26 -50.00 44.57
C LEU J 234 30.75 -50.42 44.67
N GLY J 235 31.55 -49.96 43.71
CA GLY J 235 33.02 -50.05 43.77
C GLY J 235 33.58 -48.64 43.63
N MET J 236 33.14 -47.77 44.54
CA MET J 236 33.19 -46.29 44.45
C MET J 236 32.73 -45.66 43.11
N LYS J 237 33.38 -46.00 42.00
CA LYS J 237 33.03 -45.52 40.66
C LYS J 237 32.58 -46.64 39.73
N GLY J 238 33.06 -47.85 39.98
CA GLY J 238 32.70 -49.05 39.21
C GLY J 238 31.23 -49.38 39.33
N THR J 239 30.46 -48.98 38.31
CA THR J 239 28.99 -49.09 38.35
C THR J 239 28.39 -49.96 37.22
N TYR J 240 27.07 -50.14 37.29
CA TYR J 240 26.33 -51.02 36.40
C TYR J 240 25.17 -50.22 35.83
N ILE J 241 25.18 -50.02 34.51
CA ILE J 241 24.13 -49.29 33.84
C ILE J 241 23.11 -50.23 33.20
N LYS J 242 21.84 -50.08 33.59
CA LYS J 242 20.71 -50.55 32.78
C LYS J 242 19.72 -49.40 32.57
N VAL J 243 19.30 -49.23 31.32
CA VAL J 243 18.37 -48.18 30.93
C VAL J 243 16.95 -48.56 31.38
N LEU J 244 16.10 -47.55 31.62
CA LEU J 244 14.67 -47.76 31.91
C LEU J 244 13.75 -46.85 31.06
N ASN J 245 14.20 -46.57 29.84
CA ASN J 245 13.36 -46.04 28.78
C ASN J 245 13.87 -46.55 27.44
N ASN J 246 13.25 -47.63 26.95
CA ASN J 246 13.74 -48.39 25.79
C ASN J 246 13.90 -47.56 24.51
N LYS J 247 13.48 -46.31 24.57
CA LYS J 247 13.74 -45.34 23.52
C LYS J 247 14.70 -44.26 24.03
N PHE J 248 15.79 -44.71 24.65
CA PHE J 248 16.82 -43.82 25.24
C PHE J 248 18.06 -43.66 24.36
N LEU J 249 18.80 -44.77 24.22
CA LEU J 249 20.01 -44.79 23.40
C LEU J 249 19.74 -44.72 21.87
N ILE J 250 18.51 -45.04 21.46
CA ILE J 250 18.09 -44.94 20.07
C ILE J 250 17.95 -43.45 19.68
N GLU J 251 17.72 -42.62 20.70
CA GLU J 251 17.81 -41.18 20.54
C GLU J 251 19.22 -40.69 20.78
N LEU J 252 19.96 -41.40 21.63
CA LEU J 252 21.37 -41.10 21.91
C LEU J 252 22.22 -41.28 20.65
N GLU J 253 22.26 -42.50 20.11
CA GLU J 253 23.01 -42.82 18.90
C GLU J 253 22.41 -42.23 17.61
N ASN J 254 21.84 -41.02 17.71
CA ASN J 254 21.20 -40.32 16.57
C ASN J 254 21.93 -39.06 16.15
N LEU J 255 22.57 -38.41 17.13
CA LEU J 255 23.11 -37.07 16.96
C LEU J 255 24.36 -36.98 16.07
N LYS J 256 24.17 -36.50 14.84
CA LYS J 256 25.23 -36.16 13.88
C LYS J 256 25.61 -34.68 14.05
N SER J 257 26.22 -34.38 15.21
CA SER J 257 26.32 -33.02 15.76
C SER J 257 27.32 -32.13 15.06
N ALA K 1 51.12 -1.34 34.13
CA ALA K 1 50.22 -1.40 32.98
C ALA K 1 49.95 -2.83 32.54
N LEU K 2 50.83 -3.76 32.93
CA LEU K 2 50.60 -5.20 32.79
C LEU K 2 49.29 -5.59 33.48
N LEU K 3 48.90 -4.82 34.50
CA LEU K 3 47.64 -4.98 35.22
C LEU K 3 46.44 -4.64 34.34
N GLN K 4 46.58 -3.57 33.55
CA GLN K 4 45.58 -3.23 32.55
C GLN K 4 45.75 -4.14 31.32
N LYS K 5 46.93 -4.73 31.19
CA LYS K 5 47.20 -5.82 30.23
C LYS K 5 46.61 -7.14 30.77
N THR K 6 45.78 -7.03 31.81
CA THR K 6 44.88 -8.11 32.28
C THR K 6 43.43 -7.62 32.44
N ARG K 7 43.27 -6.33 32.78
CA ARG K 7 41.94 -5.73 32.96
C ARG K 7 41.18 -5.65 31.63
N ILE K 8 41.85 -6.08 30.56
CA ILE K 8 41.23 -6.16 29.24
C ILE K 8 41.35 -7.59 28.70
N ILE K 9 41.84 -8.51 29.53
CA ILE K 9 41.64 -9.95 29.30
C ILE K 9 40.62 -10.45 30.34
N ASN K 10 40.34 -9.58 31.32
CA ASN K 10 39.39 -9.83 32.40
C ASN K 10 37.99 -9.27 32.07
N SER K 11 37.88 -7.93 31.99
CA SER K 11 36.63 -7.26 31.63
C SER K 11 36.52 -6.98 30.12
N MET K 12 36.71 -8.03 29.31
CA MET K 12 36.64 -7.94 27.84
C MET K 12 35.40 -8.63 27.30
N LEU K 13 34.98 -9.70 27.98
CA LEU K 13 33.71 -10.36 27.71
C LEU K 13 32.76 -10.10 28.87
N GLN K 14 31.50 -9.83 28.55
CA GLN K 14 30.48 -9.80 29.59
C GLN K 14 29.89 -11.20 29.68
N ALA K 15 29.90 -11.77 30.89
CA ALA K 15 29.63 -13.19 31.13
C ALA K 15 28.25 -13.74 30.70
N ALA K 16 27.19 -13.40 31.41
CA ALA K 16 25.81 -13.78 31.03
C ALA K 16 25.14 -12.65 30.24
N ALA K 17 25.55 -12.47 28.98
CA ALA K 17 25.12 -11.34 28.16
C ALA K 17 24.83 -11.67 26.68
N GLY K 18 24.47 -12.91 26.39
CA GLY K 18 23.96 -13.31 25.08
C GLY K 18 24.91 -13.23 23.91
N LYS K 19 24.32 -13.14 22.71
CA LYS K 19 25.01 -13.21 21.42
C LYS K 19 26.16 -14.24 21.33
N PRO K 20 25.85 -15.48 20.87
CA PRO K 20 26.73 -16.66 20.73
C PRO K 20 28.20 -16.38 20.41
N VAL K 21 29.05 -17.34 20.75
CA VAL K 21 30.50 -17.15 20.74
C VAL K 21 31.03 -16.68 19.38
N ASN K 22 31.29 -15.38 19.31
CA ASN K 22 31.96 -14.75 18.18
C ASN K 22 33.40 -15.28 18.14
N PHE K 23 33.55 -16.52 17.66
CA PHE K 23 34.81 -17.29 17.74
C PHE K 23 36.06 -16.44 17.47
N LYS K 24 36.06 -15.77 16.32
CA LYS K 24 37.17 -14.96 15.84
C LYS K 24 37.45 -13.83 16.83
N GLU K 25 36.38 -13.16 17.27
CA GLU K 25 36.48 -12.05 18.22
C GLU K 25 36.91 -12.50 19.61
N MET K 26 36.99 -13.82 19.80
CA MET K 26 37.67 -14.34 20.97
C MET K 26 39.18 -14.37 20.72
N ALA K 27 39.58 -14.70 19.50
CA ALA K 27 40.99 -14.76 19.13
C ALA K 27 41.58 -13.39 18.80
N GLU K 28 40.70 -12.42 18.56
CA GLU K 28 41.08 -11.05 18.23
C GLU K 28 41.53 -10.28 19.48
N THR K 29 40.61 -10.09 20.43
CA THR K 29 40.91 -9.45 21.73
C THR K 29 41.66 -10.45 22.62
N LEU K 30 42.77 -10.93 22.06
CA LEU K 30 43.60 -11.97 22.65
C LEU K 30 44.94 -11.81 21.96
N ARG K 31 44.88 -11.35 20.72
CA ARG K 31 46.06 -10.99 19.96
C ARG K 31 46.53 -9.58 20.28
N ASP K 32 45.60 -8.71 20.71
CA ASP K 32 45.93 -7.32 21.08
C ASP K 32 46.72 -7.28 22.39
N VAL K 33 46.19 -7.96 23.41
CA VAL K 33 46.79 -7.97 24.75
C VAL K 33 48.13 -8.73 24.80
N ILE K 34 48.20 -9.90 24.18
CA ILE K 34 49.47 -10.65 24.13
C ILE K 34 50.43 -10.04 23.11
N ASP K 35 49.94 -9.74 21.90
CA ASP K 35 50.79 -9.33 20.78
C ASP K 35 51.40 -10.61 20.17
N SER K 36 50.53 -11.55 19.81
CA SER K 36 50.96 -12.90 19.41
C SER K 36 50.20 -13.51 18.21
N ASN K 37 50.55 -14.76 17.90
CA ASN K 37 49.90 -15.59 16.86
C ASN K 37 48.83 -16.52 17.43
N ILE K 38 47.57 -16.25 17.11
CA ILE K 38 46.44 -16.99 17.69
C ILE K 38 45.96 -18.12 16.77
N PHE K 39 45.91 -19.33 17.34
CA PHE K 39 45.44 -20.52 16.63
C PHE K 39 44.63 -21.38 17.58
N VAL K 40 43.39 -21.63 17.19
CA VAL K 40 42.36 -22.13 18.11
C VAL K 40 41.94 -23.59 17.83
N VAL K 41 42.77 -24.54 18.28
CA VAL K 41 42.49 -25.98 18.09
C VAL K 41 41.44 -26.47 19.09
N SER K 42 40.53 -27.34 18.62
CA SER K 42 39.50 -27.95 19.49
C SER K 42 39.95 -29.30 20.06
N ARG K 43 39.14 -29.86 20.97
CA ARG K 43 39.36 -31.22 21.46
C ARG K 43 39.38 -32.15 20.25
N ARG K 44 38.42 -31.93 19.34
CA ARG K 44 38.46 -32.46 17.99
C ARG K 44 39.21 -31.41 17.13
N GLY K 45 40.51 -31.65 16.97
CA GLY K 45 41.49 -30.66 16.49
C GLY K 45 41.24 -29.91 15.20
N LYS K 46 40.41 -28.87 15.30
CA LYS K 46 40.14 -27.96 14.18
C LYS K 46 40.31 -26.52 14.63
N LEU K 47 40.36 -25.57 13.69
CA LEU K 47 40.55 -24.14 14.01
C LEU K 47 39.22 -23.40 14.25
N LEU K 48 39.08 -22.85 15.45
CA LEU K 48 37.82 -22.27 15.90
C LEU K 48 37.87 -20.75 15.97
N GLY K 49 37.87 -20.10 14.81
CA GLY K 49 37.90 -18.64 14.70
C GLY K 49 39.18 -17.99 15.20
N TYR K 50 40.26 -18.21 14.44
CA TYR K 50 41.59 -17.64 14.72
C TYR K 50 41.58 -16.10 14.59
N SER K 51 42.72 -15.46 14.88
CA SER K 51 42.94 -14.04 14.55
C SER K 51 44.42 -13.65 14.50
N ILE K 52 44.77 -12.86 13.50
CA ILE K 52 46.16 -12.55 13.20
C ILE K 52 46.40 -11.08 12.81
N ASN K 53 47.35 -10.47 13.52
CA ASN K 53 47.90 -9.16 13.18
C ASN K 53 49.41 -9.29 12.96
N GLN K 54 49.96 -10.37 13.50
CA GLN K 54 51.35 -10.76 13.25
C GLN K 54 51.36 -12.01 12.38
N GLN K 55 52.29 -12.03 11.44
CA GLN K 55 52.37 -13.10 10.44
C GLN K 55 53.82 -13.36 10.03
N ILE K 56 54.20 -14.64 10.01
CA ILE K 56 55.61 -15.05 9.85
C ILE K 56 55.95 -15.58 8.44
N GLU K 57 56.51 -16.80 8.40
CA GLU K 57 56.75 -17.55 7.15
C GLU K 57 56.48 -19.05 7.41
N ASN K 58 55.19 -19.41 7.41
CA ASN K 58 54.74 -20.72 7.93
C ASN K 58 54.01 -21.62 6.91
N ASP K 59 53.99 -22.93 7.18
CA ASP K 59 53.49 -23.93 6.22
C ASP K 59 52.37 -24.86 6.71
N ARG K 60 52.49 -25.41 7.91
CA ARG K 60 51.52 -26.37 8.46
C ARG K 60 50.11 -25.77 8.60
N MET K 61 50.04 -24.46 8.80
CA MET K 61 48.76 -23.76 8.89
C MET K 61 48.08 -23.62 7.51
N LYS K 62 48.73 -24.16 6.47
CA LYS K 62 48.15 -24.25 5.13
C LYS K 62 47.26 -25.49 4.98
N LYS K 63 47.29 -26.36 5.99
CA LYS K 63 46.34 -27.46 6.10
C LYS K 63 45.31 -27.12 7.18
N MET K 64 45.35 -25.87 7.62
CA MET K 64 44.45 -25.37 8.67
C MET K 64 43.35 -24.51 8.06
N LEU K 65 43.42 -23.20 8.30
CA LEU K 65 42.37 -22.21 7.95
C LEU K 65 41.60 -22.40 6.63
N GLU K 66 42.12 -23.25 5.74
CA GLU K 66 41.47 -23.59 4.47
C GLU K 66 40.48 -24.74 4.68
N ASP K 67 40.99 -25.89 5.12
CA ASP K 67 40.16 -27.05 5.46
C ASP K 67 40.09 -27.34 6.98
N ARG K 68 40.72 -26.46 7.76
CA ARG K 68 40.70 -26.46 9.24
C ARG K 68 41.29 -27.70 9.96
N GLN K 69 40.73 -28.88 9.69
CA GLN K 69 41.02 -30.11 10.46
C GLN K 69 42.40 -30.73 10.23
N PHE K 70 43.09 -30.97 11.33
CA PHE K 70 44.36 -31.71 11.34
C PHE K 70 44.15 -33.17 10.89
N PRO K 71 45.22 -33.84 10.40
CA PRO K 71 45.13 -35.23 9.94
C PRO K 71 44.53 -36.21 10.96
N GLU K 72 45.35 -36.67 11.90
CA GLU K 72 44.94 -37.60 12.94
C GLU K 72 45.98 -37.53 14.07
N GLU K 73 47.14 -36.98 13.74
CA GLU K 73 48.26 -36.86 14.67
C GLU K 73 48.16 -35.56 15.47
N TYR K 74 46.94 -35.13 15.78
CA TYR K 74 46.69 -33.86 16.49
C TYR K 74 45.46 -33.91 17.41
N THR K 75 44.43 -34.65 17.00
CA THR K 75 43.31 -34.99 17.86
C THR K 75 43.81 -36.04 18.88
N LYS K 76 45.12 -36.29 18.83
CA LYS K 76 45.76 -37.33 19.64
C LYS K 76 47.24 -37.00 19.98
N ASN K 77 47.79 -35.97 19.34
CA ASN K 77 49.12 -35.46 19.69
C ASN K 77 49.10 -34.36 20.74
N LEU K 78 47.95 -33.68 20.87
CA LEU K 78 47.78 -32.58 21.83
C LEU K 78 47.24 -33.03 23.21
N PHE K 79 46.63 -34.23 23.26
CA PHE K 79 46.15 -34.88 24.49
C PHE K 79 47.28 -35.13 25.48
N ASN K 80 48.48 -34.66 25.09
CA ASN K 80 49.73 -35.08 25.70
C ASN K 80 50.63 -33.91 26.13
N VAL K 81 50.12 -32.67 26.04
CA VAL K 81 50.89 -31.48 26.41
C VAL K 81 50.24 -30.74 27.62
N PRO K 82 50.38 -31.29 28.84
CA PRO K 82 49.60 -30.82 30.02
C PRO K 82 49.83 -29.35 30.39
N GLU K 83 50.90 -29.09 31.14
CA GLU K 83 51.29 -27.73 31.49
C GLU K 83 51.70 -26.96 30.24
N THR K 84 51.36 -25.68 30.21
CA THR K 84 51.79 -24.77 29.13
C THR K 84 53.28 -25.05 28.87
N SER K 85 53.55 -25.75 27.78
CA SER K 85 54.86 -26.39 27.53
C SER K 85 56.07 -25.45 27.59
N SER K 86 57.22 -26.02 27.97
CA SER K 86 58.45 -25.27 28.26
C SER K 86 59.06 -24.61 27.02
N ASN K 87 58.46 -23.50 26.59
CA ASN K 87 58.85 -22.75 25.40
C ASN K 87 59.44 -23.59 24.26
N LEU K 88 58.57 -24.36 23.59
CA LEU K 88 59.00 -25.22 22.49
C LEU K 88 59.33 -24.42 21.23
N ASP K 89 60.59 -23.96 21.19
CA ASP K 89 61.10 -23.08 20.13
C ASP K 89 61.04 -23.68 18.72
N ILE K 90 61.80 -24.77 18.51
CA ILE K 90 61.88 -25.43 17.21
C ILE K 90 62.00 -26.96 17.31
N ASN K 91 62.68 -27.43 18.35
CA ASN K 91 63.08 -28.85 18.48
C ASN K 91 62.72 -29.52 19.83
N SER K 92 63.19 -30.76 20.02
CA SER K 92 62.81 -31.60 21.18
C SER K 92 63.97 -32.42 21.80
N GLU K 93 63.60 -33.34 22.71
CA GLU K 93 64.55 -34.24 23.37
C GLU K 93 64.05 -35.68 23.44
N TYR K 94 62.87 -35.88 24.06
CA TYR K 94 62.22 -37.20 24.06
C TYR K 94 60.73 -37.16 23.67
N THR K 95 60.16 -38.34 23.41
CA THR K 95 58.88 -38.50 22.68
C THR K 95 57.57 -38.02 23.34
N ALA K 96 57.50 -36.71 23.62
CA ALA K 96 56.24 -36.03 23.89
C ALA K 96 55.68 -35.58 22.54
N PHE K 97 56.58 -35.40 21.58
CA PHE K 97 56.26 -35.15 20.17
C PHE K 97 57.33 -35.78 19.26
N PRO K 98 56.91 -36.59 18.25
CA PRO K 98 57.86 -37.31 17.40
C PRO K 98 58.54 -36.40 16.37
N VAL K 99 59.60 -36.90 15.73
CA VAL K 99 60.48 -36.08 14.88
C VAL K 99 60.10 -35.94 13.39
N GLU K 100 58.80 -36.05 13.09
CA GLU K 100 58.26 -35.97 11.69
C GLU K 100 57.43 -34.70 11.43
N ASN K 101 56.58 -34.33 12.38
CA ASN K 101 55.66 -33.20 12.24
C ASN K 101 56.27 -31.86 12.69
N ARG K 102 56.88 -31.15 11.73
CA ARG K 102 57.57 -29.89 12.01
C ARG K 102 57.50 -28.84 10.88
N ASP K 103 56.39 -28.82 10.13
CA ASP K 103 56.22 -27.77 9.10
C ASP K 103 55.61 -26.47 9.63
N LEU K 104 55.91 -26.17 10.89
CA LEU K 104 55.49 -24.93 11.57
C LEU K 104 56.61 -24.41 12.49
N PHE K 105 57.38 -25.35 13.05
CA PHE K 105 58.51 -25.07 13.93
C PHE K 105 59.64 -24.35 13.19
N GLN K 106 59.86 -24.73 11.93
CA GLN K 106 60.99 -24.27 11.10
C GLN K 106 61.25 -22.77 11.13
N ALA K 107 60.19 -21.98 11.35
CA ALA K 107 60.30 -20.53 11.46
C ALA K 107 59.49 -19.99 12.64
N GLY K 108 60.19 -19.68 13.74
CA GLY K 108 59.57 -19.06 14.91
C GLY K 108 59.44 -19.93 16.15
N LEU K 109 59.59 -19.28 17.31
CA LEU K 109 59.39 -19.94 18.61
C LEU K 109 57.91 -20.05 18.88
N THR K 110 57.50 -21.14 19.53
CA THR K 110 56.08 -21.37 19.83
C THR K 110 55.76 -21.94 21.22
N THR K 111 54.59 -21.56 21.73
CA THR K 111 54.01 -22.19 22.92
C THR K 111 52.60 -22.64 22.57
N ILE K 112 52.25 -23.84 23.02
CA ILE K 112 50.94 -24.44 22.72
C ILE K 112 50.11 -24.73 23.99
N VAL K 113 49.08 -23.89 24.20
CA VAL K 113 48.32 -23.85 25.46
C VAL K 113 47.09 -24.75 25.42
N PRO K 114 47.08 -25.81 26.24
CA PRO K 114 45.87 -26.63 26.45
C PRO K 114 44.71 -25.81 27.03
N ILE K 115 43.52 -26.40 27.05
CA ILE K 115 42.39 -25.82 27.81
C ILE K 115 41.57 -26.95 28.44
N ILE K 116 41.67 -27.07 29.76
CA ILE K 116 40.70 -27.84 30.55
C ILE K 116 39.46 -26.97 30.59
N GLY K 117 38.28 -27.59 30.60
CA GLY K 117 37.03 -26.84 30.56
C GLY K 117 35.83 -27.62 31.04
N GLY K 118 35.11 -27.06 32.01
CA GLY K 118 34.01 -27.74 32.68
C GLY K 118 34.53 -28.94 33.44
N GLY K 119 35.81 -29.23 33.26
CA GLY K 119 36.47 -30.40 33.84
C GLY K 119 37.29 -31.20 32.84
N GLU K 120 36.90 -31.13 31.56
CA GLU K 120 37.59 -31.89 30.50
C GLU K 120 38.36 -31.00 29.51
N ARG K 121 39.39 -31.57 28.89
CA ARG K 121 40.13 -30.87 27.84
C ARG K 121 39.17 -30.50 26.72
N LEU K 122 39.13 -29.21 26.40
CA LEU K 122 38.22 -28.72 25.36
C LEU K 122 38.98 -28.06 24.21
N GLY K 123 40.27 -28.32 24.15
CA GLY K 123 41.09 -27.85 23.05
C GLY K 123 42.50 -27.46 23.39
N THR K 124 43.12 -26.73 22.47
CA THR K 124 44.50 -26.33 22.58
C THR K 124 44.74 -25.03 21.83
N LEU K 125 45.74 -24.26 22.26
CA LEU K 125 46.01 -22.93 21.73
C LEU K 125 47.47 -22.79 21.25
N ILE K 126 47.67 -22.85 19.93
CA ILE K 126 48.99 -22.75 19.33
C ILE K 126 49.42 -21.28 19.21
N LEU K 127 50.53 -20.93 19.86
CA LEU K 127 51.09 -19.57 19.82
C LEU K 127 52.53 -19.57 19.34
N SER K 128 52.75 -19.02 18.12
CA SER K 128 54.09 -18.98 17.50
C SER K 128 54.54 -17.59 17.01
N ARG K 129 55.48 -16.98 17.74
CA ARG K 129 55.98 -15.65 17.37
C ARG K 129 57.23 -15.70 16.50
N LEU K 130 57.59 -14.54 15.97
CA LEU K 130 58.67 -14.38 14.98
C LEU K 130 60.07 -14.60 15.60
N GLN K 131 60.84 -13.51 15.73
CA GLN K 131 62.13 -13.54 16.41
C GLN K 131 61.94 -13.56 17.93
N ASP K 132 60.85 -12.93 18.38
CA ASP K 132 60.58 -12.66 19.79
C ASP K 132 60.38 -13.92 20.62
N GLN K 133 60.96 -13.91 21.81
CA GLN K 133 60.82 -15.00 22.76
C GLN K 133 59.52 -14.83 23.55
N PHE K 134 59.12 -15.88 24.27
CA PHE K 134 57.89 -15.87 25.08
C PHE K 134 58.21 -15.72 26.58
N ASN K 135 58.07 -14.49 27.06
CA ASN K 135 58.37 -14.14 28.44
C ASN K 135 57.35 -14.79 29.37
N ASP K 136 57.78 -15.12 30.60
CA ASP K 136 56.83 -15.45 31.65
C ASP K 136 55.75 -14.37 31.68
N ASP K 137 56.18 -13.11 31.55
CA ASP K 137 55.30 -11.95 31.42
C ASP K 137 54.14 -12.26 30.49
N ASP K 138 54.47 -12.85 29.34
CA ASP K 138 53.49 -13.17 28.32
C ASP K 138 52.85 -14.55 28.53
N LEU K 139 53.53 -15.41 29.28
CA LEU K 139 53.08 -16.80 29.51
C LEU K 139 51.87 -16.94 30.41
N ILE K 140 51.67 -15.97 31.31
CA ILE K 140 50.61 -16.04 32.32
C ILE K 140 49.32 -15.36 31.85
N LEU K 141 49.45 -14.50 30.84
CA LEU K 141 48.29 -13.99 30.10
C LEU K 141 47.76 -15.10 29.21
N ALA K 142 48.61 -16.09 28.95
CA ALA K 142 48.25 -17.30 28.22
C ALA K 142 47.48 -18.30 29.10
N GLU K 143 47.51 -18.09 30.40
CA GLU K 143 46.72 -18.90 31.33
C GLU K 143 45.37 -18.23 31.61
N TYR K 144 45.41 -16.95 31.98
CA TYR K 144 44.19 -16.14 32.14
C TYR K 144 43.72 -15.64 30.79
N GLY K 145 44.13 -16.36 29.75
CA GLY K 145 43.62 -16.22 28.40
C GLY K 145 43.22 -17.59 27.89
N ALA K 146 43.88 -18.62 28.42
CA ALA K 146 43.50 -20.00 28.17
C ALA K 146 42.15 -20.30 28.79
N THR K 147 41.88 -19.71 29.95
CA THR K 147 40.66 -19.98 30.73
C THR K 147 39.61 -18.85 30.64
N VAL K 148 39.74 -18.04 29.59
CA VAL K 148 38.66 -17.18 29.12
C VAL K 148 37.97 -17.96 28.00
N VAL K 149 38.70 -18.92 27.44
CA VAL K 149 38.13 -19.90 26.51
C VAL K 149 37.34 -20.93 27.31
N GLY K 150 37.85 -21.24 28.51
CA GLY K 150 37.24 -22.19 29.46
C GLY K 150 35.72 -22.27 29.40
N MET K 151 35.04 -21.44 30.19
CA MET K 151 33.61 -21.27 30.02
C MET K 151 33.36 -20.20 28.94
N GLU K 152 33.79 -20.53 27.72
CA GLU K 152 33.41 -19.83 26.48
C GLU K 152 33.44 -20.85 25.33
N ILE K 153 34.14 -21.95 25.57
CA ILE K 153 33.89 -23.18 24.85
C ILE K 153 32.51 -23.64 25.32
N LEU K 154 32.22 -23.36 26.58
CA LEU K 154 31.00 -23.81 27.24
C LEU K 154 29.85 -22.79 27.18
N ARG K 155 30.04 -21.71 26.44
CA ARG K 155 28.96 -20.77 26.20
C ARG K 155 28.21 -21.17 24.93
N GLU K 156 28.95 -21.70 23.96
CA GLU K 156 28.40 -22.17 22.66
C GLU K 156 28.09 -23.66 22.63
N LYS K 157 28.92 -24.46 23.29
CA LYS K 157 28.66 -25.89 23.40
C LYS K 157 27.58 -26.14 24.46
N ALA K 158 27.29 -25.12 25.25
CA ALA K 158 26.22 -25.19 26.24
C ALA K 158 24.84 -25.19 25.58
N GLU K 159 24.38 -24.03 25.10
CA GLU K 159 23.02 -23.89 24.58
C GLU K 159 22.83 -24.36 23.13
N GLU K 160 23.84 -25.04 22.60
CA GLU K 160 23.77 -25.79 21.33
C GLU K 160 22.82 -26.98 21.53
N ILE K 161 23.08 -27.73 22.59
CA ILE K 161 22.26 -28.86 22.96
C ILE K 161 20.96 -28.33 23.58
N GLU K 162 21.08 -27.20 24.27
CA GLU K 162 19.96 -26.58 25.00
C GLU K 162 19.02 -25.78 24.08
N GLU K 163 19.10 -26.09 22.79
CA GLU K 163 18.14 -25.62 21.77
C GLU K 163 17.88 -26.68 20.69
N GLU K 164 18.91 -27.50 20.41
CA GLU K 164 18.76 -28.63 19.50
C GLU K 164 17.77 -29.63 20.08
N ALA K 165 18.04 -30.03 21.32
CA ALA K 165 17.19 -30.98 22.05
C ALA K 165 16.10 -30.24 22.85
N ARG K 166 15.80 -29.02 22.42
CA ARG K 166 14.73 -28.23 23.02
C ARG K 166 13.60 -28.09 22.00
N SER K 167 13.93 -27.55 20.82
CA SER K 167 12.97 -27.53 19.71
C SER K 167 12.67 -28.93 19.15
N LYS K 168 13.37 -29.95 19.64
CA LYS K 168 13.07 -31.35 19.30
C LYS K 168 12.08 -31.95 20.29
N ALA K 169 12.12 -31.45 21.52
CA ALA K 169 11.25 -31.89 22.59
C ALA K 169 9.92 -31.15 22.54
N VAL K 170 9.80 -30.20 21.62
CA VAL K 170 8.52 -29.58 21.33
C VAL K 170 7.76 -30.44 20.32
N VAL K 171 8.46 -30.85 19.25
CA VAL K 171 7.94 -31.78 18.22
C VAL K 171 7.09 -32.88 18.87
N GLN K 172 7.72 -33.67 19.72
CA GLN K 172 7.05 -34.71 20.48
C GLN K 172 6.05 -34.12 21.47
N MET K 173 6.45 -33.07 22.19
CA MET K 173 5.60 -32.39 23.17
C MET K 173 4.21 -32.14 22.60
N ALA K 174 4.17 -31.66 21.36
CA ALA K 174 2.89 -31.44 20.69
C ALA K 174 2.23 -32.76 20.29
N ILE K 175 2.95 -33.56 19.51
CA ILE K 175 2.35 -34.68 18.79
C ILE K 175 1.43 -35.59 19.62
N SER K 176 1.79 -35.82 20.88
CA SER K 176 1.04 -36.70 21.80
C SER K 176 -0.43 -36.31 21.97
N SER K 177 -0.87 -35.36 21.17
CA SER K 177 -2.20 -34.78 21.23
C SER K 177 -3.30 -35.69 20.68
N LEU K 178 -3.15 -36.06 19.43
CA LEU K 178 -4.21 -36.59 18.59
C LEU K 178 -4.54 -38.07 18.76
N SER K 179 -5.73 -38.45 18.30
CA SER K 179 -6.05 -39.85 18.02
C SER K 179 -5.63 -40.08 16.56
N TYR K 180 -5.65 -41.35 16.13
CA TYR K 180 -5.13 -41.73 14.80
C TYR K 180 -5.78 -40.94 13.67
N SER K 181 -7.08 -40.69 13.82
CA SER K 181 -7.85 -39.91 12.86
C SER K 181 -7.23 -38.54 12.58
N GLU K 182 -6.36 -38.11 13.48
CA GLU K 182 -5.74 -36.80 13.39
C GLU K 182 -4.28 -36.93 12.99
N LEU K 183 -3.74 -38.14 13.10
CA LEU K 183 -2.37 -38.41 12.67
C LEU K 183 -2.24 -38.45 11.16
N GLU K 184 -2.96 -39.38 10.53
CA GLU K 184 -2.99 -39.50 9.07
C GLU K 184 -3.51 -38.23 8.39
N ALA K 185 -4.05 -37.32 9.20
CA ALA K 185 -4.40 -35.99 8.75
C ALA K 185 -3.11 -35.24 8.41
N ILE K 186 -2.34 -34.93 9.43
CA ILE K 186 -1.12 -34.13 9.28
C ILE K 186 -0.04 -34.83 8.43
N GLU K 187 0.15 -36.14 8.68
CA GLU K 187 1.19 -36.95 8.03
C GLU K 187 1.17 -36.80 6.52
N HIS K 188 -0.01 -36.94 5.93
CA HIS K 188 -0.17 -36.85 4.48
C HIS K 188 0.19 -35.49 3.93
N ILE K 189 -0.09 -34.45 4.71
CA ILE K 189 0.12 -33.06 4.30
C ILE K 189 1.58 -32.72 3.99
N PHE K 190 2.49 -33.16 4.87
CA PHE K 190 3.92 -32.86 4.73
C PHE K 190 4.64 -33.75 3.71
N GLU K 191 4.43 -35.06 3.84
CA GLU K 191 5.00 -36.09 2.94
C GLU K 191 5.10 -35.62 1.49
N GLU K 192 3.96 -35.18 0.95
CA GLU K 192 3.84 -34.72 -0.42
C GLU K 192 4.53 -33.37 -0.64
N LEU K 193 4.37 -32.49 0.34
CA LEU K 193 4.74 -31.07 0.27
C LEU K 193 6.22 -30.83 0.00
N ASP K 194 6.63 -30.99 -1.26
CA ASP K 194 8.05 -30.95 -1.64
C ASP K 194 8.67 -29.56 -1.68
N GLY K 195 9.82 -29.43 -1.00
CA GLY K 195 10.49 -28.15 -0.77
C GLY K 195 10.37 -27.74 0.69
N ASN K 196 9.13 -27.47 1.11
CA ASN K 196 8.71 -27.12 2.48
C ASN K 196 7.26 -26.62 2.47
N GLU K 197 6.90 -25.99 1.35
CA GLU K 197 5.71 -25.15 1.24
C GLU K 197 4.74 -25.68 0.18
N GLY K 198 3.56 -25.08 0.10
CA GLY K 198 2.56 -25.42 -0.93
C GLY K 198 1.10 -25.38 -0.51
N LEU K 199 0.21 -25.31 -1.51
CA LEU K 199 -1.24 -25.30 -1.29
C LEU K 199 -1.78 -26.70 -0.97
N LEU K 200 -2.80 -26.76 -0.13
CA LEU K 200 -3.48 -28.03 0.18
C LEU K 200 -4.97 -27.80 0.39
N VAL K 201 -5.79 -28.37 -0.50
CA VAL K 201 -7.25 -28.14 -0.53
C VAL K 201 -7.88 -28.26 0.86
N ALA K 202 -8.71 -27.28 1.22
CA ALA K 202 -9.26 -27.18 2.57
C ALA K 202 -10.64 -27.81 2.71
N SER K 203 -11.53 -27.50 1.77
CA SER K 203 -12.89 -28.03 1.80
C SER K 203 -12.93 -29.48 1.34
N LYS K 204 -12.10 -29.79 0.34
CA LYS K 204 -12.21 -31.04 -0.43
C LYS K 204 -11.91 -32.31 0.36
N ILE K 205 -10.76 -32.34 1.03
CA ILE K 205 -10.20 -33.57 1.59
C ILE K 205 -11.19 -34.44 2.38
N ALA K 206 -11.85 -35.31 1.62
CA ALA K 206 -12.68 -36.39 2.13
C ALA K 206 -12.57 -37.52 1.11
N ASP K 207 -11.51 -37.43 0.30
CA ASP K 207 -11.31 -38.30 -0.87
C ASP K 207 -10.17 -39.34 -0.75
N ARG K 208 -8.95 -38.86 -0.47
CA ARG K 208 -7.75 -39.72 -0.40
C ARG K 208 -7.69 -40.52 0.91
N VAL K 209 -8.06 -39.87 2.01
CA VAL K 209 -7.99 -40.46 3.35
C VAL K 209 -9.38 -40.96 3.80
N GLY K 210 -10.37 -40.08 3.72
CA GLY K 210 -11.73 -40.36 4.20
C GLY K 210 -12.08 -39.62 5.48
N ILE K 211 -11.05 -39.03 6.10
CA ILE K 211 -11.20 -38.25 7.33
C ILE K 211 -12.04 -36.99 7.12
N THR K 212 -12.63 -36.52 8.22
CA THR K 212 -13.52 -35.37 8.20
C THR K 212 -12.77 -34.09 7.86
N ARG K 213 -13.50 -33.11 7.33
CA ARG K 213 -13.04 -31.72 7.33
C ARG K 213 -12.88 -31.34 8.81
N SER K 214 -13.94 -31.59 9.59
CA SER K 214 -14.01 -31.30 11.04
C SER K 214 -12.65 -31.52 11.73
N VAL K 215 -12.05 -32.67 11.43
CA VAL K 215 -10.81 -33.11 12.08
C VAL K 215 -9.53 -32.40 11.60
N ILE K 216 -9.47 -32.06 10.32
CA ILE K 216 -8.23 -31.55 9.75
C ILE K 216 -7.73 -30.30 10.47
N VAL K 217 -8.60 -29.31 10.63
CA VAL K 217 -8.20 -28.06 11.30
C VAL K 217 -8.07 -28.27 12.80
N ASN K 218 -9.11 -28.83 13.41
CA ASN K 218 -9.01 -29.22 14.81
C ASN K 218 -8.12 -30.45 14.98
N ALA K 219 -7.10 -30.52 14.13
CA ALA K 219 -5.94 -31.39 14.32
C ALA K 219 -4.69 -30.57 14.01
N LEU K 220 -4.81 -29.68 13.02
CA LEU K 220 -3.75 -28.70 12.68
C LEU K 220 -3.63 -27.64 13.79
N ARG K 221 -4.78 -27.24 14.35
CA ARG K 221 -4.84 -26.31 15.48
C ARG K 221 -4.34 -26.95 16.77
N LYS K 222 -3.38 -27.87 16.62
CA LYS K 222 -2.76 -28.56 17.74
C LYS K 222 -1.27 -28.36 17.64
N LEU K 223 -0.80 -28.13 16.42
CA LEU K 223 0.52 -27.59 16.21
C LEU K 223 0.44 -26.09 16.46
N GLU K 224 -0.74 -25.51 16.21
CA GLU K 224 -0.94 -24.09 16.44
C GLU K 224 -1.04 -23.77 17.93
N SER K 225 -1.81 -24.57 18.67
CA SER K 225 -1.97 -24.44 20.13
C SER K 225 -0.85 -25.16 20.91
N ALA K 226 0.39 -24.72 20.69
CA ALA K 226 1.61 -25.21 21.36
C ALA K 226 2.79 -24.37 20.94
N GLY K 227 2.58 -23.61 19.86
CA GLY K 227 3.64 -22.93 19.15
C GLY K 227 4.46 -23.98 18.43
N VAL K 228 4.14 -24.21 17.16
CA VAL K 228 4.86 -25.21 16.35
C VAL K 228 5.18 -24.76 14.92
N ILE K 229 4.16 -24.45 14.13
CA ILE K 229 4.37 -24.08 12.73
C ILE K 229 3.68 -22.75 12.36
N GLU K 230 4.04 -22.16 11.21
CA GLU K 230 3.26 -21.02 10.69
C GLU K 230 2.11 -21.53 9.81
N SER K 231 0.89 -21.04 10.08
CA SER K 231 -0.33 -21.51 9.40
C SER K 231 -1.34 -20.38 9.08
N ARG K 232 -1.75 -20.31 7.81
CA ARG K 232 -2.83 -19.41 7.35
C ARG K 232 -3.67 -20.06 6.25
N SER K 233 -4.99 -20.05 6.46
CA SER K 233 -5.92 -20.84 5.64
C SER K 233 -7.05 -20.03 4.99
N LEU K 234 -7.70 -20.66 4.01
CA LEU K 234 -8.79 -20.05 3.22
C LEU K 234 -10.13 -20.78 3.41
N GLY K 235 -10.21 -22.04 2.97
CA GLY K 235 -11.44 -22.82 3.06
C GLY K 235 -12.35 -22.75 1.84
N MET K 236 -11.93 -21.98 0.82
CA MET K 236 -12.68 -21.84 -0.44
C MET K 236 -11.88 -22.28 -1.67
N LYS K 237 -10.57 -22.35 -1.52
CA LYS K 237 -9.67 -22.85 -2.55
C LYS K 237 -8.79 -23.99 -2.00
N GLY K 238 -7.99 -23.70 -0.96
CA GLY K 238 -7.15 -24.70 -0.29
C GLY K 238 -6.00 -24.19 0.58
N THR K 239 -6.12 -24.38 1.91
CA THR K 239 -5.19 -23.86 2.91
C THR K 239 -3.69 -24.14 2.69
N TYR K 240 -2.83 -23.33 3.31
CA TYR K 240 -1.38 -23.43 3.14
C TYR K 240 -0.66 -23.82 4.44
N ILE K 241 0.57 -24.35 4.28
CA ILE K 241 1.40 -24.82 5.40
C ILE K 241 2.81 -24.21 5.39
N LYS K 242 3.23 -23.67 6.53
CA LYS K 242 4.62 -23.26 6.74
C LYS K 242 5.10 -23.79 8.11
N VAL K 243 6.40 -23.98 8.26
CA VAL K 243 6.99 -24.62 9.45
C VAL K 243 8.09 -23.79 10.16
N LEU K 244 7.87 -23.46 11.44
CA LEU K 244 8.85 -22.73 12.27
C LEU K 244 9.72 -23.73 13.07
N ASN K 245 9.64 -25.01 12.68
CA ASN K 245 10.27 -26.09 13.44
C ASN K 245 11.16 -26.98 12.58
N ASN K 246 12.39 -26.54 12.30
CA ASN K 246 13.36 -27.38 11.59
C ASN K 246 13.94 -28.46 12.50
N LYS K 247 13.06 -29.00 13.33
CA LYS K 247 13.30 -30.23 14.05
C LYS K 247 12.33 -31.31 13.57
N PHE K 248 11.04 -30.98 13.49
CA PHE K 248 10.03 -31.95 13.02
C PHE K 248 10.25 -32.39 11.58
N LEU K 249 10.73 -31.47 10.76
CA LEU K 249 11.18 -31.79 9.40
C LEU K 249 11.99 -33.10 9.37
N ILE K 250 12.77 -33.33 10.42
CA ILE K 250 13.67 -34.48 10.49
C ILE K 250 13.18 -35.54 11.50
N GLU K 251 11.96 -35.35 12.04
CA GLU K 251 11.29 -36.42 12.79
C GLU K 251 10.15 -37.07 12.00
N LEU K 252 9.68 -36.37 10.96
CA LEU K 252 8.93 -37.00 9.88
C LEU K 252 9.70 -38.24 9.43
N GLU K 253 10.98 -38.01 9.11
CA GLU K 253 11.93 -39.01 8.58
C GLU K 253 12.14 -40.24 9.47
N ASN K 254 12.10 -40.05 10.79
CA ASN K 254 12.21 -41.17 11.73
C ASN K 254 10.83 -41.69 12.18
N LEU K 255 9.80 -40.86 11.98
CA LEU K 255 8.44 -41.25 12.36
C LEU K 255 7.77 -42.18 11.34
N LYS K 256 8.03 -41.94 10.05
CA LYS K 256 7.41 -42.72 8.98
C LYS K 256 7.81 -44.22 8.98
N SER K 257 6.95 -45.06 8.40
CA SER K 257 7.19 -46.50 8.27
C SER K 257 6.34 -47.11 7.14
N ALA L 1 56.22 -16.27 41.30
CA ALA L 1 55.26 -16.55 42.36
C ALA L 1 53.95 -15.93 41.89
N LEU L 2 53.58 -16.34 40.68
CA LEU L 2 52.34 -15.99 40.01
C LEU L 2 51.94 -17.14 39.10
N LEU L 3 52.91 -17.81 38.47
CA LEU L 3 52.66 -19.11 37.80
C LEU L 3 52.53 -20.20 38.85
N GLN L 4 53.10 -19.92 40.01
CA GLN L 4 52.89 -20.72 41.19
C GLN L 4 51.53 -20.34 41.79
N LYS L 5 51.19 -19.06 41.74
CA LYS L 5 49.99 -18.54 42.42
C LYS L 5 48.69 -18.64 41.60
N THR L 6 48.75 -18.38 40.29
CA THR L 6 47.56 -18.52 39.43
C THR L 6 47.22 -19.99 39.12
N ARG L 7 48.23 -20.79 38.79
CA ARG L 7 48.03 -22.22 38.56
C ARG L 7 47.32 -22.88 39.75
N ILE L 8 47.32 -22.20 40.90
CA ILE L 8 46.53 -22.61 42.07
C ILE L 8 45.03 -22.41 41.81
N ILE L 9 44.64 -21.17 41.56
CA ILE L 9 43.25 -20.84 41.24
C ILE L 9 42.84 -21.33 39.85
N ASN L 10 43.78 -21.98 39.15
CA ASN L 10 43.53 -22.53 37.81
C ASN L 10 43.32 -24.04 37.82
N SER L 11 43.89 -24.71 38.82
CA SER L 11 43.75 -26.16 39.01
C SER L 11 42.49 -26.51 39.81
N MET L 12 42.22 -25.70 40.83
CA MET L 12 40.99 -25.80 41.60
C MET L 12 39.80 -25.54 40.67
N LEU L 13 39.95 -24.50 39.86
CA LEU L 13 38.92 -24.06 38.97
C LEU L 13 39.09 -24.71 37.61
N GLN L 14 38.86 -26.03 37.57
CA GLN L 14 38.51 -26.68 36.32
C GLN L 14 37.19 -26.03 35.87
N ALA L 15 36.21 -26.11 36.77
CA ALA L 15 34.94 -25.35 36.76
C ALA L 15 34.11 -25.83 37.96
N ALA L 16 34.82 -25.99 39.09
CA ALA L 16 34.39 -26.83 40.20
C ALA L 16 34.26 -28.26 39.64
N ALA L 17 33.23 -28.46 38.82
CA ALA L 17 33.07 -29.65 37.96
C ALA L 17 32.29 -30.78 38.63
N GLY L 18 30.99 -30.87 38.29
CA GLY L 18 30.10 -31.84 38.91
C GLY L 18 30.11 -31.65 40.41
N LYS L 19 30.16 -30.38 40.80
CA LYS L 19 30.43 -29.95 42.17
C LYS L 19 29.34 -29.02 42.72
N PRO L 20 28.99 -29.23 44.01
CA PRO L 20 28.38 -28.15 44.75
C PRO L 20 29.48 -27.12 45.02
N VAL L 21 29.34 -25.92 44.46
CA VAL L 21 30.35 -24.86 44.59
C VAL L 21 30.70 -24.55 46.05
N ASN L 22 31.90 -24.99 46.45
CA ASN L 22 32.41 -24.86 47.82
C ASN L 22 32.84 -23.43 48.13
N PHE L 23 31.87 -22.60 48.56
CA PHE L 23 32.11 -21.19 48.83
C PHE L 23 33.28 -20.98 49.80
N LYS L 24 33.64 -22.04 50.53
CA LYS L 24 34.86 -22.06 51.34
C LYS L 24 36.09 -22.11 50.46
N GLU L 25 36.20 -23.12 49.59
CA GLU L 25 37.32 -23.25 48.65
C GLU L 25 37.28 -22.06 47.69
N MET L 26 36.09 -21.50 47.54
CA MET L 26 35.92 -20.22 46.88
C MET L 26 35.95 -19.15 47.97
N ALA L 27 36.92 -19.28 48.88
CA ALA L 27 37.24 -18.27 49.89
C ALA L 27 38.58 -18.57 50.54
N GLU L 28 38.69 -19.76 51.14
CA GLU L 28 39.92 -20.26 51.77
C GLU L 28 41.12 -20.17 50.81
N THR L 29 41.22 -21.14 49.89
CA THR L 29 42.17 -21.04 48.80
C THR L 29 41.65 -19.90 47.91
N LEU L 30 42.16 -18.71 48.21
CA LEU L 30 41.71 -17.45 47.67
C LEU L 30 42.23 -16.46 48.67
N ARG L 31 41.88 -16.74 49.92
CA ARG L 31 42.42 -16.09 51.10
C ARG L 31 43.85 -16.54 51.34
N ASP L 32 44.05 -17.84 51.54
CA ASP L 32 45.37 -18.42 51.79
C ASP L 32 46.34 -17.97 50.70
N VAL L 33 45.84 -17.98 49.47
CA VAL L 33 46.59 -17.56 48.30
C VAL L 33 47.07 -16.12 48.43
N ILE L 34 46.14 -15.18 48.27
CA ILE L 34 46.46 -13.74 48.20
C ILE L 34 47.24 -13.19 49.43
N ASP L 35 47.33 -14.01 50.49
CA ASP L 35 47.90 -13.59 51.78
C ASP L 35 47.13 -12.38 52.34
N SER L 36 45.80 -12.44 52.23
CA SER L 36 44.90 -11.34 52.58
C SER L 36 43.47 -11.85 52.68
N ASN L 37 42.70 -11.37 53.67
CA ASN L 37 41.33 -11.84 53.94
C ASN L 37 40.47 -11.98 52.67
N ILE L 38 39.51 -12.91 52.71
CA ILE L 38 38.52 -13.08 51.64
C ILE L 38 37.09 -13.14 52.22
N PHE L 39 36.33 -12.07 51.99
CA PHE L 39 34.89 -12.01 52.29
C PHE L 39 34.08 -11.88 50.99
N VAL L 40 33.53 -12.99 50.51
CA VAL L 40 32.67 -12.95 49.33
C VAL L 40 31.28 -12.63 49.83
N VAL L 41 30.67 -11.59 49.27
CA VAL L 41 29.41 -11.10 49.78
C VAL L 41 28.40 -10.83 48.66
N SER L 42 27.30 -11.57 48.68
CA SER L 42 26.35 -11.64 47.56
C SER L 42 25.66 -10.33 47.14
N ARG L 43 24.81 -10.46 46.13
CA ARG L 43 24.12 -9.36 45.45
C ARG L 43 23.37 -8.45 46.42
N ARG L 44 22.63 -9.05 47.35
CA ARG L 44 21.82 -8.33 48.32
C ARG L 44 22.57 -8.02 49.62
N GLY L 45 23.68 -8.72 49.84
CA GLY L 45 24.53 -8.50 51.00
C GLY L 45 24.59 -9.71 51.89
N LYS L 46 24.53 -10.89 51.28
CA LYS L 46 24.60 -12.16 51.99
C LYS L 46 26.00 -12.75 51.87
N LEU L 47 26.63 -12.96 53.02
CA LEU L 47 27.93 -13.61 53.06
C LEU L 47 27.77 -15.05 52.55
N LEU L 48 28.08 -15.24 51.26
CA LEU L 48 28.07 -16.57 50.65
C LEU L 48 29.34 -17.37 51.01
N GLY L 49 30.50 -16.71 50.92
CA GLY L 49 31.81 -17.31 51.20
C GLY L 49 32.75 -16.39 51.96
N TYR L 50 33.41 -16.93 52.98
CA TYR L 50 34.31 -16.16 53.83
C TYR L 50 35.42 -17.02 54.42
N SER L 51 36.60 -16.43 54.58
CA SER L 51 37.70 -17.04 55.33
C SER L 51 38.68 -15.95 55.78
N ILE L 52 38.95 -15.91 57.09
CA ILE L 52 39.83 -14.92 57.67
C ILE L 52 41.27 -15.40 57.54
N ASN L 53 42.12 -14.59 56.90
CA ASN L 53 43.53 -14.94 56.65
C ASN L 53 44.41 -14.87 57.88
N GLN L 54 44.14 -13.90 58.77
CA GLN L 54 45.01 -13.65 59.92
C GLN L 54 44.25 -13.70 61.27
N GLN L 55 43.48 -12.65 61.56
CA GLN L 55 42.68 -12.51 62.79
C GLN L 55 42.27 -11.05 62.82
N ILE L 56 41.45 -10.66 61.86
CA ILE L 56 41.15 -9.25 61.61
C ILE L 56 40.12 -8.68 62.59
N GLU L 57 40.54 -7.64 63.30
CA GLU L 57 39.74 -7.02 64.35
C GLU L 57 38.93 -5.84 63.82
N ASN L 58 38.41 -6.00 62.61
CA ASN L 58 37.38 -5.16 62.05
C ASN L 58 36.11 -5.45 62.84
N ASP L 59 35.28 -4.43 63.04
CA ASP L 59 34.19 -4.50 64.01
C ASP L 59 32.78 -4.48 63.39
N ARG L 60 32.68 -3.96 62.17
CA ARG L 60 31.52 -4.17 61.31
C ARG L 60 31.42 -5.64 60.93
N MET L 61 32.59 -6.22 60.74
CA MET L 61 32.76 -7.55 60.17
C MET L 61 33.19 -8.55 61.26
N LYS L 62 32.78 -8.24 62.49
CA LYS L 62 32.73 -9.19 63.61
C LYS L 62 31.38 -9.04 64.37
N LYS L 63 30.40 -8.49 63.66
CA LYS L 63 28.96 -8.69 63.91
C LYS L 63 28.31 -9.15 62.59
N MET L 64 29.15 -9.40 61.59
CA MET L 64 28.77 -9.98 60.30
C MET L 64 28.65 -11.50 60.42
N LEU L 65 29.73 -12.14 60.87
CA LEU L 65 29.74 -13.57 61.22
C LEU L 65 28.56 -13.86 62.15
N GLU L 66 28.05 -12.79 62.74
CA GLU L 66 26.99 -12.86 63.74
C GLU L 66 25.58 -12.61 63.18
N ASP L 67 25.48 -12.10 61.95
CA ASP L 67 24.18 -11.99 61.29
C ASP L 67 24.09 -12.81 59.99
N ARG L 68 25.19 -13.48 59.62
CA ARG L 68 25.26 -14.36 58.45
C ARG L 68 24.98 -13.68 57.10
N GLN L 69 23.93 -12.87 57.07
CA GLN L 69 23.79 -11.82 56.07
C GLN L 69 24.74 -10.72 56.51
N PHE L 70 25.59 -10.23 55.61
CA PHE L 70 26.52 -9.15 55.95
C PHE L 70 25.70 -7.91 56.34
N PRO L 71 25.91 -7.40 57.60
CA PRO L 71 25.08 -6.40 58.27
C PRO L 71 24.02 -5.65 57.42
N GLU L 72 22.77 -6.01 57.67
CA GLU L 72 21.57 -5.51 56.98
C GLU L 72 21.71 -4.26 56.12
N GLU L 73 21.89 -3.10 56.77
CA GLU L 73 21.77 -1.81 56.11
C GLU L 73 23.11 -1.20 55.65
N TYR L 74 24.16 -1.40 56.46
CA TYR L 74 25.49 -0.81 56.19
C TYR L 74 26.13 -1.25 54.85
N THR L 75 25.46 -2.18 54.17
CA THR L 75 25.97 -2.83 52.96
C THR L 75 25.20 -2.40 51.71
N LYS L 76 23.89 -2.21 51.87
CA LYS L 76 23.01 -1.82 50.77
C LYS L 76 23.50 -0.53 50.08
N ASN L 77 24.42 0.18 50.72
CA ASN L 77 25.00 1.40 50.15
C ASN L 77 26.26 1.19 49.29
N LEU L 78 26.84 0.00 49.40
CA LEU L 78 28.03 -0.37 48.61
C LEU L 78 27.67 -0.84 47.22
N PHE L 79 26.61 -1.64 47.12
CA PHE L 79 26.23 -2.34 45.88
C PHE L 79 26.38 -1.50 44.60
N ASN L 80 25.96 -0.23 44.64
CA ASN L 80 26.02 0.64 43.47
C ASN L 80 27.41 1.27 43.21
N VAL L 81 28.25 0.59 42.42
CA VAL L 81 29.66 0.96 42.26
C VAL L 81 30.16 0.86 40.79
N PRO L 82 31.05 1.77 40.35
CA PRO L 82 31.81 1.65 39.09
C PRO L 82 32.93 0.58 39.00
N GLU L 83 33.87 0.51 39.95
CA GLU L 83 34.99 -0.44 39.81
C GLU L 83 35.69 -0.97 41.08
N THR L 84 37.01 -1.20 41.00
CA THR L 84 37.82 -1.80 42.08
C THR L 84 38.67 -0.77 42.86
N SER L 85 38.59 -0.86 44.20
CA SER L 85 39.33 0.04 45.11
C SER L 85 40.81 -0.35 45.27
N SER L 86 41.63 0.67 45.54
CA SER L 86 43.03 0.45 45.93
C SER L 86 43.07 -0.20 47.30
N ASN L 87 43.12 0.61 48.35
CA ASN L 87 43.19 0.08 49.72
C ASN L 87 42.40 0.88 50.76
N LEU L 88 42.02 0.22 51.86
CA LEU L 88 41.08 0.80 52.83
C LEU L 88 41.34 0.48 54.31
N ASP L 89 41.95 1.43 55.01
CA ASP L 89 41.82 1.51 56.48
C ASP L 89 40.98 2.75 56.80
N ILE L 90 40.31 2.79 57.96
CA ILE L 90 39.48 3.96 58.34
C ILE L 90 40.27 5.27 58.21
N ASN L 91 41.58 5.09 58.04
CA ASN L 91 42.50 6.15 57.69
C ASN L 91 42.42 6.47 56.18
N SER L 92 42.56 5.46 55.32
CA SER L 92 42.45 5.65 53.86
C SER L 92 41.15 6.36 53.54
N GLU L 93 41.25 7.51 52.87
CA GLU L 93 40.05 8.31 52.65
C GLU L 93 39.97 8.96 51.28
N TYR L 94 39.99 8.13 50.25
CA TYR L 94 39.54 8.54 48.92
C TYR L 94 38.02 8.66 49.05
N THR L 95 37.61 9.65 49.86
CA THR L 95 36.26 9.77 50.43
C THR L 95 35.09 9.62 49.42
N ALA L 96 34.74 8.36 49.15
CA ALA L 96 33.67 8.00 48.21
C ALA L 96 32.47 7.35 48.90
N PHE L 97 32.74 6.59 49.96
CA PHE L 97 31.74 5.83 50.71
C PHE L 97 30.85 6.73 51.58
N PRO L 98 29.67 6.23 52.03
CA PRO L 98 28.74 7.06 52.81
C PRO L 98 29.40 7.93 53.86
N VAL L 99 28.83 9.13 54.00
CA VAL L 99 29.37 10.21 54.84
C VAL L 99 29.84 9.71 56.21
N GLU L 100 29.04 8.87 56.87
CA GLU L 100 29.40 8.30 58.17
C GLU L 100 29.18 6.78 58.30
N ASN L 101 29.15 6.09 57.16
CA ASN L 101 29.20 4.64 57.13
C ASN L 101 30.60 4.25 56.65
N ARG L 102 31.57 4.32 57.56
CA ARG L 102 32.99 4.14 57.20
C ARG L 102 33.81 3.34 58.20
N ASP L 103 33.37 3.29 59.46
CA ASP L 103 34.04 2.51 60.50
C ASP L 103 34.16 1.04 60.07
N LEU L 104 33.98 0.83 58.76
CA LEU L 104 34.08 -0.47 58.13
C LEU L 104 35.53 -0.94 58.07
N PHE L 105 36.47 -0.04 58.31
CA PHE L 105 37.89 -0.38 58.09
C PHE L 105 38.90 -0.03 59.20
N GLN L 106 38.61 -0.41 60.45
CA GLN L 106 39.58 -0.22 61.56
C GLN L 106 40.81 -1.14 61.47
N ALA L 107 40.85 -2.21 62.29
CA ALA L 107 41.99 -3.16 62.27
C ALA L 107 42.05 -3.99 60.98
N GLY L 108 42.13 -3.28 59.87
CA GLY L 108 42.22 -3.88 58.54
C GLY L 108 42.47 -2.86 57.44
N LEU L 109 43.13 -3.34 56.39
CA LEU L 109 43.21 -2.65 55.12
C LEU L 109 42.37 -3.43 54.09
N THR L 110 41.17 -2.92 53.84
CA THR L 110 40.15 -3.61 53.03
C THR L 110 40.24 -3.29 51.51
N THR L 111 40.03 -4.31 50.66
CA THR L 111 40.15 -4.19 49.19
C THR L 111 38.95 -4.81 48.45
N ILE L 112 38.29 -4.01 47.58
CA ILE L 112 37.02 -4.39 46.90
C ILE L 112 37.16 -4.96 45.46
N VAL L 113 36.64 -6.18 45.25
CA VAL L 113 36.59 -6.85 43.93
C VAL L 113 35.13 -7.11 43.46
N PRO L 114 34.51 -6.12 42.77
CA PRO L 114 33.17 -6.23 42.21
C PRO L 114 32.99 -7.44 41.31
N ILE L 115 32.38 -8.51 41.84
CA ILE L 115 32.23 -9.75 41.08
C ILE L 115 31.29 -9.58 39.89
N ILE L 116 31.89 -9.44 38.70
CA ILE L 116 31.18 -9.21 37.44
C ILE L 116 30.52 -10.48 36.95
N GLY L 117 29.35 -10.32 36.32
CA GLY L 117 28.60 -11.45 35.79
C GLY L 117 27.51 -11.06 34.80
N GLY L 118 27.92 -10.84 33.55
CA GLY L 118 26.99 -10.58 32.45
C GLY L 118 26.51 -9.15 32.32
N GLY L 119 26.84 -8.32 33.31
CA GLY L 119 26.40 -6.93 33.36
C GLY L 119 25.78 -6.62 34.69
N GLU L 120 25.37 -7.68 35.39
CA GLU L 120 24.95 -7.57 36.79
C GLU L 120 26.11 -8.04 37.66
N ARG L 121 26.54 -7.16 38.54
CA ARG L 121 27.50 -7.53 39.55
C ARG L 121 26.74 -8.41 40.54
N LEU L 122 27.27 -9.60 40.76
CA LEU L 122 26.62 -10.60 41.62
C LEU L 122 26.80 -10.27 43.10
N GLY L 123 27.29 -9.06 43.35
CA GLY L 123 27.66 -8.60 44.68
C GLY L 123 29.05 -8.02 44.61
N THR L 124 30.00 -8.70 45.26
CA THR L 124 31.36 -8.20 45.39
C THR L 124 32.20 -9.12 46.28
N LEU L 125 33.51 -9.13 46.03
CA LEU L 125 34.47 -9.72 46.94
C LEU L 125 35.21 -8.60 47.65
N ILE L 126 35.57 -8.79 48.92
CA ILE L 126 36.42 -7.83 49.62
C ILE L 126 37.57 -8.51 50.33
N LEU L 127 38.71 -7.81 50.39
CA LEU L 127 39.89 -8.31 51.08
C LEU L 127 40.15 -7.47 52.34
N SER L 128 40.78 -8.06 53.35
CA SER L 128 41.23 -7.31 54.53
C SER L 128 42.43 -7.99 55.23
N ARG L 129 43.63 -7.62 54.79
CA ARG L 129 44.89 -8.01 55.44
C ARG L 129 45.28 -6.90 56.42
N LEU L 130 45.42 -7.27 57.70
CA LEU L 130 45.63 -6.29 58.77
C LEU L 130 46.69 -5.22 58.46
N GLN L 131 47.71 -5.60 57.69
CA GLN L 131 48.86 -4.72 57.46
C GLN L 131 49.17 -4.34 55.98
N ASP L 132 50.33 -4.79 55.49
CA ASP L 132 51.15 -4.00 54.55
C ASP L 132 50.74 -3.82 53.08
N GLN L 133 51.68 -4.13 52.18
CA GLN L 133 51.69 -3.69 50.80
C GLN L 133 50.96 -4.65 49.86
N PHE L 134 50.08 -4.07 49.06
CA PHE L 134 49.33 -4.79 48.03
C PHE L 134 49.92 -4.40 46.68
N ASN L 135 51.09 -4.97 46.34
CA ASN L 135 51.74 -4.64 45.06
C ASN L 135 50.92 -5.09 43.84
N ASP L 136 51.23 -4.50 42.68
CA ASP L 136 50.39 -4.64 41.48
C ASP L 136 49.95 -6.08 41.12
N ASP L 137 50.87 -7.02 41.27
CA ASP L 137 50.59 -8.44 41.02
C ASP L 137 49.57 -9.00 42.02
N ASP L 138 49.59 -8.48 43.24
CA ASP L 138 48.60 -8.77 44.26
C ASP L 138 47.25 -8.22 43.84
N LEU L 139 47.26 -7.26 42.93
CA LEU L 139 46.03 -6.67 42.44
C LEU L 139 45.60 -7.21 41.05
N ILE L 140 46.19 -8.33 40.62
CA ILE L 140 45.74 -9.03 39.42
C ILE L 140 45.28 -10.43 39.79
N LEU L 141 45.82 -10.93 40.90
CA LEU L 141 45.40 -12.20 41.48
C LEU L 141 43.97 -12.08 42.01
N ALA L 142 43.70 -10.99 42.74
CA ALA L 142 42.33 -10.64 43.15
C ALA L 142 41.58 -9.95 42.00
N GLU L 143 41.90 -10.37 40.78
CA GLU L 143 41.20 -9.92 39.58
C GLU L 143 40.97 -11.07 38.61
N TYR L 144 42.00 -11.46 37.85
CA TYR L 144 41.89 -12.61 36.97
C TYR L 144 41.19 -13.74 37.69
N GLY L 145 41.66 -14.02 38.90
CA GLY L 145 41.01 -14.99 39.76
C GLY L 145 39.68 -14.50 40.30
N ALA L 146 39.73 -13.50 41.17
CA ALA L 146 38.57 -13.10 41.98
C ALA L 146 37.23 -13.05 41.24
N THR L 147 37.13 -12.21 40.23
CA THR L 147 35.89 -12.03 39.49
C THR L 147 35.35 -13.32 38.89
N VAL L 148 36.25 -14.27 38.64
CA VAL L 148 35.88 -15.56 38.06
C VAL L 148 35.57 -16.65 39.11
N VAL L 149 35.33 -16.22 40.35
CA VAL L 149 34.53 -16.98 41.28
C VAL L 149 33.09 -16.71 40.82
N GLY L 150 32.91 -15.54 40.20
CA GLY L 150 31.63 -15.12 39.62
C GLY L 150 31.04 -16.07 38.60
N MET L 151 31.89 -16.56 37.68
CA MET L 151 31.49 -17.56 36.68
C MET L 151 30.72 -18.71 37.32
N GLU L 152 30.97 -18.88 38.61
CA GLU L 152 30.44 -20.01 39.37
C GLU L 152 29.43 -19.55 40.44
N ILE L 153 29.01 -18.30 40.34
CA ILE L 153 27.72 -17.91 40.88
C ILE L 153 26.76 -18.26 39.75
N LEU L 154 27.24 -18.14 38.53
CA LEU L 154 26.48 -18.48 37.33
C LEU L 154 26.38 -19.98 37.09
N ARG L 155 27.47 -20.71 37.38
CA ARG L 155 27.53 -22.15 37.10
C ARG L 155 26.76 -23.00 38.11
N GLU L 156 26.49 -22.43 39.29
CA GLU L 156 25.68 -23.09 40.32
C GLU L 156 24.21 -22.67 40.20
N LYS L 157 23.97 -21.39 39.93
CA LYS L 157 22.63 -20.93 39.60
C LYS L 157 22.31 -21.26 38.14
N ALA L 158 23.18 -22.10 37.56
CA ALA L 158 22.88 -22.87 36.36
C ALA L 158 22.26 -24.20 36.79
N GLU L 159 21.52 -24.15 37.90
CA GLU L 159 20.77 -25.28 38.44
C GLU L 159 19.58 -24.85 39.31
N GLU L 160 19.81 -23.93 40.26
CA GLU L 160 18.73 -23.43 41.14
C GLU L 160 17.68 -22.67 40.33
N ILE L 161 17.96 -22.51 39.04
CA ILE L 161 16.97 -22.10 38.07
C ILE L 161 16.76 -23.25 37.07
N GLU L 162 17.85 -23.88 36.64
CA GLU L 162 17.81 -24.91 35.60
C GLU L 162 17.64 -26.33 36.14
N GLU L 163 16.97 -26.44 37.29
CA GLU L 163 16.45 -27.69 37.81
C GLU L 163 15.23 -27.43 38.70
N GLU L 164 14.97 -26.15 38.96
CA GLU L 164 13.81 -25.69 39.73
C GLU L 164 12.56 -25.77 38.87
N ALA L 165 12.67 -25.26 37.65
CA ALA L 165 11.59 -25.24 36.67
C ALA L 165 11.57 -26.52 35.84
N ARG L 166 12.71 -27.22 35.81
CA ARG L 166 12.91 -28.38 34.94
C ARG L 166 12.06 -29.59 35.32
N SER L 167 12.02 -29.94 36.60
CA SER L 167 11.15 -31.02 37.08
C SER L 167 9.69 -30.60 37.06
N LYS L 168 9.46 -29.31 37.26
CA LYS L 168 8.15 -28.72 37.06
C LYS L 168 7.82 -28.76 35.56
N ALA L 169 8.81 -29.13 34.75
CA ALA L 169 8.61 -29.29 33.31
C ALA L 169 8.49 -30.76 32.92
N VAL L 170 8.45 -31.62 33.93
CA VAL L 170 8.25 -33.05 33.73
C VAL L 170 6.85 -33.43 34.18
N VAL L 171 6.61 -33.30 35.49
CA VAL L 171 5.32 -33.60 36.12
C VAL L 171 4.18 -32.86 35.40
N GLN L 172 4.53 -31.80 34.68
CA GLN L 172 3.59 -31.13 33.80
C GLN L 172 3.26 -32.06 32.62
N MET L 173 4.26 -32.32 31.78
CA MET L 173 4.06 -33.24 30.64
C MET L 173 3.98 -34.72 31.05
N ALA L 174 4.26 -35.01 32.31
CA ALA L 174 4.16 -36.39 32.80
C ALA L 174 2.71 -36.77 32.98
N ILE L 175 1.94 -35.90 33.64
CA ILE L 175 0.49 -36.11 33.84
C ILE L 175 -0.27 -36.12 32.50
N SER L 176 0.43 -35.68 31.44
CA SER L 176 -0.10 -35.63 30.06
C SER L 176 -0.70 -36.96 29.58
N SER L 177 -0.15 -38.07 30.08
CA SER L 177 -0.61 -39.43 29.73
C SER L 177 -1.78 -39.96 30.59
N LEU L 178 -2.20 -39.18 31.60
CA LEU L 178 -3.44 -39.47 32.31
C LEU L 178 -4.63 -38.88 31.59
N SER L 179 -5.66 -39.70 31.42
CA SER L 179 -7.00 -39.20 31.12
C SER L 179 -7.78 -39.25 32.43
N TYR L 180 -8.80 -38.41 32.58
CA TYR L 180 -9.49 -38.15 33.89
C TYR L 180 -9.65 -39.37 34.85
N SER L 181 -9.99 -40.54 34.32
CA SER L 181 -10.01 -41.77 35.12
C SER L 181 -8.64 -42.00 35.77
N GLU L 182 -7.61 -42.01 34.92
CA GLU L 182 -6.21 -42.18 35.33
C GLU L 182 -5.58 -40.92 35.95
N LEU L 183 -6.18 -39.76 35.72
CA LEU L 183 -5.87 -38.54 36.48
C LEU L 183 -6.42 -38.70 37.88
N GLU L 184 -7.74 -38.73 37.98
CA GLU L 184 -8.43 -38.95 39.24
C GLU L 184 -8.27 -40.40 39.65
N ALA L 185 -7.20 -41.00 39.14
CA ALA L 185 -6.54 -42.11 39.80
C ALA L 185 -5.45 -41.47 40.68
N ILE L 186 -4.42 -40.91 40.04
CA ILE L 186 -3.35 -40.23 40.75
C ILE L 186 -3.91 -39.28 41.81
N GLU L 187 -4.96 -38.55 41.46
CA GLU L 187 -5.60 -37.62 42.39
C GLU L 187 -6.22 -38.34 43.59
N HIS L 188 -7.19 -39.21 43.32
CA HIS L 188 -7.87 -40.00 44.36
C HIS L 188 -6.91 -40.91 45.12
N ILE L 189 -5.66 -40.93 44.67
CA ILE L 189 -4.58 -41.66 45.32
C ILE L 189 -3.96 -40.85 46.46
N PHE L 190 -3.57 -39.61 46.16
CA PHE L 190 -2.93 -38.75 47.14
C PHE L 190 -3.95 -37.96 47.95
N GLU L 191 -5.04 -37.55 47.29
CA GLU L 191 -6.22 -36.96 47.95
C GLU L 191 -6.85 -37.93 48.98
N GLU L 192 -6.24 -39.12 49.07
CA GLU L 192 -6.57 -40.16 50.04
C GLU L 192 -5.28 -40.60 50.75
N LEU L 193 -4.16 -40.49 50.04
CA LEU L 193 -2.85 -40.76 50.61
C LEU L 193 -2.51 -39.69 51.64
N ASP L 194 -1.37 -39.85 52.33
CA ASP L 194 -0.93 -38.92 53.37
C ASP L 194 0.23 -38.01 52.91
N GLY L 195 1.46 -38.54 52.99
CA GLY L 195 2.65 -37.77 52.65
C GLY L 195 3.32 -38.17 51.35
N ASN L 196 4.50 -38.78 51.47
CA ASN L 196 5.36 -39.18 50.33
C ASN L 196 5.37 -40.70 50.15
N GLU L 197 4.62 -41.39 51.02
CA GLU L 197 4.53 -42.86 51.02
C GLU L 197 3.21 -43.34 51.70
N GLY L 198 2.82 -44.59 51.47
CA GLY L 198 1.60 -45.12 52.08
C GLY L 198 1.16 -46.49 51.63
N LEU L 199 0.21 -47.05 52.38
CA LEU L 199 -0.33 -48.39 52.15
C LEU L 199 -1.62 -48.35 51.30
N LEU L 200 -1.50 -48.61 49.99
CA LEU L 200 -2.62 -48.38 49.06
C LEU L 200 -3.44 -49.63 48.66
N VAL L 201 -4.60 -49.79 49.29
CA VAL L 201 -5.57 -50.83 48.93
C VAL L 201 -6.22 -50.55 47.57
N ALA L 202 -6.30 -51.59 46.74
CA ALA L 202 -6.76 -51.44 45.35
C ALA L 202 -8.17 -51.98 45.08
N SER L 203 -8.60 -52.99 45.83
CA SER L 203 -9.92 -53.62 45.69
C SER L 203 -11.15 -52.66 45.75
N LYS L 204 -10.93 -51.42 46.23
CA LYS L 204 -12.02 -50.43 46.43
C LYS L 204 -12.20 -49.46 45.25
N ILE L 205 -11.18 -49.38 44.39
CA ILE L 205 -11.20 -48.46 43.25
C ILE L 205 -11.85 -49.14 42.05
N ALA L 206 -13.16 -49.33 42.18
CA ALA L 206 -14.06 -49.90 41.18
C ALA L 206 -15.43 -49.89 41.84
N ASP L 207 -15.39 -49.99 43.16
CA ASP L 207 -16.56 -50.01 44.02
C ASP L 207 -16.78 -48.62 44.68
N ARG L 208 -15.86 -48.22 45.56
CA ARG L 208 -15.97 -46.97 46.32
C ARG L 208 -15.42 -45.76 45.57
N VAL L 209 -14.27 -45.94 44.91
CA VAL L 209 -13.60 -44.86 44.20
C VAL L 209 -14.02 -44.76 42.70
N GLY L 210 -14.76 -45.76 42.22
CA GLY L 210 -15.44 -45.72 40.90
C GLY L 210 -14.70 -46.26 39.68
N ILE L 211 -13.41 -45.98 39.63
CA ILE L 211 -12.55 -46.26 38.47
C ILE L 211 -12.14 -47.73 38.38
N THR L 212 -11.01 -48.02 37.72
CA THR L 212 -10.44 -49.37 37.72
C THR L 212 -9.28 -49.43 38.70
N ARG L 213 -9.49 -50.22 39.74
CA ARG L 213 -8.44 -50.69 40.60
C ARG L 213 -7.16 -50.90 39.81
N SER L 214 -7.23 -51.75 38.79
CA SER L 214 -6.07 -52.08 37.98
C SER L 214 -5.81 -51.07 36.85
N VAL L 215 -6.43 -49.89 36.95
CA VAL L 215 -5.98 -48.72 36.17
C VAL L 215 -5.20 -47.78 37.09
N ILE L 216 -5.27 -48.06 38.39
CA ILE L 216 -4.31 -47.50 39.34
C ILE L 216 -2.91 -47.91 38.88
N VAL L 217 -2.81 -49.15 38.41
CA VAL L 217 -1.60 -49.63 37.77
C VAL L 217 -1.29 -48.71 36.61
N ASN L 218 -2.14 -48.77 35.58
CA ASN L 218 -1.89 -48.09 34.29
C ASN L 218 -1.64 -46.58 34.41
N ALA L 219 -1.97 -46.00 35.56
CA ALA L 219 -1.68 -44.59 35.83
C ALA L 219 -0.31 -44.44 36.45
N LEU L 220 0.02 -45.34 37.38
CA LEU L 220 1.31 -45.30 38.04
C LEU L 220 2.42 -45.89 37.16
N ARG L 221 2.07 -46.88 36.32
CA ARG L 221 2.99 -47.53 35.35
C ARG L 221 3.27 -46.69 34.10
N LYS L 222 2.55 -45.59 33.96
CA LYS L 222 2.96 -44.51 33.09
C LYS L 222 3.90 -43.60 33.88
N LEU L 223 3.54 -43.32 35.14
CA LEU L 223 4.33 -42.48 36.04
C LEU L 223 5.61 -43.16 36.50
N GLU L 224 5.59 -44.48 36.45
CA GLU L 224 6.79 -45.29 36.64
C GLU L 224 7.74 -45.05 35.48
N SER L 225 7.19 -45.02 34.25
CA SER L 225 7.97 -44.75 33.04
C SER L 225 8.45 -43.29 33.01
N ALA L 226 7.69 -42.42 33.68
CA ALA L 226 8.03 -41.00 33.83
C ALA L 226 9.25 -40.82 34.70
N GLY L 227 9.17 -41.36 35.91
CA GLY L 227 10.23 -41.26 36.89
C GLY L 227 9.86 -40.34 38.04
N VAL L 228 8.55 -40.23 38.29
CA VAL L 228 8.05 -39.40 39.37
C VAL L 228 7.63 -40.30 40.51
N ILE L 229 7.39 -41.55 40.18
CA ILE L 229 7.09 -42.58 41.17
C ILE L 229 7.86 -43.88 40.88
N GLU L 230 7.86 -44.81 41.84
CA GLU L 230 8.58 -46.08 41.72
C GLU L 230 7.78 -47.16 42.45
N SER L 231 6.71 -47.61 41.81
CA SER L 231 5.70 -48.46 42.44
C SER L 231 6.20 -49.84 42.89
N ARG L 232 6.67 -49.92 44.13
CA ARG L 232 7.06 -51.20 44.76
C ARG L 232 5.82 -51.91 45.32
N SER L 233 5.69 -53.20 44.98
CA SER L 233 4.52 -54.01 45.35
C SER L 233 4.78 -55.05 46.46
N LEU L 234 3.85 -55.11 47.41
CA LEU L 234 3.93 -56.09 48.51
C LEU L 234 3.35 -57.46 48.12
N GLY L 235 2.50 -57.47 47.09
CA GLY L 235 1.94 -58.70 46.55
C GLY L 235 0.76 -59.23 47.33
N MET L 236 -0.38 -58.55 47.17
CA MET L 236 -1.68 -59.02 47.68
C MET L 236 -2.87 -58.57 46.80
N LYS L 237 -3.65 -57.58 47.26
CA LYS L 237 -4.74 -56.97 46.47
C LYS L 237 -4.73 -55.42 46.55
N GLY L 238 -3.73 -54.89 47.27
CA GLY L 238 -3.41 -53.46 47.36
C GLY L 238 -1.95 -53.29 47.79
N THR L 239 -1.24 -52.35 47.18
CA THR L 239 0.23 -52.28 47.31
C THR L 239 0.85 -50.95 47.86
N TYR L 240 2.05 -50.60 47.40
CA TYR L 240 2.80 -49.47 47.91
C TYR L 240 3.38 -48.56 46.82
N ILE L 241 3.62 -47.29 47.18
CA ILE L 241 4.21 -46.29 46.29
C ILE L 241 5.17 -45.35 47.03
N LYS L 242 6.21 -44.90 46.33
CA LYS L 242 7.06 -43.80 46.82
C LYS L 242 7.59 -42.93 45.68
N VAL L 243 7.73 -41.63 45.95
CA VAL L 243 8.07 -40.60 44.96
C VAL L 243 9.57 -40.52 44.68
N LEU L 244 9.90 -40.16 43.44
CA LEU L 244 11.29 -39.88 43.04
C LEU L 244 11.53 -38.39 43.02
N ASN L 245 10.53 -37.64 42.55
CA ASN L 245 10.65 -36.20 42.48
C ASN L 245 10.45 -35.54 43.84
N ASN L 246 10.81 -34.24 43.91
CA ASN L 246 10.58 -33.38 45.07
C ASN L 246 9.46 -32.39 44.77
N LYS L 247 9.35 -32.04 43.50
CA LYS L 247 8.49 -30.96 43.03
C LYS L 247 7.20 -31.48 42.42
N PHE L 248 6.87 -32.72 42.74
CA PHE L 248 5.62 -33.31 42.26
C PHE L 248 4.50 -33.06 43.25
N LEU L 249 4.66 -33.55 44.48
CA LEU L 249 3.66 -33.39 45.53
C LEU L 249 3.22 -31.93 45.57
N ILE L 250 4.21 -31.03 45.47
CA ILE L 250 4.02 -29.58 45.46
C ILE L 250 3.14 -29.12 44.29
N GLU L 251 3.26 -29.81 43.15
CA GLU L 251 2.44 -29.58 41.98
C GLU L 251 1.13 -30.38 42.00
N LEU L 252 1.21 -31.60 42.55
CA LEU L 252 0.15 -32.61 42.45
C LEU L 252 -1.21 -32.00 42.72
N GLU L 253 -1.41 -31.54 43.95
CA GLU L 253 -2.60 -30.81 44.28
C GLU L 253 -2.30 -29.31 44.23
N ASN L 254 -1.82 -28.90 43.05
CA ASN L 254 -1.79 -27.51 42.61
C ASN L 254 -2.82 -27.33 41.49
N LEU L 255 -2.97 -28.37 40.66
CA LEU L 255 -4.00 -28.40 39.62
C LEU L 255 -5.38 -28.40 40.27
N LYS L 256 -6.09 -27.28 40.15
CA LYS L 256 -7.50 -27.20 40.56
C LYS L 256 -8.35 -27.94 39.52
N SER L 257 -7.69 -28.93 38.89
CA SER L 257 -8.25 -29.80 37.86
C SER L 257 -7.72 -31.23 38.05
N ALA M 1 32.10 -95.02 18.03
CA ALA M 1 31.05 -94.60 18.97
C ALA M 1 31.17 -95.31 20.32
N LEU M 2 32.42 -95.44 20.80
CA LEU M 2 32.73 -95.99 22.12
C LEU M 2 33.34 -94.89 22.99
N LEU M 3 33.85 -93.84 22.33
CA LEU M 3 34.44 -92.69 23.00
C LEU M 3 33.73 -91.38 22.64
N GLN M 4 32.78 -91.44 21.71
CA GLN M 4 31.95 -90.29 21.31
C GLN M 4 30.53 -90.31 21.89
N LYS M 5 30.04 -91.51 22.24
CA LYS M 5 28.73 -91.66 22.88
C LYS M 5 28.78 -91.42 24.40
N THR M 6 29.99 -91.29 24.93
CA THR M 6 30.19 -90.94 26.34
C THR M 6 30.71 -89.51 26.53
N ARG M 7 30.69 -88.72 25.45
CA ARG M 7 31.16 -87.33 25.47
C ARG M 7 30.12 -86.27 25.10
N ILE M 8 28.86 -86.69 24.94
CA ILE M 8 27.73 -85.77 24.80
C ILE M 8 26.80 -85.89 26.02
N ILE M 9 26.88 -87.04 26.72
CA ILE M 9 26.19 -87.22 27.99
C ILE M 9 26.91 -86.47 29.12
N ASN M 10 28.22 -86.26 28.95
CA ASN M 10 29.02 -85.46 29.87
C ASN M 10 28.65 -83.97 29.86
N SER M 11 28.19 -83.48 28.71
CA SER M 11 27.69 -82.11 28.59
C SER M 11 26.29 -81.98 29.21
N MET M 12 26.11 -82.61 30.37
CA MET M 12 24.84 -82.65 31.10
C MET M 12 25.05 -83.07 32.56
N LEU M 13 26.06 -83.90 32.81
CA LEU M 13 26.37 -84.40 34.16
C LEU M 13 26.82 -83.28 35.09
N GLN M 14 26.04 -83.05 36.15
CA GLN M 14 26.30 -81.98 37.10
C GLN M 14 26.51 -82.54 38.50
N ALA M 15 27.47 -81.96 39.23
CA ALA M 15 27.72 -82.34 40.63
C ALA M 15 27.10 -81.31 41.57
N ALA M 16 25.94 -81.65 42.12
CA ALA M 16 25.09 -80.75 42.92
C ALA M 16 24.53 -79.59 42.09
N ALA M 17 25.42 -78.70 41.62
CA ALA M 17 25.10 -77.63 40.66
C ALA M 17 24.20 -76.49 41.17
N GLY M 18 24.15 -75.43 40.35
CA GLY M 18 23.35 -74.25 40.67
C GLY M 18 21.95 -74.27 40.06
N LYS M 19 21.88 -74.55 38.75
CA LYS M 19 20.60 -74.60 38.04
C LYS M 19 19.76 -75.83 38.45
N PRO M 20 18.41 -75.66 38.53
CA PRO M 20 17.47 -76.64 39.09
C PRO M 20 17.84 -78.12 38.90
N VAL M 21 17.98 -78.83 40.02
CA VAL M 21 18.29 -80.26 40.02
C VAL M 21 17.01 -81.04 39.71
N ASN M 22 16.93 -81.54 38.48
CA ASN M 22 15.71 -82.19 37.99
C ASN M 22 15.99 -83.38 37.09
N PHE M 23 15.36 -84.52 37.42
CA PHE M 23 15.44 -85.74 36.62
C PHE M 23 14.74 -85.56 35.28
N LYS M 24 13.75 -84.68 35.25
CA LYS M 24 13.04 -84.31 34.03
C LYS M 24 13.94 -83.42 33.16
N GLU M 25 15.23 -83.73 33.16
CA GLU M 25 16.26 -83.03 32.39
C GLU M 25 17.49 -83.94 32.30
N MET M 26 17.49 -84.97 33.13
CA MET M 26 18.64 -85.85 33.35
C MET M 26 18.86 -86.89 32.26
N ALA M 27 17.77 -87.29 31.61
CA ALA M 27 17.84 -88.29 30.56
C ALA M 27 17.81 -87.70 29.16
N GLU M 28 18.30 -86.47 29.04
CA GLU M 28 18.41 -85.77 27.75
C GLU M 28 19.31 -86.50 26.75
N THR M 29 20.48 -86.93 27.21
CA THR M 29 21.44 -87.63 26.36
C THR M 29 21.37 -89.14 26.61
N LEU M 30 20.18 -89.60 27.00
CA LEU M 30 19.90 -91.01 27.25
C LEU M 30 18.75 -91.47 26.35
N ARG M 31 18.35 -90.60 25.42
CA ARG M 31 17.25 -90.86 24.50
C ARG M 31 17.74 -90.99 23.05
N ASP M 32 18.87 -90.34 22.74
CA ASP M 32 19.41 -90.30 21.37
C ASP M 32 20.87 -90.73 21.33
N VAL M 33 21.38 -91.12 22.49
CA VAL M 33 22.70 -91.71 22.61
C VAL M 33 22.56 -93.16 23.05
N ILE M 34 21.68 -93.41 24.01
CA ILE M 34 21.24 -94.76 24.35
C ILE M 34 20.19 -95.21 23.34
N ASP M 35 19.39 -94.25 22.87
CA ASP M 35 18.24 -94.47 21.98
C ASP M 35 17.25 -95.47 22.59
N SER M 36 17.00 -95.30 23.89
CA SER M 36 16.13 -96.19 24.64
C SER M 36 15.33 -95.43 25.69
N ASN M 37 14.13 -95.95 26.00
CA ASN M 37 13.24 -95.38 27.02
C ASN M 37 13.92 -95.30 28.37
N ILE M 38 13.72 -94.19 29.10
CA ILE M 38 14.34 -94.01 30.41
C ILE M 38 13.31 -93.77 31.52
N PHE M 39 13.33 -94.64 32.52
CA PHE M 39 12.57 -94.44 33.75
C PHE M 39 13.53 -94.29 34.92
N VAL M 40 13.35 -93.23 35.69
CA VAL M 40 14.14 -93.01 36.90
C VAL M 40 13.23 -93.14 38.11
N VAL M 41 13.28 -94.31 38.74
CA VAL M 41 12.42 -94.63 39.90
C VAL M 41 13.27 -94.74 41.17
N SER M 42 12.75 -94.24 42.29
CA SER M 42 13.42 -94.33 43.59
C SER M 42 12.91 -95.49 44.44
N ARG M 43 13.70 -95.85 45.47
CA ARG M 43 13.53 -97.08 46.26
C ARG M 43 12.17 -97.78 46.22
N ARG M 44 11.17 -97.19 46.86
CA ARG M 44 9.89 -97.87 47.05
C ARG M 44 8.80 -97.45 46.07
N GLY M 45 9.20 -97.17 44.84
CA GLY M 45 8.25 -96.92 43.74
C GLY M 45 7.90 -95.47 43.44
N LYS M 46 8.38 -94.54 44.27
CA LYS M 46 8.05 -93.11 44.12
C LYS M 46 8.69 -92.46 42.88
N LEU M 47 7.85 -91.88 42.03
CA LEU M 47 8.28 -91.33 40.74
C LEU M 47 8.81 -89.90 40.85
N LEU M 48 10.02 -89.69 40.32
CA LEU M 48 10.63 -88.37 40.25
C LEU M 48 11.23 -88.10 38.85
N GLY M 49 11.26 -89.13 38.02
CA GLY M 49 11.77 -89.04 36.64
C GLY M 49 11.14 -90.06 35.70
N TYR M 50 10.36 -89.55 34.75
CA TYR M 50 9.57 -90.41 33.86
C TYR M 50 9.90 -90.22 32.37
N SER M 51 9.05 -90.78 31.51
CA SER M 51 9.01 -90.55 30.06
C SER M 51 9.47 -91.74 29.23
N ILE M 52 8.50 -92.37 28.56
CA ILE M 52 8.75 -93.40 27.56
C ILE M 52 9.28 -92.72 26.30
N ASN M 53 10.15 -93.41 25.56
CA ASN M 53 10.70 -92.87 24.32
C ASN M 53 9.89 -93.25 23.07
N GLN M 54 9.50 -94.51 22.95
CA GLN M 54 8.76 -95.01 21.80
C GLN M 54 7.36 -95.50 22.17
N GLN M 55 6.39 -95.26 21.30
CA GLN M 55 5.00 -95.61 21.57
C GLN M 55 4.78 -97.12 21.61
N ILE M 56 5.01 -97.72 22.78
CA ILE M 56 4.69 -99.12 23.04
C ILE M 56 3.49 -99.19 23.99
N GLU M 57 2.43 -99.91 23.60
CA GLU M 57 1.17 -99.90 24.36
C GLU M 57 0.96 -101.14 25.25
N ASN M 58 1.48 -101.05 26.48
CA ASN M 58 1.31 -102.08 27.53
C ASN M 58 0.15 -101.70 28.46
N ASP M 59 -0.30 -102.66 29.27
CA ASP M 59 -1.33 -102.38 30.27
C ASP M 59 -0.77 -102.24 31.71
N ARG M 60 0.46 -101.74 31.80
CA ARG M 60 1.06 -101.31 33.08
C ARG M 60 1.96 -100.08 32.86
N MET M 61 1.69 -99.38 31.75
CA MET M 61 2.35 -98.10 31.43
C MET M 61 1.30 -97.12 30.86
N LYS M 62 0.07 -97.62 30.69
CA LYS M 62 -1.07 -96.86 30.19
C LYS M 62 -1.93 -96.42 31.37
N LYS M 63 -1.53 -96.86 32.56
CA LYS M 63 -2.27 -96.69 33.80
C LYS M 63 -1.28 -96.35 34.92
N MET M 64 0.02 -96.49 34.61
CA MET M 64 1.10 -96.32 35.58
C MET M 64 1.51 -94.85 35.76
N LEU M 65 1.91 -94.21 34.66
CA LEU M 65 2.25 -92.78 34.68
C LEU M 65 1.01 -91.93 34.91
N GLU M 66 -0.14 -92.60 34.90
CA GLU M 66 -1.44 -92.03 35.20
C GLU M 66 -1.62 -91.80 36.71
N ASP M 67 -0.93 -92.61 37.51
CA ASP M 67 -0.95 -92.51 38.97
C ASP M 67 0.22 -91.73 39.55
N ARG M 68 1.35 -91.74 38.82
CA ARG M 68 2.63 -91.16 39.28
C ARG M 68 3.25 -91.95 40.44
N GLN M 69 2.85 -93.22 40.58
CA GLN M 69 3.31 -94.08 41.68
C GLN M 69 3.16 -95.56 41.36
N PHE M 70 4.21 -96.34 41.63
CA PHE M 70 4.15 -97.80 41.54
C PHE M 70 3.25 -98.37 42.64
N PRO M 71 2.25 -99.19 42.25
CA PRO M 71 1.20 -99.72 43.14
C PRO M 71 1.67 -100.72 44.23
N GLU M 72 0.79 -101.66 44.58
CA GLU M 72 0.95 -102.57 45.73
C GLU M 72 2.20 -103.46 45.71
N GLU M 73 2.34 -104.29 44.67
CA GLU M 73 3.44 -105.26 44.59
C GLU M 73 4.60 -104.73 43.71
N TYR M 74 4.57 -103.44 43.42
CA TYR M 74 5.66 -102.75 42.69
C TYR M 74 6.53 -101.91 43.64
N THR M 75 6.61 -102.36 44.90
CA THR M 75 7.40 -101.72 45.96
C THR M 75 8.20 -102.79 46.74
N LYS M 76 7.78 -104.05 46.61
CA LYS M 76 8.42 -105.18 47.29
C LYS M 76 9.14 -106.12 46.31
N ASN M 77 8.99 -105.87 45.01
CA ASN M 77 9.59 -106.73 43.97
C ASN M 77 10.46 -106.02 42.94
N LEU M 78 10.58 -104.68 43.06
CA LEU M 78 11.49 -103.90 42.22
C LEU M 78 12.77 -103.52 42.99
N PHE M 79 13.10 -104.32 44.01
CA PHE M 79 14.24 -104.04 44.89
C PHE M 79 14.77 -105.33 45.52
N ASN M 80 15.27 -106.24 44.69
CA ASN M 80 15.74 -107.55 45.16
C ASN M 80 17.04 -108.07 44.51
N VAL M 81 17.08 -108.09 43.18
CA VAL M 81 18.20 -108.67 42.41
C VAL M 81 19.46 -107.77 42.44
N PRO M 82 20.64 -108.34 42.76
CA PRO M 82 21.89 -107.55 42.89
C PRO M 82 22.41 -106.86 41.62
N GLU M 83 22.03 -107.34 40.44
CA GLU M 83 22.49 -106.77 39.17
C GLU M 83 21.45 -106.73 38.04
N THR M 84 21.91 -106.51 36.80
CA THR M 84 21.06 -106.24 35.62
C THR M 84 20.41 -107.53 35.01
N SER M 85 19.74 -107.38 33.86
CA SER M 85 19.08 -108.51 33.17
C SER M 85 19.20 -108.41 31.64
N SER M 86 19.50 -109.53 30.99
CA SER M 86 19.73 -109.59 29.54
C SER M 86 18.49 -110.05 28.77
N ASN M 87 17.95 -109.12 27.98
CA ASN M 87 16.82 -109.38 27.06
C ASN M 87 15.51 -109.76 27.76
N LEU M 88 14.97 -108.84 28.57
CA LEU M 88 13.72 -109.08 29.31
C LEU M 88 12.45 -108.78 28.50
N ASP M 89 11.48 -109.69 28.60
CA ASP M 89 10.16 -109.56 28.01
C ASP M 89 9.21 -110.60 28.64
N ILE M 90 8.26 -111.12 27.86
CA ILE M 90 7.39 -112.21 28.31
C ILE M 90 8.18 -113.48 28.61
N ASN M 91 9.36 -113.59 27.99
CA ASN M 91 10.32 -114.66 28.27
C ASN M 91 11.37 -114.23 29.30
N SER M 92 11.83 -115.20 30.10
CA SER M 92 12.88 -114.98 31.10
C SER M 92 13.66 -116.28 31.34
N GLU M 93 15.00 -116.18 31.34
CA GLU M 93 15.90 -117.33 31.52
C GLU M 93 15.62 -118.09 32.83
N TYR M 94 15.23 -117.34 33.85
CA TYR M 94 14.84 -117.91 35.15
C TYR M 94 13.63 -117.13 35.66
N THR M 95 13.40 -117.17 36.97
CA THR M 95 12.35 -116.36 37.58
C THR M 95 12.81 -114.90 37.74
N ALA M 96 12.67 -114.13 36.67
CA ALA M 96 13.08 -112.72 36.67
C ALA M 96 12.14 -111.85 37.50
N PHE M 97 10.84 -112.15 37.41
CA PHE M 97 9.77 -111.47 38.18
C PHE M 97 8.68 -112.50 38.60
N PRO M 98 7.99 -112.28 39.75
CA PRO M 98 6.99 -113.22 40.29
C PRO M 98 5.86 -113.59 39.32
N VAL M 99 5.29 -114.79 39.51
CA VAL M 99 4.24 -115.32 38.62
C VAL M 99 2.92 -114.56 38.75
N GLU M 100 2.78 -113.79 39.84
CA GLU M 100 1.64 -112.88 40.03
C GLU M 100 1.71 -111.68 39.08
N ASN M 101 2.92 -111.26 38.71
CA ASN M 101 3.12 -110.03 37.94
C ASN M 101 4.12 -110.19 36.78
N ARG M 102 3.76 -111.01 35.79
CA ARG M 102 4.59 -111.22 34.61
C ARG M 102 4.29 -110.19 33.53
N ASP M 103 3.53 -109.16 33.91
CA ASP M 103 2.98 -108.19 32.96
C ASP M 103 3.75 -106.87 32.81
N LEU M 104 4.73 -106.63 33.69
CA LEU M 104 5.61 -105.45 33.56
C LEU M 104 6.48 -105.58 32.32
N PHE M 105 6.59 -106.81 31.82
CA PHE M 105 7.36 -107.09 30.62
C PHE M 105 6.48 -107.81 29.58
N GLN M 106 5.68 -107.02 28.87
CA GLN M 106 4.88 -107.50 27.75
C GLN M 106 5.14 -106.65 26.51
N ALA M 107 5.48 -105.38 26.73
CA ALA M 107 5.67 -104.43 25.64
C ALA M 107 7.03 -103.72 25.68
N GLY M 108 8.05 -104.40 25.16
CA GLY M 108 9.39 -103.84 25.03
C GLY M 108 10.51 -104.77 25.43
N LEU M 109 11.68 -104.60 24.79
CA LEU M 109 12.90 -105.30 25.18
C LEU M 109 13.48 -104.61 26.42
N THR M 110 12.74 -104.71 27.51
CA THR M 110 12.98 -103.94 28.74
C THR M 110 14.30 -104.30 29.45
N THR M 111 14.86 -103.31 30.17
CA THR M 111 16.11 -103.49 30.91
C THR M 111 16.12 -102.70 32.24
N ILE M 112 15.80 -103.41 33.33
CA ILE M 112 15.86 -102.84 34.68
C ILE M 112 17.32 -102.67 35.10
N VAL M 113 17.72 -101.43 35.35
CA VAL M 113 19.13 -101.09 35.61
C VAL M 113 19.36 -100.58 37.04
N PRO M 114 20.30 -101.22 37.79
CA PRO M 114 20.66 -100.84 39.16
C PRO M 114 21.46 -99.54 39.26
N ILE M 115 21.03 -98.64 40.14
CA ILE M 115 21.77 -97.41 40.43
C ILE M 115 22.65 -97.60 41.67
N ILE M 116 23.97 -97.59 41.45
CA ILE M 116 24.96 -97.74 42.52
C ILE M 116 25.84 -96.48 42.55
N GLY M 117 25.35 -95.43 43.21
CA GLY M 117 26.02 -94.12 43.20
C GLY M 117 26.40 -93.59 44.57
N GLY M 118 27.16 -94.39 45.32
CA GLY M 118 27.60 -94.04 46.66
C GLY M 118 27.92 -95.26 47.51
N GLY M 119 27.80 -96.44 46.90
CA GLY M 119 28.03 -97.72 47.58
C GLY M 119 26.75 -98.25 48.20
N GLU M 120 25.68 -98.29 47.39
CA GLU M 120 24.33 -98.62 47.87
C GLU M 120 23.44 -99.14 46.73
N ARG M 121 22.13 -98.89 46.82
CA ARG M 121 21.19 -99.17 45.74
C ARG M 121 20.01 -98.18 45.71
N LEU M 122 20.01 -97.31 44.69
CA LEU M 122 19.01 -96.23 44.56
C LEU M 122 17.90 -96.56 43.57
N GLY M 123 16.85 -97.23 44.05
CA GLY M 123 15.68 -97.53 43.23
C GLY M 123 15.97 -98.36 42.00
N THR M 124 15.54 -97.87 40.84
CA THR M 124 15.65 -98.60 39.58
C THR M 124 15.78 -97.66 38.38
N LEU M 125 16.36 -98.16 37.29
CA LEU M 125 16.32 -97.47 36.00
C LEU M 125 15.74 -98.41 34.94
N ILE M 126 14.41 -98.34 34.78
CA ILE M 126 13.68 -99.23 33.89
C ILE M 126 13.68 -98.72 32.45
N LEU M 127 14.22 -99.54 31.54
CA LEU M 127 14.21 -99.26 30.10
C LEU M 127 13.15 -100.10 29.40
N SER M 128 12.81 -99.77 28.15
CA SER M 128 11.86 -100.56 27.36
C SER M 128 11.99 -100.32 25.84
N ARG M 129 12.83 -101.12 25.18
CA ARG M 129 13.10 -100.96 23.75
C ARG M 129 11.99 -101.49 22.85
N LEU M 130 11.78 -100.81 21.73
CA LEU M 130 10.79 -101.21 20.74
C LEU M 130 11.24 -102.50 20.04
N GLN M 131 12.05 -102.37 18.99
CA GLN M 131 12.46 -103.52 18.18
C GLN M 131 13.90 -104.00 18.34
N ASP M 132 14.84 -103.06 18.41
CA ASP M 132 16.27 -103.39 18.52
C ASP M 132 16.65 -103.93 19.90
N GLN M 133 17.46 -104.98 19.92
CA GLN M 133 17.91 -105.62 21.16
C GLN M 133 19.07 -104.84 21.77
N PHE M 134 19.31 -105.09 23.06
CA PHE M 134 20.49 -104.58 23.74
C PHE M 134 21.70 -105.46 23.43
N ASN M 135 22.68 -104.87 22.75
CA ASN M 135 23.93 -105.57 22.43
C ASN M 135 25.18 -104.96 23.08
N ASP M 136 26.00 -104.26 22.29
CA ASP M 136 27.32 -103.78 22.75
C ASP M 136 27.35 -102.29 23.13
N ASP M 137 27.24 -101.41 22.13
CA ASP M 137 27.43 -99.97 22.31
C ASP M 137 26.19 -99.20 22.77
N ASP M 138 25.11 -99.94 23.07
CA ASP M 138 23.89 -99.36 23.62
C ASP M 138 23.42 -100.13 24.86
N LEU M 139 24.38 -100.71 25.58
CA LEU M 139 24.12 -101.42 26.84
C LEU M 139 24.90 -100.80 28.02
N ILE M 140 26.16 -100.43 27.76
CA ILE M 140 27.01 -99.76 28.75
C ILE M 140 26.48 -98.36 29.10
N LEU M 141 25.81 -97.75 28.13
CA LEU M 141 25.17 -96.44 28.32
C LEU M 141 23.86 -96.53 29.09
N ALA M 142 23.13 -97.64 28.90
CA ALA M 142 21.92 -97.95 29.67
C ALA M 142 22.28 -98.17 31.14
N GLU M 143 23.54 -98.51 31.37
CA GLU M 143 24.12 -98.65 32.71
C GLU M 143 24.73 -97.32 33.17
N TYR M 144 25.39 -96.62 32.25
CA TYR M 144 25.98 -95.30 32.53
C TYR M 144 24.90 -94.23 32.74
N GLY M 145 23.73 -94.44 32.13
CA GLY M 145 22.59 -93.55 32.28
C GLY M 145 21.90 -93.67 33.63
N ALA M 146 22.40 -94.59 34.46
CA ALA M 146 21.89 -94.79 35.81
C ALA M 146 22.70 -94.03 36.85
N THR M 147 23.95 -93.71 36.51
CA THR M 147 24.83 -92.93 37.39
C THR M 147 25.06 -91.49 36.89
N VAL M 148 24.57 -91.19 35.69
CA VAL M 148 24.42 -89.81 35.24
C VAL M 148 23.16 -89.22 35.91
N VAL M 149 22.38 -90.13 36.49
CA VAL M 149 21.25 -89.80 37.36
C VAL M 149 21.68 -89.89 38.84
N GLY M 150 22.69 -90.73 39.10
CA GLY M 150 23.18 -91.02 40.46
C GLY M 150 24.17 -90.04 41.08
N MET M 151 24.32 -88.88 40.45
CA MET M 151 25.04 -87.74 41.05
C MET M 151 24.02 -86.64 41.34
N GLU M 152 22.73 -87.01 41.28
CA GLU M 152 21.65 -86.06 41.46
C GLU M 152 20.53 -86.52 42.40
N ILE M 153 20.42 -87.83 42.66
CA ILE M 153 19.45 -88.36 43.65
C ILE M 153 19.93 -88.06 45.08
N LEU M 154 21.25 -87.98 45.25
CA LEU M 154 21.87 -87.43 46.44
C LEU M 154 22.29 -85.97 46.18
N ARG M 155 21.52 -85.29 45.33
CA ARG M 155 21.70 -83.86 45.04
C ARG M 155 20.36 -83.16 44.79
N GLU M 156 19.27 -83.93 44.87
CA GLU M 156 17.91 -83.39 44.95
C GLU M 156 17.23 -83.92 46.23
N LYS M 157 17.94 -84.81 46.92
CA LYS M 157 17.55 -85.28 48.25
C LYS M 157 18.62 -85.00 49.31
N ALA M 158 19.82 -84.62 48.88
CA ALA M 158 20.89 -84.18 49.80
C ALA M 158 20.95 -82.65 49.92
N GLU M 159 20.09 -81.98 49.15
CA GLU M 159 19.72 -80.59 49.43
C GLU M 159 18.61 -80.59 50.48
N GLU M 160 18.19 -81.79 50.90
CA GLU M 160 17.15 -81.97 51.92
C GLU M 160 17.76 -82.28 53.30
N ILE M 161 19.08 -82.11 53.41
CA ILE M 161 19.81 -82.28 54.68
C ILE M 161 20.69 -81.05 55.00
N GLU M 162 21.09 -80.33 53.96
CA GLU M 162 21.95 -79.16 54.10
C GLU M 162 21.14 -77.89 54.34
N GLU M 163 20.01 -77.77 53.64
CA GLU M 163 19.11 -76.61 53.74
C GLU M 163 17.91 -76.84 54.65
N GLU M 164 17.35 -78.05 54.59
CA GLU M 164 16.17 -78.39 55.39
C GLU M 164 16.48 -78.65 56.88
N ALA M 165 17.64 -79.26 57.16
CA ALA M 165 18.03 -79.51 58.54
C ALA M 165 18.59 -78.26 59.23
N ARG M 166 19.42 -77.50 58.51
CA ARG M 166 20.02 -76.26 59.03
C ARG M 166 18.97 -75.24 59.45
N SER M 167 17.99 -75.00 58.57
CA SER M 167 16.96 -73.97 58.76
C SER M 167 16.18 -74.11 60.08
N LYS M 168 16.08 -75.33 60.59
CA LYS M 168 15.52 -75.56 61.91
C LYS M 168 16.43 -74.96 62.95
N ALA M 169 17.71 -75.31 62.86
CA ALA M 169 18.69 -74.96 63.88
C ALA M 169 18.90 -73.45 64.05
N VAL M 170 19.12 -72.74 62.95
CA VAL M 170 19.29 -71.29 63.01
C VAL M 170 18.07 -70.60 63.60
N VAL M 171 16.89 -71.03 63.14
CA VAL M 171 15.61 -70.51 63.61
C VAL M 171 15.39 -70.89 65.07
N GLN M 172 16.38 -71.57 65.65
CA GLN M 172 16.37 -71.85 67.07
C GLN M 172 17.54 -71.14 67.75
N MET M 173 18.67 -71.11 67.06
CA MET M 173 19.89 -70.46 67.54
C MET M 173 19.70 -68.98 67.79
N ALA M 174 18.80 -68.37 67.02
CA ALA M 174 18.42 -66.97 67.20
C ALA M 174 17.41 -66.81 68.33
N ILE M 175 16.51 -67.78 68.46
CA ILE M 175 15.45 -67.74 69.47
C ILE M 175 16.01 -67.99 70.87
N SER M 176 17.03 -68.84 70.93
CA SER M 176 17.71 -69.19 72.16
C SER M 176 18.32 -67.97 72.86
N SER M 177 18.97 -67.12 72.06
CA SER M 177 19.63 -65.92 72.54
C SER M 177 18.67 -64.72 72.61
N LEU M 178 17.49 -64.95 73.18
CA LEU M 178 16.50 -63.90 73.40
C LEU M 178 16.12 -63.83 74.87
N SER M 179 16.13 -62.61 75.42
CA SER M 179 15.62 -62.37 76.77
C SER M 179 14.10 -62.34 76.74
N TYR M 180 13.48 -62.40 77.93
CA TYR M 180 12.04 -62.68 78.06
C TYR M 180 11.10 -61.68 77.37
N SER M 181 11.48 -60.40 77.40
CA SER M 181 10.67 -59.33 76.80
C SER M 181 10.56 -59.49 75.29
N GLU M 182 11.72 -59.55 74.64
CA GLU M 182 11.84 -59.72 73.20
C GLU M 182 11.22 -61.04 72.77
N LEU M 183 11.32 -62.03 73.65
CA LEU M 183 10.76 -63.36 73.44
C LEU M 183 9.24 -63.36 73.66
N GLU M 184 8.76 -62.40 74.45
CA GLU M 184 7.33 -62.16 74.57
C GLU M 184 6.88 -61.16 73.51
N ALA M 185 7.83 -60.41 72.95
CA ALA M 185 7.54 -59.47 71.89
C ALA M 185 7.17 -60.21 70.61
N ILE M 186 8.16 -60.90 70.02
CA ILE M 186 7.98 -61.64 68.76
C ILE M 186 6.85 -62.68 68.82
N GLU M 187 6.52 -63.15 70.02
CA GLU M 187 5.42 -64.09 70.21
C GLU M 187 4.03 -63.46 70.20
N HIS M 188 3.94 -62.20 70.61
CA HIS M 188 2.70 -61.43 70.51
C HIS M 188 2.61 -60.65 69.18
N ILE M 189 3.79 -60.31 68.62
CA ILE M 189 3.88 -59.56 67.35
C ILE M 189 3.40 -60.36 66.14
N PHE M 190 3.74 -61.64 66.11
CA PHE M 190 3.44 -62.50 64.96
C PHE M 190 2.26 -63.46 65.17
N GLU M 191 1.64 -63.41 66.35
CA GLU M 191 0.41 -64.18 66.59
C GLU M 191 -0.83 -63.31 66.38
N GLU M 192 -0.78 -62.07 66.88
CA GLU M 192 -1.81 -61.07 66.65
C GLU M 192 -1.46 -60.32 65.36
N LEU M 193 -1.43 -61.05 64.25
CA LEU M 193 -0.93 -60.54 62.97
C LEU M 193 -1.52 -61.31 61.77
N ASP M 194 -1.32 -60.76 60.58
CA ASP M 194 -1.78 -61.36 59.32
C ASP M 194 -0.97 -62.61 58.98
N GLY M 195 -1.32 -63.73 59.62
CA GLY M 195 -0.70 -65.03 59.37
C GLY M 195 0.68 -65.00 58.73
N ASN M 196 0.70 -64.77 57.42
CA ASN M 196 1.93 -64.65 56.63
C ASN M 196 2.71 -63.36 56.91
N GLU M 197 2.14 -62.22 56.55
CA GLU M 197 2.81 -60.91 56.67
C GLU M 197 2.40 -60.13 57.93
N GLY M 198 2.34 -58.80 57.82
CA GLY M 198 1.92 -57.92 58.92
C GLY M 198 2.22 -56.43 58.75
N LEU M 199 1.39 -55.60 59.39
CA LEU M 199 1.57 -54.14 59.42
C LEU M 199 0.62 -53.47 60.42
N LEU M 200 1.15 -53.09 61.58
CA LEU M 200 0.40 -52.31 62.56
C LEU M 200 1.32 -51.51 63.48
N VAL M 201 0.75 -50.98 64.56
CA VAL M 201 1.37 -49.94 65.41
C VAL M 201 2.80 -50.26 65.89
N ALA M 202 3.59 -49.21 66.06
CA ALA M 202 4.99 -49.31 66.48
C ALA M 202 5.17 -49.73 67.95
N SER M 203 4.22 -49.34 68.81
CA SER M 203 4.31 -49.64 70.27
C SER M 203 2.99 -49.51 71.05
N LYS M 204 1.86 -49.63 70.36
CA LYS M 204 0.54 -49.63 71.03
C LYS M 204 0.21 -51.04 71.55
N ILE M 205 0.88 -52.05 70.98
CA ILE M 205 0.75 -53.44 71.42
C ILE M 205 1.73 -53.72 72.58
N ALA M 206 2.70 -52.82 72.74
CA ALA M 206 3.77 -52.95 73.74
C ALA M 206 3.28 -53.14 75.17
N ASP M 207 2.91 -52.05 75.83
CA ASP M 207 2.55 -52.09 77.25
C ASP M 207 1.08 -52.50 77.54
N ARG M 208 0.51 -53.36 76.70
CA ARG M 208 -0.81 -53.93 76.96
C ARG M 208 -0.74 -55.34 77.56
N VAL M 209 0.47 -55.69 78.01
CA VAL M 209 0.69 -56.89 78.81
C VAL M 209 1.48 -56.45 80.04
N GLY M 210 2.47 -55.60 79.81
CA GLY M 210 3.33 -55.06 80.86
C GLY M 210 4.70 -54.67 80.33
N ILE M 211 5.00 -55.12 79.11
CA ILE M 211 6.30 -54.93 78.47
C ILE M 211 6.54 -53.48 78.06
N THR M 212 7.79 -53.15 77.74
CA THR M 212 8.14 -51.82 77.23
C THR M 212 8.03 -51.73 75.69
N ARG M 213 8.36 -50.55 75.15
CA ARG M 213 8.10 -50.20 73.75
C ARG M 213 9.29 -50.43 72.81
N SER M 214 10.45 -49.93 73.22
CA SER M 214 11.67 -49.94 72.39
C SER M 214 12.42 -51.27 72.41
N VAL M 215 12.08 -52.13 73.37
CA VAL M 215 12.60 -53.50 73.40
C VAL M 215 12.04 -54.29 72.22
N ILE M 216 10.96 -53.77 71.63
CA ILE M 216 10.35 -54.35 70.44
C ILE M 216 11.25 -54.18 69.23
N VAL M 217 11.89 -53.01 69.11
CA VAL M 217 12.84 -52.72 68.04
C VAL M 217 14.02 -53.71 68.07
N ASN M 218 14.68 -53.81 69.23
CA ASN M 218 15.83 -54.71 69.39
C ASN M 218 15.48 -56.20 69.24
N ALA M 219 14.24 -56.55 69.51
CA ALA M 219 13.73 -57.91 69.28
C ALA M 219 13.86 -58.23 67.80
N LEU M 220 13.56 -57.24 66.96
CA LEU M 220 13.74 -57.34 65.51
C LEU M 220 15.19 -57.07 65.11
N ARG M 221 15.92 -56.37 65.98
CA ARG M 221 17.36 -56.16 65.80
C ARG M 221 18.12 -57.46 66.16
N LYS M 222 17.37 -58.55 66.32
CA LYS M 222 17.92 -59.89 66.53
C LYS M 222 17.71 -60.75 65.29
N LEU M 223 16.46 -60.83 64.83
CA LEU M 223 16.11 -61.63 63.66
C LEU M 223 16.84 -61.14 62.42
N GLU M 224 16.81 -59.82 62.20
CA GLU M 224 17.54 -59.18 61.11
C GLU M 224 19.05 -59.41 61.24
N SER M 225 19.54 -59.53 62.46
CA SER M 225 20.99 -59.68 62.71
C SER M 225 21.48 -61.13 62.63
N ALA M 226 20.76 -62.06 63.26
CA ALA M 226 21.07 -63.48 63.13
C ALA M 226 20.93 -63.89 61.68
N GLY M 227 19.81 -63.48 61.08
CA GLY M 227 19.56 -63.67 59.66
C GLY M 227 18.27 -64.42 59.37
N VAL M 228 17.14 -63.73 59.46
CA VAL M 228 15.84 -64.36 59.27
C VAL M 228 14.97 -63.58 58.27
N ILE M 229 14.99 -62.25 58.37
CA ILE M 229 14.00 -61.42 57.68
C ILE M 229 14.52 -60.09 57.12
N GLU M 230 13.60 -59.36 56.49
CA GLU M 230 13.81 -57.98 56.07
C GLU M 230 12.60 -57.15 56.50
N SER M 231 12.85 -55.92 56.94
CA SER M 231 11.80 -55.03 57.43
C SER M 231 12.17 -53.56 57.33
N ARG M 232 11.56 -52.84 56.39
CA ARG M 232 11.79 -51.40 56.29
C ARG M 232 10.93 -50.72 57.36
N SER M 233 11.50 -50.58 58.55
CA SER M 233 10.82 -49.99 59.70
C SER M 233 10.71 -48.47 59.53
N LEU M 234 9.47 -47.98 59.52
CA LEU M 234 9.21 -46.56 59.39
C LEU M 234 8.99 -45.96 60.77
N GLY M 235 9.57 -44.79 61.02
CA GLY M 235 9.37 -44.08 62.29
C GLY M 235 8.14 -43.18 62.27
N MET M 236 7.31 -43.38 61.25
CA MET M 236 6.15 -42.52 60.99
C MET M 236 4.84 -43.34 60.92
N LYS M 237 4.96 -44.59 60.49
CA LYS M 237 3.83 -45.53 60.46
C LYS M 237 4.26 -46.96 60.82
N GLY M 238 4.25 -47.26 62.12
CA GLY M 238 4.50 -48.63 62.63
C GLY M 238 5.75 -49.30 62.13
N THR M 239 5.57 -50.26 61.20
CA THR M 239 6.68 -50.99 60.57
C THR M 239 6.20 -51.97 59.49
N TYR M 240 7.13 -52.44 58.66
CA TYR M 240 6.85 -53.36 57.55
C TYR M 240 7.29 -54.79 57.84
N ILE M 241 6.43 -55.77 57.53
CA ILE M 241 6.70 -57.19 57.81
C ILE M 241 6.50 -58.11 56.58
N LYS M 242 7.55 -58.87 56.23
CA LYS M 242 7.46 -59.97 55.28
C LYS M 242 8.62 -60.95 55.49
N VAL M 243 8.28 -62.24 55.65
CA VAL M 243 9.27 -63.28 55.96
C VAL M 243 10.30 -63.52 54.85
N LEU M 244 11.47 -64.02 55.24
CA LEU M 244 12.50 -64.40 54.27
C LEU M 244 12.80 -65.88 54.42
N ASN M 245 13.07 -66.30 55.65
CA ASN M 245 13.32 -67.69 55.98
C ASN M 245 12.08 -68.54 55.71
N ASN M 246 12.31 -69.76 55.23
CA ASN M 246 11.22 -70.68 54.86
C ASN M 246 10.69 -71.54 56.01
N LYS M 247 11.52 -71.79 57.01
CA LYS M 247 11.12 -72.60 58.17
C LYS M 247 11.23 -71.83 59.48
N PHE M 248 10.23 -70.98 59.72
CA PHE M 248 10.14 -70.16 60.92
C PHE M 248 8.69 -70.18 61.43
N LEU M 249 7.76 -70.33 60.49
CA LEU M 249 6.32 -70.30 60.76
C LEU M 249 5.85 -71.44 61.66
N ILE M 250 6.33 -72.64 61.36
CA ILE M 250 6.01 -73.84 62.12
C ILE M 250 6.64 -73.76 63.51
N GLU M 251 7.91 -73.34 63.57
CA GLU M 251 8.59 -73.07 64.83
C GLU M 251 8.21 -71.67 65.33
N LEU M 252 6.89 -71.44 65.38
CA LEU M 252 6.30 -70.20 65.92
C LEU M 252 4.87 -70.52 66.38
N GLU M 253 4.24 -71.48 65.70
CA GLU M 253 2.92 -71.98 66.06
C GLU M 253 3.02 -72.96 67.23
N ASN M 254 3.79 -74.03 67.04
CA ASN M 254 3.90 -75.11 68.02
C ASN M 254 4.64 -74.73 69.31
N LEU M 255 4.75 -73.43 69.56
CA LEU M 255 5.45 -72.91 70.73
C LEU M 255 4.50 -72.53 71.87
N LYS M 256 3.20 -72.65 71.61
CA LYS M 256 2.21 -72.49 72.67
C LYS M 256 2.16 -73.78 73.49
N SER M 257 2.91 -73.79 74.60
CA SER M 257 2.96 -74.93 75.52
C SER M 257 3.18 -74.46 76.95
N ALA N 1 7.10 -38.40 100.70
CA ALA N 1 8.20 -38.44 99.73
C ALA N 1 8.99 -39.76 99.79
N LEU N 2 8.35 -40.80 100.34
CA LEU N 2 8.90 -42.16 100.34
C LEU N 2 8.06 -43.06 99.41
N LEU N 3 7.26 -42.41 98.55
CA LEU N 3 6.47 -43.10 97.52
C LEU N 3 6.10 -42.18 96.33
N GLN N 4 6.43 -40.89 96.43
CA GLN N 4 6.21 -39.92 95.34
C GLN N 4 7.48 -39.58 94.56
N LYS N 5 8.61 -39.45 95.26
CA LYS N 5 9.93 -39.32 94.62
C LYS N 5 10.52 -40.69 94.26
N THR N 6 9.73 -41.75 94.45
CA THR N 6 10.09 -43.11 94.06
C THR N 6 9.48 -43.49 92.69
N ARG N 7 8.62 -42.62 92.15
CA ARG N 7 8.17 -42.73 90.76
C ARG N 7 9.00 -41.80 89.87
N ILE N 8 10.17 -41.41 90.38
CA ILE N 8 11.25 -40.78 89.62
C ILE N 8 12.45 -41.74 89.58
N ILE N 9 12.25 -42.96 90.08
CA ILE N 9 13.26 -44.03 90.07
C ILE N 9 12.68 -45.39 89.61
N ASN N 10 11.50 -45.74 90.11
CA ASN N 10 10.74 -46.92 89.63
C ASN N 10 10.14 -46.73 88.23
N SER N 11 10.01 -45.48 87.79
CA SER N 11 9.55 -45.17 86.42
C SER N 11 10.74 -44.95 85.47
N MET N 12 11.92 -44.72 86.05
CA MET N 12 13.18 -44.71 85.31
C MET N 12 13.59 -46.14 84.98
N LEU N 13 13.04 -47.08 85.76
CA LEU N 13 13.23 -48.52 85.56
C LEU N 13 12.88 -48.93 84.13
N GLN N 14 13.90 -48.85 83.27
CA GLN N 14 13.77 -49.28 81.88
C GLN N 14 14.42 -50.65 81.74
N ALA N 15 13.60 -51.69 81.82
CA ALA N 15 14.08 -53.08 81.73
C ALA N 15 14.70 -53.34 80.35
N ALA N 16 16.03 -53.46 80.33
CA ALA N 16 16.83 -53.52 79.09
C ALA N 16 16.73 -52.24 78.24
N ALA N 17 15.74 -51.40 78.56
CA ALA N 17 15.48 -50.13 77.89
C ALA N 17 14.95 -50.27 76.45
N GLY N 18 15.74 -50.93 75.60
CA GLY N 18 15.46 -51.03 74.17
C GLY N 18 16.53 -50.34 73.34
N LYS N 19 17.31 -49.49 74.01
CA LYS N 19 18.44 -48.79 73.39
C LYS N 19 19.75 -49.11 74.13
N PRO N 20 20.84 -49.36 73.37
CA PRO N 20 22.17 -49.64 73.92
C PRO N 20 22.50 -48.75 75.12
N VAL N 21 22.40 -49.34 76.30
CA VAL N 21 22.47 -48.66 77.59
C VAL N 21 23.44 -47.47 77.65
N ASN N 22 22.92 -46.33 78.08
CA ASN N 22 23.71 -45.15 78.38
C ASN N 22 23.86 -45.05 79.90
N PHE N 23 25.09 -44.82 80.37
CA PHE N 23 25.42 -44.99 81.79
C PHE N 23 25.54 -43.72 82.67
N LYS N 24 25.58 -42.55 82.06
CA LYS N 24 25.59 -41.28 82.81
C LYS N 24 24.16 -40.83 83.15
N GLU N 25 23.22 -41.12 82.25
CA GLU N 25 21.79 -40.84 82.46
C GLU N 25 21.21 -41.74 83.56
N MET N 26 21.70 -42.98 83.60
CA MET N 26 21.37 -43.93 84.66
C MET N 26 21.93 -43.44 86.00
N ALA N 27 22.92 -42.55 85.91
CA ALA N 27 23.52 -41.90 87.08
C ALA N 27 23.00 -40.47 87.25
N GLU N 28 21.97 -40.12 86.48
CA GLU N 28 21.36 -38.78 86.53
C GLU N 28 19.96 -38.76 87.16
N THR N 29 19.30 -39.91 87.19
CA THR N 29 17.97 -40.03 87.83
C THR N 29 18.12 -40.47 89.30
N LEU N 30 19.36 -40.53 89.76
CA LEU N 30 19.71 -40.67 91.16
C LEU N 30 20.32 -39.35 91.64
N ARG N 31 20.39 -38.39 90.72
CA ARG N 31 20.97 -37.06 90.95
C ARG N 31 19.86 -36.01 91.09
N ASP N 32 18.70 -36.32 90.50
CA ASP N 32 17.51 -35.45 90.58
C ASP N 32 16.52 -35.92 91.66
N VAL N 33 16.93 -36.86 92.51
CA VAL N 33 16.09 -37.37 93.61
C VAL N 33 16.75 -37.17 94.99
N ILE N 34 17.96 -37.71 95.19
CA ILE N 34 18.71 -37.53 96.43
C ILE N 34 19.56 -36.26 96.38
N ASP N 35 20.02 -35.91 95.17
CA ASP N 35 20.78 -34.68 94.92
C ASP N 35 22.22 -34.78 95.43
N SER N 36 23.09 -35.37 94.60
CA SER N 36 24.47 -35.68 95.00
C SER N 36 25.35 -36.12 93.82
N ASN N 37 26.64 -36.34 94.09
CA ASN N 37 27.56 -36.98 93.14
C ASN N 37 27.16 -38.43 92.89
N ILE N 38 27.47 -38.95 91.70
CA ILE N 38 27.24 -40.36 91.38
C ILE N 38 28.49 -40.96 90.73
N PHE N 39 28.83 -42.19 91.15
CA PHE N 39 29.97 -42.94 90.61
C PHE N 39 29.66 -44.45 90.44
N VAL N 40 29.10 -44.84 89.29
CA VAL N 40 28.72 -46.24 89.01
C VAL N 40 29.94 -47.11 88.70
N VAL N 41 30.73 -47.39 89.73
CA VAL N 41 31.89 -48.27 89.64
C VAL N 41 31.40 -49.72 89.72
N SER N 42 31.87 -50.54 88.79
CA SER N 42 31.48 -51.96 88.74
C SER N 42 32.35 -52.83 89.65
N ARG N 43 32.53 -54.09 89.26
CA ARG N 43 33.22 -55.08 90.10
C ARG N 43 34.74 -54.99 90.04
N ARG N 44 35.30 -54.85 88.84
CA ARG N 44 36.75 -54.82 88.66
C ARG N 44 37.41 -53.51 89.11
N GLY N 45 36.59 -52.47 89.28
CA GLY N 45 37.07 -51.18 89.78
C GLY N 45 37.09 -50.06 88.75
N LYS N 46 36.55 -50.33 87.57
CA LYS N 46 36.48 -49.36 86.47
C LYS N 46 35.37 -48.32 86.63
N LEU N 47 35.38 -47.28 85.78
CA LEU N 47 34.34 -46.24 85.78
C LEU N 47 33.65 -46.09 84.41
N LEU N 48 32.39 -45.63 84.41
CA LEU N 48 31.56 -45.60 83.19
C LEU N 48 30.87 -44.25 82.88
N GLY N 49 30.65 -43.43 83.91
CA GLY N 49 30.00 -42.13 83.75
C GLY N 49 29.69 -41.48 85.08
N TYR N 50 29.69 -40.14 85.10
CA TYR N 50 29.56 -39.37 86.36
C TYR N 50 28.66 -38.14 86.26
N SER N 51 27.79 -37.97 87.25
CA SER N 51 26.91 -36.82 87.32
C SER N 51 27.22 -36.00 88.57
N ILE N 52 28.21 -35.12 88.44
CA ILE N 52 28.66 -34.26 89.54
C ILE N 52 28.23 -32.81 89.28
N ASN N 53 27.64 -32.17 90.30
CA ASN N 53 27.15 -30.78 90.19
C ASN N 53 27.92 -29.73 91.01
N GLN N 54 28.17 -30.03 92.28
CA GLN N 54 28.92 -29.14 93.18
C GLN N 54 30.40 -29.50 93.17
N GLN N 55 31.26 -28.51 93.44
CA GLN N 55 32.70 -28.74 93.45
C GLN N 55 33.15 -29.11 94.88
N ILE N 56 33.41 -30.41 95.08
CA ILE N 56 33.85 -30.93 96.39
C ILE N 56 35.33 -31.32 96.31
N GLU N 57 36.05 -31.12 97.42
CA GLU N 57 37.46 -31.46 97.51
C GLU N 57 37.64 -32.98 97.60
N ASN N 58 38.48 -33.53 96.73
CA ASN N 58 38.71 -34.98 96.65
C ASN N 58 40.13 -35.31 96.15
N ASP N 59 40.66 -36.46 96.57
CA ASP N 59 42.04 -36.85 96.25
C ASP N 59 42.17 -37.96 95.20
N ARG N 60 41.55 -39.11 95.46
CA ARG N 60 41.57 -40.25 94.51
C ARG N 60 40.21 -40.51 93.87
N MET N 61 39.32 -39.52 93.98
CA MET N 61 38.10 -39.47 93.19
C MET N 61 38.31 -38.55 91.99
N LYS N 62 39.56 -38.13 91.80
CA LYS N 62 39.96 -37.27 90.67
C LYS N 62 41.11 -37.89 89.86
N LYS N 63 41.71 -38.96 90.40
CA LYS N 63 42.56 -39.85 89.62
C LYS N 63 41.71 -41.04 89.16
N MET N 64 40.42 -41.01 89.52
CA MET N 64 39.44 -42.00 89.11
C MET N 64 38.59 -41.47 87.94
N LEU N 65 38.68 -40.16 87.70
CA LEU N 65 38.03 -39.52 86.54
C LEU N 65 39.02 -39.35 85.38
N GLU N 66 40.31 -39.31 85.71
CA GLU N 66 41.40 -39.18 84.73
C GLU N 66 41.76 -40.56 84.16
N ASP N 67 42.11 -41.49 85.05
CA ASP N 67 42.45 -42.86 84.67
C ASP N 67 41.18 -43.67 84.36
N ARG N 68 40.10 -43.37 85.09
CA ARG N 68 38.84 -44.15 85.07
C ARG N 68 39.00 -45.51 85.78
N GLN N 69 40.11 -45.67 86.51
CA GLN N 69 40.46 -46.92 87.20
C GLN N 69 41.37 -46.64 88.41
N PHE N 70 41.11 -47.36 89.50
CA PHE N 70 41.92 -47.27 90.74
C PHE N 70 43.22 -48.08 90.63
N PRO N 71 44.35 -47.52 91.13
CA PRO N 71 45.62 -48.25 91.10
C PRO N 71 45.94 -49.05 92.37
N GLU N 72 46.28 -50.33 92.17
CA GLU N 72 46.85 -51.23 93.20
C GLU N 72 45.92 -51.83 94.27
N GLU N 73 45.40 -51.01 95.18
CA GLU N 73 44.82 -51.54 96.43
C GLU N 73 43.32 -51.32 96.64
N TYR N 74 42.70 -50.47 95.82
CA TYR N 74 41.28 -50.18 95.95
C TYR N 74 40.39 -51.33 95.49
N THR N 75 40.79 -51.98 94.39
CA THR N 75 40.09 -53.17 93.88
C THR N 75 40.02 -54.25 94.96
N LYS N 76 41.04 -54.29 95.81
CA LYS N 76 41.07 -55.22 96.95
C LYS N 76 40.24 -54.68 98.11
N ASN N 77 40.36 -53.38 98.38
CA ASN N 77 39.71 -52.76 99.55
C ASN N 77 38.20 -52.57 99.45
N LEU N 78 37.73 -51.95 98.36
CA LEU N 78 36.28 -51.75 98.14
C LEU N 78 35.56 -53.03 97.72
N PHE N 79 36.33 -54.12 97.59
CA PHE N 79 35.78 -55.44 97.36
C PHE N 79 35.17 -55.99 98.66
N ASN N 80 35.48 -55.33 99.78
CA ASN N 80 35.03 -55.74 101.12
C ASN N 80 34.04 -54.78 101.79
N VAL N 81 32.95 -54.48 101.09
CA VAL N 81 31.86 -53.67 101.65
C VAL N 81 30.52 -54.43 101.47
N PRO N 82 30.03 -55.08 102.55
CA PRO N 82 28.82 -55.91 102.50
C PRO N 82 27.50 -55.15 102.22
N GLU N 83 27.09 -54.27 103.12
CA GLU N 83 25.83 -53.52 102.98
C GLU N 83 26.02 -52.00 103.13
N THR N 84 25.02 -51.32 103.70
CA THR N 84 24.99 -49.86 103.74
C THR N 84 25.17 -49.25 105.14
N SER N 85 26.42 -48.98 105.52
CA SER N 85 26.73 -48.25 106.74
C SER N 85 26.65 -46.76 106.47
N SER N 86 26.11 -45.99 107.42
CA SER N 86 25.82 -44.56 107.20
C SER N 86 26.89 -43.60 107.74
N ASN N 87 27.38 -42.73 106.84
CA ASN N 87 28.32 -41.63 107.14
C ASN N 87 29.70 -41.99 107.67
N LEU N 88 30.67 -42.07 106.76
CA LEU N 88 32.08 -42.27 107.10
C LEU N 88 32.95 -41.25 106.35
N ASP N 89 33.54 -40.30 107.10
CA ASP N 89 34.50 -39.33 106.55
C ASP N 89 35.95 -39.72 106.91
N ILE N 90 36.66 -38.87 107.63
CA ILE N 90 37.98 -39.25 108.17
C ILE N 90 37.83 -40.07 109.46
N ASN N 91 36.60 -40.20 109.96
CA ASN N 91 36.28 -40.92 111.20
C ASN N 91 35.15 -41.95 111.02
N SER N 92 35.49 -43.23 111.12
CA SER N 92 34.51 -44.32 110.99
C SER N 92 34.06 -44.89 112.34
N GLU N 93 34.31 -46.18 112.56
CA GLU N 93 33.93 -46.87 113.80
C GLU N 93 34.84 -48.08 114.12
N TYR N 94 35.24 -48.83 113.09
CA TYR N 94 36.07 -50.02 113.26
C TYR N 94 37.17 -50.08 112.19
N THR N 95 37.63 -51.30 111.86
CA THR N 95 38.67 -51.49 110.85
C THR N 95 38.07 -51.66 109.44
N ALA N 96 37.27 -50.68 109.02
CA ALA N 96 36.56 -50.70 107.73
C ALA N 96 37.48 -50.42 106.54
N PHE N 97 38.40 -49.48 106.73
CA PHE N 97 39.38 -49.10 105.70
C PHE N 97 40.77 -48.94 106.29
N PRO N 98 41.82 -49.28 105.51
CA PRO N 98 43.19 -48.99 105.93
C PRO N 98 43.47 -47.49 105.97
N VAL N 99 44.44 -47.09 106.80
CA VAL N 99 44.80 -45.67 106.97
C VAL N 99 45.46 -45.10 105.70
N GLU N 100 46.23 -45.94 105.00
CA GLU N 100 46.87 -45.55 103.74
C GLU N 100 45.87 -45.42 102.58
N ASN N 101 44.70 -46.05 102.75
CA ASN N 101 43.61 -45.98 101.79
C ASN N 101 42.42 -45.17 102.31
N ARG N 102 42.62 -44.51 103.46
CA ARG N 102 41.57 -43.73 104.11
C ARG N 102 41.31 -42.40 103.40
N ASP N 103 42.20 -42.03 102.48
CA ASP N 103 42.14 -40.75 101.77
C ASP N 103 41.05 -40.70 100.68
N LEU N 104 40.08 -41.59 100.78
CA LEU N 104 38.97 -41.67 99.84
C LEU N 104 37.70 -41.05 100.43
N PHE N 105 37.81 -40.51 101.65
CA PHE N 105 36.67 -39.92 102.36
C PHE N 105 37.02 -38.60 103.07
N GLN N 106 38.26 -38.13 102.89
CA GLN N 106 38.79 -36.95 103.56
C GLN N 106 37.76 -35.83 103.78
N ALA N 107 37.27 -35.26 102.67
CA ALA N 107 36.38 -34.11 102.73
C ALA N 107 34.95 -34.45 102.32
N GLY N 108 34.00 -34.06 103.16
CA GLY N 108 32.59 -34.35 102.95
C GLY N 108 32.13 -35.60 103.68
N LEU N 109 30.81 -35.80 103.73
CA LEU N 109 30.22 -36.98 104.38
C LEU N 109 29.71 -37.98 103.35
N THR N 110 30.63 -38.80 102.85
CA THR N 110 30.38 -39.76 101.77
C THR N 110 29.90 -41.13 102.29
N THR N 111 28.83 -41.64 101.68
CA THR N 111 28.19 -42.89 102.09
C THR N 111 28.17 -43.93 100.93
N ILE N 112 29.16 -44.81 100.93
CA ILE N 112 29.31 -45.85 99.89
C ILE N 112 28.26 -46.94 99.98
N VAL N 113 27.66 -47.28 98.84
CA VAL N 113 26.62 -48.31 98.76
C VAL N 113 27.04 -49.40 97.76
N PRO N 114 26.97 -50.68 98.19
CA PRO N 114 27.25 -51.80 97.28
C PRO N 114 26.11 -52.05 96.30
N ILE N 115 26.42 -52.68 95.16
CA ILE N 115 25.39 -53.04 94.17
C ILE N 115 25.15 -54.56 94.19
N ILE N 116 24.45 -55.04 95.23
CA ILE N 116 24.15 -56.47 95.37
C ILE N 116 22.98 -56.87 94.47
N GLY N 117 23.09 -58.04 93.84
CA GLY N 117 22.02 -58.53 92.95
C GLY N 117 22.22 -59.94 92.42
N GLY N 118 21.10 -60.64 92.22
CA GLY N 118 21.08 -61.99 91.65
C GLY N 118 21.71 -63.06 92.54
N GLY N 119 22.40 -62.61 93.59
CA GLY N 119 23.12 -63.49 94.49
C GLY N 119 24.62 -63.33 94.39
N GLU N 120 25.07 -62.13 94.03
CA GLU N 120 26.51 -61.82 93.90
C GLU N 120 26.81 -60.32 93.92
N ARG N 121 28.07 -59.99 94.22
CA ARG N 121 28.56 -58.61 94.23
C ARG N 121 28.87 -58.14 92.81
N LEU N 122 28.38 -56.94 92.47
CA LEU N 122 28.56 -56.38 91.12
C LEU N 122 29.43 -55.12 91.13
N GLY N 123 29.64 -54.56 92.31
CA GLY N 123 30.46 -53.37 92.47
C GLY N 123 29.93 -52.37 93.47
N THR N 124 30.54 -51.19 93.49
CA THR N 124 30.18 -50.15 94.44
C THR N 124 29.62 -48.93 93.73
N LEU N 125 28.39 -48.57 94.08
CA LEU N 125 27.78 -47.34 93.62
C LEU N 125 28.10 -46.21 94.61
N ILE N 126 29.04 -45.35 94.24
CA ILE N 126 29.57 -44.32 95.14
C ILE N 126 28.80 -42.99 95.05
N LEU N 127 28.27 -42.55 96.19
CA LEU N 127 27.58 -41.25 96.31
C LEU N 127 28.31 -40.37 97.33
N SER N 128 28.67 -39.15 96.93
CA SER N 128 29.39 -38.22 97.81
C SER N 128 28.78 -36.81 97.87
N ARG N 129 28.62 -36.28 99.09
CA ARG N 129 28.06 -34.95 99.30
C ARG N 129 29.09 -33.96 99.89
N LEU N 130 28.64 -32.77 100.28
CA LEU N 130 29.51 -31.72 100.83
C LEU N 130 29.19 -31.38 102.30
N GLN N 131 27.93 -30.99 102.54
CA GLN N 131 27.50 -30.57 103.89
C GLN N 131 26.10 -31.07 104.27
N ASP N 132 25.62 -32.11 103.58
CA ASP N 132 24.39 -32.83 103.95
C ASP N 132 24.68 -34.32 104.10
N GLN N 133 24.13 -34.92 105.15
CA GLN N 133 24.32 -36.35 105.41
C GLN N 133 23.12 -37.16 104.93
N PHE N 134 23.36 -38.44 104.62
CA PHE N 134 22.29 -39.36 104.18
C PHE N 134 21.39 -39.74 105.35
N ASN N 135 20.27 -39.02 105.49
CA ASN N 135 19.36 -39.16 106.63
C ASN N 135 18.56 -40.47 106.69
N ASP N 136 17.66 -40.56 107.67
CA ASP N 136 16.85 -41.76 107.91
C ASP N 136 15.93 -42.14 106.74
N ASP N 137 15.74 -41.21 105.81
CA ASP N 137 14.99 -41.47 104.58
C ASP N 137 15.66 -40.79 103.36
N ASP N 138 16.91 -41.16 103.11
CA ASP N 138 17.70 -40.67 101.97
C ASP N 138 18.61 -41.74 101.37
N LEU N 139 18.49 -42.97 101.88
CA LEU N 139 19.45 -44.03 101.55
C LEU N 139 18.84 -45.40 101.17
N ILE N 140 17.56 -45.62 101.48
CA ILE N 140 16.78 -46.79 100.96
C ILE N 140 16.41 -46.56 99.48
N LEU N 141 16.71 -45.36 98.99
CA LEU N 141 16.69 -45.02 97.56
C LEU N 141 17.93 -45.56 96.86
N ALA N 142 19.00 -45.76 97.63
CA ALA N 142 20.24 -46.38 97.14
C ALA N 142 20.32 -47.88 97.49
N GLU N 143 19.28 -48.40 98.16
CA GLU N 143 19.13 -49.83 98.46
C GLU N 143 18.17 -50.52 97.49
N TYR N 144 17.02 -49.87 97.24
CA TYR N 144 16.09 -50.31 96.22
C TYR N 144 16.62 -49.89 94.86
N GLY N 145 17.44 -48.83 94.85
CA GLY N 145 18.15 -48.38 93.65
C GLY N 145 19.58 -48.88 93.58
N ALA N 146 19.82 -50.06 94.15
CA ALA N 146 21.05 -50.82 93.93
C ALA N 146 20.66 -52.24 93.52
N THR N 147 19.35 -52.51 93.58
CA THR N 147 18.79 -53.77 93.13
C THR N 147 18.60 -53.77 91.60
N VAL N 148 18.57 -52.57 91.03
CA VAL N 148 18.25 -52.38 89.61
C VAL N 148 19.41 -51.79 88.75
N VAL N 149 20.50 -51.38 89.41
CA VAL N 149 21.73 -51.00 88.69
C VAL N 149 22.33 -52.25 88.05
N GLY N 150 22.22 -53.37 88.79
CA GLY N 150 22.61 -54.67 88.28
C GLY N 150 21.68 -55.23 87.22
N MET N 151 20.46 -54.68 87.15
CA MET N 151 19.52 -55.04 86.09
C MET N 151 20.12 -54.69 84.73
N GLU N 152 20.53 -53.43 84.56
CA GLU N 152 21.29 -53.00 83.38
C GLU N 152 22.79 -53.26 83.60
N ILE N 153 23.07 -54.40 84.19
CA ILE N 153 24.37 -55.07 84.14
C ILE N 153 24.08 -56.51 83.68
N LEU N 154 22.97 -57.06 84.17
CA LEU N 154 22.41 -58.33 83.68
C LEU N 154 21.35 -58.03 82.63
N ARG N 155 21.69 -57.11 81.72
CA ARG N 155 20.91 -56.79 80.53
C ARG N 155 21.82 -56.19 79.47
N GLU N 156 22.92 -55.58 79.92
CA GLU N 156 23.94 -55.03 79.02
C GLU N 156 25.02 -56.05 78.69
N LYS N 157 25.52 -56.74 79.71
CA LYS N 157 26.42 -57.87 79.49
C LYS N 157 25.59 -59.06 78.99
N ALA N 158 24.29 -59.05 79.30
CA ALA N 158 23.34 -60.07 78.83
C ALA N 158 22.89 -59.82 77.38
N GLU N 159 23.18 -58.62 76.86
CA GLU N 159 23.15 -58.39 75.42
C GLU N 159 24.57 -58.16 74.90
N GLU N 160 25.51 -58.90 75.49
CA GLU N 160 26.86 -59.10 74.96
C GLU N 160 27.41 -60.49 75.35
N ILE N 161 26.51 -61.42 75.66
CA ILE N 161 26.82 -62.86 75.82
C ILE N 161 25.94 -63.72 74.91
N GLU N 162 24.63 -63.47 74.93
CA GLU N 162 23.67 -64.10 74.01
C GLU N 162 23.86 -63.51 72.61
N GLU N 163 24.21 -62.22 72.57
CA GLU N 163 24.58 -61.53 71.33
C GLU N 163 25.87 -62.09 70.72
N GLU N 164 26.81 -62.50 71.58
CA GLU N 164 28.06 -63.11 71.11
C GLU N 164 27.94 -64.62 70.90
N ALA N 165 27.32 -65.31 71.85
CA ALA N 165 27.05 -66.74 71.71
C ALA N 165 26.43 -67.05 70.35
N ARG N 166 25.27 -66.46 70.09
CA ARG N 166 24.57 -66.62 68.81
C ARG N 166 25.48 -66.39 67.59
N SER N 167 26.35 -65.39 67.68
CA SER N 167 27.27 -65.05 66.59
C SER N 167 28.18 -66.20 66.20
N LYS N 168 29.23 -66.44 66.99
CA LYS N 168 30.22 -67.48 66.74
C LYS N 168 29.58 -68.83 66.37
N ALA N 169 28.34 -69.02 66.79
CA ALA N 169 27.58 -70.21 66.48
C ALA N 169 26.95 -70.15 65.09
N VAL N 170 26.20 -69.08 64.80
CA VAL N 170 25.64 -68.89 63.44
C VAL N 170 26.78 -68.82 62.42
N VAL N 171 27.92 -68.26 62.85
CA VAL N 171 29.14 -68.20 62.03
C VAL N 171 29.61 -69.61 61.70
N GLN N 172 29.25 -70.59 62.53
CA GLN N 172 29.69 -71.96 62.30
C GLN N 172 28.67 -72.82 61.58
N MET N 173 27.40 -72.68 61.94
CA MET N 173 26.34 -73.42 61.27
C MET N 173 26.43 -73.33 59.75
N ALA N 174 26.57 -72.10 59.24
CA ALA N 174 26.67 -71.88 57.81
C ALA N 174 27.87 -72.64 57.27
N ILE N 175 28.98 -72.56 57.99
CA ILE N 175 30.17 -73.31 57.62
C ILE N 175 29.86 -74.77 57.33
N SER N 176 28.89 -75.34 58.06
CA SER N 176 28.62 -76.80 58.02
C SER N 176 27.99 -77.31 56.73
N SER N 177 26.84 -76.75 56.36
CA SER N 177 26.13 -77.17 55.15
C SER N 177 26.86 -76.75 53.87
N LEU N 178 28.12 -76.35 54.02
CA LEU N 178 29.01 -76.09 52.91
C LEU N 178 29.91 -77.27 52.70
N SER N 179 29.58 -78.12 51.73
CA SER N 179 30.46 -79.24 51.36
C SER N 179 31.84 -78.67 51.08
N TYR N 180 32.87 -79.50 51.31
CA TYR N 180 34.26 -79.04 51.18
C TYR N 180 34.46 -78.13 49.96
N SER N 181 33.89 -78.53 48.83
CA SER N 181 33.92 -77.75 47.60
C SER N 181 33.36 -76.34 47.82
N GLU N 182 32.11 -76.28 48.28
CA GLU N 182 31.43 -75.02 48.51
C GLU N 182 32.21 -74.11 49.47
N LEU N 183 32.96 -74.72 50.38
CA LEU N 183 33.86 -73.99 51.25
C LEU N 183 35.01 -73.36 50.46
N GLU N 184 35.62 -74.14 49.57
CA GLU N 184 36.75 -73.69 48.76
C GLU N 184 36.47 -72.33 48.14
N ALA N 185 35.24 -72.16 47.68
CA ALA N 185 34.77 -70.89 47.13
C ALA N 185 35.02 -69.74 48.11
N ILE N 186 34.50 -69.89 49.33
CA ILE N 186 34.66 -68.89 50.39
C ILE N 186 36.13 -68.55 50.68
N GLU N 187 36.99 -69.57 50.67
CA GLU N 187 38.43 -69.39 50.89
C GLU N 187 39.12 -68.57 49.80
N HIS N 188 38.50 -68.51 48.62
CA HIS N 188 39.03 -67.73 47.50
C HIS N 188 38.34 -66.38 47.34
N ILE N 189 37.07 -66.32 47.76
CA ILE N 189 36.25 -65.12 47.62
C ILE N 189 36.86 -63.93 48.38
N PHE N 190 37.10 -64.12 49.67
CA PHE N 190 37.52 -63.04 50.57
C PHE N 190 39.02 -62.76 50.57
N GLU N 191 39.83 -63.74 50.15
CA GLU N 191 41.30 -63.63 50.21
C GLU N 191 41.85 -62.65 49.16
N GLU N 192 41.34 -62.74 47.93
CA GLU N 192 41.63 -61.74 46.88
C GLU N 192 40.49 -60.74 46.82
N LEU N 193 40.58 -59.73 47.68
CA LEU N 193 39.53 -58.73 47.82
C LEU N 193 40.14 -57.45 48.41
N ASP N 194 39.46 -56.33 48.22
CA ASP N 194 39.94 -55.03 48.70
C ASP N 194 39.00 -54.46 49.79
N GLY N 195 39.52 -54.34 51.01
CA GLY N 195 38.72 -53.94 52.16
C GLY N 195 37.74 -55.03 52.55
N ASN N 196 36.62 -54.64 53.15
CA ASN N 196 35.54 -55.58 53.45
C ASN N 196 34.60 -55.67 52.25
N GLU N 197 34.60 -54.61 51.44
CA GLU N 197 33.67 -54.47 50.33
C GLU N 197 34.34 -54.89 49.03
N GLY N 198 33.89 -56.01 48.47
CA GLY N 198 34.50 -56.55 47.26
C GLY N 198 33.55 -57.21 46.26
N LEU N 199 33.92 -57.14 44.98
CA LEU N 199 33.13 -57.68 43.86
C LEU N 199 33.97 -57.91 42.60
N LEU N 200 33.78 -59.09 41.98
CA LEU N 200 34.39 -59.42 40.67
C LEU N 200 33.57 -60.47 39.87
N VAL N 201 34.06 -60.80 38.68
CA VAL N 201 33.32 -61.54 37.64
C VAL N 201 32.77 -62.91 38.03
N ALA N 202 31.79 -63.39 37.28
CA ALA N 202 31.20 -64.71 37.46
C ALA N 202 32.02 -65.82 36.78
N SER N 203 32.16 -65.71 35.45
CA SER N 203 32.82 -66.75 34.66
C SER N 203 34.29 -66.98 35.00
N LYS N 204 34.99 -65.90 35.35
CA LYS N 204 36.43 -65.92 35.59
C LYS N 204 36.82 -66.62 36.90
N ILE N 205 36.37 -66.07 38.03
CA ILE N 205 36.78 -66.49 39.39
C ILE N 205 36.85 -68.01 39.59
N ALA N 206 35.91 -68.74 38.99
CA ALA N 206 35.81 -70.18 39.17
C ALA N 206 36.98 -70.98 38.61
N ASP N 207 37.00 -71.23 37.29
CA ASP N 207 38.03 -72.10 36.69
C ASP N 207 39.42 -71.46 36.59
N ARG N 208 39.55 -70.24 37.12
CA ARG N 208 40.85 -69.63 37.41
C ARG N 208 41.53 -70.49 38.47
N VAL N 209 40.72 -70.95 39.41
CA VAL N 209 41.11 -71.92 40.43
C VAL N 209 41.00 -73.33 39.83
N GLY N 210 39.88 -73.59 39.16
CA GLY N 210 39.56 -74.89 38.58
C GLY N 210 38.10 -75.29 38.81
N ILE N 211 37.52 -74.77 39.89
CA ILE N 211 36.15 -75.07 40.32
C ILE N 211 35.11 -74.58 39.31
N THR N 212 33.89 -75.07 39.41
CA THR N 212 32.78 -74.60 38.60
C THR N 212 32.15 -73.36 39.21
N ARG N 213 31.34 -72.65 38.41
CA ARG N 213 30.53 -71.52 38.90
C ARG N 213 29.24 -71.99 39.59
N SER N 214 28.74 -73.15 39.16
CA SER N 214 27.49 -73.73 39.67
C SER N 214 27.48 -73.95 41.17
N VAL N 215 28.64 -74.29 41.73
CA VAL N 215 28.82 -74.47 43.18
C VAL N 215 29.29 -73.17 43.85
N ILE N 216 28.93 -72.04 43.25
CA ILE N 216 29.04 -70.73 43.89
C ILE N 216 27.66 -70.08 43.79
N VAL N 217 26.87 -70.57 42.82
CA VAL N 217 25.45 -70.22 42.68
C VAL N 217 24.73 -70.59 43.98
N ASN N 218 24.71 -71.89 44.28
CA ASN N 218 24.08 -72.41 45.49
C ASN N 218 24.92 -72.14 46.76
N ALA N 219 26.24 -72.03 46.59
CA ALA N 219 27.15 -71.81 47.73
C ALA N 219 26.96 -70.43 48.35
N LEU N 220 26.75 -69.42 47.51
CA LEU N 220 26.43 -68.08 48.03
C LEU N 220 24.92 -67.86 48.16
N ARG N 221 24.14 -68.83 47.66
CA ARG N 221 22.70 -68.89 47.95
C ARG N 221 22.39 -69.81 49.14
N LYS N 222 23.37 -69.92 50.05
CA LYS N 222 23.19 -70.57 51.35
C LYS N 222 23.32 -69.52 52.44
N LEU N 223 24.47 -68.84 52.47
CA LEU N 223 24.72 -67.75 53.40
C LEU N 223 23.75 -66.61 53.18
N GLU N 224 23.05 -66.64 52.05
CA GLU N 224 22.04 -65.64 51.70
C GLU N 224 20.84 -65.70 52.66
N SER N 225 20.11 -66.83 52.64
CA SER N 225 18.94 -67.00 53.49
C SER N 225 19.27 -67.66 54.82
N ALA N 226 20.54 -68.01 55.00
CA ALA N 226 21.02 -68.48 56.28
C ALA N 226 21.08 -67.31 57.25
N GLY N 227 21.77 -66.25 56.87
CA GLY N 227 21.86 -65.03 57.68
C GLY N 227 23.25 -64.44 57.79
N VAL N 228 24.00 -64.54 56.70
CA VAL N 228 25.41 -64.13 56.68
C VAL N 228 25.70 -63.04 55.65
N ILE N 229 25.14 -63.16 54.44
CA ILE N 229 25.41 -62.19 53.35
C ILE N 229 24.18 -61.67 52.60
N GLU N 230 24.30 -60.44 52.10
CA GLU N 230 23.35 -59.88 51.14
C GLU N 230 24.08 -59.56 49.82
N SER N 231 23.53 -60.06 48.71
CA SER N 231 24.12 -59.89 47.38
C SER N 231 23.08 -60.01 46.28
N ARG N 232 22.85 -58.90 45.56
CA ARG N 232 21.85 -58.86 44.50
C ARG N 232 22.28 -59.78 43.35
N SER N 233 21.62 -60.94 43.28
CA SER N 233 21.95 -62.01 42.34
C SER N 233 21.64 -61.66 40.88
N LEU N 234 22.50 -60.82 40.30
CA LEU N 234 22.43 -60.52 38.88
C LEU N 234 23.05 -61.69 38.11
N GLY N 235 22.20 -62.48 37.46
CA GLY N 235 22.65 -63.61 36.65
C GLY N 235 23.33 -63.17 35.37
N MET N 236 23.13 -61.89 35.04
CA MET N 236 23.72 -61.25 33.87
C MET N 236 25.23 -61.03 34.02
N LYS N 237 25.65 -60.69 35.24
CA LYS N 237 27.06 -60.38 35.57
C LYS N 237 27.34 -60.50 37.09
N GLY N 238 28.00 -61.57 37.50
CA GLY N 238 28.45 -61.79 38.88
C GLY N 238 27.55 -61.24 39.97
N THR N 239 28.15 -60.52 40.92
CA THR N 239 27.42 -59.81 41.99
C THR N 239 28.33 -59.24 43.10
N TYR N 240 27.82 -58.25 43.83
CA TYR N 240 28.53 -57.55 44.90
C TYR N 240 28.21 -58.15 46.27
N ILE N 241 29.24 -58.45 47.05
CA ILE N 241 29.06 -59.18 48.32
C ILE N 241 29.53 -58.41 49.54
N LYS N 242 28.57 -57.92 50.32
CA LYS N 242 28.81 -57.28 51.62
C LYS N 242 28.28 -58.21 52.72
N VAL N 243 28.94 -58.18 53.88
CA VAL N 243 28.55 -59.07 54.99
C VAL N 243 27.48 -58.46 55.92
N LEU N 244 26.57 -59.33 56.36
CA LEU N 244 25.64 -59.01 57.43
C LEU N 244 26.28 -59.37 58.76
N ASN N 245 27.28 -60.25 58.72
CA ASN N 245 27.94 -60.69 59.93
C ASN N 245 29.36 -60.18 60.09
N ASN N 246 29.62 -59.64 61.29
CA ASN N 246 30.84 -58.90 61.62
C ASN N 246 32.10 -59.76 61.78
N LYS N 247 32.32 -60.27 62.99
CA LYS N 247 33.44 -61.16 63.28
C LYS N 247 33.16 -62.53 62.66
N PHE N 248 33.15 -62.57 61.34
CA PHE N 248 32.82 -63.76 60.58
C PHE N 248 33.99 -64.23 59.71
N LEU N 249 34.49 -63.33 58.87
CA LEU N 249 35.67 -63.63 58.06
C LEU N 249 36.94 -63.56 58.90
N ILE N 250 36.78 -63.21 60.17
CA ILE N 250 37.85 -63.31 61.15
C ILE N 250 37.93 -64.76 61.65
N GLU N 251 36.87 -65.52 61.38
CA GLU N 251 36.87 -66.96 61.63
C GLU N 251 37.46 -67.71 60.43
N LEU N 252 37.72 -66.97 59.36
CA LEU N 252 38.33 -67.50 58.15
C LEU N 252 39.86 -67.42 58.19
N GLU N 253 40.38 -66.42 58.89
CA GLU N 253 41.83 -66.20 59.05
C GLU N 253 42.52 -67.33 59.78
N ASN N 254 42.13 -67.54 61.04
CA ASN N 254 42.77 -68.51 61.92
C ASN N 254 42.60 -69.98 61.51
N LEU N 255 41.58 -70.26 60.71
CA LEU N 255 41.31 -71.63 60.27
C LEU N 255 41.86 -71.93 58.87
N LYS N 256 43.13 -71.55 58.67
CA LYS N 256 43.95 -72.03 57.56
C LYS N 256 44.66 -73.32 58.02
N SER N 257 45.38 -73.99 57.10
CA SER N 257 46.24 -75.14 57.44
C SER N 257 47.32 -75.37 56.37
#